data_1EES
#
_entry.id   1EES
#
_cell.length_a   1.000
_cell.length_b   1.000
_cell.length_c   1.000
_cell.angle_alpha   90.00
_cell.angle_beta   90.00
_cell.angle_gamma   90.00
#
_symmetry.space_group_name_H-M   'P 1'
#
loop_
_entity.id
_entity.type
_entity.pdbx_description
1 polymer 'GTP-BINDING PROTEIN'
2 polymer 'P21-ACTIVATED KINASE'
#
loop_
_entity_poly.entity_id
_entity_poly.type
_entity_poly.pdbx_seq_one_letter_code
_entity_poly.pdbx_strand_id
1 'polypeptide(L)'
;MQTIKCVVVGDGAVGKTCLLISYTTNKFPSEYVPTVFDNYAVTVMIGGEPYTLGLFDTAGQEDYDRLRPLSYPQTDVFLV
CFSVVSPSSFENVKEKWVPEITHHCPKTPFLLVGTQIDLRDDPSTIEKLAKNKQKPITPETAEKLARDLKAVKYVECSAL
TQKGLKNVFDEAILAALE
;
A
2 'polypeptide(L)' GSKERPEISLPSDFEHTIHVGFDAVTGEFTGIPEQWARLLQTSNIT B
#
# COMPACT_ATOMS: atom_id res chain seq x y z
N MET A 1 7.99 12.79 -11.34
CA MET A 1 8.47 12.05 -12.53
C MET A 1 9.01 10.69 -12.11
N GLN A 2 9.94 10.67 -11.20
CA GLN A 2 10.52 9.39 -10.73
C GLN A 2 10.49 9.32 -9.20
N THR A 3 10.46 10.45 -8.55
CA THR A 3 10.45 10.46 -7.07
C THR A 3 9.24 9.68 -6.52
N ILE A 4 9.50 8.61 -5.82
CA ILE A 4 8.37 7.83 -5.24
C ILE A 4 8.55 7.72 -3.73
N LYS A 5 7.50 7.98 -3.01
CA LYS A 5 7.58 7.88 -1.52
C LYS A 5 6.51 6.90 -1.05
N CYS A 6 6.90 5.68 -0.73
CA CYS A 6 5.89 4.66 -0.31
C CYS A 6 6.04 4.25 1.16
N VAL A 7 4.93 3.98 1.81
CA VAL A 7 4.95 3.53 3.23
C VAL A 7 3.73 2.66 3.48
N VAL A 8 3.54 2.22 4.71
CA VAL A 8 2.35 1.38 5.01
C VAL A 8 1.18 2.26 5.45
N VAL A 9 0.18 2.40 4.63
CA VAL A 9 -0.97 3.26 4.99
C VAL A 9 -2.24 2.41 5.18
N GLY A 10 -3.38 3.02 5.33
CA GLY A 10 -4.64 2.23 5.52
C GLY A 10 -5.49 2.89 6.60
N ASP A 11 -6.17 2.10 7.40
CA ASP A 11 -7.03 2.68 8.47
C ASP A 11 -6.45 2.30 9.84
N GLY A 12 -5.21 1.93 9.88
CA GLY A 12 -4.59 1.53 11.18
C GLY A 12 -4.42 0.02 11.21
N ALA A 13 -3.44 -0.48 10.50
CA ALA A 13 -3.21 -1.95 10.47
C ALA A 13 -1.70 -2.24 10.59
N VAL A 14 -1.31 -3.47 10.47
CA VAL A 14 0.14 -3.81 10.57
C VAL A 14 0.91 -3.24 9.38
N GLY A 15 2.21 -3.12 9.50
CA GLY A 15 3.00 -2.58 8.35
C GLY A 15 2.65 -3.39 7.11
N LYS A 16 2.00 -2.79 6.16
CA LYS A 16 1.62 -3.54 4.93
C LYS A 16 2.81 -4.31 4.37
N THR A 17 4.00 -3.83 4.61
CA THR A 17 5.20 -4.54 4.09
C THR A 17 5.37 -5.91 4.75
N CYS A 18 4.95 -6.05 5.99
CA CYS A 18 5.09 -7.36 6.65
C CYS A 18 4.26 -8.42 5.91
N LEU A 19 3.44 -7.99 5.00
CA LEU A 19 2.61 -8.95 4.24
C LEU A 19 3.29 -9.34 2.93
N LEU A 20 3.99 -8.41 2.35
CA LEU A 20 4.69 -8.72 1.06
C LEU A 20 5.41 -10.06 1.21
N ILE A 21 5.81 -10.35 2.40
CA ILE A 21 6.49 -11.64 2.71
C ILE A 21 5.46 -12.71 2.99
N SER A 22 4.51 -12.40 3.81
CA SER A 22 3.47 -13.41 4.13
C SER A 22 2.98 -14.01 2.81
N TYR A 23 2.85 -13.20 1.78
CA TYR A 23 2.43 -13.73 0.47
C TYR A 23 3.55 -14.61 -0.06
N THR A 24 4.76 -14.26 0.29
CA THR A 24 5.94 -15.03 -0.17
C THR A 24 6.07 -16.33 0.64
N THR A 25 6.07 -16.26 1.97
CA THR A 25 6.19 -17.55 2.74
C THR A 25 6.16 -17.43 4.27
N ASN A 26 6.70 -16.40 4.85
CA ASN A 26 6.74 -16.32 6.34
C ASN A 26 5.34 -16.16 6.98
N LYS A 27 4.32 -15.95 6.19
CA LYS A 27 2.91 -15.81 6.75
C LYS A 27 2.94 -15.14 8.13
N PHE A 28 2.26 -15.67 9.12
CA PHE A 28 2.27 -15.01 10.47
C PHE A 28 2.23 -16.02 11.65
N PRO A 29 3.11 -17.00 11.61
CA PRO A 29 3.16 -18.02 12.66
C PRO A 29 4.35 -17.75 13.60
N SER A 30 5.51 -18.26 13.25
CA SER A 30 6.71 -18.05 14.12
C SER A 30 7.99 -18.43 13.36
N GLU A 31 8.01 -18.15 12.08
CA GLU A 31 9.19 -18.50 11.25
C GLU A 31 10.33 -17.50 11.44
N TYR A 32 11.30 -17.63 10.59
CA TYR A 32 12.48 -16.71 10.61
C TYR A 32 12.42 -15.78 9.37
N VAL A 33 12.36 -14.49 9.59
CA VAL A 33 12.24 -13.52 8.44
C VAL A 33 13.01 -12.24 8.78
N PRO A 34 13.34 -11.44 7.77
CA PRO A 34 14.06 -10.16 8.04
C PRO A 34 13.29 -9.29 9.04
N THR A 35 13.91 -8.25 9.53
CA THR A 35 13.23 -7.41 10.58
C THR A 35 12.44 -6.20 10.03
N VAL A 36 11.63 -5.68 10.91
CA VAL A 36 10.70 -4.52 10.66
C VAL A 36 11.30 -3.31 9.92
N PHE A 37 12.06 -2.51 10.62
CA PHE A 37 12.61 -1.25 10.03
C PHE A 37 12.89 -1.40 8.55
N ASP A 38 12.87 -0.31 7.86
CA ASP A 38 13.12 -0.32 6.40
C ASP A 38 13.32 1.12 5.95
N ASN A 39 14.51 1.65 6.08
CA ASN A 39 14.74 3.05 5.67
C ASN A 39 15.69 3.10 4.48
N TYR A 40 15.18 3.44 3.34
CA TYR A 40 16.03 3.50 2.12
C TYR A 40 15.86 4.85 1.43
N ALA A 41 16.93 5.52 1.14
CA ALA A 41 16.80 6.82 0.41
C ALA A 41 17.95 6.90 -0.58
N VAL A 42 17.71 6.51 -1.79
CA VAL A 42 18.80 6.49 -2.81
C VAL A 42 18.21 6.37 -4.22
N THR A 43 19.04 6.37 -5.21
CA THR A 43 18.55 6.21 -6.60
C THR A 43 19.27 5.04 -7.27
N VAL A 44 18.53 4.10 -7.82
CA VAL A 44 19.20 2.94 -8.47
C VAL A 44 19.79 3.38 -9.81
N MET A 45 20.64 2.58 -10.38
CA MET A 45 21.23 2.95 -11.69
C MET A 45 21.25 1.72 -12.60
N ILE A 46 20.37 1.68 -13.54
CA ILE A 46 20.29 0.52 -14.47
C ILE A 46 20.42 1.01 -15.91
N GLY A 47 21.31 0.44 -16.69
CA GLY A 47 21.45 0.89 -18.10
C GLY A 47 21.65 2.41 -18.14
N GLY A 48 22.07 2.99 -17.05
CA GLY A 48 22.29 4.47 -17.04
C GLY A 48 21.01 5.19 -16.62
N GLU A 49 20.01 4.48 -16.18
CA GLU A 49 18.75 5.15 -15.76
C GLU A 49 18.63 5.22 -14.24
N PRO A 50 18.70 6.42 -13.73
CA PRO A 50 18.57 6.64 -12.27
C PRO A 50 17.12 6.46 -11.83
N TYR A 51 16.90 5.83 -10.71
CA TYR A 51 15.51 5.63 -10.22
C TYR A 51 15.32 6.33 -8.88
N THR A 52 14.40 7.25 -8.79
CA THR A 52 14.20 7.95 -7.48
C THR A 52 13.49 7.02 -6.49
N LEU A 53 14.13 6.72 -5.39
CA LEU A 53 13.50 5.82 -4.38
C LEU A 53 13.40 6.51 -3.01
N GLY A 54 12.40 6.19 -2.23
CA GLY A 54 12.27 6.83 -0.89
C GLY A 54 11.17 6.15 -0.06
N LEU A 55 11.55 5.44 0.97
CA LEU A 55 10.52 4.75 1.82
C LEU A 55 11.03 4.64 3.26
N PHE A 56 10.16 4.27 4.18
CA PHE A 56 10.63 4.13 5.59
C PHE A 56 9.59 3.38 6.44
N ASP A 57 10.04 2.53 7.33
CA ASP A 57 9.09 1.76 8.19
C ASP A 57 9.35 2.07 9.66
N THR A 58 8.38 1.81 10.51
CA THR A 58 8.53 2.10 11.96
C THR A 58 9.76 1.38 12.57
N ALA A 59 9.85 1.39 13.88
CA ALA A 59 11.00 0.73 14.57
C ALA A 59 12.33 1.27 14.04
N GLY A 60 12.65 2.48 14.33
CA GLY A 60 13.95 3.04 13.86
C GLY A 60 15.07 2.45 14.72
N GLN A 61 14.71 1.76 15.77
CA GLN A 61 15.74 1.15 16.66
C GLN A 61 15.14 -0.03 17.43
N GLU A 62 14.10 -0.65 16.91
CA GLU A 62 13.47 -1.81 17.62
C GLU A 62 12.56 -1.31 18.74
N ASP A 63 12.60 -0.03 19.01
CA ASP A 63 11.73 0.53 20.07
C ASP A 63 10.44 1.05 19.43
N TYR A 64 10.44 1.13 18.12
CA TYR A 64 9.24 1.64 17.40
C TYR A 64 9.00 3.07 17.82
N ASP A 65 10.06 3.73 18.21
CA ASP A 65 9.93 5.13 18.68
C ASP A 65 10.66 6.09 17.74
N ARG A 66 11.78 5.69 17.21
CA ARG A 66 12.50 6.60 16.29
C ARG A 66 11.57 6.99 15.14
N LEU A 67 10.62 6.15 14.87
CA LEU A 67 9.66 6.44 13.77
C LEU A 67 8.33 6.89 14.37
N ARG A 68 8.31 7.16 15.65
CA ARG A 68 7.05 7.59 16.32
C ARG A 68 6.76 9.11 16.17
N PRO A 69 7.76 9.90 15.87
CA PRO A 69 7.52 11.37 15.73
C PRO A 69 6.82 11.66 14.39
N LEU A 70 6.51 10.65 13.64
CA LEU A 70 5.84 10.87 12.32
C LEU A 70 4.57 11.74 12.46
N SER A 71 3.55 11.30 13.13
CA SER A 71 2.32 12.13 13.29
C SER A 71 1.97 12.80 11.96
N TYR A 72 2.35 12.20 10.86
CA TYR A 72 2.05 12.82 9.54
C TYR A 72 2.59 11.95 8.40
N PRO A 73 1.70 11.53 7.55
CA PRO A 73 2.08 10.70 6.38
C PRO A 73 2.65 11.58 5.26
N GLN A 74 3.88 11.40 4.89
CA GLN A 74 4.47 12.25 3.79
C GLN A 74 5.11 11.36 2.71
N THR A 75 4.33 10.60 2.01
CA THR A 75 4.88 9.73 0.94
C THR A 75 3.90 9.64 -0.22
N ASP A 76 4.16 10.40 -1.24
CA ASP A 76 3.27 10.45 -2.45
C ASP A 76 2.45 9.18 -2.63
N VAL A 77 3.07 8.04 -2.66
CA VAL A 77 2.28 6.78 -2.85
C VAL A 77 1.91 6.15 -1.51
N PHE A 78 0.64 6.04 -1.24
CA PHE A 78 0.20 5.45 0.06
C PHE A 78 -0.48 4.09 -0.15
N LEU A 79 -0.04 3.07 0.54
CA LEU A 79 -0.70 1.75 0.39
C LEU A 79 -1.74 1.60 1.50
N VAL A 80 -2.97 1.88 1.20
CA VAL A 80 -4.04 1.78 2.23
C VAL A 80 -4.91 0.54 1.98
N CYS A 81 -5.43 -0.06 3.00
CA CYS A 81 -6.28 -1.27 2.79
C CYS A 81 -7.50 -1.23 3.69
N PHE A 82 -8.68 -1.28 3.12
CA PHE A 82 -9.91 -1.28 3.96
C PHE A 82 -10.76 -2.50 3.63
N SER A 83 -11.81 -2.75 4.36
CA SER A 83 -12.65 -3.95 4.07
C SER A 83 -13.96 -3.56 3.39
N VAL A 84 -14.48 -4.42 2.54
CA VAL A 84 -15.75 -4.11 1.83
C VAL A 84 -16.94 -4.54 2.69
N VAL A 85 -16.74 -4.72 3.96
CA VAL A 85 -17.86 -5.15 4.85
C VAL A 85 -17.98 -4.21 6.05
N SER A 86 -17.99 -2.94 5.82
CA SER A 86 -18.08 -1.97 6.94
C SER A 86 -19.29 -1.04 6.74
N PRO A 87 -19.64 -0.36 7.79
CA PRO A 87 -20.81 0.56 7.74
C PRO A 87 -20.48 1.82 6.91
N SER A 88 -21.01 1.90 5.72
CA SER A 88 -20.75 3.11 4.86
C SER A 88 -19.29 3.56 4.99
N SER A 89 -18.36 2.64 4.99
CA SER A 89 -16.93 3.04 5.12
C SER A 89 -16.39 3.55 3.79
N PHE A 90 -16.60 2.81 2.74
CA PHE A 90 -16.10 3.23 1.40
C PHE A 90 -16.67 4.59 1.03
N GLU A 91 -17.85 4.91 1.49
CA GLU A 91 -18.44 6.24 1.17
C GLU A 91 -17.68 7.35 1.91
N ASN A 92 -16.90 7.01 2.89
CA ASN A 92 -16.17 8.06 3.64
C ASN A 92 -14.86 8.46 2.94
N VAL A 93 -14.33 7.62 2.10
CA VAL A 93 -13.07 8.03 1.42
C VAL A 93 -13.43 8.81 0.16
N LYS A 94 -14.66 8.69 -0.29
CA LYS A 94 -15.08 9.46 -1.49
C LYS A 94 -15.11 10.93 -1.10
N GLU A 95 -15.53 11.18 0.10
CA GLU A 95 -15.61 12.58 0.59
C GLU A 95 -14.35 12.94 1.38
N LYS A 96 -13.36 12.08 1.36
CA LYS A 96 -12.13 12.41 2.15
C LYS A 96 -10.94 12.70 1.26
N TRP A 97 -10.63 11.84 0.35
CA TRP A 97 -9.44 12.03 -0.53
C TRP A 97 -9.83 12.68 -1.85
N VAL A 98 -11.07 12.64 -2.22
CA VAL A 98 -11.47 13.24 -3.51
C VAL A 98 -11.75 14.75 -3.36
N PRO A 99 -12.50 15.12 -2.36
CA PRO A 99 -12.83 16.55 -2.14
C PRO A 99 -11.59 17.25 -1.59
N GLU A 100 -10.74 16.50 -0.95
CA GLU A 100 -9.50 17.07 -0.36
C GLU A 100 -8.38 17.09 -1.40
N ILE A 101 -8.45 16.25 -2.41
CA ILE A 101 -7.38 16.21 -3.44
C ILE A 101 -6.06 15.83 -2.74
N THR A 102 -5.39 14.81 -3.20
CA THR A 102 -4.12 14.39 -2.54
C THR A 102 -3.29 15.64 -2.17
N HIS A 103 -2.64 16.22 -3.13
CA HIS A 103 -1.85 17.45 -2.83
C HIS A 103 -2.55 18.67 -3.44
N HIS A 104 -3.76 18.50 -3.91
CA HIS A 104 -4.55 19.62 -4.52
C HIS A 104 -4.16 19.82 -5.98
N CYS A 105 -3.47 18.88 -6.57
CA CYS A 105 -3.07 19.07 -7.99
C CYS A 105 -2.46 17.79 -8.59
N PRO A 106 -1.38 17.33 -8.01
CA PRO A 106 -0.70 16.13 -8.55
C PRO A 106 -1.59 14.88 -8.44
N LYS A 107 -2.56 14.89 -7.57
CA LYS A 107 -3.43 13.69 -7.45
C LYS A 107 -2.55 12.46 -7.37
N THR A 108 -1.59 12.48 -6.48
CA THR A 108 -0.69 11.33 -6.32
C THR A 108 -1.51 10.03 -6.30
N PRO A 109 -0.90 8.96 -6.76
CA PRO A 109 -1.60 7.64 -6.83
C PRO A 109 -2.00 7.11 -5.44
N PHE A 110 -3.08 6.37 -5.41
CA PHE A 110 -3.56 5.77 -4.14
C PHE A 110 -3.86 4.30 -4.35
N LEU A 111 -3.06 3.45 -3.80
CA LEU A 111 -3.31 2.00 -3.99
C LEU A 111 -4.45 1.55 -3.10
N LEU A 112 -5.63 1.54 -3.66
CA LEU A 112 -6.84 1.11 -2.90
C LEU A 112 -6.83 -0.43 -2.76
N VAL A 113 -7.25 -0.97 -1.64
CA VAL A 113 -7.22 -2.47 -1.49
C VAL A 113 -8.35 -2.97 -0.60
N GLY A 114 -8.37 -4.28 -0.37
CA GLY A 114 -9.41 -4.89 0.51
C GLY A 114 -8.70 -5.70 1.62
N THR A 115 -8.93 -5.38 2.86
CA THR A 115 -8.25 -6.12 3.97
C THR A 115 -8.95 -7.46 4.23
N GLN A 116 -8.17 -8.50 4.47
CA GLN A 116 -8.76 -9.85 4.74
C GLN A 116 -10.03 -10.04 3.90
N ILE A 117 -9.94 -9.92 2.60
CA ILE A 117 -11.15 -10.06 1.75
C ILE A 117 -11.48 -11.54 1.53
N ASP A 118 -10.47 -12.37 1.59
CA ASP A 118 -10.61 -13.84 1.32
C ASP A 118 -11.71 -14.47 2.14
N LEU A 119 -12.89 -14.00 1.91
CA LEU A 119 -14.12 -14.50 2.62
C LEU A 119 -15.11 -13.35 2.64
N ARG A 120 -14.61 -12.19 2.86
CA ARG A 120 -15.47 -10.98 2.87
C ARG A 120 -16.40 -10.99 1.67
N ASP A 121 -16.03 -11.67 0.62
CA ASP A 121 -16.89 -11.70 -0.60
C ASP A 121 -17.96 -12.80 -0.47
N ASP A 122 -17.98 -13.54 0.61
CA ASP A 122 -19.01 -14.62 0.76
C ASP A 122 -20.33 -14.02 1.29
N PRO A 123 -21.41 -14.73 1.09
CA PRO A 123 -22.75 -14.26 1.53
C PRO A 123 -23.01 -14.59 3.01
N SER A 124 -21.99 -14.81 3.78
CA SER A 124 -22.21 -15.14 5.22
C SER A 124 -21.76 -13.98 6.08
N THR A 125 -20.60 -13.46 5.82
CA THR A 125 -20.13 -12.28 6.59
C THR A 125 -20.85 -11.09 6.01
N ILE A 126 -21.19 -11.22 4.76
CA ILE A 126 -21.96 -10.18 4.06
C ILE A 126 -23.20 -9.88 4.90
N GLU A 127 -23.64 -10.87 5.61
CA GLU A 127 -24.84 -10.69 6.48
C GLU A 127 -24.69 -9.48 7.42
N LYS A 128 -23.51 -9.31 7.95
CA LYS A 128 -23.26 -8.18 8.90
C LYS A 128 -23.51 -6.81 8.26
N LEU A 129 -23.23 -6.67 6.99
CA LEU A 129 -23.44 -5.35 6.32
C LEU A 129 -24.93 -4.99 6.38
N ALA A 130 -25.77 -5.96 6.19
CA ALA A 130 -27.24 -5.70 6.21
C ALA A 130 -27.65 -4.98 7.50
N LYS A 131 -27.15 -5.40 8.62
CA LYS A 131 -27.54 -4.74 9.89
C LYS A 131 -27.27 -3.23 9.81
N ASN A 132 -26.45 -2.79 8.88
CA ASN A 132 -26.20 -1.34 8.77
C ASN A 132 -26.46 -0.85 7.35
N LYS A 133 -25.84 -1.48 6.40
CA LYS A 133 -26.05 -1.07 4.99
C LYS A 133 -26.20 -2.30 4.09
N GLN A 134 -27.35 -2.45 3.48
CA GLN A 134 -27.60 -3.61 2.60
C GLN A 134 -26.87 -3.45 1.26
N LYS A 135 -26.23 -2.32 1.08
CA LYS A 135 -25.48 -2.10 -0.19
C LYS A 135 -23.98 -2.25 0.08
N PRO A 136 -23.50 -3.44 -0.16
CA PRO A 136 -22.06 -3.74 0.05
C PRO A 136 -21.22 -3.10 -1.05
N ILE A 137 -19.95 -2.96 -0.82
CA ILE A 137 -19.07 -2.35 -1.85
C ILE A 137 -18.32 -3.46 -2.59
N THR A 138 -18.27 -3.38 -3.89
CA THR A 138 -17.56 -4.43 -4.66
C THR A 138 -16.42 -3.81 -5.45
N PRO A 139 -15.54 -4.64 -5.94
CA PRO A 139 -14.38 -4.17 -6.73
C PRO A 139 -14.82 -3.55 -8.05
N GLU A 140 -15.85 -4.07 -8.65
CA GLU A 140 -16.31 -3.51 -9.95
C GLU A 140 -16.93 -2.13 -9.77
N THR A 141 -17.26 -1.78 -8.56
CA THR A 141 -17.89 -0.45 -8.32
C THR A 141 -16.83 0.55 -7.82
N ALA A 142 -15.90 0.09 -7.04
CA ALA A 142 -14.83 0.99 -6.52
C ALA A 142 -13.97 1.50 -7.68
N GLU A 143 -13.85 0.74 -8.73
CA GLU A 143 -13.03 1.22 -9.87
C GLU A 143 -13.52 2.59 -10.33
N LYS A 144 -14.81 2.78 -10.37
CA LYS A 144 -15.36 4.10 -10.77
C LYS A 144 -14.79 5.19 -9.86
N LEU A 145 -14.61 4.90 -8.59
CA LEU A 145 -14.02 5.92 -7.69
C LEU A 145 -12.60 6.26 -8.17
N ALA A 146 -11.78 5.28 -8.43
CA ALA A 146 -10.41 5.58 -8.91
C ALA A 146 -10.49 6.34 -10.23
N ARG A 147 -11.34 5.90 -11.11
CA ARG A 147 -11.49 6.62 -12.41
C ARG A 147 -12.33 7.88 -12.24
N ASP A 148 -12.90 8.07 -11.08
CA ASP A 148 -13.72 9.30 -10.83
C ASP A 148 -12.88 10.32 -10.09
N LEU A 149 -12.08 9.83 -9.20
CA LEU A 149 -11.22 10.72 -8.38
C LEU A 149 -9.79 10.67 -8.91
N LYS A 150 -9.55 9.88 -9.92
CA LYS A 150 -8.19 9.79 -10.53
C LYS A 150 -7.20 9.15 -9.58
N ALA A 151 -7.52 7.99 -9.12
CA ALA A 151 -6.60 7.25 -8.20
C ALA A 151 -5.59 6.45 -9.03
N VAL A 152 -5.11 5.34 -8.54
CA VAL A 152 -4.13 4.55 -9.36
C VAL A 152 -4.71 3.17 -9.70
N LYS A 153 -5.19 2.43 -8.74
CA LYS A 153 -5.77 1.09 -9.08
C LYS A 153 -6.45 0.46 -7.86
N TYR A 154 -7.55 -0.22 -8.06
CA TYR A 154 -8.24 -0.88 -6.92
C TYR A 154 -7.77 -2.35 -6.84
N VAL A 155 -7.00 -2.70 -5.83
CA VAL A 155 -6.50 -4.10 -5.73
C VAL A 155 -7.04 -4.83 -4.47
N GLU A 156 -6.49 -5.97 -4.16
CA GLU A 156 -6.95 -6.74 -2.97
C GLU A 156 -5.83 -7.62 -2.42
N CYS A 157 -5.80 -7.82 -1.13
CA CYS A 157 -4.73 -8.68 -0.53
C CYS A 157 -5.24 -9.42 0.70
N SER A 158 -4.65 -10.55 0.95
CA SER A 158 -5.02 -11.36 2.13
C SER A 158 -3.73 -11.82 2.79
N ALA A 159 -3.20 -11.00 3.64
CA ALA A 159 -1.89 -11.29 4.31
C ALA A 159 -1.56 -12.78 4.40
N LEU A 160 -2.45 -13.61 4.85
CA LEU A 160 -2.11 -15.05 4.97
C LEU A 160 -2.54 -15.85 3.72
N THR A 161 -3.79 -15.79 3.35
CA THR A 161 -4.25 -16.59 2.18
C THR A 161 -3.58 -16.11 0.89
N GLN A 162 -3.17 -14.86 0.83
CA GLN A 162 -2.45 -14.34 -0.38
C GLN A 162 -3.42 -14.00 -1.52
N LYS A 163 -4.10 -12.91 -1.42
CA LYS A 163 -5.03 -12.52 -2.53
C LYS A 163 -4.23 -11.92 -3.70
N GLY A 164 -3.18 -12.57 -4.11
CA GLY A 164 -2.35 -12.05 -5.23
C GLY A 164 -2.14 -10.55 -5.08
N LEU A 165 -1.89 -10.11 -3.87
CA LEU A 165 -1.69 -8.65 -3.64
C LEU A 165 -0.39 -8.12 -4.23
N LYS A 166 0.35 -8.95 -4.90
CA LYS A 166 1.61 -8.45 -5.52
C LYS A 166 1.27 -7.31 -6.48
N ASN A 167 0.06 -7.29 -6.96
CA ASN A 167 -0.38 -6.23 -7.90
C ASN A 167 -0.64 -4.90 -7.16
N VAL A 168 -0.82 -4.95 -5.87
CA VAL A 168 -1.06 -3.69 -5.11
C VAL A 168 0.21 -2.85 -5.13
N PHE A 169 1.33 -3.50 -4.98
CA PHE A 169 2.63 -2.78 -5.01
C PHE A 169 3.15 -2.66 -6.45
N ASP A 170 3.11 -3.73 -7.19
CA ASP A 170 3.59 -3.72 -8.60
C ASP A 170 2.95 -2.58 -9.41
N GLU A 171 1.72 -2.27 -9.14
CA GLU A 171 1.04 -1.20 -9.93
C GLU A 171 1.24 0.15 -9.26
N ALA A 172 1.72 0.17 -8.05
CA ALA A 172 1.96 1.48 -7.39
C ALA A 172 3.40 1.89 -7.69
N ILE A 173 4.20 0.96 -8.16
CA ILE A 173 5.60 1.29 -8.49
C ILE A 173 5.64 2.09 -9.77
N LEU A 174 4.97 1.66 -10.81
CA LEU A 174 5.00 2.43 -12.07
C LEU A 174 4.11 3.67 -11.97
N ALA A 175 3.18 3.70 -11.06
CA ALA A 175 2.30 4.89 -10.93
C ALA A 175 2.93 5.91 -9.98
N ALA A 176 3.91 5.51 -9.22
CA ALA A 176 4.56 6.46 -8.26
C ALA A 176 5.37 7.49 -9.05
N LEU A 177 6.12 7.04 -10.01
CA LEU A 177 6.94 7.96 -10.84
C LEU A 177 6.02 8.71 -11.79
N GLU A 178 4.95 8.10 -12.17
CA GLU A 178 3.97 8.74 -13.11
C GLU A 178 4.71 9.58 -14.16
N GLY B 1 13.51 10.07 -17.18
CA GLY B 1 13.17 8.80 -16.46
C GLY B 1 12.45 7.86 -17.42
N SER B 2 12.89 6.63 -17.51
CA SER B 2 12.23 5.67 -18.44
C SER B 2 11.90 4.36 -17.71
N LYS B 3 10.88 3.67 -18.13
CA LYS B 3 10.52 2.38 -17.47
C LYS B 3 10.85 1.20 -18.39
N GLU B 4 12.02 0.65 -18.26
CA GLU B 4 12.41 -0.51 -19.13
C GLU B 4 12.58 -1.78 -18.30
N ARG B 5 12.64 -2.91 -18.95
CA ARG B 5 12.84 -4.19 -18.21
C ARG B 5 14.28 -4.20 -17.65
N PRO B 6 14.90 -5.35 -17.51
CA PRO B 6 16.28 -5.35 -16.97
C PRO B 6 17.25 -4.84 -18.04
N GLU B 7 17.58 -3.57 -17.98
CA GLU B 7 18.51 -2.97 -18.98
C GLU B 7 19.77 -3.84 -19.12
N ILE B 8 20.77 -3.36 -19.80
CA ILE B 8 22.00 -4.16 -19.98
C ILE B 8 22.88 -4.16 -18.72
N SER B 9 23.04 -3.04 -18.11
CA SER B 9 23.90 -2.97 -16.90
C SER B 9 23.24 -2.17 -15.78
N LEU B 10 23.82 -2.17 -14.61
CA LEU B 10 23.20 -1.40 -13.50
C LEU B 10 24.17 -1.24 -12.32
N PRO B 11 24.81 -0.10 -12.27
CA PRO B 11 25.71 0.19 -11.13
C PRO B 11 24.86 0.38 -9.88
N SER B 12 25.25 -0.20 -8.78
CA SER B 12 24.41 -0.07 -7.55
C SER B 12 24.12 1.40 -7.23
N ASP B 13 23.59 1.65 -6.07
CA ASP B 13 23.27 3.05 -5.70
C ASP B 13 23.66 3.35 -4.26
N PHE B 14 23.29 4.50 -3.79
CA PHE B 14 23.62 4.91 -2.39
C PHE B 14 23.12 3.88 -1.37
N GLU B 15 23.08 4.26 -0.13
CA GLU B 15 22.65 3.36 0.99
C GLU B 15 21.40 2.53 0.64
N HIS B 16 20.91 1.78 1.61
CA HIS B 16 19.71 0.94 1.37
C HIS B 16 18.83 0.81 2.63
N THR B 17 17.86 -0.07 2.60
CA THR B 17 16.94 -0.25 3.76
C THR B 17 17.56 -1.10 4.89
N ILE B 18 16.99 -1.02 6.06
CA ILE B 18 17.47 -1.79 7.24
C ILE B 18 16.31 -2.59 7.82
N HIS B 19 16.53 -3.41 8.82
CA HIS B 19 15.38 -4.20 9.38
C HIS B 19 15.46 -4.33 10.92
N VAL B 20 14.52 -3.76 11.63
CA VAL B 20 14.52 -3.85 13.12
C VAL B 20 13.14 -3.95 13.75
N GLY B 21 12.74 -5.13 14.17
CA GLY B 21 11.41 -5.29 14.81
C GLY B 21 11.45 -6.45 15.82
N PHE B 22 11.48 -7.66 15.33
CA PHE B 22 11.49 -8.86 16.17
C PHE B 22 11.43 -10.06 15.24
N ASP B 23 12.25 -11.01 15.47
CA ASP B 23 12.29 -12.21 14.59
C ASP B 23 10.88 -12.63 14.14
N ALA B 24 10.72 -12.85 12.86
CA ALA B 24 9.40 -13.25 12.28
C ALA B 24 8.40 -12.10 12.33
N VAL B 25 8.79 -10.91 11.95
CA VAL B 25 7.81 -9.79 11.96
C VAL B 25 7.50 -9.39 10.51
N THR B 26 8.51 -9.04 9.75
CA THR B 26 8.27 -8.66 8.34
C THR B 26 7.47 -9.76 7.64
N GLY B 27 7.55 -10.94 8.16
CA GLY B 27 6.78 -12.07 7.55
C GLY B 27 5.77 -12.54 8.58
N GLU B 28 5.09 -11.61 9.19
CA GLU B 28 4.08 -11.97 10.22
C GLU B 28 3.14 -10.79 10.47
N PHE B 29 1.87 -11.02 10.31
CA PHE B 29 0.87 -9.95 10.55
C PHE B 29 -0.12 -10.44 11.61
N THR B 30 -0.33 -9.65 12.62
CA THR B 30 -1.27 -10.06 13.70
C THR B 30 -2.05 -8.87 14.23
N GLY B 31 -2.99 -9.12 15.10
CA GLY B 31 -3.81 -8.03 15.70
C GLY B 31 -4.08 -6.94 14.67
N ILE B 32 -4.28 -5.73 15.11
CA ILE B 32 -4.55 -4.61 14.16
C ILE B 32 -4.04 -3.29 14.77
N PRO B 33 -2.73 -3.20 14.82
CA PRO B 33 -2.05 -2.00 15.39
C PRO B 33 -2.14 -0.79 14.46
N GLU B 34 -1.60 0.34 14.88
CA GLU B 34 -1.65 1.56 14.03
C GLU B 34 -0.98 1.32 12.68
N GLN B 35 -1.31 2.12 11.71
CA GLN B 35 -0.73 1.97 10.34
C GLN B 35 0.63 2.62 10.25
N TRP B 36 1.18 3.00 11.36
CA TRP B 36 2.54 3.67 11.37
C TRP B 36 2.45 5.07 10.78
N ALA B 37 1.39 5.76 11.04
CA ALA B 37 1.22 7.14 10.52
C ALA B 37 0.02 7.84 11.17
N ARG B 38 -0.97 7.09 11.60
CA ARG B 38 -2.14 7.75 12.26
C ARG B 38 -1.69 8.51 13.52
N LEU B 39 -0.45 8.36 13.91
CA LEU B 39 0.06 9.08 15.11
C LEU B 39 -0.26 10.58 15.04
N LEU B 40 -0.65 11.09 13.91
CA LEU B 40 -0.97 12.55 13.82
C LEU B 40 -2.18 12.88 14.66
N GLN B 41 -2.84 11.89 15.15
CA GLN B 41 -4.04 12.09 15.99
C GLN B 41 -4.45 10.78 16.64
N THR B 42 -3.51 10.08 17.21
CA THR B 42 -3.81 8.77 17.86
C THR B 42 -3.80 8.93 19.39
N SER B 43 -3.83 7.83 20.10
CA SER B 43 -3.82 7.92 21.59
C SER B 43 -2.38 8.03 22.10
N ASN B 44 -1.63 8.99 21.61
CA ASN B 44 -0.23 9.14 22.07
C ASN B 44 -0.19 9.44 23.57
N ILE B 45 0.98 9.49 24.14
CA ILE B 45 1.10 9.76 25.61
C ILE B 45 1.19 11.27 25.88
N THR B 46 2.24 11.89 25.44
CA THR B 46 2.39 13.35 25.67
C THR B 46 2.13 13.68 27.14
N MET A 1 8.92 13.60 -11.10
CA MET A 1 8.72 12.66 -12.24
C MET A 1 8.81 11.21 -11.76
N GLN A 2 9.99 10.77 -11.41
CA GLN A 2 10.17 9.39 -10.92
C GLN A 2 10.15 9.40 -9.39
N THR A 3 10.34 10.54 -8.81
CA THR A 3 10.33 10.65 -7.33
C THR A 3 9.19 9.83 -6.75
N ILE A 4 9.47 8.65 -6.28
CA ILE A 4 8.39 7.82 -5.67
C ILE A 4 8.66 7.58 -4.19
N LYS A 5 7.77 7.99 -3.36
CA LYS A 5 7.94 7.73 -1.92
C LYS A 5 7.20 6.43 -1.60
N CYS A 6 7.80 5.51 -0.92
CA CYS A 6 7.09 4.24 -0.63
C CYS A 6 6.75 4.14 0.85
N VAL A 7 5.51 4.36 1.20
CA VAL A 7 5.14 4.27 2.64
C VAL A 7 3.75 3.66 2.79
N VAL A 8 3.41 3.19 3.95
CA VAL A 8 2.05 2.58 4.13
C VAL A 8 1.01 3.69 4.32
N VAL A 9 -0.21 3.44 3.94
CA VAL A 9 -1.27 4.49 4.06
C VAL A 9 -1.83 4.50 5.49
N GLY A 10 -2.89 5.22 5.73
CA GLY A 10 -3.45 5.28 7.11
C GLY A 10 -4.60 4.28 7.27
N ASP A 11 -4.46 3.08 6.76
CA ASP A 11 -5.56 2.08 6.94
C ASP A 11 -5.42 1.44 8.32
N GLY A 12 -4.21 1.31 8.80
CA GLY A 12 -3.98 0.70 10.14
C GLY A 12 -4.48 -0.74 10.12
N ALA A 13 -4.06 -1.52 9.15
CA ALA A 13 -4.51 -2.93 9.07
C ALA A 13 -3.54 -3.75 8.20
N VAL A 14 -3.65 -3.62 6.91
CA VAL A 14 -2.73 -4.38 6.01
C VAL A 14 -1.78 -3.44 5.29
N GLY A 15 -0.50 -3.59 5.53
CA GLY A 15 0.51 -2.71 4.88
C GLY A 15 1.11 -3.42 3.67
N LYS A 16 1.40 -2.69 2.63
CA LYS A 16 1.98 -3.32 1.39
C LYS A 16 3.39 -3.89 1.64
N THR A 17 4.08 -3.45 2.65
CA THR A 17 5.46 -4.00 2.88
C THR A 17 5.45 -5.07 3.98
N CYS A 18 4.63 -4.90 4.99
CA CYS A 18 4.58 -5.91 6.07
C CYS A 18 3.85 -7.17 5.57
N LEU A 19 2.92 -7.02 4.65
CA LEU A 19 2.21 -8.22 4.14
C LEU A 19 2.98 -8.84 2.98
N LEU A 20 3.87 -8.10 2.39
CA LEU A 20 4.67 -8.66 1.27
C LEU A 20 5.38 -9.92 1.75
N ILE A 21 5.90 -9.87 2.94
CA ILE A 21 6.59 -11.03 3.54
C ILE A 21 5.61 -12.14 3.85
N SER A 22 4.46 -11.77 4.33
CA SER A 22 3.46 -12.79 4.69
C SER A 22 3.33 -13.81 3.56
N TYR A 23 3.24 -13.38 2.33
CA TYR A 23 3.14 -14.37 1.21
C TYR A 23 4.53 -14.67 0.65
N THR A 24 5.56 -14.11 1.23
CA THR A 24 6.93 -14.35 0.66
C THR A 24 7.79 -15.21 1.59
N THR A 25 7.46 -15.28 2.85
CA THR A 25 8.28 -16.13 3.74
C THR A 25 7.71 -17.54 3.73
N ASN A 26 6.63 -17.72 4.41
CA ASN A 26 5.98 -19.05 4.45
C ASN A 26 4.50 -18.89 4.78
N LYS A 27 4.18 -17.90 5.59
CA LYS A 27 2.75 -17.66 5.96
C LYS A 27 2.67 -16.55 7.01
N PHE A 28 1.97 -16.77 8.08
CA PHE A 28 1.84 -15.71 9.11
C PHE A 28 1.90 -16.28 10.55
N PRO A 29 0.96 -17.12 10.91
CA PRO A 29 0.93 -17.69 12.28
C PRO A 29 2.02 -18.76 12.53
N SER A 30 2.84 -19.07 11.55
CA SER A 30 3.87 -20.12 11.80
C SER A 30 5.01 -20.04 10.77
N GLU A 31 5.59 -18.88 10.58
CA GLU A 31 6.70 -18.75 9.60
C GLU A 31 8.00 -18.38 10.29
N TYR A 32 8.89 -19.33 10.45
CA TYR A 32 10.19 -19.04 11.12
C TYR A 32 11.00 -18.03 10.29
N VAL A 33 10.47 -16.86 10.08
CA VAL A 33 11.16 -15.83 9.28
C VAL A 33 11.23 -14.52 10.07
N PRO A 34 12.04 -13.62 9.59
CA PRO A 34 12.18 -12.30 10.26
C PRO A 34 10.89 -11.48 10.07
N THR A 35 10.52 -10.68 11.04
CA THR A 35 9.25 -9.89 10.88
C THR A 35 9.55 -8.39 10.93
N VAL A 36 8.68 -7.60 10.36
CA VAL A 36 8.86 -6.11 10.34
C VAL A 36 10.14 -5.72 9.60
N PHE A 37 10.81 -6.67 9.03
CA PHE A 37 12.06 -6.37 8.29
C PHE A 37 11.88 -5.09 7.47
N ASP A 38 12.37 -3.98 7.98
CA ASP A 38 12.25 -2.67 7.26
C ASP A 38 12.63 -2.80 5.78
N ASN A 39 13.12 -1.75 5.17
CA ASN A 39 13.48 -1.84 3.73
C ASN A 39 14.52 -0.79 3.34
N TYR A 40 14.74 -0.61 2.07
CA TYR A 40 15.77 0.37 1.60
C TYR A 40 15.16 1.58 0.87
N ALA A 41 15.85 2.68 0.91
CA ALA A 41 15.40 3.91 0.19
C ALA A 41 16.61 4.50 -0.52
N VAL A 42 16.59 4.61 -1.82
CA VAL A 42 17.81 5.13 -2.50
C VAL A 42 17.57 5.38 -3.99
N THR A 43 18.56 5.90 -4.66
CA THR A 43 18.42 6.17 -6.12
C THR A 43 19.61 5.57 -6.88
N VAL A 44 19.33 4.84 -7.94
CA VAL A 44 20.45 4.24 -8.73
C VAL A 44 20.60 5.01 -10.03
N MET A 45 21.78 5.08 -10.59
CA MET A 45 21.90 5.81 -11.87
C MET A 45 22.36 4.80 -12.90
N ILE A 46 21.43 4.24 -13.62
CA ILE A 46 21.77 3.20 -14.63
C ILE A 46 21.74 3.75 -16.06
N GLY A 47 22.78 3.51 -16.81
CA GLY A 47 22.81 4.02 -18.23
C GLY A 47 22.24 5.45 -18.29
N GLY A 48 22.34 6.19 -17.23
CA GLY A 48 21.80 7.59 -17.26
C GLY A 48 20.35 7.62 -16.77
N GLU A 49 19.92 6.59 -16.09
CA GLU A 49 18.52 6.57 -15.59
C GLU A 49 18.52 6.60 -14.06
N PRO A 50 18.31 7.76 -13.52
CA PRO A 50 18.29 7.93 -12.05
C PRO A 50 16.96 7.43 -11.45
N TYR A 51 16.99 6.44 -10.61
CA TYR A 51 15.73 5.95 -9.99
C TYR A 51 15.45 6.74 -8.71
N THR A 52 14.38 7.46 -8.66
CA THR A 52 14.08 8.26 -7.44
C THR A 52 13.04 7.56 -6.57
N LEU A 53 13.44 6.96 -5.47
CA LEU A 53 12.42 6.30 -4.61
C LEU A 53 12.92 6.12 -3.18
N GLY A 54 12.09 5.58 -2.33
CA GLY A 54 12.47 5.38 -0.91
C GLY A 54 11.42 4.52 -0.22
N LEU A 55 11.75 3.30 0.15
CA LEU A 55 10.73 2.44 0.80
C LEU A 55 11.29 1.81 2.08
N PHE A 56 10.54 1.86 3.15
CA PHE A 56 11.01 1.27 4.44
C PHE A 56 9.80 0.84 5.29
N ASP A 57 9.98 -0.11 6.18
CA ASP A 57 8.81 -0.54 7.01
C ASP A 57 8.86 0.13 8.39
N THR A 58 7.89 -0.15 9.23
CA THR A 58 7.88 0.49 10.58
C THR A 58 8.30 -0.52 11.67
N ALA A 59 9.39 -0.25 12.34
CA ALA A 59 9.86 -1.16 13.43
C ALA A 59 8.86 -1.18 14.57
N GLY A 60 7.92 -2.08 14.55
CA GLY A 60 6.94 -2.15 15.65
C GLY A 60 7.67 -2.66 16.89
N GLN A 61 8.62 -1.88 17.36
CA GLN A 61 9.43 -2.28 18.54
C GLN A 61 10.44 -3.37 18.18
N GLU A 62 10.78 -3.52 16.92
CA GLU A 62 11.76 -4.58 16.58
C GLU A 62 12.99 -4.47 17.51
N ASP A 63 13.50 -3.28 17.69
CA ASP A 63 14.68 -3.08 18.59
C ASP A 63 15.36 -1.74 18.32
N TYR A 64 14.70 -0.83 17.65
CA TYR A 64 15.32 0.48 17.36
C TYR A 64 14.32 1.37 16.63
N ASP A 65 13.11 1.40 17.10
CA ASP A 65 12.09 2.25 16.43
C ASP A 65 12.22 3.70 16.90
N ARG A 66 13.43 4.16 17.08
CA ARG A 66 13.63 5.58 17.51
C ARG A 66 12.81 6.50 16.61
N LEU A 67 12.58 6.08 15.39
CA LEU A 67 11.77 6.91 14.46
C LEU A 67 10.28 6.68 14.74
N ARG A 68 9.96 6.02 15.82
CA ARG A 68 8.54 5.75 16.17
C ARG A 68 7.71 7.04 16.34
N PRO A 69 8.32 8.14 16.66
CA PRO A 69 7.55 9.39 16.82
C PRO A 69 7.48 10.13 15.48
N LEU A 70 6.52 9.81 14.66
CA LEU A 70 6.42 10.47 13.33
C LEU A 70 5.13 11.26 13.18
N SER A 71 4.04 10.60 12.91
CA SER A 71 2.75 11.31 12.73
C SER A 71 2.85 12.26 11.54
N TYR A 72 3.51 11.83 10.48
CA TYR A 72 3.66 12.71 9.29
C TYR A 72 3.44 11.91 8.01
N PRO A 73 2.20 11.63 7.73
CA PRO A 73 1.83 10.85 6.52
C PRO A 73 2.08 11.69 5.25
N GLN A 74 3.01 11.29 4.43
CA GLN A 74 3.29 12.07 3.19
C GLN A 74 4.12 11.21 2.21
N THR A 75 3.46 10.47 1.36
CA THR A 75 4.20 9.64 0.38
C THR A 75 3.39 9.58 -0.91
N ASP A 76 3.75 10.39 -1.85
CA ASP A 76 3.04 10.45 -3.18
C ASP A 76 2.33 9.12 -3.51
N VAL A 77 2.96 8.01 -3.23
CA VAL A 77 2.31 6.70 -3.53
C VAL A 77 1.85 6.04 -2.22
N PHE A 78 0.59 5.66 -2.15
CA PHE A 78 0.08 5.02 -0.91
C PHE A 78 -0.68 3.73 -1.22
N LEU A 79 -0.49 2.72 -0.43
CA LEU A 79 -1.21 1.43 -0.64
C LEU A 79 -2.18 1.21 0.52
N VAL A 80 -3.42 1.53 0.34
CA VAL A 80 -4.40 1.35 1.45
C VAL A 80 -5.17 0.03 1.30
N CYS A 81 -5.34 -0.68 2.38
CA CYS A 81 -6.06 -1.98 2.31
C CYS A 81 -7.30 -1.95 3.22
N PHE A 82 -8.47 -1.98 2.66
CA PHE A 82 -9.71 -1.97 3.51
C PHE A 82 -10.66 -3.10 3.10
N SER A 83 -11.56 -3.46 3.96
CA SER A 83 -12.51 -4.58 3.65
C SER A 83 -13.65 -4.10 2.73
N VAL A 84 -14.32 -5.02 2.11
CA VAL A 84 -15.44 -4.65 1.20
C VAL A 84 -16.78 -4.89 1.89
N VAL A 85 -16.80 -4.90 3.20
CA VAL A 85 -18.08 -5.14 3.94
C VAL A 85 -18.12 -4.25 5.19
N SER A 86 -17.47 -3.13 5.15
CA SER A 86 -17.46 -2.22 6.32
C SER A 86 -18.68 -1.29 6.29
N PRO A 87 -18.71 -0.37 7.21
CA PRO A 87 -19.85 0.59 7.29
C PRO A 87 -19.74 1.63 6.17
N SER A 88 -19.98 1.24 4.96
CA SER A 88 -19.92 2.22 3.83
C SER A 88 -18.62 3.04 3.92
N SER A 89 -17.53 2.42 4.27
CA SER A 89 -16.25 3.16 4.41
C SER A 89 -15.66 3.46 3.02
N PHE A 90 -15.99 2.66 2.04
CA PHE A 90 -15.43 2.85 0.68
C PHE A 90 -16.08 4.03 -0.07
N GLU A 91 -17.22 4.49 0.35
CA GLU A 91 -17.85 5.63 -0.38
C GLU A 91 -17.32 6.97 0.14
N ASN A 92 -16.72 6.97 1.29
CA ASN A 92 -16.18 8.26 1.82
C ASN A 92 -14.75 8.44 1.33
N VAL A 93 -14.14 7.41 0.83
CA VAL A 93 -12.74 7.57 0.34
C VAL A 93 -12.77 8.08 -1.09
N LYS A 94 -13.86 7.91 -1.77
CA LYS A 94 -13.95 8.38 -3.18
C LYS A 94 -14.24 9.86 -3.19
N GLU A 95 -14.92 10.33 -2.19
CA GLU A 95 -15.23 11.78 -2.11
C GLU A 95 -14.20 12.46 -1.21
N LYS A 96 -13.16 11.76 -0.82
CA LYS A 96 -12.14 12.40 0.05
C LYS A 96 -10.95 12.88 -0.76
N TRP A 97 -10.38 12.02 -1.55
CA TRP A 97 -9.18 12.42 -2.35
C TRP A 97 -9.56 13.00 -3.72
N VAL A 98 -10.51 12.43 -4.40
CA VAL A 98 -10.88 12.96 -5.74
C VAL A 98 -11.14 14.47 -5.69
N PRO A 99 -11.94 14.90 -4.74
CA PRO A 99 -12.25 16.34 -4.62
C PRO A 99 -11.05 17.11 -4.03
N GLU A 100 -10.14 16.41 -3.42
CA GLU A 100 -8.97 17.12 -2.81
C GLU A 100 -8.03 17.70 -3.87
N ILE A 101 -8.04 17.16 -5.07
CA ILE A 101 -7.12 17.72 -6.11
C ILE A 101 -5.68 17.72 -5.59
N THR A 102 -4.91 16.74 -6.00
CA THR A 102 -3.49 16.65 -5.53
C THR A 102 -2.82 18.01 -5.68
N HIS A 103 -2.30 18.31 -6.83
CA HIS A 103 -1.66 19.65 -7.04
C HIS A 103 -2.55 20.46 -8.00
N HIS A 104 -3.56 19.83 -8.54
CA HIS A 104 -4.50 20.48 -9.49
C HIS A 104 -5.09 19.35 -10.34
N CYS A 105 -4.23 18.52 -10.85
CA CYS A 105 -4.68 17.36 -11.66
C CYS A 105 -3.49 16.48 -12.07
N PRO A 106 -2.62 16.18 -11.12
CA PRO A 106 -1.45 15.33 -11.41
C PRO A 106 -1.89 13.86 -11.45
N LYS A 107 -2.90 13.54 -10.68
CA LYS A 107 -3.41 12.14 -10.62
C LYS A 107 -2.42 11.25 -9.87
N THR A 108 -2.10 11.61 -8.65
CA THR A 108 -1.15 10.78 -7.85
C THR A 108 -1.53 9.30 -7.95
N PRO A 109 -0.54 8.45 -7.86
CA PRO A 109 -0.79 6.97 -7.94
C PRO A 109 -1.66 6.51 -6.77
N PHE A 110 -2.85 6.05 -7.06
CA PHE A 110 -3.75 5.58 -5.98
C PHE A 110 -4.00 4.08 -6.17
N LEU A 111 -3.42 3.28 -5.32
CA LEU A 111 -3.59 1.81 -5.42
C LEU A 111 -4.70 1.35 -4.47
N LEU A 112 -5.85 1.06 -5.02
CA LEU A 112 -7.00 0.61 -4.17
C LEU A 112 -6.95 -0.90 -3.92
N VAL A 113 -7.33 -1.34 -2.75
CA VAL A 113 -7.31 -2.81 -2.47
C VAL A 113 -8.51 -3.24 -1.64
N GLY A 114 -8.68 -4.53 -1.49
CA GLY A 114 -9.79 -5.08 -0.66
C GLY A 114 -9.19 -6.20 0.19
N THR A 115 -8.86 -5.90 1.42
CA THR A 115 -8.23 -6.95 2.28
C THR A 115 -9.13 -7.33 3.46
N GLN A 116 -8.61 -8.10 4.37
CA GLN A 116 -9.43 -8.53 5.53
C GLN A 116 -10.69 -9.23 5.03
N ILE A 117 -10.67 -9.67 3.79
CA ILE A 117 -11.86 -10.38 3.23
C ILE A 117 -11.81 -11.85 3.65
N ASP A 118 -10.63 -12.33 3.99
CA ASP A 118 -10.40 -13.77 4.37
C ASP A 118 -11.38 -14.21 5.44
N LEU A 119 -12.62 -14.09 5.13
CA LEU A 119 -13.73 -14.46 6.06
C LEU A 119 -14.98 -13.70 5.62
N ARG A 120 -14.79 -12.55 5.03
CA ARG A 120 -15.94 -11.75 4.54
C ARG A 120 -16.89 -12.69 3.80
N ASP A 121 -16.34 -13.55 2.99
CA ASP A 121 -17.18 -14.51 2.23
C ASP A 121 -18.15 -15.21 3.18
N ASP A 122 -17.81 -15.26 4.44
CA ASP A 122 -18.69 -15.93 5.42
C ASP A 122 -19.73 -14.94 5.96
N PRO A 123 -20.94 -15.42 6.09
CA PRO A 123 -22.06 -14.58 6.61
C PRO A 123 -22.02 -14.52 8.14
N SER A 124 -20.87 -14.73 8.73
CA SER A 124 -20.78 -14.68 10.23
C SER A 124 -20.16 -13.36 10.67
N THR A 125 -19.05 -13.01 10.12
CA THR A 125 -18.44 -11.71 10.49
C THR A 125 -19.23 -10.66 9.71
N ILE A 126 -19.76 -11.10 8.61
CA ILE A 126 -20.63 -10.24 7.78
C ILE A 126 -21.83 -9.82 8.61
N GLU A 127 -22.12 -10.61 9.61
CA GLU A 127 -23.28 -10.30 10.51
C GLU A 127 -23.22 -8.84 10.97
N LYS A 128 -22.06 -8.37 11.29
CA LYS A 128 -21.90 -6.98 11.77
C LYS A 128 -21.67 -6.04 10.58
N LEU A 129 -21.04 -6.53 9.55
CA LEU A 129 -20.75 -5.71 8.34
C LEU A 129 -22.02 -5.48 7.51
N ALA A 130 -22.73 -6.53 7.22
CA ALA A 130 -23.96 -6.39 6.39
C ALA A 130 -24.98 -5.51 7.10
N LYS A 131 -25.15 -5.68 8.38
CA LYS A 131 -26.14 -4.83 9.09
C LYS A 131 -25.81 -3.37 8.82
N ASN A 132 -24.60 -3.09 8.40
CA ASN A 132 -24.25 -1.67 8.11
C ASN A 132 -24.65 -1.32 6.68
N LYS A 133 -24.38 -2.20 5.77
CA LYS A 133 -24.75 -1.96 4.35
C LYS A 133 -25.09 -3.28 3.67
N GLN A 134 -26.16 -3.32 2.94
CA GLN A 134 -26.56 -4.57 2.24
C GLN A 134 -25.80 -4.70 0.91
N LYS A 135 -25.03 -3.71 0.55
CA LYS A 135 -24.30 -3.76 -0.74
C LYS A 135 -22.77 -3.70 -0.52
N PRO A 136 -22.15 -4.85 -0.63
CA PRO A 136 -20.67 -4.94 -0.47
C PRO A 136 -19.98 -4.27 -1.66
N ILE A 137 -18.72 -3.94 -1.52
CA ILE A 137 -18.00 -3.29 -2.65
C ILE A 137 -17.16 -4.33 -3.40
N THR A 138 -17.15 -4.27 -4.70
CA THR A 138 -16.38 -5.28 -5.49
C THR A 138 -15.43 -4.55 -6.45
N PRO A 139 -14.55 -5.30 -7.06
CA PRO A 139 -13.56 -4.69 -7.99
C PRO A 139 -14.27 -4.17 -9.25
N GLU A 140 -15.48 -4.58 -9.46
CA GLU A 140 -16.23 -4.11 -10.67
C GLU A 140 -16.69 -2.67 -10.46
N THR A 141 -17.16 -2.38 -9.28
CA THR A 141 -17.64 -1.00 -8.98
C THR A 141 -16.46 -0.06 -8.75
N ALA A 142 -15.44 -0.52 -8.07
CA ALA A 142 -14.25 0.35 -7.82
C ALA A 142 -13.44 0.58 -9.08
N GLU A 143 -13.21 -0.44 -9.84
CA GLU A 143 -12.41 -0.27 -11.10
C GLU A 143 -12.99 0.90 -11.90
N LYS A 144 -14.28 0.97 -12.01
CA LYS A 144 -14.91 2.09 -12.77
C LYS A 144 -14.66 3.40 -12.02
N LEU A 145 -14.75 3.38 -10.72
CA LEU A 145 -14.50 4.63 -9.95
C LEU A 145 -13.05 5.06 -10.16
N ALA A 146 -12.10 4.16 -10.01
CA ALA A 146 -10.68 4.55 -10.22
C ALA A 146 -10.52 5.09 -11.63
N ARG A 147 -11.13 4.46 -12.58
CA ARG A 147 -11.05 4.96 -13.98
C ARG A 147 -12.05 6.11 -14.16
N ASP A 148 -12.74 6.47 -13.11
CA ASP A 148 -13.74 7.55 -13.21
C ASP A 148 -13.10 8.95 -13.18
N LEU A 149 -11.99 9.14 -12.49
CA LEU A 149 -11.42 10.52 -12.47
C LEU A 149 -9.90 10.53 -12.68
N LYS A 150 -9.24 9.37 -12.67
CA LYS A 150 -7.74 9.24 -12.88
C LYS A 150 -7.09 8.47 -11.74
N ALA A 151 -7.42 7.22 -11.57
CA ALA A 151 -6.78 6.42 -10.48
C ALA A 151 -5.98 5.26 -11.09
N VAL A 152 -5.38 4.42 -10.28
CA VAL A 152 -4.61 3.27 -10.85
C VAL A 152 -5.53 2.07 -11.02
N LYS A 153 -5.82 1.37 -9.96
CA LYS A 153 -6.72 0.18 -10.09
C LYS A 153 -7.09 -0.37 -8.72
N TYR A 154 -8.09 -1.21 -8.67
CA TYR A 154 -8.50 -1.81 -7.37
C TYR A 154 -8.03 -3.27 -7.32
N VAL A 155 -6.96 -3.54 -6.64
CA VAL A 155 -6.47 -4.94 -6.55
C VAL A 155 -7.16 -5.64 -5.37
N GLU A 156 -7.02 -6.92 -5.26
CA GLU A 156 -7.67 -7.62 -4.11
C GLU A 156 -6.69 -8.60 -3.47
N CYS A 157 -6.41 -8.45 -2.22
CA CYS A 157 -5.45 -9.39 -1.57
C CYS A 157 -5.91 -9.72 -0.15
N SER A 158 -5.28 -10.68 0.47
CA SER A 158 -5.66 -11.07 1.84
C SER A 158 -4.41 -11.45 2.63
N ALA A 159 -4.16 -10.73 3.68
CA ALA A 159 -2.96 -10.95 4.55
C ALA A 159 -2.24 -12.28 4.28
N LEU A 160 -2.93 -13.38 4.32
CA LEU A 160 -2.22 -14.66 4.05
C LEU A 160 -2.98 -15.54 3.04
N THR A 161 -4.14 -15.13 2.60
CA THR A 161 -4.92 -15.97 1.65
C THR A 161 -4.72 -15.54 0.19
N GLN A 162 -5.55 -14.65 -0.29
CA GLN A 162 -5.44 -14.18 -1.70
C GLN A 162 -4.00 -14.04 -2.15
N LYS A 163 -3.15 -13.55 -1.30
CA LYS A 163 -1.73 -13.37 -1.70
C LYS A 163 -1.70 -12.64 -3.04
N GLY A 164 -2.71 -11.87 -3.31
CA GLY A 164 -2.77 -11.10 -4.59
C GLY A 164 -2.23 -9.69 -4.35
N LEU A 165 -1.99 -9.35 -3.10
CA LEU A 165 -1.45 -7.99 -2.78
C LEU A 165 -0.24 -7.61 -3.65
N LYS A 166 0.33 -8.52 -4.39
CA LYS A 166 1.50 -8.16 -5.24
C LYS A 166 1.09 -7.25 -6.39
N ASN A 167 0.04 -7.56 -7.09
CA ASN A 167 -0.39 -6.69 -8.21
C ASN A 167 -0.68 -5.30 -7.64
N VAL A 168 -1.06 -5.26 -6.40
CA VAL A 168 -1.38 -3.98 -5.72
C VAL A 168 -0.23 -2.97 -5.90
N PHE A 169 0.96 -3.38 -5.61
CA PHE A 169 2.12 -2.46 -5.75
C PHE A 169 2.69 -2.49 -7.17
N ASP A 170 2.51 -3.58 -7.88
CA ASP A 170 3.05 -3.64 -9.27
C ASP A 170 2.63 -2.41 -10.05
N GLU A 171 1.36 -2.08 -10.02
CA GLU A 171 0.88 -0.88 -10.76
C GLU A 171 1.45 0.40 -10.12
N ALA A 172 1.42 0.49 -8.83
CA ALA A 172 1.97 1.71 -8.15
C ALA A 172 3.37 1.99 -8.66
N ILE A 173 4.03 1.01 -9.21
CA ILE A 173 5.40 1.22 -9.71
C ILE A 173 5.37 2.11 -10.97
N LEU A 174 4.46 1.87 -11.87
CA LEU A 174 4.43 2.71 -13.11
C LEU A 174 3.69 4.02 -12.86
N ALA A 175 2.82 4.06 -11.90
CA ALA A 175 2.05 5.32 -11.65
C ALA A 175 2.82 6.25 -10.69
N ALA A 176 3.85 5.77 -10.06
CA ALA A 176 4.61 6.65 -9.13
C ALA A 176 5.57 7.54 -9.93
N LEU A 177 6.28 6.98 -10.86
CA LEU A 177 7.22 7.79 -11.68
C LEU A 177 6.49 8.32 -12.91
N GLU A 178 5.40 7.68 -13.24
CA GLU A 178 4.59 8.10 -14.42
C GLU A 178 3.12 7.78 -14.21
N GLY B 1 11.56 11.09 -16.77
CA GLY B 1 11.48 9.85 -15.96
C GLY B 1 10.99 8.69 -16.84
N SER B 2 11.85 8.13 -17.64
CA SER B 2 11.42 7.00 -18.51
C SER B 2 11.30 5.71 -17.70
N LYS B 3 10.36 4.87 -18.02
CA LYS B 3 10.21 3.61 -17.25
C LYS B 3 10.87 2.44 -17.98
N GLU B 4 12.10 2.17 -17.65
CA GLU B 4 12.83 1.06 -18.30
C GLU B 4 13.47 0.15 -17.26
N ARG B 5 13.79 -1.05 -17.63
CA ARG B 5 14.46 -1.98 -16.68
C ARG B 5 15.89 -1.45 -16.49
N PRO B 6 16.83 -2.26 -16.07
CA PRO B 6 18.21 -1.74 -15.90
C PRO B 6 18.78 -1.38 -17.27
N GLU B 7 18.99 -0.12 -17.52
CA GLU B 7 19.53 0.33 -18.84
C GLU B 7 20.86 -0.38 -19.15
N ILE B 8 21.86 0.35 -19.50
CA ILE B 8 23.17 -0.29 -19.81
C ILE B 8 23.91 -0.66 -18.51
N SER B 9 24.88 0.11 -18.08
CA SER B 9 25.57 -0.26 -16.82
C SER B 9 25.94 0.98 -15.99
N LEU B 10 25.31 1.12 -14.84
CA LEU B 10 25.62 2.28 -13.96
C LEU B 10 24.91 2.09 -12.61
N PRO B 11 25.68 1.59 -11.68
CA PRO B 11 25.17 1.34 -10.30
C PRO B 11 25.53 2.49 -9.37
N SER B 12 24.62 3.38 -9.10
CA SER B 12 24.93 4.50 -8.16
C SER B 12 23.76 4.72 -7.22
N ASP B 13 23.83 4.18 -6.03
CA ASP B 13 22.69 4.36 -5.10
C ASP B 13 23.03 3.95 -3.66
N PHE B 14 22.59 4.72 -2.71
CA PHE B 14 22.85 4.37 -1.28
C PHE B 14 21.53 4.08 -0.56
N GLU B 15 21.29 2.84 -0.27
CA GLU B 15 20.03 2.43 0.41
C GLU B 15 20.11 2.47 1.93
N HIS B 16 18.99 2.25 2.54
CA HIS B 16 18.86 2.26 4.03
C HIS B 16 19.12 0.88 4.66
N THR B 17 18.76 0.72 5.91
CA THR B 17 18.99 -0.57 6.61
C THR B 17 17.63 -1.15 7.07
N ILE B 18 17.50 -2.45 7.07
CA ILE B 18 16.20 -3.05 7.48
C ILE B 18 15.99 -3.04 9.01
N HIS B 19 14.82 -3.44 9.42
CA HIS B 19 14.46 -3.47 10.87
C HIS B 19 13.60 -4.68 11.26
N VAL B 20 14.11 -5.55 12.11
CA VAL B 20 13.31 -6.73 12.58
C VAL B 20 13.64 -7.05 14.04
N GLY B 21 12.66 -7.46 14.82
CA GLY B 21 12.95 -7.79 16.24
C GLY B 21 12.03 -8.92 16.73
N PHE B 22 11.64 -9.80 15.85
CA PHE B 22 10.73 -10.91 16.28
C PHE B 22 10.58 -11.92 15.14
N ASP B 23 11.41 -12.93 15.11
CA ASP B 23 11.29 -13.96 14.03
C ASP B 23 9.99 -14.76 14.16
N ALA B 24 9.47 -15.24 13.07
CA ALA B 24 8.19 -16.04 13.11
C ALA B 24 7.26 -15.51 14.19
N VAL B 25 6.95 -14.26 14.14
CA VAL B 25 6.04 -13.70 15.16
C VAL B 25 4.75 -13.29 14.49
N THR B 26 4.85 -12.77 13.28
CA THR B 26 3.62 -12.31 12.60
C THR B 26 3.71 -12.44 11.06
N GLY B 27 4.69 -13.12 10.53
CA GLY B 27 4.78 -13.19 9.03
C GLY B 27 4.89 -11.76 8.56
N GLU B 28 5.49 -10.94 9.38
CA GLU B 28 5.64 -9.50 9.03
C GLU B 28 4.26 -8.90 8.82
N PHE B 29 3.26 -9.56 9.29
CA PHE B 29 1.86 -9.05 9.15
C PHE B 29 1.05 -9.38 10.40
N THR B 30 0.11 -8.55 10.76
CA THR B 30 -0.70 -8.85 11.98
C THR B 30 -2.18 -8.61 11.69
N GLY B 31 -3.03 -8.80 12.67
CA GLY B 31 -4.49 -8.60 12.44
C GLY B 31 -4.92 -7.19 12.87
N ILE B 32 -4.27 -6.58 13.81
CA ILE B 32 -4.71 -5.21 14.25
C ILE B 32 -3.51 -4.24 14.35
N PRO B 33 -2.73 -4.20 13.30
CA PRO B 33 -1.56 -3.29 13.28
C PRO B 33 -2.00 -1.84 13.05
N GLU B 34 -1.27 -0.87 13.55
CA GLU B 34 -1.65 0.56 13.34
C GLU B 34 -1.31 0.96 11.89
N GLN B 35 -1.38 2.22 11.58
CA GLN B 35 -1.07 2.70 10.20
C GLN B 35 0.45 2.73 9.97
N TRP B 36 1.20 2.00 10.74
CA TRP B 36 2.67 2.05 10.59
C TRP B 36 3.10 3.46 10.99
N ALA B 37 2.24 4.08 11.73
CA ALA B 37 2.45 5.44 12.25
C ALA B 37 1.59 5.56 13.50
N ARG B 38 2.10 5.10 14.61
CA ARG B 38 1.37 5.14 15.90
C ARG B 38 1.29 6.59 16.34
N LEU B 39 0.77 7.38 15.49
CA LEU B 39 0.66 8.84 15.77
C LEU B 39 -0.69 9.18 16.43
N LEU B 40 -1.68 8.34 16.26
CA LEU B 40 -3.01 8.64 16.86
C LEU B 40 -3.04 8.36 18.36
N GLN B 41 -1.93 8.01 18.93
CA GLN B 41 -1.91 7.73 20.38
C GLN B 41 -0.52 7.96 20.97
N THR B 42 0.33 6.97 20.92
CA THR B 42 1.70 7.12 21.49
C THR B 42 2.77 6.70 20.49
N SER B 43 4.00 6.94 20.80
CA SER B 43 5.10 6.55 19.89
C SER B 43 5.40 5.05 20.02
N ASN B 44 4.59 4.33 20.76
CA ASN B 44 4.86 2.87 20.92
C ASN B 44 3.70 2.05 20.35
N ILE B 45 4.02 1.03 19.59
CA ILE B 45 2.97 0.16 18.99
C ILE B 45 2.78 -1.08 19.87
N THR B 46 1.85 -1.92 19.53
CA THR B 46 1.65 -3.14 20.35
C THR B 46 1.15 -4.29 19.47
N MET A 1 11.96 10.69 -13.38
CA MET A 1 12.10 9.77 -12.21
C MET A 1 12.75 10.50 -11.04
N GLN A 2 12.00 10.80 -10.01
CA GLN A 2 12.57 11.50 -8.85
C GLN A 2 11.50 11.71 -7.79
N THR A 3 11.91 11.79 -6.55
CA THR A 3 10.94 12.03 -5.45
C THR A 3 9.88 10.94 -5.31
N ILE A 4 10.24 9.67 -5.29
CA ILE A 4 9.17 8.64 -5.09
C ILE A 4 9.33 7.93 -3.75
N LYS A 5 8.27 7.88 -3.00
CA LYS A 5 8.32 7.14 -1.72
C LYS A 5 7.30 6.01 -1.80
N CYS A 6 7.56 4.90 -1.17
CA CYS A 6 6.59 3.76 -1.22
C CYS A 6 6.08 3.44 0.19
N VAL A 7 4.87 3.79 0.51
CA VAL A 7 4.35 3.48 1.89
C VAL A 7 3.00 2.75 1.83
N VAL A 8 2.53 2.27 2.95
CA VAL A 8 1.22 1.53 2.99
C VAL A 8 0.06 2.52 3.13
N VAL A 9 -0.96 2.42 2.30
CA VAL A 9 -2.10 3.37 2.40
C VAL A 9 -3.46 2.63 2.37
N GLY A 10 -4.54 3.37 2.53
CA GLY A 10 -5.90 2.74 2.51
C GLY A 10 -6.71 3.26 3.71
N ASP A 11 -7.88 2.72 3.95
CA ASP A 11 -8.68 3.19 5.12
C ASP A 11 -8.24 2.44 6.38
N GLY A 12 -7.10 1.80 6.32
CA GLY A 12 -6.60 1.04 7.50
C GLY A 12 -7.15 -0.39 7.42
N ALA A 13 -6.94 -1.02 6.29
CA ALA A 13 -7.42 -2.42 6.12
C ALA A 13 -6.30 -3.27 5.53
N VAL A 14 -5.69 -4.10 6.33
CA VAL A 14 -4.57 -4.95 5.81
C VAL A 14 -3.38 -4.07 5.45
N GLY A 15 -2.26 -4.28 6.09
CA GLY A 15 -1.05 -3.46 5.76
C GLY A 15 -0.26 -4.15 4.65
N LYS A 16 -0.16 -3.54 3.49
CA LYS A 16 0.59 -4.22 2.39
C LYS A 16 2.00 -4.63 2.84
N THR A 17 2.53 -4.06 3.90
CA THR A 17 3.90 -4.45 4.36
C THR A 17 3.89 -5.73 5.20
N CYS A 18 2.93 -5.87 6.08
CA CYS A 18 2.90 -7.09 6.93
C CYS A 18 2.29 -8.26 6.14
N LEU A 19 1.95 -8.02 4.90
CA LEU A 19 1.38 -9.12 4.10
C LEU A 19 2.39 -9.55 3.04
N LEU A 20 3.06 -8.61 2.43
CA LEU A 20 4.08 -8.98 1.40
C LEU A 20 4.97 -10.06 1.99
N ILE A 21 5.18 -9.99 3.26
CA ILE A 21 5.98 -11.02 3.96
C ILE A 21 5.15 -12.28 4.08
N SER A 22 3.90 -12.12 4.40
CA SER A 22 3.02 -13.30 4.54
C SER A 22 3.17 -14.22 3.33
N TYR A 23 3.26 -13.69 2.13
CA TYR A 23 3.45 -14.59 0.96
C TYR A 23 4.94 -14.64 0.60
N THR A 24 5.76 -13.92 1.31
CA THR A 24 7.21 -13.90 0.96
C THR A 24 8.07 -14.64 2.00
N THR A 25 7.60 -14.85 3.19
CA THR A 25 8.47 -15.53 4.18
C THR A 25 7.88 -16.87 4.62
N ASN A 26 6.84 -16.88 5.39
CA ASN A 26 6.30 -18.18 5.82
C ASN A 26 4.77 -18.16 6.02
N LYS A 27 4.21 -17.06 6.45
CA LYS A 27 2.71 -17.00 6.62
C LYS A 27 2.28 -15.79 7.46
N PHE A 28 1.35 -15.96 8.35
CA PHE A 28 0.85 -14.80 9.16
C PHE A 28 0.64 -15.13 10.65
N PRO A 29 0.04 -16.25 10.94
CA PRO A 29 -0.25 -16.59 12.35
C PRO A 29 0.84 -17.41 13.05
N SER A 30 1.98 -17.69 12.44
CA SER A 30 3.01 -18.48 13.19
C SER A 30 4.33 -18.57 12.43
N GLU A 31 5.07 -17.51 12.35
CA GLU A 31 6.38 -17.57 11.64
C GLU A 31 7.40 -16.61 12.25
N TYR A 32 8.55 -17.10 12.62
CA TYR A 32 9.61 -16.21 13.20
C TYR A 32 10.46 -15.66 12.07
N VAL A 33 10.45 -14.38 11.87
CA VAL A 33 11.22 -13.77 10.75
C VAL A 33 11.41 -12.27 10.99
N PRO A 34 12.38 -11.70 10.32
CA PRO A 34 12.65 -10.24 10.43
C PRO A 34 11.41 -9.47 9.96
N THR A 35 10.95 -8.49 10.72
CA THR A 35 9.72 -7.76 10.29
C THR A 35 9.80 -6.24 10.50
N VAL A 36 9.05 -5.50 9.72
CA VAL A 36 9.04 -4.00 9.81
C VAL A 36 10.40 -3.41 9.46
N PHE A 37 11.46 -3.98 9.96
CA PHE A 37 12.82 -3.46 9.66
C PHE A 37 12.88 -2.95 8.22
N ASP A 38 12.80 -1.68 8.04
CA ASP A 38 12.88 -1.19 6.65
C ASP A 38 13.08 0.32 6.57
N ASN A 39 14.26 0.76 6.30
CA ASN A 39 14.50 2.21 6.15
C ASN A 39 15.60 2.42 5.11
N TYR A 40 15.24 2.74 3.89
CA TYR A 40 16.28 2.90 2.85
C TYR A 40 16.01 4.08 1.92
N ALA A 41 17.05 4.72 1.47
CA ALA A 41 16.89 5.85 0.51
C ALA A 41 18.02 5.75 -0.54
N VAL A 42 17.72 5.20 -1.68
CA VAL A 42 18.77 5.04 -2.73
C VAL A 42 18.22 5.45 -4.08
N THR A 43 18.99 5.23 -5.10
CA THR A 43 18.54 5.59 -6.47
C THR A 43 18.92 4.45 -7.42
N VAL A 44 18.38 4.45 -8.61
CA VAL A 44 18.75 3.39 -9.58
C VAL A 44 19.12 4.07 -10.90
N MET A 45 19.96 3.43 -11.65
CA MET A 45 20.39 4.02 -12.93
C MET A 45 20.58 2.90 -13.95
N ILE A 46 20.02 3.05 -15.12
CA ILE A 46 20.18 1.97 -16.14
C ILE A 46 20.20 2.56 -17.55
N GLY A 47 21.30 2.44 -18.23
CA GLY A 47 21.38 2.99 -19.62
C GLY A 47 21.31 4.52 -19.58
N GLY A 48 21.33 5.10 -18.42
CA GLY A 48 21.28 6.59 -18.33
C GLY A 48 19.92 7.03 -17.80
N GLU A 49 19.24 6.19 -17.07
CA GLU A 49 17.91 6.59 -16.52
C GLU A 49 17.95 6.55 -14.99
N PRO A 50 17.88 7.72 -14.39
CA PRO A 50 17.93 7.84 -12.91
C PRO A 50 16.66 7.31 -12.25
N TYR A 51 16.78 6.74 -11.07
CA TYR A 51 15.58 6.21 -10.37
C TYR A 51 15.61 6.58 -8.89
N THR A 52 14.78 7.50 -8.48
CA THR A 52 14.74 7.88 -7.04
C THR A 52 13.85 6.89 -6.29
N LEU A 53 14.07 6.68 -5.03
CA LEU A 53 13.19 5.73 -4.30
C LEU A 53 13.41 5.85 -2.79
N GLY A 54 12.52 5.29 -2.04
CA GLY A 54 12.63 5.35 -0.55
C GLY A 54 11.60 4.42 0.08
N LEU A 55 12.02 3.62 1.02
CA LEU A 55 11.07 2.68 1.68
C LEU A 55 10.93 3.05 3.16
N PHE A 56 9.72 3.29 3.62
CA PHE A 56 9.51 3.66 5.05
C PHE A 56 8.32 2.90 5.63
N ASP A 57 8.57 1.91 6.42
CA ASP A 57 7.44 1.14 7.01
C ASP A 57 7.28 1.51 8.49
N THR A 58 6.07 1.52 8.97
CA THR A 58 5.85 1.84 10.41
C THR A 58 6.86 1.07 11.26
N ALA A 59 7.52 1.75 12.15
CA ALA A 59 8.55 1.09 13.01
C ALA A 59 8.00 0.79 14.41
N GLY A 60 7.40 -0.36 14.60
CA GLY A 60 6.90 -0.68 15.96
C GLY A 60 8.05 -0.49 16.94
N GLN A 61 9.26 -0.59 16.44
CA GLN A 61 10.48 -0.41 17.30
C GLN A 61 11.74 -0.63 16.45
N GLU A 62 11.68 -0.31 15.18
CA GLU A 62 12.88 -0.50 14.30
C GLU A 62 14.11 0.19 14.89
N ASP A 63 13.99 1.45 15.23
CA ASP A 63 15.15 2.17 15.82
C ASP A 63 14.80 3.65 16.08
N TYR A 64 13.77 4.16 15.46
CA TYR A 64 13.37 5.58 15.68
C TYR A 64 11.96 5.63 16.25
N ASP A 65 11.49 4.53 16.75
CA ASP A 65 10.12 4.48 17.34
C ASP A 65 9.78 5.77 18.09
N ARG A 66 10.76 6.42 18.65
CA ARG A 66 10.49 7.69 19.38
C ARG A 66 9.67 8.64 18.51
N LEU A 67 9.71 8.46 17.22
CA LEU A 67 8.93 9.32 16.30
C LEU A 67 7.74 8.52 15.74
N ARG A 68 7.48 7.37 16.32
CA ARG A 68 6.33 6.53 15.87
C ARG A 68 5.02 7.31 15.88
N PRO A 69 4.81 8.16 16.87
CA PRO A 69 3.55 8.94 16.89
C PRO A 69 3.53 9.95 15.73
N LEU A 70 3.63 9.46 14.53
CA LEU A 70 3.60 10.35 13.34
C LEU A 70 2.17 10.51 12.81
N SER A 71 1.54 9.42 12.47
CA SER A 71 0.14 9.49 11.99
C SER A 71 0.08 10.38 10.75
N TYR A 72 0.89 10.11 9.75
CA TYR A 72 0.86 11.00 8.56
C TYR A 72 1.21 10.25 7.26
N PRO A 73 0.23 10.17 6.39
CA PRO A 73 0.42 9.51 5.08
C PRO A 73 1.01 10.50 4.07
N GLN A 74 2.32 10.51 3.90
CA GLN A 74 2.93 11.48 2.94
C GLN A 74 3.90 10.75 2.00
N THR A 75 3.38 10.05 1.03
CA THR A 75 4.25 9.35 0.07
C THR A 75 3.62 9.36 -1.31
N ASP A 76 4.03 10.29 -2.14
CA ASP A 76 3.47 10.43 -3.52
C ASP A 76 2.77 9.15 -3.99
N VAL A 77 3.44 8.05 -3.91
CA VAL A 77 2.81 6.78 -4.34
C VAL A 77 2.07 6.15 -3.16
N PHE A 78 0.80 5.90 -3.31
CA PHE A 78 0.04 5.28 -2.20
C PHE A 78 -0.47 3.92 -2.62
N LEU A 79 -0.43 2.98 -1.73
CA LEU A 79 -0.93 1.63 -2.06
C LEU A 79 -2.24 1.42 -1.31
N VAL A 80 -3.34 1.62 -1.97
CA VAL A 80 -4.65 1.47 -1.27
C VAL A 80 -5.20 0.06 -1.45
N CYS A 81 -5.45 -0.62 -0.36
CA CYS A 81 -5.98 -2.00 -0.46
C CYS A 81 -7.37 -2.09 0.16
N PHE A 82 -8.39 -2.15 -0.66
CA PHE A 82 -9.77 -2.26 -0.12
C PHE A 82 -10.55 -3.30 -0.92
N SER A 83 -11.79 -3.54 -0.59
CA SER A 83 -12.55 -4.59 -1.33
C SER A 83 -12.97 -4.11 -2.73
N VAL A 84 -13.29 -5.03 -3.59
CA VAL A 84 -13.71 -4.67 -4.97
C VAL A 84 -15.16 -4.18 -5.01
N VAL A 85 -15.87 -4.32 -3.94
CA VAL A 85 -17.29 -3.86 -3.92
C VAL A 85 -17.41 -2.72 -2.91
N SER A 86 -17.54 -2.99 -1.64
CA SER A 86 -17.60 -1.89 -0.64
C SER A 86 -18.87 -1.04 -0.80
N PRO A 87 -19.33 -0.53 0.31
CA PRO A 87 -20.56 0.30 0.34
C PRO A 87 -20.30 1.72 -0.16
N SER A 88 -21.35 2.44 -0.41
CA SER A 88 -21.23 3.85 -0.88
C SER A 88 -20.73 3.94 -2.32
N SER A 89 -20.78 2.86 -3.04
CA SER A 89 -20.33 2.90 -4.45
C SER A 89 -18.87 3.29 -4.53
N PHE A 90 -18.02 2.33 -4.74
CA PHE A 90 -16.57 2.65 -4.85
C PHE A 90 -16.38 3.86 -5.77
N GLU A 91 -17.24 4.01 -6.75
CA GLU A 91 -17.11 5.16 -7.69
C GLU A 91 -17.07 6.48 -6.92
N ASN A 92 -17.68 6.55 -5.77
CA ASN A 92 -17.65 7.82 -4.99
C ASN A 92 -16.34 7.89 -4.20
N VAL A 93 -15.62 6.80 -4.12
CA VAL A 93 -14.34 6.82 -3.37
C VAL A 93 -13.21 7.21 -4.32
N LYS A 94 -13.28 6.78 -5.54
CA LYS A 94 -12.21 7.15 -6.51
C LYS A 94 -12.35 8.63 -6.86
N GLU A 95 -13.47 9.22 -6.59
CA GLU A 95 -13.66 10.66 -6.91
C GLU A 95 -13.42 11.53 -5.66
N LYS A 96 -13.20 10.94 -4.52
CA LYS A 96 -12.95 11.75 -3.29
C LYS A 96 -11.52 12.27 -3.27
N TRP A 97 -10.59 11.45 -3.65
CA TRP A 97 -9.16 11.88 -3.63
C TRP A 97 -8.84 12.70 -4.88
N VAL A 98 -9.55 12.46 -5.94
CA VAL A 98 -9.28 13.24 -7.19
C VAL A 98 -9.33 14.74 -6.92
N PRO A 99 -10.38 15.19 -6.28
CA PRO A 99 -10.50 16.64 -5.95
C PRO A 99 -9.46 17.02 -4.89
N GLU A 100 -8.92 16.04 -4.21
CA GLU A 100 -7.90 16.33 -3.16
C GLU A 100 -6.70 17.08 -3.77
N ILE A 101 -6.43 16.84 -5.04
CA ILE A 101 -5.28 17.56 -5.69
C ILE A 101 -3.96 17.19 -5.04
N THR A 102 -3.16 16.40 -5.70
CA THR A 102 -1.84 16.03 -5.14
C THR A 102 -1.14 17.31 -4.67
N HIS A 103 -0.37 17.92 -5.53
CA HIS A 103 0.31 19.18 -5.14
C HIS A 103 -0.37 20.37 -5.82
N HIS A 104 -1.29 20.13 -6.71
CA HIS A 104 -1.98 21.25 -7.40
C HIS A 104 -2.92 20.70 -8.48
N CYS A 105 -2.54 19.62 -9.11
CA CYS A 105 -3.43 19.03 -10.16
C CYS A 105 -3.85 17.61 -9.75
N PRO A 106 -5.05 17.26 -10.10
CA PRO A 106 -5.58 15.92 -9.77
C PRO A 106 -4.86 14.84 -10.58
N LYS A 107 -3.80 14.29 -10.04
CA LYS A 107 -3.06 13.24 -10.80
C LYS A 107 -2.34 12.31 -9.82
N THR A 108 -2.75 12.31 -8.58
CA THR A 108 -2.11 11.43 -7.58
C THR A 108 -2.17 9.98 -8.06
N PRO A 109 -1.06 9.31 -8.00
CA PRO A 109 -1.03 7.89 -8.42
C PRO A 109 -1.75 7.02 -7.39
N PHE A 110 -2.57 6.11 -7.84
CA PHE A 110 -3.30 5.25 -6.88
C PHE A 110 -3.21 3.79 -7.28
N LEU A 111 -2.42 3.02 -6.60
CA LEU A 111 -2.36 1.60 -6.96
C LEU A 111 -3.65 0.98 -6.45
N LEU A 112 -4.61 0.89 -7.31
CA LEU A 112 -5.92 0.33 -6.91
C LEU A 112 -5.78 -1.17 -6.66
N VAL A 113 -6.41 -1.68 -5.64
CA VAL A 113 -6.25 -3.15 -5.34
C VAL A 113 -7.50 -3.72 -4.69
N GLY A 114 -7.57 -5.02 -4.63
CA GLY A 114 -8.74 -5.68 -3.98
C GLY A 114 -8.22 -6.60 -2.89
N THR A 115 -8.40 -6.24 -1.65
CA THR A 115 -7.88 -7.09 -0.55
C THR A 115 -8.97 -8.04 -0.05
N GLN A 116 -8.58 -9.15 0.54
CA GLN A 116 -9.59 -10.12 1.05
C GLN A 116 -10.63 -10.39 -0.05
N ILE A 117 -10.19 -10.69 -1.24
CA ILE A 117 -11.16 -10.95 -2.34
C ILE A 117 -11.64 -12.41 -2.29
N ASP A 118 -10.98 -13.24 -1.52
CA ASP A 118 -11.32 -14.70 -1.44
C ASP A 118 -12.79 -14.95 -1.17
N LEU A 119 -13.64 -14.34 -1.95
CA LEU A 119 -15.13 -14.49 -1.79
C LEU A 119 -15.81 -13.24 -2.31
N ARG A 120 -15.18 -12.11 -2.13
CA ARG A 120 -15.77 -10.83 -2.60
C ARG A 120 -16.08 -10.91 -4.10
N ASP A 121 -15.28 -11.62 -4.83
CA ASP A 121 -15.52 -11.75 -6.29
C ASP A 121 -16.70 -12.68 -6.56
N ASP A 122 -17.12 -13.42 -5.58
CA ASP A 122 -18.25 -14.36 -5.79
C ASP A 122 -19.59 -13.62 -5.64
N PRO A 123 -20.52 -14.01 -6.48
CA PRO A 123 -21.87 -13.40 -6.46
C PRO A 123 -22.71 -13.92 -5.27
N SER A 124 -22.08 -14.39 -4.22
CA SER A 124 -22.84 -14.91 -3.05
C SER A 124 -22.81 -13.88 -1.92
N THR A 125 -21.65 -13.42 -1.59
CA THR A 125 -21.55 -12.36 -0.54
C THR A 125 -22.03 -11.09 -1.21
N ILE A 126 -21.84 -11.04 -2.50
CA ILE A 126 -22.31 -9.91 -3.31
C ILE A 126 -23.78 -9.69 -2.98
N GLU A 127 -24.44 -10.77 -2.64
CA GLU A 127 -25.88 -10.70 -2.27
C GLU A 127 -26.12 -9.59 -1.24
N LYS A 128 -25.30 -9.58 -0.24
CA LYS A 128 -25.43 -8.56 0.84
C LYS A 128 -24.92 -7.21 0.33
N LEU A 129 -23.88 -7.23 -0.44
CA LEU A 129 -23.32 -5.95 -0.99
C LEU A 129 -24.42 -5.17 -1.72
N ALA A 130 -25.39 -5.87 -2.25
CA ALA A 130 -26.47 -5.16 -2.98
C ALA A 130 -27.41 -4.51 -1.97
N LYS A 131 -27.49 -5.09 -0.82
CA LYS A 131 -28.38 -4.54 0.23
C LYS A 131 -27.80 -3.21 0.75
N ASN A 132 -26.53 -2.94 0.51
CA ASN A 132 -25.98 -1.65 1.02
C ASN A 132 -25.25 -0.86 -0.07
N LYS A 133 -25.70 -0.93 -1.27
CA LYS A 133 -25.04 -0.16 -2.37
C LYS A 133 -23.56 -0.53 -2.45
N GLN A 134 -23.28 -1.76 -2.75
CA GLN A 134 -21.86 -2.21 -2.86
C GLN A 134 -21.68 -2.92 -4.20
N LYS A 135 -21.52 -2.18 -5.25
CA LYS A 135 -21.34 -2.80 -6.59
C LYS A 135 -19.88 -3.19 -6.80
N PRO A 136 -19.69 -4.34 -7.39
CA PRO A 136 -18.33 -4.87 -7.64
C PRO A 136 -17.57 -4.02 -8.66
N ILE A 137 -16.27 -4.15 -8.69
CA ILE A 137 -15.45 -3.35 -9.63
C ILE A 137 -14.56 -4.30 -10.45
N THR A 138 -14.41 -4.03 -11.71
CA THR A 138 -13.56 -4.91 -12.55
C THR A 138 -12.40 -4.10 -13.13
N PRO A 139 -11.43 -4.81 -13.64
CA PRO A 139 -10.24 -4.13 -14.22
C PRO A 139 -10.64 -3.34 -15.46
N GLU A 140 -11.74 -3.68 -16.06
CA GLU A 140 -12.18 -2.93 -17.26
C GLU A 140 -12.63 -1.54 -16.85
N THR A 141 -13.44 -1.46 -15.84
CA THR A 141 -13.92 -0.13 -15.37
C THR A 141 -12.84 0.57 -14.55
N ALA A 142 -12.16 -0.14 -13.68
CA ALA A 142 -11.09 0.50 -12.87
C ALA A 142 -9.98 1.04 -13.76
N GLU A 143 -9.53 0.25 -14.71
CA GLU A 143 -8.45 0.72 -15.60
C GLU A 143 -8.81 2.06 -16.22
N LYS A 144 -10.00 2.19 -16.74
CA LYS A 144 -10.40 3.49 -17.35
C LYS A 144 -10.40 4.59 -16.27
N LEU A 145 -10.76 4.25 -15.06
CA LEU A 145 -10.73 5.28 -13.99
C LEU A 145 -9.28 5.68 -13.74
N ALA A 146 -8.41 4.72 -13.56
CA ALA A 146 -6.98 5.05 -13.34
C ALA A 146 -6.43 5.84 -14.53
N ARG A 147 -6.79 5.45 -15.72
CA ARG A 147 -6.28 6.19 -16.91
C ARG A 147 -7.09 7.48 -17.12
N ASP A 148 -8.13 7.67 -16.35
CA ASP A 148 -8.95 8.92 -16.53
C ASP A 148 -8.24 10.12 -15.89
N LEU A 149 -7.79 9.98 -14.68
CA LEU A 149 -7.11 11.14 -14.01
C LEU A 149 -5.60 10.93 -14.04
N LYS A 150 -5.16 9.95 -14.79
CA LYS A 150 -3.71 9.64 -14.92
C LYS A 150 -3.23 8.81 -13.73
N ALA A 151 -4.13 8.13 -13.10
CA ALA A 151 -3.77 7.26 -11.95
C ALA A 151 -2.87 6.13 -12.46
N VAL A 152 -2.49 5.20 -11.62
CA VAL A 152 -1.61 4.11 -12.10
C VAL A 152 -2.42 2.97 -12.73
N LYS A 153 -3.03 2.11 -11.96
CA LYS A 153 -3.80 0.99 -12.57
C LYS A 153 -4.57 0.21 -11.51
N TYR A 154 -5.27 -0.81 -11.91
CA TYR A 154 -6.01 -1.64 -10.94
C TYR A 154 -5.34 -3.00 -10.79
N VAL A 155 -4.94 -3.34 -9.61
CA VAL A 155 -4.27 -4.65 -9.37
C VAL A 155 -5.02 -5.42 -8.28
N GLU A 156 -4.47 -6.50 -7.80
CA GLU A 156 -5.22 -7.25 -6.75
C GLU A 156 -4.30 -8.13 -5.88
N CYS A 157 -4.63 -8.23 -4.62
CA CYS A 157 -3.81 -9.07 -3.68
C CYS A 157 -4.66 -9.49 -2.47
N SER A 158 -4.24 -10.48 -1.75
CA SER A 158 -4.98 -10.94 -0.55
C SER A 158 -4.00 -11.12 0.59
N ALA A 159 -4.47 -11.38 1.77
CA ALA A 159 -3.57 -11.55 2.96
C ALA A 159 -2.49 -12.61 2.74
N LEU A 160 -2.86 -13.86 2.59
CA LEU A 160 -1.83 -14.92 2.41
C LEU A 160 -2.16 -15.86 1.24
N THR A 161 -3.30 -15.70 0.60
CA THR A 161 -3.67 -16.64 -0.50
C THR A 161 -3.30 -16.10 -1.90
N GLN A 162 -3.74 -14.91 -2.24
CA GLN A 162 -3.44 -14.37 -3.61
C GLN A 162 -1.95 -14.19 -3.81
N LYS A 163 -1.33 -13.49 -2.92
CA LYS A 163 0.12 -13.23 -3.08
C LYS A 163 0.30 -12.33 -4.30
N GLY A 164 -0.69 -11.55 -4.61
CA GLY A 164 -0.62 -10.68 -5.81
C GLY A 164 -0.11 -9.30 -5.41
N LEU A 165 -0.14 -8.98 -4.15
CA LEU A 165 0.35 -7.65 -3.72
C LEU A 165 1.74 -7.37 -4.30
N LYS A 166 2.45 -8.38 -4.74
CA LYS A 166 3.80 -8.10 -5.32
C LYS A 166 3.64 -7.43 -6.69
N ASN A 167 2.59 -7.74 -7.41
CA ASN A 167 2.39 -7.10 -8.73
C ASN A 167 2.06 -5.61 -8.54
N VAL A 168 1.18 -5.32 -7.63
CA VAL A 168 0.81 -3.90 -7.37
C VAL A 168 2.06 -3.07 -7.11
N PHE A 169 3.15 -3.71 -6.79
CA PHE A 169 4.41 -2.97 -6.51
C PHE A 169 5.18 -2.63 -7.79
N ASP A 170 5.24 -3.54 -8.73
CA ASP A 170 6.02 -3.27 -9.97
C ASP A 170 5.42 -2.13 -10.80
N GLU A 171 4.16 -2.19 -11.11
CA GLU A 171 3.55 -1.10 -11.93
C GLU A 171 3.60 0.22 -11.15
N ALA A 172 3.64 0.15 -9.85
CA ALA A 172 3.70 1.39 -9.04
C ALA A 172 5.03 2.09 -9.27
N ILE A 173 6.07 1.36 -9.52
CA ILE A 173 7.39 1.99 -9.76
C ILE A 173 7.32 2.87 -11.01
N LEU A 174 6.82 2.31 -12.09
CA LEU A 174 6.73 3.09 -13.36
C LEU A 174 5.63 4.14 -13.29
N ALA A 175 4.56 3.86 -12.59
CA ALA A 175 3.46 4.85 -12.50
C ALA A 175 3.73 5.83 -11.37
N ALA A 176 4.81 5.66 -10.66
CA ALA A 176 5.12 6.60 -9.54
C ALA A 176 5.90 7.81 -10.08
N LEU A 177 6.56 7.65 -11.19
CA LEU A 177 7.33 8.80 -11.76
C LEU A 177 6.51 9.44 -12.88
N GLU A 178 5.57 8.70 -13.41
CA GLU A 178 4.72 9.21 -14.51
C GLU A 178 3.30 9.46 -14.00
N GLY B 1 17.19 9.38 -19.93
CA GLY B 1 16.05 9.72 -19.03
C GLY B 1 14.79 9.03 -19.53
N SER B 2 14.86 7.76 -19.79
CA SER B 2 13.65 7.03 -20.28
C SER B 2 13.43 5.78 -19.44
N LYS B 3 12.23 5.29 -19.39
CA LYS B 3 11.96 4.06 -18.58
C LYS B 3 12.37 2.84 -19.41
N GLU B 4 13.54 2.32 -19.19
CA GLU B 4 13.99 1.15 -20.01
C GLU B 4 14.10 -0.11 -19.13
N ARG B 5 14.03 -1.24 -19.75
CA ARG B 5 14.14 -2.52 -19.00
C ARG B 5 15.60 -2.68 -18.58
N PRO B 6 16.07 -3.89 -18.35
CA PRO B 6 17.48 -4.03 -17.94
C PRO B 6 18.43 -3.57 -19.05
N GLU B 7 18.53 -2.28 -19.26
CA GLU B 7 19.43 -1.75 -20.34
C GLU B 7 20.85 -2.29 -20.16
N ILE B 8 21.80 -1.88 -20.96
CA ILE B 8 23.19 -2.42 -20.82
C ILE B 8 23.96 -1.74 -19.66
N SER B 9 23.98 -0.45 -19.62
CA SER B 9 24.73 0.24 -18.53
C SER B 9 23.84 0.47 -17.32
N LEU B 10 24.39 0.43 -16.14
CA LEU B 10 23.55 0.65 -14.94
C LEU B 10 24.41 0.78 -13.68
N PRO B 11 24.64 2.00 -13.31
CA PRO B 11 25.43 2.31 -12.09
C PRO B 11 24.49 2.30 -10.87
N SER B 12 24.41 1.21 -10.15
CA SER B 12 23.49 1.15 -8.98
C SER B 12 23.95 2.07 -7.85
N ASP B 13 23.05 2.38 -6.96
CA ASP B 13 23.39 3.25 -5.81
C ASP B 13 23.03 2.52 -4.50
N PHE B 14 23.68 2.88 -3.43
CA PHE B 14 23.39 2.18 -2.13
C PHE B 14 22.20 2.77 -1.39
N GLU B 15 21.59 1.96 -0.54
CA GLU B 15 20.41 2.43 0.23
C GLU B 15 20.70 2.33 1.74
N HIS B 16 20.02 3.14 2.52
CA HIS B 16 20.21 3.15 3.99
C HIS B 16 20.14 1.73 4.58
N THR B 17 20.05 1.59 5.87
CA THR B 17 19.98 0.23 6.47
C THR B 17 19.38 0.28 7.88
N ILE B 18 18.62 -0.71 8.23
CA ILE B 18 18.00 -0.76 9.60
C ILE B 18 17.59 -2.19 9.93
N HIS B 19 17.07 -2.43 11.09
CA HIS B 19 16.66 -3.82 11.42
C HIS B 19 15.37 -3.84 12.27
N VAL B 20 14.69 -4.97 12.28
CA VAL B 20 13.40 -5.06 13.04
C VAL B 20 13.59 -5.01 14.55
N GLY B 21 12.62 -4.46 15.23
CA GLY B 21 12.66 -4.40 16.72
C GLY B 21 11.34 -4.99 17.23
N PHE B 22 10.92 -6.08 16.63
CA PHE B 22 9.63 -6.71 17.04
C PHE B 22 9.40 -7.99 16.20
N ASP B 23 9.62 -9.13 16.80
CA ASP B 23 9.43 -10.43 16.06
C ASP B 23 8.01 -10.60 15.50
N ALA B 24 7.89 -11.40 14.47
CA ALA B 24 6.55 -11.68 13.84
C ALA B 24 5.62 -10.47 13.90
N VAL B 25 6.02 -9.37 13.33
CA VAL B 25 5.12 -8.18 13.34
C VAL B 25 4.67 -7.87 11.90
N THR B 26 5.47 -8.24 10.94
CA THR B 26 5.14 -7.99 9.53
C THR B 26 4.78 -9.32 8.87
N GLY B 27 5.23 -10.41 9.43
CA GLY B 27 4.87 -11.76 8.88
C GLY B 27 3.59 -12.20 9.59
N GLU B 28 2.73 -11.26 9.88
CA GLU B 28 1.48 -11.59 10.58
C GLU B 28 0.38 -10.63 10.18
N PHE B 29 -0.68 -11.12 9.62
CA PHE B 29 -1.80 -10.23 9.26
C PHE B 29 -3.07 -10.72 9.93
N THR B 30 -3.89 -9.84 10.37
CA THR B 30 -5.15 -10.27 11.03
C THR B 30 -6.30 -9.35 10.61
N GLY B 31 -6.06 -8.07 10.66
CA GLY B 31 -7.11 -7.09 10.27
C GLY B 31 -6.94 -5.84 11.12
N ILE B 32 -5.75 -5.32 11.16
CA ILE B 32 -5.47 -4.09 11.97
C ILE B 32 -6.08 -2.87 11.28
N PRO B 33 -6.77 -2.07 12.05
CA PRO B 33 -7.41 -0.86 11.49
C PRO B 33 -6.42 0.30 11.32
N GLU B 34 -5.62 0.31 10.28
CA GLU B 34 -4.69 1.45 10.07
C GLU B 34 -3.74 1.18 8.90
N GLN B 35 -3.75 2.05 7.92
CA GLN B 35 -2.87 1.87 6.73
C GLN B 35 -1.44 2.30 7.08
N TRP B 36 -1.34 3.33 7.85
CA TRP B 36 -0.01 3.89 8.29
C TRP B 36 -0.17 5.38 8.58
N ALA B 37 -1.30 5.77 9.06
CA ALA B 37 -1.57 7.20 9.35
C ALA B 37 -2.36 7.33 10.66
N ARG B 38 -3.04 6.30 11.07
CA ARG B 38 -3.80 6.37 12.36
C ARG B 38 -2.82 6.28 13.53
N LEU B 39 -1.55 6.30 13.25
CA LEU B 39 -0.54 6.22 14.34
C LEU B 39 -0.98 7.09 15.54
N LEU B 40 -1.77 8.11 15.29
CA LEU B 40 -2.22 9.00 16.40
C LEU B 40 -3.39 8.39 17.17
N GLN B 41 -3.70 7.17 16.90
CA GLN B 41 -4.82 6.50 17.61
C GLN B 41 -4.86 5.01 17.26
N THR B 42 -3.96 4.24 17.80
CA THR B 42 -3.92 2.78 17.51
C THR B 42 -4.05 1.96 18.80
N SER B 43 -4.42 0.71 18.66
CA SER B 43 -4.58 -0.16 19.87
C SER B 43 -3.22 -0.40 20.55
N ASN B 44 -2.60 0.63 21.04
CA ASN B 44 -1.29 0.44 21.72
C ASN B 44 -1.49 -0.31 23.05
N ILE B 45 -2.57 -0.04 23.72
CA ILE B 45 -2.82 -0.73 25.02
C ILE B 45 -3.81 -1.87 24.83
N THR B 46 -4.37 -2.34 25.92
CA THR B 46 -5.35 -3.47 25.83
C THR B 46 -4.63 -4.78 25.52
N MET A 1 7.99 12.60 -10.33
CA MET A 1 9.10 12.70 -11.33
C MET A 1 10.45 12.63 -10.63
N GLN A 2 10.92 11.44 -10.37
CA GLN A 2 12.23 11.27 -9.67
C GLN A 2 12.00 11.59 -8.19
N THR A 3 11.00 10.98 -7.62
CA THR A 3 10.66 11.22 -6.19
C THR A 3 9.57 10.26 -5.73
N ILE A 4 9.89 9.03 -5.49
CA ILE A 4 8.82 8.11 -5.01
C ILE A 4 9.01 7.83 -3.52
N LYS A 5 7.94 7.86 -2.79
CA LYS A 5 7.98 7.56 -1.35
C LYS A 5 7.10 6.33 -1.13
N CYS A 6 7.66 5.22 -0.74
CA CYS A 6 6.82 4.01 -0.55
C CYS A 6 6.40 3.85 0.91
N VAL A 7 5.17 4.14 1.22
CA VAL A 7 4.71 4.01 2.63
C VAL A 7 3.34 3.34 2.70
N VAL A 8 3.13 2.56 3.71
CA VAL A 8 1.82 1.89 3.87
C VAL A 8 0.79 2.87 4.41
N VAL A 9 -0.42 2.81 3.95
CA VAL A 9 -1.45 3.76 4.42
C VAL A 9 -2.84 3.23 4.11
N GLY A 10 -3.85 3.90 4.59
CA GLY A 10 -5.25 3.44 4.34
C GLY A 10 -6.13 3.83 5.52
N ASP A 11 -7.41 3.58 5.44
CA ASP A 11 -8.32 3.95 6.56
C ASP A 11 -7.75 3.45 7.90
N GLY A 12 -6.90 2.45 7.86
CA GLY A 12 -6.31 1.94 9.13
C GLY A 12 -6.24 0.41 9.07
N ALA A 13 -5.76 -0.14 7.98
CA ALA A 13 -5.66 -1.62 7.86
C ALA A 13 -4.65 -1.99 6.76
N VAL A 14 -5.11 -2.16 5.56
CA VAL A 14 -4.19 -2.51 4.45
C VAL A 14 -3.28 -3.70 4.82
N GLY A 15 -1.99 -3.54 4.70
CA GLY A 15 -1.07 -4.66 5.02
C GLY A 15 -0.71 -5.37 3.72
N LYS A 16 -1.12 -4.83 2.60
CA LYS A 16 -0.80 -5.49 1.31
C LYS A 16 0.71 -5.64 1.17
N THR A 17 1.46 -4.89 1.94
CA THR A 17 2.93 -5.03 1.88
C THR A 17 3.37 -6.14 2.83
N CYS A 18 2.58 -6.42 3.83
CA CYS A 18 2.95 -7.49 4.77
C CYS A 18 2.22 -8.78 4.39
N LEU A 19 1.30 -8.71 3.44
CA LEU A 19 0.63 -9.96 3.01
C LEU A 19 1.60 -10.74 2.15
N LEU A 20 2.36 -10.02 1.36
CA LEU A 20 3.40 -10.69 0.52
C LEU A 20 4.34 -11.40 1.48
N ILE A 21 4.59 -10.75 2.58
CA ILE A 21 5.46 -11.34 3.62
C ILE A 21 4.74 -12.51 4.27
N SER A 22 3.53 -12.29 4.71
CA SER A 22 2.76 -13.39 5.34
C SER A 22 2.78 -14.62 4.43
N TYR A 23 2.64 -14.43 3.14
CA TYR A 23 2.67 -15.60 2.22
C TYR A 23 4.10 -16.06 1.95
N THR A 24 5.04 -15.15 1.93
CA THR A 24 6.44 -15.55 1.63
C THR A 24 7.29 -15.75 2.89
N THR A 25 6.81 -15.39 4.06
CA THR A 25 7.64 -15.59 5.26
C THR A 25 7.16 -16.82 6.01
N ASN A 26 6.20 -16.65 6.90
CA ASN A 26 5.73 -17.87 7.60
C ASN A 26 4.22 -18.11 7.46
N LYS A 27 3.43 -17.07 7.38
CA LYS A 27 1.90 -17.24 7.22
C LYS A 27 1.13 -16.04 7.79
N PHE A 28 0.01 -16.30 8.43
CA PHE A 28 -0.80 -15.20 9.03
C PHE A 28 -1.51 -15.68 10.31
N PRO A 29 -0.81 -15.53 11.41
CA PRO A 29 -1.32 -15.95 12.73
C PRO A 29 -2.08 -14.81 13.42
N SER A 30 -1.45 -13.68 13.71
CA SER A 30 -2.23 -12.60 14.39
C SER A 30 -1.50 -11.23 14.43
N GLU A 31 -0.95 -10.75 13.34
CA GLU A 31 -0.30 -9.42 13.37
C GLU A 31 0.06 -8.97 11.95
N TYR A 32 0.70 -7.85 11.85
CA TYR A 32 1.11 -7.32 10.52
C TYR A 32 2.63 -7.45 10.35
N VAL A 33 3.06 -7.88 9.20
CA VAL A 33 4.52 -8.09 8.96
C VAL A 33 4.98 -7.36 7.68
N PRO A 34 4.87 -6.05 7.71
CA PRO A 34 5.28 -5.22 6.56
C PRO A 34 6.74 -4.80 6.70
N THR A 35 7.29 -4.16 5.72
CA THR A 35 8.69 -3.67 5.90
C THR A 35 8.62 -2.66 7.05
N VAL A 36 8.91 -3.10 8.23
CA VAL A 36 8.81 -2.21 9.41
C VAL A 36 10.03 -1.27 9.51
N PHE A 37 11.03 -1.58 10.28
CA PHE A 37 12.17 -0.63 10.33
C PHE A 37 12.80 -0.56 8.94
N ASP A 38 12.69 0.56 8.29
CA ASP A 38 13.23 0.65 6.91
C ASP A 38 13.68 2.08 6.58
N ASN A 39 14.95 2.29 6.45
CA ASN A 39 15.44 3.65 6.07
C ASN A 39 16.21 3.53 4.77
N TYR A 40 15.57 3.82 3.68
CA TYR A 40 16.25 3.68 2.36
C TYR A 40 16.05 4.93 1.50
N ALA A 41 17.11 5.50 1.06
CA ALA A 41 17.01 6.68 0.16
C ALA A 41 18.12 6.51 -0.86
N VAL A 42 17.79 5.98 -2.02
CA VAL A 42 18.86 5.71 -3.01
C VAL A 42 18.35 5.82 -4.45
N THR A 43 19.21 5.53 -5.39
CA THR A 43 18.82 5.62 -6.83
C THR A 43 19.85 4.85 -7.67
N VAL A 44 19.64 4.75 -8.96
CA VAL A 44 20.60 4.04 -9.82
C VAL A 44 20.66 4.74 -11.16
N MET A 45 21.82 4.97 -11.68
CA MET A 45 21.84 5.61 -13.01
C MET A 45 21.72 4.52 -14.05
N ILE A 46 20.80 4.65 -14.96
CA ILE A 46 20.63 3.59 -15.99
C ILE A 46 20.74 4.19 -17.37
N GLY A 47 21.91 4.15 -17.90
CA GLY A 47 22.14 4.73 -19.25
C GLY A 47 21.87 6.24 -19.21
N GLY A 48 21.90 6.81 -18.04
CA GLY A 48 21.64 8.27 -17.95
C GLY A 48 20.27 8.51 -17.32
N GLU A 49 19.59 7.46 -16.95
CA GLU A 49 18.23 7.61 -16.35
C GLU A 49 18.25 7.21 -14.87
N PRO A 50 18.40 8.19 -14.02
CA PRO A 50 18.40 7.93 -12.56
C PRO A 50 17.00 7.56 -12.06
N TYR A 51 16.91 6.59 -11.19
CA TYR A 51 15.58 6.18 -10.67
C TYR A 51 15.45 6.58 -9.20
N THR A 52 14.62 7.54 -8.89
CA THR A 52 14.48 7.99 -7.47
C THR A 52 13.83 6.92 -6.58
N LEU A 53 14.45 6.59 -5.48
CA LEU A 53 13.86 5.56 -4.57
C LEU A 53 13.93 6.05 -3.11
N GLY A 54 12.89 5.84 -2.34
CA GLY A 54 12.91 6.29 -0.93
C GLY A 54 11.71 5.72 -0.19
N LEU A 55 11.92 5.06 0.92
CA LEU A 55 10.78 4.48 1.68
C LEU A 55 11.05 4.56 3.18
N PHE A 56 10.03 4.47 3.98
CA PHE A 56 10.20 4.52 5.45
C PHE A 56 8.99 3.87 6.12
N ASP A 57 9.18 3.23 7.24
CA ASP A 57 8.02 2.57 7.90
C ASP A 57 8.26 2.44 9.40
N THR A 58 7.26 1.96 10.11
CA THR A 58 7.39 1.81 11.59
C THR A 58 8.74 1.17 11.97
N ALA A 59 9.08 1.23 13.24
CA ALA A 59 10.40 0.66 13.69
C ALA A 59 10.22 -0.72 14.34
N GLY A 60 10.27 -1.76 13.56
CA GLY A 60 10.17 -3.12 14.15
C GLY A 60 11.36 -3.28 15.09
N GLN A 61 12.54 -3.12 14.57
CA GLN A 61 13.75 -3.20 15.44
C GLN A 61 13.67 -2.08 16.47
N GLU A 62 12.90 -1.06 16.16
CA GLU A 62 12.75 0.08 17.12
C GLU A 62 14.10 0.61 17.59
N ASP A 63 14.83 1.18 16.71
CA ASP A 63 16.16 1.72 17.08
C ASP A 63 16.21 3.24 16.83
N TYR A 64 15.06 3.88 16.81
CA TYR A 64 15.05 5.36 16.57
C TYR A 64 13.62 5.90 16.66
N ASP A 65 12.64 5.13 16.25
CA ASP A 65 11.23 5.61 16.34
C ASP A 65 11.07 6.98 15.70
N ARG A 66 11.96 7.38 14.83
CA ARG A 66 11.81 8.71 14.19
C ARG A 66 10.45 8.77 13.50
N LEU A 67 9.97 7.64 13.04
CA LEU A 67 8.65 7.61 12.34
C LEU A 67 7.49 7.64 13.35
N ARG A 68 7.79 7.84 14.62
CA ARG A 68 6.70 7.90 15.65
C ARG A 68 5.69 9.03 15.36
N PRO A 69 6.09 10.05 14.62
CA PRO A 69 5.13 11.13 14.31
C PRO A 69 4.40 10.79 13.00
N LEU A 70 4.34 9.53 12.66
CA LEU A 70 3.65 9.08 11.43
C LEU A 70 2.43 9.96 11.13
N SER A 71 1.75 10.38 12.15
CA SER A 71 0.55 11.25 11.95
C SER A 71 0.79 12.24 10.81
N TYR A 72 2.00 12.68 10.66
CA TYR A 72 2.32 13.64 9.56
C TYR A 72 2.60 12.89 8.26
N PRO A 73 1.75 13.10 7.28
CA PRO A 73 1.89 12.41 5.98
C PRO A 73 3.03 13.01 5.15
N GLN A 74 3.66 12.21 4.32
CA GLN A 74 4.77 12.70 3.47
C GLN A 74 5.26 11.60 2.52
N THR A 75 4.38 11.07 1.73
CA THR A 75 4.77 9.99 0.77
C THR A 75 4.01 10.14 -0.54
N ASP A 76 4.59 10.84 -1.48
CA ASP A 76 3.94 11.07 -2.80
C ASP A 76 3.05 9.88 -3.21
N VAL A 77 3.49 8.69 -2.95
CA VAL A 77 2.66 7.52 -3.35
C VAL A 77 2.16 6.77 -2.11
N PHE A 78 0.91 6.43 -2.12
CA PHE A 78 0.32 5.72 -0.95
C PHE A 78 -0.26 4.38 -1.38
N LEU A 79 -0.26 3.41 -0.50
CA LEU A 79 -0.83 2.08 -0.84
C LEU A 79 -1.99 1.79 0.12
N VAL A 80 -3.19 2.04 -0.28
CA VAL A 80 -4.34 1.77 0.63
C VAL A 80 -5.12 0.54 0.15
N CYS A 81 -5.63 -0.25 1.06
CA CYS A 81 -6.38 -1.46 0.64
C CYS A 81 -7.54 -1.73 1.59
N PHE A 82 -8.68 -2.03 1.05
CA PHE A 82 -9.85 -2.33 1.92
C PHE A 82 -10.67 -3.47 1.28
N SER A 83 -11.65 -3.99 1.96
CA SER A 83 -12.43 -5.12 1.37
C SER A 83 -13.47 -4.62 0.35
N VAL A 84 -13.78 -5.44 -0.63
CA VAL A 84 -14.77 -5.03 -1.67
C VAL A 84 -16.12 -5.71 -1.41
N VAL A 85 -16.16 -6.70 -0.57
CA VAL A 85 -17.46 -7.36 -0.29
C VAL A 85 -18.22 -6.53 0.75
N SER A 86 -17.53 -6.05 1.75
CA SER A 86 -18.19 -5.21 2.79
C SER A 86 -18.92 -4.04 2.15
N PRO A 87 -20.19 -3.99 2.35
CA PRO A 87 -21.02 -2.89 1.81
C PRO A 87 -20.94 -1.64 2.69
N SER A 88 -19.88 -1.47 3.44
CA SER A 88 -19.77 -0.27 4.30
C SER A 88 -19.73 0.99 3.44
N SER A 89 -18.87 1.89 3.75
CA SER A 89 -18.79 3.16 2.95
C SER A 89 -17.38 3.37 2.37
N PHE A 90 -16.96 2.53 1.48
CA PHE A 90 -15.62 2.73 0.87
C PHE A 90 -15.60 4.03 0.07
N GLU A 91 -16.76 4.52 -0.29
CA GLU A 91 -16.82 5.78 -1.09
C GLU A 91 -16.39 6.98 -0.25
N ASN A 92 -16.59 6.95 1.04
CA ASN A 92 -16.18 8.12 1.87
C ASN A 92 -14.69 8.05 2.22
N VAL A 93 -14.08 6.92 2.05
CA VAL A 93 -12.62 6.84 2.37
C VAL A 93 -11.82 7.07 1.10
N LYS A 94 -12.40 6.78 -0.02
CA LYS A 94 -11.67 7.01 -1.30
C LYS A 94 -11.78 8.49 -1.68
N GLU A 95 -12.87 9.12 -1.29
CA GLU A 95 -13.04 10.57 -1.62
C GLU A 95 -12.44 11.44 -0.53
N LYS A 96 -11.96 10.85 0.53
CA LYS A 96 -11.39 11.68 1.63
C LYS A 96 -9.93 12.06 1.38
N TRP A 97 -9.11 11.11 1.05
CA TRP A 97 -7.66 11.44 0.84
C TRP A 97 -7.40 12.12 -0.50
N VAL A 98 -8.25 11.93 -1.47
CA VAL A 98 -7.98 12.56 -2.79
C VAL A 98 -8.08 14.09 -2.73
N PRO A 99 -9.18 14.58 -2.20
CA PRO A 99 -9.38 16.04 -2.09
C PRO A 99 -8.49 16.63 -1.00
N GLU A 100 -7.85 15.78 -0.23
CA GLU A 100 -6.99 16.27 0.89
C GLU A 100 -5.60 16.71 0.41
N ILE A 101 -5.05 16.11 -0.62
CA ILE A 101 -3.68 16.54 -1.04
C ILE A 101 -3.59 16.85 -2.53
N THR A 102 -4.58 16.55 -3.31
CA THR A 102 -4.48 16.85 -4.77
C THR A 102 -4.58 18.35 -5.03
N HIS A 103 -4.86 19.13 -4.01
CA HIS A 103 -4.96 20.60 -4.22
C HIS A 103 -3.62 21.18 -4.66
N HIS A 104 -2.56 20.75 -4.04
CA HIS A 104 -1.22 21.25 -4.41
C HIS A 104 -0.52 20.23 -5.30
N CYS A 105 -0.86 18.98 -5.14
CA CYS A 105 -0.24 17.91 -5.97
C CYS A 105 -1.34 17.18 -6.74
N PRO A 106 -1.74 17.76 -7.83
CA PRO A 106 -2.81 17.16 -8.66
C PRO A 106 -2.34 15.83 -9.26
N LYS A 107 -3.26 14.95 -9.52
CA LYS A 107 -2.90 13.62 -10.09
C LYS A 107 -1.97 12.86 -9.15
N THR A 108 -2.30 12.81 -7.88
CA THR A 108 -1.45 12.04 -6.94
C THR A 108 -1.67 10.55 -7.19
N PRO A 109 -0.58 9.82 -7.25
CA PRO A 109 -0.69 8.36 -7.49
C PRO A 109 -1.46 7.70 -6.35
N PHE A 110 -2.44 6.92 -6.67
CA PHE A 110 -3.24 6.26 -5.60
C PHE A 110 -3.50 4.80 -5.98
N LEU A 111 -2.90 3.89 -5.27
CA LEU A 111 -3.10 2.44 -5.59
C LEU A 111 -4.27 1.85 -4.82
N LEU A 112 -5.38 1.73 -5.46
CA LEU A 112 -6.56 1.13 -4.80
C LEU A 112 -6.36 -0.39 -4.69
N VAL A 113 -6.88 -1.02 -3.67
CA VAL A 113 -6.68 -2.49 -3.55
C VAL A 113 -7.89 -3.17 -2.90
N GLY A 114 -7.82 -4.47 -2.75
CA GLY A 114 -8.92 -5.21 -2.10
C GLY A 114 -8.36 -5.96 -0.90
N THR A 115 -9.01 -5.89 0.24
CA THR A 115 -8.47 -6.58 1.43
C THR A 115 -9.17 -7.93 1.68
N GLN A 116 -8.42 -8.96 1.92
CA GLN A 116 -9.02 -10.29 2.18
C GLN A 116 -10.01 -10.68 1.08
N ILE A 117 -9.54 -10.80 -0.14
CA ILE A 117 -10.46 -11.18 -1.26
C ILE A 117 -10.69 -12.70 -1.22
N ASP A 118 -9.80 -13.40 -0.57
CA ASP A 118 -9.84 -14.90 -0.47
C ASP A 118 -11.21 -15.40 -0.08
N LEU A 119 -12.15 -15.10 -0.91
CA LEU A 119 -13.58 -15.50 -0.69
C LEU A 119 -14.47 -14.58 -1.53
N ARG A 120 -13.98 -13.40 -1.83
CA ARG A 120 -14.77 -12.45 -2.64
C ARG A 120 -15.42 -13.19 -3.81
N ASP A 121 -14.69 -14.03 -4.46
CA ASP A 121 -15.24 -14.79 -5.62
C ASP A 121 -16.42 -15.67 -5.16
N ASP A 122 -16.62 -15.80 -3.88
CA ASP A 122 -17.73 -16.64 -3.37
C ASP A 122 -18.89 -15.75 -2.85
N PRO A 123 -20.04 -15.91 -3.45
CA PRO A 123 -21.23 -15.12 -3.06
C PRO A 123 -21.93 -15.73 -1.83
N SER A 124 -21.21 -16.47 -1.03
CA SER A 124 -21.85 -17.11 0.16
C SER A 124 -21.44 -16.39 1.44
N THR A 125 -20.18 -16.19 1.63
CA THR A 125 -19.75 -15.45 2.85
C THR A 125 -20.16 -14.01 2.59
N ILE A 126 -20.13 -13.67 1.35
CA ILE A 126 -20.58 -12.34 0.91
C ILE A 126 -21.93 -12.05 1.56
N GLU A 127 -22.66 -13.09 1.87
CA GLU A 127 -23.98 -12.92 2.52
C GLU A 127 -23.82 -12.07 3.79
N LYS A 128 -22.73 -12.26 4.48
CA LYS A 128 -22.48 -11.48 5.73
C LYS A 128 -22.45 -9.98 5.45
N LEU A 129 -22.19 -9.61 4.23
CA LEU A 129 -22.12 -8.16 3.89
C LEU A 129 -23.45 -7.50 4.26
N ALA A 130 -24.54 -8.18 4.04
CA ALA A 130 -25.87 -7.60 4.37
C ALA A 130 -25.95 -7.32 5.87
N LYS A 131 -25.59 -8.27 6.68
CA LYS A 131 -25.66 -8.02 8.14
C LYS A 131 -24.95 -6.71 8.45
N ASN A 132 -23.98 -6.35 7.66
CA ASN A 132 -23.25 -5.08 7.92
C ASN A 132 -23.93 -3.92 7.18
N LYS A 133 -23.89 -3.94 5.89
CA LYS A 133 -24.50 -2.86 5.08
C LYS A 133 -25.18 -3.46 3.85
N GLN A 134 -26.09 -2.74 3.25
CA GLN A 134 -26.81 -3.28 2.07
C GLN A 134 -26.18 -2.81 0.76
N LYS A 135 -25.13 -2.04 0.81
CA LYS A 135 -24.50 -1.55 -0.45
C LYS A 135 -23.04 -2.01 -0.57
N PRO A 136 -22.85 -3.07 -1.32
CA PRO A 136 -21.49 -3.66 -1.53
C PRO A 136 -20.65 -2.79 -2.47
N ILE A 137 -19.35 -2.95 -2.45
CA ILE A 137 -18.49 -2.12 -3.36
C ILE A 137 -17.79 -3.03 -4.39
N THR A 138 -17.75 -2.60 -5.62
CA THR A 138 -17.11 -3.44 -6.69
C THR A 138 -16.07 -2.62 -7.48
N PRO A 139 -15.28 -3.32 -8.26
CA PRO A 139 -14.23 -2.65 -9.08
C PRO A 139 -14.87 -1.74 -10.15
N GLU A 140 -16.15 -1.87 -10.36
CA GLU A 140 -16.83 -1.01 -11.38
C GLU A 140 -17.05 0.39 -10.81
N THR A 141 -16.96 0.53 -9.51
CA THR A 141 -17.18 1.86 -8.89
C THR A 141 -15.83 2.58 -8.69
N ALA A 142 -14.85 1.88 -8.19
CA ALA A 142 -13.51 2.51 -7.97
C ALA A 142 -12.81 2.77 -9.29
N GLU A 143 -12.91 1.85 -10.20
CA GLU A 143 -12.25 2.04 -11.53
C GLU A 143 -12.61 3.41 -12.09
N LYS A 144 -13.82 3.85 -11.85
CA LYS A 144 -14.23 5.18 -12.37
C LYS A 144 -13.59 6.30 -11.55
N LEU A 145 -13.64 6.21 -10.25
CA LEU A 145 -13.01 7.25 -9.41
C LEU A 145 -11.54 7.39 -9.80
N ALA A 146 -10.85 6.28 -9.95
CA ALA A 146 -9.42 6.34 -10.33
C ALA A 146 -9.26 7.02 -11.68
N ARG A 147 -10.00 6.60 -12.66
CA ARG A 147 -9.90 7.23 -14.00
C ARG A 147 -10.51 8.63 -13.94
N ASP A 148 -11.32 8.90 -12.93
CA ASP A 148 -11.97 10.23 -12.83
C ASP A 148 -11.05 11.22 -12.09
N LEU A 149 -10.64 10.91 -10.89
CA LEU A 149 -9.75 11.84 -10.13
C LEU A 149 -8.27 11.62 -10.50
N LYS A 150 -8.03 10.75 -11.46
CA LYS A 150 -6.65 10.49 -11.95
C LYS A 150 -5.80 9.76 -10.91
N ALA A 151 -6.25 8.60 -10.54
CA ALA A 151 -5.48 7.75 -9.57
C ALA A 151 -4.66 6.74 -10.35
N VAL A 152 -4.35 5.64 -9.75
CA VAL A 152 -3.59 4.61 -10.49
C VAL A 152 -4.55 3.54 -10.97
N LYS A 153 -4.90 2.63 -10.12
CA LYS A 153 -5.84 1.55 -10.55
C LYS A 153 -6.26 0.66 -9.37
N TYR A 154 -7.37 -0.02 -9.50
CA TYR A 154 -7.81 -0.94 -8.41
C TYR A 154 -7.08 -2.29 -8.55
N VAL A 155 -6.13 -2.54 -7.71
CA VAL A 155 -5.40 -3.83 -7.76
C VAL A 155 -5.93 -4.73 -6.65
N GLU A 156 -5.32 -5.85 -6.43
CA GLU A 156 -5.81 -6.75 -5.34
C GLU A 156 -4.64 -7.52 -4.73
N CYS A 157 -4.62 -7.63 -3.43
CA CYS A 157 -3.49 -8.36 -2.79
C CYS A 157 -3.99 -9.25 -1.66
N SER A 158 -3.82 -10.54 -1.81
CA SER A 158 -4.21 -11.47 -0.73
C SER A 158 -2.94 -11.90 -0.02
N ALA A 159 -3.01 -12.33 1.19
CA ALA A 159 -1.77 -12.71 1.89
C ALA A 159 -1.48 -14.19 1.74
N LEU A 160 -1.90 -15.01 2.68
CA LEU A 160 -1.63 -16.46 2.52
C LEU A 160 -2.01 -16.89 1.10
N THR A 161 -2.84 -16.13 0.44
CA THR A 161 -3.23 -16.48 -0.95
C THR A 161 -2.30 -15.77 -1.94
N GLN A 162 -2.03 -14.49 -1.73
CA GLN A 162 -1.11 -13.75 -2.65
C GLN A 162 -1.68 -13.71 -4.06
N LYS A 163 -2.75 -12.99 -4.25
CA LYS A 163 -3.36 -12.91 -5.62
C LYS A 163 -2.91 -11.65 -6.35
N GLY A 164 -1.68 -11.23 -6.17
CA GLY A 164 -1.21 -10.01 -6.90
C GLY A 164 -0.57 -9.03 -5.91
N LEU A 165 0.01 -9.51 -4.85
CA LEU A 165 0.66 -8.60 -3.86
C LEU A 165 1.68 -7.69 -4.55
N LYS A 166 2.53 -8.24 -5.37
CA LYS A 166 3.55 -7.40 -6.07
C LYS A 166 2.88 -6.53 -7.13
N ASN A 167 1.71 -6.90 -7.59
CA ASN A 167 1.02 -6.10 -8.64
C ASN A 167 0.52 -4.76 -8.08
N VAL A 168 0.01 -4.74 -6.88
CA VAL A 168 -0.49 -3.46 -6.30
C VAL A 168 0.64 -2.42 -6.27
N PHE A 169 1.76 -2.79 -5.72
CA PHE A 169 2.91 -1.86 -5.63
C PHE A 169 3.48 -1.56 -7.03
N ASP A 170 3.49 -2.53 -7.91
CA ASP A 170 4.05 -2.27 -9.28
C ASP A 170 3.36 -1.07 -9.91
N GLU A 171 2.05 -1.02 -9.87
CA GLU A 171 1.34 0.14 -10.48
C GLU A 171 1.87 1.45 -9.90
N ALA A 172 2.12 1.49 -8.62
CA ALA A 172 2.66 2.73 -8.02
C ALA A 172 3.98 3.09 -8.70
N ILE A 173 4.62 2.12 -9.30
CA ILE A 173 5.91 2.42 -9.99
C ILE A 173 5.68 3.40 -11.14
N LEU A 174 4.62 3.24 -11.87
CA LEU A 174 4.38 4.18 -13.01
C LEU A 174 3.63 5.42 -12.55
N ALA A 175 3.04 5.37 -11.40
CA ALA A 175 2.28 6.57 -10.91
C ALA A 175 3.14 7.38 -9.95
N ALA A 176 4.25 6.87 -9.52
CA ALA A 176 5.11 7.64 -8.58
C ALA A 176 5.98 8.62 -9.37
N LEU A 177 6.53 8.18 -10.46
CA LEU A 177 7.39 9.07 -11.29
C LEU A 177 6.57 9.67 -12.42
N GLU A 178 5.43 9.11 -12.66
CA GLU A 178 4.56 9.63 -13.76
C GLU A 178 4.55 11.16 -13.75
N GLY B 1 7.25 11.68 -19.33
CA GLY B 1 7.43 10.34 -18.71
C GLY B 1 8.52 9.57 -19.45
N SER B 2 9.60 9.25 -18.78
CA SER B 2 10.71 8.50 -19.43
C SER B 2 10.63 7.02 -19.07
N LYS B 3 9.44 6.50 -18.95
CA LYS B 3 9.31 5.06 -18.57
C LYS B 3 9.91 4.15 -19.65
N GLU B 4 11.07 3.62 -19.40
CA GLU B 4 11.74 2.72 -20.38
C GLU B 4 12.17 1.42 -19.72
N ARG B 5 12.72 0.53 -20.49
CA ARG B 5 13.22 -0.74 -19.91
C ARG B 5 14.40 -0.36 -19.02
N PRO B 6 15.03 -1.30 -18.38
CA PRO B 6 16.16 -0.93 -17.51
C PRO B 6 17.35 -0.45 -18.35
N GLU B 7 17.11 0.54 -19.19
CA GLU B 7 18.15 1.15 -20.09
C GLU B 7 19.41 0.28 -20.20
N ILE B 8 20.56 0.88 -20.26
CA ILE B 8 21.83 0.11 -20.37
C ILE B 8 22.34 -0.24 -18.95
N SER B 9 23.42 0.33 -18.49
CA SER B 9 23.89 -0.03 -17.11
C SER B 9 24.79 1.06 -16.51
N LEU B 10 24.28 1.81 -15.58
CA LEU B 10 25.12 2.86 -14.93
C LEU B 10 25.16 2.64 -13.41
N PRO B 11 26.25 2.11 -12.94
CA PRO B 11 26.40 1.86 -11.50
C PRO B 11 26.45 3.18 -10.74
N SER B 12 25.36 3.59 -10.18
CA SER B 12 25.33 4.87 -9.43
C SER B 12 24.19 4.87 -8.43
N ASP B 13 24.46 4.60 -7.19
CA ASP B 13 23.38 4.60 -6.19
C ASP B 13 23.88 5.03 -4.81
N PHE B 14 22.98 5.54 -4.03
CA PHE B 14 23.33 6.03 -2.66
C PHE B 14 23.31 4.92 -1.60
N GLU B 15 23.30 5.32 -0.36
CA GLU B 15 23.32 4.36 0.78
C GLU B 15 22.21 3.32 0.67
N HIS B 16 22.01 2.61 1.74
CA HIS B 16 20.95 1.56 1.76
C HIS B 16 20.21 1.63 3.11
N THR B 17 19.43 0.63 3.43
CA THR B 17 18.66 0.68 4.71
C THR B 17 19.04 -0.48 5.64
N ILE B 18 18.30 -0.64 6.71
CA ILE B 18 18.57 -1.75 7.67
C ILE B 18 17.41 -2.74 7.63
N HIS B 19 17.43 -3.75 8.45
CA HIS B 19 16.31 -4.73 8.42
C HIS B 19 15.32 -4.50 9.56
N VAL B 20 14.11 -4.95 9.37
CA VAL B 20 13.04 -4.78 10.39
C VAL B 20 13.16 -5.83 11.50
N GLY B 21 12.70 -5.51 12.67
CA GLY B 21 12.77 -6.48 13.80
C GLY B 21 11.54 -7.38 13.79
N PHE B 22 11.70 -8.67 13.92
CA PHE B 22 10.49 -9.55 13.91
C PHE B 22 10.84 -11.04 14.05
N ASP B 23 10.83 -11.56 15.26
CA ASP B 23 11.09 -13.01 15.44
C ASP B 23 9.83 -13.78 15.05
N ALA B 24 9.88 -14.59 14.02
CA ALA B 24 8.64 -15.31 13.58
C ALA B 24 7.51 -14.28 13.52
N VAL B 25 7.88 -13.05 13.33
CA VAL B 25 6.88 -11.96 13.28
C VAL B 25 6.76 -11.45 11.87
N THR B 26 7.70 -11.80 11.04
CA THR B 26 7.69 -11.31 9.64
C THR B 26 6.77 -12.17 8.76
N GLY B 27 5.71 -12.69 9.31
CA GLY B 27 4.78 -13.54 8.48
C GLY B 27 3.45 -13.61 9.20
N GLU B 28 2.75 -12.52 9.24
CA GLU B 28 1.45 -12.49 9.92
C GLU B 28 0.52 -11.45 9.30
N PHE B 29 -0.69 -11.86 9.03
CA PHE B 29 -1.70 -10.93 8.46
C PHE B 29 -3.07 -11.26 9.07
N THR B 30 -3.86 -10.27 9.34
CA THR B 30 -5.20 -10.52 9.93
C THR B 30 -6.12 -9.31 9.76
N GLY B 31 -5.80 -8.22 10.39
CA GLY B 31 -6.65 -7.00 10.28
C GLY B 31 -6.56 -6.20 11.59
N ILE B 32 -5.95 -5.06 11.56
CA ILE B 32 -5.83 -4.24 12.80
C ILE B 32 -6.25 -2.79 12.54
N PRO B 33 -6.59 -2.10 13.60
CA PRO B 33 -6.98 -0.68 13.47
C PRO B 33 -5.77 0.18 13.13
N GLU B 34 -5.92 1.14 12.27
CA GLU B 34 -4.77 2.00 11.89
C GLU B 34 -3.62 1.16 11.34
N GLN B 35 -3.16 1.43 10.15
CA GLN B 35 -2.06 0.61 9.60
C GLN B 35 -0.70 1.28 9.83
N TRP B 36 -0.68 2.58 9.87
CA TRP B 36 0.61 3.29 10.11
C TRP B 36 0.34 4.75 10.46
N ALA B 37 -0.79 4.99 11.04
CA ALA B 37 -1.16 6.38 11.45
C ALA B 37 -2.23 6.32 12.53
N ARG B 38 -1.83 6.19 13.77
CA ARG B 38 -2.81 6.15 14.89
C ARG B 38 -3.16 7.58 15.27
N LEU B 39 -3.33 8.40 14.27
CA LEU B 39 -3.66 9.83 14.50
C LEU B 39 -4.95 9.98 15.31
N LEU B 40 -5.92 9.15 15.05
CA LEU B 40 -7.23 9.24 15.74
C LEU B 40 -7.19 8.60 17.13
N GLN B 41 -6.04 8.43 17.68
CA GLN B 41 -5.97 7.80 19.03
C GLN B 41 -4.79 8.38 19.82
N THR B 42 -3.62 7.86 19.62
CA THR B 42 -2.42 8.36 20.36
C THR B 42 -1.28 8.62 19.39
N SER B 43 -0.16 9.04 19.87
CA SER B 43 0.99 9.28 18.96
C SER B 43 1.76 7.96 18.74
N ASN B 44 1.11 6.85 19.00
CA ASN B 44 1.77 5.53 18.83
C ASN B 44 2.78 5.30 19.96
N ILE B 45 2.33 4.79 21.06
CA ILE B 45 3.28 4.54 22.20
C ILE B 45 3.85 3.14 22.10
N THR B 46 5.00 2.93 22.68
CA THR B 46 5.60 1.58 22.63
C THR B 46 6.32 1.30 23.95
N MET A 1 7.61 13.69 -10.02
CA MET A 1 7.08 12.76 -11.05
C MET A 1 7.67 11.36 -10.84
N GLN A 2 8.95 11.23 -11.08
CA GLN A 2 9.61 9.92 -10.90
C GLN A 2 9.78 9.65 -9.40
N THR A 3 9.86 10.70 -8.65
CA THR A 3 10.00 10.58 -7.17
C THR A 3 9.02 9.56 -6.61
N ILE A 4 9.47 8.39 -6.23
CA ILE A 4 8.50 7.44 -5.65
C ILE A 4 8.99 6.91 -4.30
N LYS A 5 8.21 7.15 -3.29
CA LYS A 5 8.56 6.63 -1.95
C LYS A 5 7.65 5.44 -1.69
N CYS A 6 8.19 4.30 -1.40
CA CYS A 6 7.31 3.12 -1.19
C CYS A 6 6.88 3.02 0.27
N VAL A 7 5.63 3.31 0.55
CA VAL A 7 5.14 3.21 1.94
C VAL A 7 3.75 2.59 1.95
N VAL A 8 3.28 2.14 3.08
CA VAL A 8 1.93 1.54 3.13
C VAL A 8 0.88 2.64 3.03
N VAL A 9 -0.31 2.30 2.61
CA VAL A 9 -1.37 3.34 2.49
C VAL A 9 -1.36 4.25 3.71
N GLY A 10 -2.11 5.31 3.66
CA GLY A 10 -2.15 6.24 4.82
C GLY A 10 -3.48 6.04 5.56
N ASP A 11 -4.50 5.65 4.86
CA ASP A 11 -5.83 5.44 5.53
C ASP A 11 -5.62 4.73 6.86
N GLY A 12 -5.09 3.53 6.84
CA GLY A 12 -4.87 2.78 8.11
C GLY A 12 -6.08 1.89 8.40
N ALA A 13 -7.02 1.83 7.50
CA ALA A 13 -8.23 0.99 7.72
C ALA A 13 -7.85 -0.38 8.31
N VAL A 14 -6.69 -0.88 7.98
CA VAL A 14 -6.28 -2.21 8.52
C VAL A 14 -4.75 -2.27 8.68
N GLY A 15 -4.03 -2.30 7.59
CA GLY A 15 -2.56 -2.37 7.68
C GLY A 15 -2.04 -3.38 6.64
N LYS A 16 -2.06 -3.02 5.40
CA LYS A 16 -1.57 -3.96 4.34
C LYS A 16 -0.08 -4.22 4.53
N THR A 17 0.57 -3.43 5.35
CA THR A 17 2.02 -3.61 5.58
C THR A 17 2.32 -5.08 5.92
N CYS A 18 1.37 -5.75 6.52
CA CYS A 18 1.61 -7.16 6.89
C CYS A 18 1.46 -8.08 5.68
N LEU A 19 1.11 -7.56 4.55
CA LEU A 19 0.99 -8.42 3.36
C LEU A 19 2.36 -8.58 2.73
N LEU A 20 3.12 -7.54 2.69
CA LEU A 20 4.48 -7.65 2.11
C LEU A 20 5.23 -8.80 2.78
N ILE A 21 5.03 -8.96 4.06
CA ILE A 21 5.72 -10.07 4.78
C ILE A 21 4.97 -11.38 4.57
N SER A 22 3.69 -11.34 4.71
CA SER A 22 2.89 -12.58 4.54
C SER A 22 3.36 -13.33 3.29
N TYR A 23 3.44 -12.67 2.19
CA TYR A 23 3.89 -13.38 0.96
C TYR A 23 5.41 -13.48 0.93
N THR A 24 6.09 -12.97 1.93
CA THR A 24 7.57 -13.07 1.90
C THR A 24 8.05 -14.25 2.75
N THR A 25 7.65 -14.32 4.00
CA THR A 25 8.09 -15.47 4.85
C THR A 25 7.63 -15.34 6.32
N ASN A 26 7.65 -14.16 6.87
CA ASN A 26 7.25 -14.01 8.31
C ASN A 26 5.73 -13.85 8.45
N LYS A 27 5.00 -14.47 7.57
CA LYS A 27 3.51 -14.42 7.59
C LYS A 27 2.91 -14.62 8.99
N PHE A 28 1.62 -14.84 9.06
CA PHE A 28 0.92 -15.04 10.38
C PHE A 28 0.53 -16.51 10.59
N PRO A 29 1.45 -17.42 10.35
CA PRO A 29 1.14 -18.86 10.54
C PRO A 29 1.08 -19.18 12.04
N SER A 30 2.18 -19.62 12.60
CA SER A 30 2.20 -19.93 14.05
C SER A 30 3.65 -20.10 14.50
N GLU A 31 4.44 -19.08 14.35
CA GLU A 31 5.85 -19.17 14.75
C GLU A 31 6.38 -17.77 15.05
N TYR A 32 7.64 -17.65 15.28
CA TYR A 32 8.24 -16.32 15.58
C TYR A 32 9.14 -15.86 14.42
N VAL A 33 8.68 -14.93 13.64
CA VAL A 33 9.48 -14.43 12.50
C VAL A 33 9.62 -12.91 12.59
N PRO A 34 10.63 -12.38 11.94
CA PRO A 34 10.85 -10.91 11.94
C PRO A 34 9.85 -10.23 11.01
N THR A 35 8.73 -9.80 11.53
CA THR A 35 7.71 -9.13 10.67
C THR A 35 7.88 -7.61 10.74
N VAL A 36 7.47 -6.90 9.72
CA VAL A 36 7.59 -5.40 9.69
C VAL A 36 9.03 -4.99 9.37
N PHE A 37 9.88 -5.93 9.07
CA PHE A 37 11.29 -5.59 8.76
C PHE A 37 11.36 -4.32 7.94
N ASP A 38 12.50 -3.71 7.91
CA ASP A 38 12.65 -2.44 7.17
C ASP A 38 12.80 -2.63 5.67
N ASN A 39 13.31 -1.63 5.02
CA ASN A 39 13.51 -1.69 3.55
C ASN A 39 14.66 -0.75 3.18
N TYR A 40 14.90 -0.53 1.92
CA TYR A 40 16.05 0.36 1.56
C TYR A 40 15.59 1.57 0.73
N ALA A 41 16.31 2.65 0.80
CA ALA A 41 15.92 3.86 0.00
C ALA A 41 17.14 4.40 -0.76
N VAL A 42 17.27 4.07 -2.01
CA VAL A 42 18.45 4.54 -2.79
C VAL A 42 18.03 5.15 -4.11
N THR A 43 18.99 5.39 -4.95
CA THR A 43 18.68 5.95 -6.30
C THR A 43 19.61 5.33 -7.35
N VAL A 44 19.15 5.23 -8.56
CA VAL A 44 19.98 4.63 -9.64
C VAL A 44 19.88 5.49 -10.90
N MET A 45 20.98 5.89 -11.45
CA MET A 45 20.91 6.72 -12.69
C MET A 45 20.94 5.81 -13.91
N ILE A 46 19.80 5.49 -14.44
CA ILE A 46 19.72 4.61 -15.63
C ILE A 46 20.21 5.37 -16.88
N GLY A 47 21.40 5.08 -17.35
CA GLY A 47 21.91 5.80 -18.55
C GLY A 47 21.61 7.30 -18.45
N GLY A 48 21.66 7.87 -17.28
CA GLY A 48 21.39 9.33 -17.15
C GLY A 48 20.05 9.58 -16.45
N GLU A 49 19.36 8.54 -16.03
CA GLU A 49 18.05 8.75 -15.35
C GLU A 49 18.10 8.23 -13.92
N PRO A 50 18.07 9.13 -12.98
CA PRO A 50 18.14 8.74 -11.56
C PRO A 50 16.81 8.15 -11.09
N TYR A 51 16.85 7.06 -10.36
CA TYR A 51 15.57 6.46 -9.89
C TYR A 51 15.30 6.85 -8.44
N THR A 52 14.17 7.45 -8.18
CA THR A 52 13.85 7.84 -6.79
C THR A 52 13.23 6.65 -6.07
N LEU A 53 13.98 5.91 -5.30
CA LEU A 53 13.36 4.76 -4.61
C LEU A 53 13.56 4.92 -3.10
N GLY A 54 12.51 4.85 -2.34
CA GLY A 54 12.64 4.98 -0.88
C GLY A 54 11.68 4.01 -0.21
N LEU A 55 12.17 2.89 0.26
CA LEU A 55 11.30 1.90 0.88
C LEU A 55 11.64 1.73 2.37
N PHE A 56 10.72 2.04 3.24
CA PHE A 56 10.97 1.88 4.71
C PHE A 56 9.75 1.21 5.34
N ASP A 57 9.93 0.36 6.31
CA ASP A 57 8.73 -0.26 6.96
C ASP A 57 8.49 0.37 8.34
N THR A 58 7.31 0.24 8.87
CA THR A 58 7.02 0.84 10.20
C THR A 58 7.75 0.08 11.31
N ALA A 59 7.55 0.49 12.54
CA ALA A 59 8.20 -0.18 13.69
C ALA A 59 7.15 -0.92 14.51
N GLY A 60 6.90 -2.16 14.21
CA GLY A 60 5.88 -2.91 14.99
C GLY A 60 6.23 -2.77 16.47
N GLN A 61 7.49 -2.71 16.77
CA GLN A 61 7.93 -2.55 18.17
C GLN A 61 8.30 -1.09 18.44
N GLU A 62 8.56 -0.33 17.41
CA GLU A 62 8.93 1.09 17.62
C GLU A 62 10.17 1.21 18.49
N ASP A 63 11.30 1.12 17.88
CA ASP A 63 12.57 1.22 18.64
C ASP A 63 13.09 2.66 18.54
N TYR A 64 12.48 3.44 17.69
CA TYR A 64 12.91 4.87 17.54
C TYR A 64 11.68 5.76 17.36
N ASP A 65 10.67 5.25 16.69
CA ASP A 65 9.42 6.04 16.48
C ASP A 65 9.74 7.52 16.24
N ARG A 66 10.88 7.82 15.71
CA ARG A 66 11.22 9.25 15.44
C ARG A 66 10.16 9.85 14.51
N LEU A 67 9.63 9.04 13.63
CA LEU A 67 8.59 9.55 12.69
C LEU A 67 7.23 9.60 13.39
N ARG A 68 7.19 9.37 14.68
CA ARG A 68 5.89 9.41 15.44
C ARG A 68 5.11 10.71 15.19
N PRO A 69 5.79 11.81 15.07
CA PRO A 69 5.07 13.09 14.82
C PRO A 69 4.64 13.17 13.35
N LEU A 70 4.75 12.10 12.60
CA LEU A 70 4.36 12.14 11.18
C LEU A 70 3.01 12.84 10.97
N SER A 71 1.93 12.31 11.47
CA SER A 71 0.61 12.98 11.29
C SER A 71 0.49 13.52 9.86
N TYR A 72 1.09 12.86 8.91
CA TYR A 72 1.03 13.36 7.50
C TYR A 72 1.60 12.34 6.53
N PRO A 73 0.83 12.02 5.52
CA PRO A 73 1.27 11.04 4.50
C PRO A 73 2.19 11.70 3.47
N GLN A 74 3.32 11.08 3.19
CA GLN A 74 4.26 11.65 2.17
C GLN A 74 4.81 10.50 1.32
N THR A 75 3.97 9.88 0.54
CA THR A 75 4.42 8.76 -0.30
C THR A 75 3.67 8.77 -1.63
N ASP A 76 4.21 9.42 -2.60
CA ASP A 76 3.53 9.52 -3.92
C ASP A 76 2.85 8.19 -4.29
N VAL A 77 3.38 7.08 -3.84
CA VAL A 77 2.72 5.77 -4.16
C VAL A 77 2.16 5.14 -2.88
N PHE A 78 0.88 4.95 -2.81
CA PHE A 78 0.27 4.33 -1.59
C PHE A 78 -0.43 3.03 -1.95
N LEU A 79 -0.21 1.98 -1.19
CA LEU A 79 -0.92 0.71 -1.46
C LEU A 79 -2.03 0.56 -0.42
N VAL A 80 -3.22 0.93 -0.77
CA VAL A 80 -4.34 0.83 0.20
C VAL A 80 -5.10 -0.47 0.00
N CYS A 81 -5.62 -1.01 1.05
CA CYS A 81 -6.35 -2.30 0.94
C CYS A 81 -7.85 -2.10 1.28
N PHE A 82 -8.67 -2.04 0.27
CA PHE A 82 -10.14 -1.86 0.51
C PHE A 82 -10.83 -3.23 0.59
N SER A 83 -12.12 -3.24 0.82
CA SER A 83 -12.85 -4.54 0.89
C SER A 83 -13.74 -4.67 -0.34
N VAL A 84 -14.12 -5.86 -0.70
CA VAL A 84 -14.99 -6.05 -1.91
C VAL A 84 -16.46 -6.22 -1.52
N VAL A 85 -16.73 -6.57 -0.30
CA VAL A 85 -18.16 -6.73 0.11
C VAL A 85 -18.68 -5.46 0.77
N SER A 86 -18.07 -5.05 1.85
CA SER A 86 -18.52 -3.81 2.54
C SER A 86 -18.10 -2.58 1.73
N PRO A 87 -19.09 -1.89 1.24
CA PRO A 87 -18.85 -0.68 0.43
C PRO A 87 -18.75 0.57 1.32
N SER A 88 -18.95 0.40 2.61
CA SER A 88 -18.87 1.56 3.54
C SER A 88 -17.42 2.01 3.80
N SER A 89 -16.52 1.67 2.93
CA SER A 89 -15.10 2.08 3.12
C SER A 89 -14.56 2.69 1.81
N PHE A 90 -15.04 2.23 0.70
CA PHE A 90 -14.55 2.76 -0.60
C PHE A 90 -15.09 4.17 -0.85
N GLU A 91 -16.38 4.35 -0.75
CA GLU A 91 -16.97 5.69 -0.99
C GLU A 91 -16.25 6.80 -0.21
N ASN A 92 -15.51 6.47 0.80
CA ASN A 92 -14.82 7.55 1.55
C ASN A 92 -13.43 7.81 0.98
N VAL A 93 -12.89 6.89 0.23
CA VAL A 93 -11.54 7.15 -0.34
C VAL A 93 -11.69 7.79 -1.72
N LYS A 94 -12.85 7.67 -2.30
CA LYS A 94 -13.06 8.29 -3.64
C LYS A 94 -13.54 9.71 -3.47
N GLU A 95 -14.06 10.00 -2.31
CA GLU A 95 -14.54 11.38 -2.03
C GLU A 95 -13.44 12.15 -1.31
N LYS A 96 -12.32 11.52 -1.03
CA LYS A 96 -11.26 12.25 -0.28
C LYS A 96 -10.26 12.95 -1.22
N TRP A 97 -9.71 12.25 -2.16
CA TRP A 97 -8.72 12.90 -3.07
C TRP A 97 -9.37 13.41 -4.36
N VAL A 98 -10.45 12.82 -4.78
CA VAL A 98 -11.11 13.31 -6.02
C VAL A 98 -11.38 14.81 -5.90
N PRO A 99 -11.85 15.24 -4.76
CA PRO A 99 -12.12 16.67 -4.56
C PRO A 99 -10.81 17.43 -4.34
N GLU A 100 -9.78 16.75 -3.87
CA GLU A 100 -8.48 17.45 -3.64
C GLU A 100 -7.95 18.01 -4.97
N ILE A 101 -8.50 17.60 -6.08
CA ILE A 101 -8.03 18.11 -7.41
C ILE A 101 -6.66 17.53 -7.77
N THR A 102 -6.63 16.34 -8.31
CA THR A 102 -5.32 15.75 -8.71
C THR A 102 -4.98 16.26 -10.11
N HIS A 103 -5.96 16.78 -10.81
CA HIS A 103 -5.72 17.32 -12.16
C HIS A 103 -4.62 18.37 -12.04
N HIS A 104 -4.77 19.23 -11.07
CA HIS A 104 -3.75 20.28 -10.85
C HIS A 104 -2.44 19.60 -10.42
N CYS A 105 -2.55 18.60 -9.59
CA CYS A 105 -1.35 17.87 -9.12
C CYS A 105 -0.94 16.83 -10.19
N PRO A 106 0.08 16.08 -9.87
CA PRO A 106 0.59 15.07 -10.82
C PRO A 106 -0.28 13.81 -10.87
N LYS A 107 -1.51 13.85 -10.44
CA LYS A 107 -2.35 12.63 -10.51
C LYS A 107 -1.67 11.52 -9.70
N THR A 108 -1.60 11.72 -8.42
CA THR A 108 -0.95 10.73 -7.51
C THR A 108 -1.40 9.31 -7.85
N PRO A 109 -0.43 8.42 -7.90
CA PRO A 109 -0.71 6.99 -8.22
C PRO A 109 -1.47 6.32 -7.08
N PHE A 110 -2.41 5.48 -7.41
CA PHE A 110 -3.21 4.78 -6.37
C PHE A 110 -3.40 3.31 -6.72
N LEU A 111 -2.82 2.44 -5.96
CA LEU A 111 -3.01 1.00 -6.23
C LEU A 111 -4.26 0.56 -5.49
N LEU A 112 -5.36 0.53 -6.18
CA LEU A 112 -6.64 0.14 -5.56
C LEU A 112 -6.72 -1.38 -5.42
N VAL A 113 -6.93 -1.88 -4.23
CA VAL A 113 -7.00 -3.36 -4.05
C VAL A 113 -8.11 -3.75 -3.07
N GLY A 114 -8.46 -5.01 -3.07
CA GLY A 114 -9.50 -5.51 -2.14
C GLY A 114 -8.82 -6.42 -1.11
N THR A 115 -9.40 -6.59 0.05
CA THR A 115 -8.75 -7.47 1.06
C THR A 115 -9.79 -8.35 1.77
N GLN A 116 -9.34 -9.41 2.38
CA GLN A 116 -10.29 -10.32 3.09
C GLN A 116 -11.32 -10.86 2.11
N ILE A 117 -10.91 -11.13 0.90
CA ILE A 117 -11.87 -11.65 -0.11
C ILE A 117 -12.22 -13.11 0.21
N ASP A 118 -11.39 -13.75 1.00
CA ASP A 118 -11.55 -15.20 1.36
C ASP A 118 -12.94 -15.51 1.89
N LEU A 119 -13.89 -15.24 1.07
CA LEU A 119 -15.33 -15.49 1.39
C LEU A 119 -16.18 -14.66 0.43
N ARG A 120 -15.62 -13.60 -0.08
CA ARG A 120 -16.36 -12.75 -1.04
C ARG A 120 -16.96 -13.64 -2.13
N ASP A 121 -16.28 -14.70 -2.48
CA ASP A 121 -16.81 -15.59 -3.54
C ASP A 121 -18.19 -16.11 -3.13
N ASP A 122 -18.45 -16.17 -1.86
CA ASP A 122 -19.79 -16.66 -1.38
C ASP A 122 -20.76 -15.49 -1.17
N PRO A 123 -21.94 -15.63 -1.70
CA PRO A 123 -22.98 -14.57 -1.57
C PRO A 123 -23.77 -14.75 -0.27
N SER A 124 -23.19 -15.42 0.71
CA SER A 124 -23.92 -15.65 1.98
C SER A 124 -23.31 -14.84 3.12
N THR A 125 -22.03 -14.93 3.29
CA THR A 125 -21.40 -14.12 4.35
C THR A 125 -21.48 -12.69 3.86
N ILE A 126 -21.52 -12.56 2.57
CA ILE A 126 -21.66 -11.24 1.95
C ILE A 126 -22.89 -10.57 2.58
N GLU A 127 -23.79 -11.38 3.07
CA GLU A 127 -25.02 -10.85 3.73
C GLU A 127 -24.68 -9.94 4.91
N LYS A 128 -23.71 -10.33 5.70
CA LYS A 128 -23.34 -9.49 6.87
C LYS A 128 -22.98 -8.07 6.44
N LEU A 129 -22.27 -7.92 5.36
CA LEU A 129 -21.92 -6.55 4.90
C LEU A 129 -23.14 -5.90 4.25
N ALA A 130 -23.94 -6.69 3.60
CA ALA A 130 -25.16 -6.17 2.94
C ALA A 130 -25.99 -5.34 3.91
N LYS A 131 -26.27 -5.87 5.06
CA LYS A 131 -27.06 -5.11 6.05
C LYS A 131 -26.37 -3.77 6.35
N ASN A 132 -25.07 -3.73 6.23
CA ASN A 132 -24.36 -2.45 6.51
C ASN A 132 -24.63 -1.44 5.38
N LYS A 133 -24.42 -1.86 4.17
CA LYS A 133 -24.66 -0.98 3.01
C LYS A 133 -25.41 -1.77 1.94
N GLN A 134 -26.13 -1.10 1.09
CA GLN A 134 -26.91 -1.84 0.04
C GLN A 134 -26.24 -1.73 -1.32
N LYS A 135 -24.96 -1.47 -1.36
CA LYS A 135 -24.24 -1.39 -2.66
C LYS A 135 -22.81 -1.86 -2.49
N PRO A 136 -22.60 -3.13 -2.74
CA PRO A 136 -21.25 -3.73 -2.61
C PRO A 136 -20.32 -3.18 -3.69
N ILE A 137 -19.03 -3.30 -3.49
CA ILE A 137 -18.06 -2.80 -4.49
C ILE A 137 -17.53 -3.98 -5.29
N THR A 138 -17.49 -3.88 -6.57
CA THR A 138 -17.01 -5.01 -7.39
C THR A 138 -15.78 -4.61 -8.20
N PRO A 139 -15.10 -5.59 -8.72
CA PRO A 139 -13.87 -5.32 -9.51
C PRO A 139 -14.22 -4.54 -10.78
N GLU A 140 -15.39 -4.78 -11.34
CA GLU A 140 -15.77 -4.02 -12.56
C GLU A 140 -16.12 -2.58 -12.18
N THR A 141 -16.61 -2.37 -11.00
CA THR A 141 -16.95 -0.99 -10.55
C THR A 141 -15.71 -0.25 -10.10
N ALA A 142 -14.83 -0.92 -9.39
CA ALA A 142 -13.59 -0.26 -8.91
C ALA A 142 -12.62 -0.02 -10.06
N GLU A 143 -12.55 -0.95 -10.96
CA GLU A 143 -11.61 -0.78 -12.13
C GLU A 143 -11.96 0.50 -12.87
N LYS A 144 -13.21 0.77 -13.07
CA LYS A 144 -13.60 2.03 -13.78
C LYS A 144 -13.26 3.23 -12.91
N LEU A 145 -13.50 3.14 -11.62
CA LEU A 145 -13.18 4.28 -10.74
C LEU A 145 -11.71 4.65 -10.88
N ALA A 146 -10.84 3.67 -10.92
CA ALA A 146 -9.39 3.98 -11.09
C ALA A 146 -9.17 4.55 -12.49
N ARG A 147 -9.67 3.86 -13.47
CA ARG A 147 -9.54 4.36 -14.86
C ARG A 147 -10.23 5.71 -14.99
N ASP A 148 -11.26 5.95 -14.22
CA ASP A 148 -11.99 7.24 -14.31
C ASP A 148 -11.10 8.38 -13.80
N LEU A 149 -10.44 8.19 -12.69
CA LEU A 149 -9.55 9.25 -12.15
C LEU A 149 -8.13 9.02 -12.67
N LYS A 150 -8.02 8.19 -13.65
CA LYS A 150 -6.69 7.90 -14.26
C LYS A 150 -5.72 7.40 -13.19
N ALA A 151 -6.23 6.61 -12.30
CA ALA A 151 -5.34 6.06 -11.22
C ALA A 151 -4.24 5.21 -11.85
N VAL A 152 -3.89 4.11 -11.23
CA VAL A 152 -2.83 3.26 -11.83
C VAL A 152 -3.39 1.89 -12.20
N LYS A 153 -3.93 1.17 -11.26
CA LYS A 153 -4.48 -0.16 -11.63
C LYS A 153 -5.28 -0.79 -10.49
N TYR A 154 -6.31 -1.50 -10.82
CA TYR A 154 -7.12 -2.17 -9.78
C TYR A 154 -6.56 -3.58 -9.55
N VAL A 155 -6.13 -3.89 -8.36
CA VAL A 155 -5.57 -5.24 -8.10
C VAL A 155 -6.30 -5.91 -6.94
N GLU A 156 -5.80 -7.01 -6.44
CA GLU A 156 -6.50 -7.69 -5.31
C GLU A 156 -5.48 -8.36 -4.38
N CYS A 157 -5.82 -8.51 -3.13
CA CYS A 157 -4.85 -9.14 -2.18
C CYS A 157 -5.55 -9.67 -0.94
N SER A 158 -5.06 -10.76 -0.42
CA SER A 158 -5.63 -11.35 0.81
C SER A 158 -4.50 -12.06 1.54
N ALA A 159 -4.01 -11.46 2.57
CA ALA A 159 -2.87 -12.03 3.34
C ALA A 159 -2.93 -13.57 3.43
N LEU A 160 -3.71 -14.06 4.34
CA LEU A 160 -3.81 -15.53 4.54
C LEU A 160 -4.24 -16.31 3.28
N THR A 161 -4.63 -15.66 2.22
CA THR A 161 -5.07 -16.46 1.02
C THR A 161 -4.51 -15.97 -0.33
N GLN A 162 -5.24 -15.12 -1.02
CA GLN A 162 -4.84 -14.61 -2.38
C GLN A 162 -3.42 -14.96 -2.75
N LYS A 163 -2.50 -14.36 -2.07
CA LYS A 163 -1.06 -14.62 -2.38
C LYS A 163 -0.75 -14.19 -3.81
N GLY A 164 -1.45 -13.20 -4.28
CA GLY A 164 -1.22 -12.68 -5.65
C GLY A 164 -1.05 -11.17 -5.60
N LEU A 165 -1.16 -10.58 -4.43
CA LEU A 165 -1.01 -9.11 -4.30
C LEU A 165 0.40 -8.64 -4.64
N LYS A 166 1.33 -9.54 -4.85
CA LYS A 166 2.71 -9.10 -5.19
C LYS A 166 2.68 -8.21 -6.44
N ASN A 167 1.78 -8.48 -7.34
CA ASN A 167 1.69 -7.66 -8.58
C ASN A 167 1.18 -6.25 -8.27
N VAL A 168 0.29 -6.12 -7.31
CA VAL A 168 -0.24 -4.76 -6.98
C VAL A 168 0.92 -3.78 -6.83
N PHE A 169 2.01 -4.23 -6.29
CA PHE A 169 3.20 -3.34 -6.10
C PHE A 169 3.96 -3.16 -7.43
N ASP A 170 4.11 -4.22 -8.18
CA ASP A 170 4.87 -4.12 -9.46
C ASP A 170 4.30 -3.02 -10.37
N GLU A 171 3.00 -2.99 -10.51
CA GLU A 171 2.38 -1.96 -11.41
C GLU A 171 2.57 -0.54 -10.88
N ALA A 172 2.55 -0.34 -9.59
CA ALA A 172 2.73 1.05 -9.07
C ALA A 172 4.14 1.53 -9.37
N ILE A 173 5.04 0.64 -9.67
CA ILE A 173 6.42 1.06 -9.99
C ILE A 173 6.41 1.85 -11.30
N LEU A 174 5.71 1.36 -12.30
CA LEU A 174 5.66 2.06 -13.61
C LEU A 174 4.58 3.15 -13.61
N ALA A 175 3.66 3.10 -12.69
CA ALA A 175 2.59 4.14 -12.64
C ALA A 175 2.97 5.24 -11.65
N ALA A 176 4.10 5.10 -11.01
CA ALA A 176 4.53 6.12 -10.04
C ALA A 176 5.32 7.22 -10.76
N LEU A 177 6.27 6.84 -11.55
CA LEU A 177 7.10 7.85 -12.29
C LEU A 177 6.43 8.18 -13.61
N GLU A 178 5.51 7.35 -14.03
CA GLU A 178 4.81 7.61 -15.32
C GLU A 178 5.79 8.12 -16.38
N GLY B 1 14.50 7.50 -13.24
CA GLY B 1 13.57 8.56 -13.76
C GLY B 1 12.70 7.99 -14.87
N SER B 2 12.92 8.39 -16.08
CA SER B 2 12.10 7.87 -17.21
C SER B 2 12.26 6.35 -17.30
N LYS B 3 11.26 5.67 -17.82
CA LYS B 3 11.34 4.19 -17.92
C LYS B 3 12.03 3.76 -19.22
N GLU B 4 13.28 3.38 -19.12
CA GLU B 4 14.02 2.92 -20.33
C GLU B 4 14.45 1.47 -20.17
N ARG B 5 14.74 0.80 -21.25
CA ARG B 5 15.19 -0.62 -21.16
C ARG B 5 16.59 -0.65 -20.52
N PRO B 6 17.43 -1.62 -20.85
CA PRO B 6 18.77 -1.64 -20.23
C PRO B 6 19.62 -0.49 -20.79
N GLU B 7 19.51 0.67 -20.20
CA GLU B 7 20.28 1.85 -20.69
C GLU B 7 21.77 1.53 -20.75
N ILE B 8 22.61 2.54 -20.86
CA ILE B 8 24.07 2.28 -20.95
C ILE B 8 24.71 2.04 -19.58
N SER B 9 24.51 2.90 -18.62
CA SER B 9 25.14 2.66 -17.28
C SER B 9 24.42 3.43 -16.17
N LEU B 10 24.68 3.08 -14.93
CA LEU B 10 24.01 3.78 -13.82
C LEU B 10 24.78 3.63 -12.50
N PRO B 11 25.40 4.70 -12.10
CA PRO B 11 26.15 4.70 -10.82
C PRO B 11 25.17 4.62 -9.63
N SER B 12 25.21 3.55 -8.89
CA SER B 12 24.26 3.38 -7.75
C SER B 12 24.41 4.52 -6.73
N ASP B 13 23.60 4.50 -5.69
CA ASP B 13 23.67 5.58 -4.66
C ASP B 13 23.63 5.00 -3.25
N PHE B 14 23.47 5.85 -2.26
CA PHE B 14 23.44 5.35 -0.85
C PHE B 14 21.99 5.24 -0.36
N GLU B 15 21.75 4.35 0.58
CA GLU B 15 20.37 4.17 1.09
C GLU B 15 20.40 3.47 2.45
N HIS B 16 19.32 3.52 3.19
CA HIS B 16 19.32 2.83 4.51
C HIS B 16 17.93 2.34 4.90
N THR B 17 17.85 1.51 5.90
CA THR B 17 16.56 0.93 6.33
C THR B 17 16.28 1.21 7.83
N ILE B 18 15.06 1.09 8.26
CA ILE B 18 14.75 1.30 9.72
C ILE B 18 14.81 -0.05 10.44
N HIS B 19 14.35 -0.13 11.66
CA HIS B 19 14.40 -1.42 12.40
C HIS B 19 12.99 -2.00 12.63
N VAL B 20 12.93 -3.28 12.84
CA VAL B 20 11.63 -3.98 13.04
C VAL B 20 11.60 -4.74 14.39
N GLY B 21 10.44 -4.92 14.95
CA GLY B 21 10.34 -5.66 16.24
C GLY B 21 9.02 -6.43 16.29
N PHE B 22 8.76 -7.16 17.34
CA PHE B 22 7.47 -7.93 17.46
C PHE B 22 7.36 -8.99 16.35
N ASP B 23 7.73 -10.20 16.66
CA ASP B 23 7.65 -11.30 15.67
C ASP B 23 6.20 -11.63 15.28
N ALA B 24 6.03 -12.23 14.11
CA ALA B 24 4.68 -12.63 13.61
C ALA B 24 3.56 -11.77 14.19
N VAL B 25 3.73 -10.49 14.22
CA VAL B 25 2.67 -9.61 14.75
C VAL B 25 1.99 -8.95 13.56
N THR B 26 2.77 -8.70 12.54
CA THR B 26 2.24 -8.07 11.32
C THR B 26 2.65 -8.89 10.09
N GLY B 27 3.04 -10.12 10.29
CA GLY B 27 3.45 -10.96 9.12
C GLY B 27 2.27 -11.13 8.18
N GLU B 28 1.09 -10.96 8.68
CA GLU B 28 -0.11 -11.11 7.84
C GLU B 28 -1.23 -10.26 8.39
N PHE B 29 -2.43 -10.65 8.18
CA PHE B 29 -3.56 -9.85 8.69
C PHE B 29 -4.17 -10.52 9.92
N THR B 30 -4.06 -9.86 11.03
CA THR B 30 -4.59 -10.41 12.31
C THR B 30 -5.46 -9.35 13.01
N GLY B 31 -4.86 -8.52 13.82
CA GLY B 31 -5.65 -7.47 14.53
C GLY B 31 -5.87 -6.29 13.57
N ILE B 32 -5.32 -5.14 13.87
CA ILE B 32 -5.53 -3.97 12.95
C ILE B 32 -4.67 -2.77 13.39
N PRO B 33 -3.39 -3.01 13.49
CA PRO B 33 -2.45 -1.94 13.89
C PRO B 33 -2.28 -0.90 12.76
N GLU B 34 -1.91 0.31 13.10
CA GLU B 34 -1.72 1.36 12.05
C GLU B 34 -0.61 0.95 11.08
N GLN B 35 -0.67 1.43 9.88
CA GLN B 35 0.38 1.06 8.88
C GLN B 35 1.70 1.79 9.17
N TRP B 36 1.68 3.08 9.22
CA TRP B 36 2.92 3.88 9.50
C TRP B 36 2.62 5.37 9.35
N ALA B 37 1.40 5.77 9.57
CA ALA B 37 1.06 7.21 9.41
C ALA B 37 -0.44 7.51 9.66
N ARG B 38 -1.19 6.61 10.25
CA ARG B 38 -2.62 6.95 10.49
C ARG B 38 -2.66 8.14 11.44
N LEU B 39 -1.54 8.46 12.05
CA LEU B 39 -1.47 9.61 12.98
C LEU B 39 -1.93 10.92 12.32
N LEU B 40 -2.14 10.91 11.03
CA LEU B 40 -2.61 12.15 10.34
C LEU B 40 -4.13 12.28 10.46
N GLN B 41 -4.70 11.64 11.44
CA GLN B 41 -6.17 11.68 11.66
C GLN B 41 -6.89 11.07 10.46
N THR B 42 -6.67 9.80 10.24
CA THR B 42 -7.32 9.10 9.10
C THR B 42 -8.74 8.66 9.46
N SER B 43 -9.36 7.88 8.62
CA SER B 43 -10.74 7.42 8.90
C SER B 43 -10.72 6.25 9.90
N ASN B 44 -10.04 6.41 10.99
CA ASN B 44 -9.99 5.31 12.00
C ASN B 44 -11.40 4.75 12.23
N ILE B 45 -12.39 5.61 12.20
CA ILE B 45 -13.79 5.15 12.40
C ILE B 45 -14.61 5.40 11.14
N THR B 46 -15.79 4.84 11.06
CA THR B 46 -16.64 5.06 9.85
C THR B 46 -18.06 4.55 10.11
N MET A 1 8.09 14.14 -9.27
CA MET A 1 9.18 14.11 -10.30
C MET A 1 9.87 12.75 -10.31
N GLN A 2 10.49 12.37 -9.23
CA GLN A 2 11.16 11.03 -9.19
C GLN A 2 11.08 10.46 -7.77
N THR A 3 11.13 11.30 -6.78
CA THR A 3 11.08 10.82 -5.37
C THR A 3 9.81 10.00 -5.14
N ILE A 4 9.95 8.72 -4.94
CA ILE A 4 8.74 7.89 -4.66
C ILE A 4 8.74 7.46 -3.20
N LYS A 5 7.65 7.71 -2.54
CA LYS A 5 7.52 7.28 -1.13
C LYS A 5 6.44 6.18 -1.08
N CYS A 6 6.82 4.97 -0.84
CA CYS A 6 5.80 3.88 -0.82
C CYS A 6 5.30 3.63 0.60
N VAL A 7 4.13 4.12 0.93
CA VAL A 7 3.63 3.90 2.31
C VAL A 7 2.19 3.38 2.29
N VAL A 8 1.73 2.82 3.38
CA VAL A 8 0.32 2.31 3.43
C VAL A 8 -0.63 3.49 3.64
N VAL A 9 -1.87 3.37 3.22
CA VAL A 9 -2.82 4.49 3.38
C VAL A 9 -4.27 3.99 3.28
N GLY A 10 -5.22 4.85 3.51
CA GLY A 10 -6.65 4.44 3.45
C GLY A 10 -7.26 4.57 4.85
N ASP A 11 -8.54 4.37 4.98
CA ASP A 11 -9.15 4.49 6.35
C ASP A 11 -8.52 3.44 7.26
N GLY A 12 -8.10 2.35 6.70
CA GLY A 12 -7.47 1.27 7.52
C GLY A 12 -7.44 -0.02 6.70
N ALA A 13 -8.55 -0.72 6.66
CA ALA A 13 -8.61 -1.99 5.88
C ALA A 13 -7.31 -2.79 6.01
N VAL A 14 -6.75 -3.25 4.91
CA VAL A 14 -5.49 -4.07 5.00
C VAL A 14 -4.29 -3.31 4.43
N GLY A 15 -3.11 -3.64 4.89
CA GLY A 15 -1.88 -2.96 4.38
C GLY A 15 -1.04 -3.97 3.58
N LYS A 16 -0.97 -3.81 2.29
CA LYS A 16 -0.17 -4.76 1.47
C LYS A 16 1.26 -4.89 2.01
N THR A 17 1.73 -3.93 2.75
CA THR A 17 3.13 -4.03 3.28
C THR A 17 3.19 -5.05 4.40
N CYS A 18 2.13 -5.20 5.18
CA CYS A 18 2.19 -6.22 6.26
C CYS A 18 2.08 -7.59 5.61
N LEU A 19 1.66 -7.62 4.37
CA LEU A 19 1.56 -8.90 3.67
C LEU A 19 2.84 -9.09 2.86
N LEU A 20 3.49 -8.00 2.56
CA LEU A 20 4.75 -8.07 1.75
C LEU A 20 5.65 -9.16 2.33
N ILE A 21 5.74 -9.19 3.60
CA ILE A 21 6.54 -10.25 4.28
C ILE A 21 5.77 -11.54 4.21
N SER A 22 4.49 -11.45 4.39
CA SER A 22 3.66 -12.66 4.33
C SER A 22 3.93 -13.42 3.02
N TYR A 23 3.92 -12.78 1.87
CA TYR A 23 4.19 -13.54 0.62
C TYR A 23 5.60 -14.12 0.68
N THR A 24 6.52 -13.42 1.29
CA THR A 24 7.92 -13.92 1.34
C THR A 24 8.05 -15.10 2.31
N THR A 25 7.59 -14.98 3.53
CA THR A 25 7.73 -16.18 4.44
C THR A 25 6.97 -16.09 5.77
N ASN A 26 6.63 -14.93 6.20
CA ASN A 26 5.91 -14.82 7.51
C ASN A 26 4.42 -15.16 7.37
N LYS A 27 3.97 -15.31 6.15
CA LYS A 27 2.54 -15.67 5.84
C LYS A 27 1.56 -15.52 7.04
N PHE A 28 0.57 -16.37 7.15
CA PHE A 28 -0.47 -16.20 8.24
C PHE A 28 -0.30 -17.11 9.48
N PRO A 29 -0.16 -18.41 9.29
CA PRO A 29 -0.08 -19.34 10.46
C PRO A 29 1.00 -19.01 11.50
N SER A 30 2.22 -19.50 11.40
CA SER A 30 3.20 -19.18 12.48
C SER A 30 4.64 -19.56 12.10
N GLU A 31 5.22 -18.86 11.19
CA GLU A 31 6.63 -19.15 10.82
C GLU A 31 7.52 -18.14 11.52
N TYR A 32 8.31 -18.59 12.45
CA TYR A 32 9.21 -17.67 13.21
C TYR A 32 10.16 -16.92 12.27
N VAL A 33 9.63 -16.11 11.39
CA VAL A 33 10.49 -15.35 10.46
C VAL A 33 10.31 -13.84 10.72
N PRO A 34 11.16 -13.05 10.11
CA PRO A 34 11.12 -11.58 10.32
C PRO A 34 10.01 -10.87 9.52
N THR A 35 9.35 -9.93 10.16
CA THR A 35 8.27 -9.13 9.49
C THR A 35 8.58 -7.62 9.61
N VAL A 36 8.03 -6.79 8.76
CA VAL A 36 8.32 -5.33 8.83
C VAL A 36 9.80 -5.01 8.58
N PHE A 37 10.66 -6.00 8.47
CA PHE A 37 12.08 -5.71 8.24
C PHE A 37 12.26 -5.09 6.87
N ASP A 38 12.28 -3.79 6.77
CA ASP A 38 12.43 -3.21 5.43
C ASP A 38 12.79 -1.72 5.43
N ASN A 39 14.03 -1.38 5.16
CA ASN A 39 14.38 0.06 5.07
C ASN A 39 15.25 0.27 3.83
N TYR A 40 14.65 0.69 2.75
CA TYR A 40 15.40 0.90 1.47
C TYR A 40 15.32 2.35 1.02
N ALA A 41 16.36 2.85 0.41
CA ALA A 41 16.32 4.26 -0.09
C ALA A 41 17.57 4.53 -0.94
N VAL A 42 17.45 4.43 -2.25
CA VAL A 42 18.64 4.65 -3.12
C VAL A 42 18.27 5.09 -4.52
N THR A 43 19.21 5.01 -5.42
CA THR A 43 18.95 5.43 -6.83
C THR A 43 19.41 4.36 -7.82
N VAL A 44 18.83 4.34 -9.00
CA VAL A 44 19.23 3.35 -10.03
C VAL A 44 19.47 4.07 -11.35
N MET A 45 20.32 3.58 -12.20
CA MET A 45 20.49 4.28 -13.50
C MET A 45 19.91 3.38 -14.58
N ILE A 46 18.68 3.57 -14.91
CA ILE A 46 18.08 2.69 -15.95
C ILE A 46 18.65 3.08 -17.31
N GLY A 47 19.57 2.30 -17.82
CA GLY A 47 20.18 2.63 -19.13
C GLY A 47 20.67 4.09 -19.14
N GLY A 48 21.07 4.60 -18.00
CA GLY A 48 21.57 6.01 -17.96
C GLY A 48 20.54 6.93 -17.30
N GLU A 49 19.48 6.38 -16.78
CA GLU A 49 18.44 7.23 -16.13
C GLU A 49 18.45 6.98 -14.61
N PRO A 50 18.81 8.01 -13.87
CA PRO A 50 18.88 7.89 -12.39
C PRO A 50 17.48 7.80 -11.78
N TYR A 51 17.31 6.95 -10.80
CA TYR A 51 15.96 6.82 -10.17
C TYR A 51 15.96 7.29 -8.71
N THR A 52 14.80 7.53 -8.18
CA THR A 52 14.68 7.98 -6.76
C THR A 52 13.77 7.00 -6.02
N LEU A 53 14.30 6.13 -5.21
CA LEU A 53 13.42 5.15 -4.49
C LEU A 53 13.33 5.49 -3.00
N GLY A 54 12.20 5.21 -2.40
CA GLY A 54 12.03 5.51 -0.94
C GLY A 54 10.84 4.73 -0.41
N LEU A 55 11.08 3.62 0.24
CA LEU A 55 9.95 2.81 0.77
C LEU A 55 10.27 2.29 2.18
N PHE A 56 9.32 2.30 3.07
CA PHE A 56 9.59 1.80 4.44
C PHE A 56 8.27 1.48 5.17
N ASP A 57 8.22 0.40 5.91
CA ASP A 57 6.96 0.05 6.63
C ASP A 57 7.07 0.38 8.12
N THR A 58 5.98 0.32 8.85
CA THR A 58 6.02 0.63 10.31
C THR A 58 7.24 -0.02 11.00
N ALA A 59 7.42 0.27 12.26
CA ALA A 59 8.58 -0.28 13.04
C ALA A 59 8.10 -0.82 14.38
N GLY A 60 7.76 -2.08 14.45
CA GLY A 60 7.35 -2.65 15.75
C GLY A 60 8.58 -2.66 16.65
N GLN A 61 9.00 -1.50 17.08
CA GLN A 61 10.21 -1.41 17.91
C GLN A 61 11.42 -1.87 17.10
N GLU A 62 11.39 -1.71 15.79
CA GLU A 62 12.56 -2.15 14.98
C GLU A 62 13.82 -1.41 15.44
N ASP A 63 13.80 -0.11 15.38
CA ASP A 63 14.99 0.68 15.82
C ASP A 63 14.76 2.17 15.55
N TYR A 64 13.54 2.61 15.55
CA TYR A 64 13.26 4.04 15.26
C TYR A 64 11.97 4.48 15.96
N ASP A 65 11.02 3.59 16.06
CA ASP A 65 9.72 3.91 16.72
C ASP A 65 8.84 4.69 15.74
N ARG A 66 9.12 4.60 14.47
CA ARG A 66 8.27 5.31 13.49
C ARG A 66 6.84 4.82 13.65
N LEU A 67 6.68 3.68 14.26
CA LEU A 67 5.31 3.16 14.49
C LEU A 67 4.50 4.22 15.25
N ARG A 68 5.16 5.18 15.84
CA ARG A 68 4.42 6.23 16.61
C ARG A 68 4.20 7.56 15.83
N PRO A 69 5.25 8.15 15.29
CA PRO A 69 5.11 9.43 14.55
C PRO A 69 4.38 9.27 13.20
N LEU A 70 4.28 8.07 12.70
CA LEU A 70 3.59 7.85 11.40
C LEU A 70 2.17 8.43 11.39
N SER A 71 1.66 8.82 12.53
CA SER A 71 0.28 9.39 12.59
C SER A 71 0.09 10.43 11.47
N TYR A 72 1.14 11.12 11.10
CA TYR A 72 1.02 12.17 10.03
C TYR A 72 1.23 11.56 8.63
N PRO A 73 0.37 11.94 7.72
CA PRO A 73 0.46 11.45 6.33
C PRO A 73 1.53 12.24 5.55
N GLN A 74 2.02 11.68 4.47
CA GLN A 74 3.07 12.35 3.61
C GLN A 74 3.72 11.32 2.69
N THR A 75 3.06 10.96 1.62
CA THR A 75 3.62 9.97 0.68
C THR A 75 3.18 10.29 -0.74
N ASP A 76 4.02 10.93 -1.50
CA ASP A 76 3.64 11.27 -2.91
C ASP A 76 2.85 10.13 -3.55
N VAL A 77 3.10 8.92 -3.16
CA VAL A 77 2.37 7.76 -3.74
C VAL A 77 1.60 7.02 -2.62
N PHE A 78 0.30 6.94 -2.73
CA PHE A 78 -0.48 6.27 -1.66
C PHE A 78 -1.03 4.90 -2.11
N LEU A 79 -0.80 3.89 -1.32
CA LEU A 79 -1.31 2.52 -1.65
C LEU A 79 -2.51 2.21 -0.77
N VAL A 80 -3.69 2.41 -1.28
CA VAL A 80 -4.91 2.14 -0.46
C VAL A 80 -5.60 0.88 -0.93
N CYS A 81 -6.19 0.12 -0.04
CA CYS A 81 -6.88 -1.12 -0.46
C CYS A 81 -8.17 -1.33 0.32
N PHE A 82 -9.27 -1.50 -0.37
CA PHE A 82 -10.57 -1.74 0.34
C PHE A 82 -11.34 -2.89 -0.31
N SER A 83 -12.38 -3.36 0.33
CA SER A 83 -13.18 -4.48 -0.26
C SER A 83 -14.09 -3.94 -1.36
N VAL A 84 -14.58 -4.79 -2.22
CA VAL A 84 -15.46 -4.30 -3.33
C VAL A 84 -16.90 -4.78 -3.13
N VAL A 85 -17.25 -5.25 -1.96
CA VAL A 85 -18.65 -5.73 -1.77
C VAL A 85 -19.33 -5.04 -0.57
N SER A 86 -18.57 -4.43 0.30
CA SER A 86 -19.17 -3.75 1.48
C SER A 86 -20.12 -2.62 1.03
N PRO A 87 -20.41 -1.67 1.89
CA PRO A 87 -21.33 -0.58 1.51
C PRO A 87 -20.67 0.37 0.51
N SER A 88 -21.36 1.37 0.04
CA SER A 88 -20.75 2.31 -0.94
C SER A 88 -19.57 3.05 -0.31
N SER A 89 -18.52 2.33 0.02
CA SER A 89 -17.32 2.96 0.64
C SER A 89 -16.34 3.43 -0.43
N PHE A 90 -16.50 2.96 -1.63
CA PHE A 90 -15.56 3.36 -2.73
C PHE A 90 -16.03 4.66 -3.37
N GLU A 91 -17.27 4.72 -3.73
CA GLU A 91 -17.80 5.97 -4.37
C GLU A 91 -17.77 7.13 -3.38
N ASN A 92 -17.93 6.86 -2.10
CA ASN A 92 -17.91 7.98 -1.12
C ASN A 92 -16.46 8.38 -0.84
N VAL A 93 -15.51 7.57 -1.22
CA VAL A 93 -14.10 7.97 -1.00
C VAL A 93 -13.68 8.86 -2.16
N LYS A 94 -14.38 8.75 -3.26
CA LYS A 94 -14.05 9.61 -4.44
C LYS A 94 -14.50 11.04 -4.14
N GLU A 95 -15.60 11.17 -3.47
CA GLU A 95 -16.11 12.52 -3.12
C GLU A 95 -15.18 13.15 -2.09
N LYS A 96 -14.29 12.36 -1.52
CA LYS A 96 -13.40 12.91 -0.48
C LYS A 96 -12.13 13.55 -1.07
N TRP A 97 -11.42 12.85 -1.89
CA TRP A 97 -10.15 13.43 -2.44
C TRP A 97 -10.37 14.11 -3.80
N VAL A 98 -11.46 13.86 -4.45
CA VAL A 98 -11.68 14.52 -5.78
C VAL A 98 -11.85 16.03 -5.63
N PRO A 99 -12.73 16.45 -4.74
CA PRO A 99 -12.95 17.90 -4.53
C PRO A 99 -11.75 18.50 -3.82
N GLU A 100 -10.98 17.69 -3.16
CA GLU A 100 -9.78 18.24 -2.46
C GLU A 100 -8.89 18.96 -3.48
N ILE A 101 -8.82 18.46 -4.69
CA ILE A 101 -8.00 19.12 -5.75
C ILE A 101 -6.55 19.31 -5.28
N THR A 102 -5.61 18.70 -5.95
CA THR A 102 -4.18 18.84 -5.53
C THR A 102 -3.87 20.31 -5.29
N HIS A 103 -4.60 21.17 -5.94
CA HIS A 103 -4.38 22.63 -5.77
C HIS A 103 -4.98 23.08 -4.43
N HIS A 104 -6.04 22.47 -4.02
CA HIS A 104 -6.67 22.86 -2.72
C HIS A 104 -6.38 21.81 -1.63
N CYS A 105 -5.99 20.63 -2.02
CA CYS A 105 -5.70 19.57 -1.00
C CYS A 105 -4.93 18.42 -1.64
N PRO A 106 -4.53 17.47 -0.84
CA PRO A 106 -3.77 16.30 -1.35
C PRO A 106 -4.66 15.37 -2.20
N LYS A 107 -4.78 15.64 -3.48
CA LYS A 107 -5.60 14.78 -4.38
C LYS A 107 -4.69 13.88 -5.21
N THR A 108 -3.41 13.92 -4.94
CA THR A 108 -2.44 13.08 -5.71
C THR A 108 -3.01 11.66 -5.90
N PRO A 109 -2.66 11.09 -7.02
CA PRO A 109 -3.14 9.73 -7.40
C PRO A 109 -2.75 8.67 -6.36
N PHE A 110 -3.46 7.56 -6.40
CA PHE A 110 -3.23 6.46 -5.45
C PHE A 110 -3.60 5.12 -6.12
N LEU A 111 -2.87 4.11 -5.80
CA LEU A 111 -3.14 2.77 -6.39
C LEU A 111 -4.34 2.12 -5.70
N LEU A 112 -5.46 2.21 -6.33
CA LEU A 112 -6.70 1.61 -5.76
C LEU A 112 -6.52 0.08 -5.64
N VAL A 113 -7.11 -0.55 -4.65
CA VAL A 113 -6.92 -2.04 -4.53
C VAL A 113 -8.15 -2.72 -3.92
N GLY A 114 -8.13 -4.03 -3.90
CA GLY A 114 -9.26 -4.79 -3.29
C GLY A 114 -8.79 -5.44 -1.99
N THR A 115 -9.61 -5.41 -0.97
CA THR A 115 -9.20 -6.02 0.33
C THR A 115 -9.63 -7.47 0.40
N GLN A 116 -8.73 -8.34 0.76
CA GLN A 116 -9.09 -9.79 0.85
C GLN A 116 -9.96 -10.19 -0.32
N ILE A 117 -9.48 -10.04 -1.53
CA ILE A 117 -10.33 -10.46 -2.68
C ILE A 117 -10.59 -11.95 -2.53
N ASP A 118 -9.57 -12.68 -2.16
CA ASP A 118 -9.64 -14.16 -2.01
C ASP A 118 -10.80 -14.56 -1.13
N LEU A 119 -11.95 -14.19 -1.56
CA LEU A 119 -13.22 -14.47 -0.81
C LEU A 119 -14.30 -13.53 -1.35
N ARG A 120 -13.89 -12.40 -1.84
CA ARG A 120 -14.88 -11.44 -2.42
C ARG A 120 -15.82 -12.18 -3.36
N ASP A 121 -15.30 -13.07 -4.15
CA ASP A 121 -16.16 -13.83 -5.10
C ASP A 121 -17.10 -14.76 -4.32
N ASP A 122 -16.89 -14.89 -3.05
CA ASP A 122 -17.77 -15.78 -2.24
C ASP A 122 -19.03 -15.02 -1.85
N PRO A 123 -20.15 -15.51 -2.32
CA PRO A 123 -21.45 -14.87 -2.05
C PRO A 123 -21.99 -15.30 -0.69
N SER A 124 -21.14 -15.71 0.21
CA SER A 124 -21.62 -16.15 1.55
C SER A 124 -21.23 -15.10 2.60
N THR A 125 -20.00 -14.70 2.61
CA THR A 125 -19.58 -13.65 3.57
C THR A 125 -20.14 -12.36 3.01
N ILE A 126 -20.22 -12.32 1.71
CA ILE A 126 -20.81 -11.16 1.01
C ILE A 126 -22.22 -10.96 1.55
N GLU A 127 -22.79 -12.01 2.08
CA GLU A 127 -24.16 -11.95 2.63
C GLU A 127 -24.31 -10.74 3.55
N LYS A 128 -23.33 -10.48 4.35
CA LYS A 128 -23.41 -9.31 5.27
C LYS A 128 -23.28 -8.00 4.48
N LEU A 129 -22.28 -7.91 3.64
CA LEU A 129 -22.06 -6.68 2.84
C LEU A 129 -23.19 -6.48 1.82
N ALA A 130 -23.58 -7.55 1.17
CA ALA A 130 -24.66 -7.44 0.16
C ALA A 130 -25.93 -6.85 0.77
N LYS A 131 -26.28 -7.28 1.95
CA LYS A 131 -27.50 -6.75 2.59
C LYS A 131 -27.45 -5.23 2.60
N ASN A 132 -26.28 -4.66 2.46
CA ASN A 132 -26.18 -3.18 2.48
C ASN A 132 -26.41 -2.60 1.09
N LYS A 133 -25.50 -2.84 0.19
CA LYS A 133 -25.63 -2.29 -1.18
C LYS A 133 -25.57 -3.42 -2.21
N GLN A 134 -26.52 -3.46 -3.11
CA GLN A 134 -26.50 -4.51 -4.15
C GLN A 134 -25.60 -4.07 -5.31
N LYS A 135 -24.88 -2.99 -5.12
CA LYS A 135 -23.98 -2.50 -6.19
C LYS A 135 -22.52 -2.50 -5.71
N PRO A 136 -21.84 -3.58 -6.01
CA PRO A 136 -20.42 -3.74 -5.63
C PRO A 136 -19.52 -2.94 -6.59
N ILE A 137 -18.30 -2.68 -6.20
CA ILE A 137 -17.39 -1.91 -7.09
C ILE A 137 -16.37 -2.85 -7.75
N THR A 138 -15.97 -2.56 -8.97
CA THR A 138 -14.99 -3.44 -9.67
C THR A 138 -13.88 -2.60 -10.30
N PRO A 139 -12.86 -3.26 -10.80
CA PRO A 139 -11.73 -2.55 -11.43
C PRO A 139 -12.13 -1.93 -12.79
N GLU A 140 -13.15 -2.45 -13.42
CA GLU A 140 -13.56 -1.88 -14.73
C GLU A 140 -14.05 -0.45 -14.53
N THR A 141 -15.01 -0.29 -13.66
CA THR A 141 -15.58 1.06 -13.40
C THR A 141 -14.54 1.99 -12.76
N ALA A 142 -13.73 1.49 -11.87
CA ALA A 142 -12.72 2.37 -11.21
C ALA A 142 -11.66 2.84 -12.22
N GLU A 143 -11.38 2.05 -13.21
CA GLU A 143 -10.36 2.45 -14.23
C GLU A 143 -10.70 3.83 -14.79
N LYS A 144 -11.91 4.05 -15.20
CA LYS A 144 -12.29 5.38 -15.72
C LYS A 144 -12.13 6.42 -14.61
N LEU A 145 -12.58 6.10 -13.43
CA LEU A 145 -12.45 7.05 -12.29
C LEU A 145 -10.97 7.35 -12.06
N ALA A 146 -10.13 6.38 -12.31
CA ALA A 146 -8.68 6.59 -12.12
C ALA A 146 -8.16 7.59 -13.14
N ARG A 147 -8.48 7.37 -14.38
CA ARG A 147 -8.03 8.32 -15.43
C ARG A 147 -8.99 9.51 -15.54
N ASP A 148 -10.13 9.46 -14.92
CA ASP A 148 -11.08 10.61 -15.01
C ASP A 148 -10.87 11.59 -13.85
N LEU A 149 -10.59 11.09 -12.68
CA LEU A 149 -10.38 12.01 -11.52
C LEU A 149 -8.90 12.18 -11.24
N LYS A 150 -8.13 11.97 -12.26
CA LYS A 150 -6.65 12.14 -12.14
C LYS A 150 -6.05 11.18 -11.12
N ALA A 151 -6.52 9.98 -11.08
CA ALA A 151 -5.94 8.99 -10.13
C ALA A 151 -4.89 8.18 -10.89
N VAL A 152 -4.59 6.98 -10.47
CA VAL A 152 -3.58 6.18 -11.20
C VAL A 152 -4.22 4.93 -11.77
N LYS A 153 -4.63 4.01 -10.94
CA LYS A 153 -5.24 2.78 -11.52
C LYS A 153 -5.84 1.88 -10.45
N TYR A 154 -6.50 0.84 -10.87
CA TYR A 154 -7.08 -0.11 -9.90
C TYR A 154 -6.21 -1.35 -9.85
N VAL A 155 -5.91 -1.83 -8.69
CA VAL A 155 -5.05 -3.03 -8.57
C VAL A 155 -5.61 -3.97 -7.51
N GLU A 156 -4.86 -4.97 -7.13
CA GLU A 156 -5.35 -5.90 -6.08
C GLU A 156 -4.20 -6.37 -5.19
N CYS A 157 -4.51 -6.91 -4.04
CA CYS A 157 -3.43 -7.39 -3.12
C CYS A 157 -4.04 -8.29 -2.05
N SER A 158 -3.42 -9.40 -1.81
CA SER A 158 -3.94 -10.33 -0.77
C SER A 158 -2.85 -10.53 0.26
N ALA A 159 -3.12 -11.19 1.33
CA ALA A 159 -2.08 -11.36 2.38
C ALA A 159 -1.19 -12.57 2.11
N LEU A 160 -1.63 -13.77 2.39
CA LEU A 160 -0.74 -14.94 2.14
C LEU A 160 -0.98 -15.51 0.74
N THR A 161 -1.93 -15.00 0.02
CA THR A 161 -2.20 -15.53 -1.35
C THR A 161 -1.49 -14.70 -2.43
N GLN A 162 -1.34 -13.42 -2.22
CA GLN A 162 -0.66 -12.54 -3.24
C GLN A 162 -1.62 -12.27 -4.39
N LYS A 163 -2.67 -11.55 -4.16
CA LYS A 163 -3.62 -11.27 -5.28
C LYS A 163 -3.39 -9.84 -5.79
N GLY A 164 -2.73 -9.70 -6.91
CA GLY A 164 -2.46 -8.33 -7.44
C GLY A 164 -1.31 -7.72 -6.65
N LEU A 165 -0.65 -8.52 -5.86
CA LEU A 165 0.48 -8.05 -5.03
C LEU A 165 1.54 -7.37 -5.90
N LYS A 166 1.95 -8.04 -6.93
CA LYS A 166 2.99 -7.46 -7.82
C LYS A 166 2.38 -6.47 -8.82
N ASN A 167 1.07 -6.42 -8.90
CA ASN A 167 0.44 -5.49 -9.86
C ASN A 167 0.30 -4.09 -9.24
N VAL A 168 0.11 -4.03 -7.94
CA VAL A 168 -0.01 -2.70 -7.28
C VAL A 168 1.36 -2.03 -7.28
N PHE A 169 2.38 -2.85 -7.31
CA PHE A 169 3.77 -2.35 -7.31
C PHE A 169 4.17 -1.78 -8.68
N ASP A 170 3.94 -2.52 -9.74
CA ASP A 170 4.34 -2.04 -11.10
C ASP A 170 3.59 -0.76 -11.51
N GLU A 171 2.29 -0.73 -11.38
CA GLU A 171 1.53 0.49 -11.78
C GLU A 171 1.97 1.71 -10.97
N ALA A 172 2.18 1.56 -9.70
CA ALA A 172 2.61 2.71 -8.88
C ALA A 172 3.93 3.27 -9.39
N ILE A 173 4.68 2.47 -10.09
CA ILE A 173 5.98 2.98 -10.63
C ILE A 173 5.73 4.14 -11.59
N LEU A 174 4.77 4.00 -12.47
CA LEU A 174 4.50 5.09 -13.44
C LEU A 174 3.86 6.28 -12.71
N ALA A 175 2.89 6.02 -11.88
CA ALA A 175 2.21 7.14 -11.15
C ALA A 175 3.03 7.54 -9.93
N ALA A 176 4.19 6.97 -9.74
CA ALA A 176 5.01 7.32 -8.56
C ALA A 176 5.85 8.57 -8.85
N LEU A 177 6.38 8.67 -10.03
CA LEU A 177 7.25 9.84 -10.37
C LEU A 177 6.46 10.86 -11.20
N GLU A 178 5.35 10.45 -11.73
CA GLU A 178 4.53 11.39 -12.56
C GLU A 178 3.75 12.37 -11.68
N GLY B 1 9.86 10.25 -20.74
CA GLY B 1 11.02 9.82 -19.90
C GLY B 1 11.13 8.30 -19.92
N SER B 2 11.96 7.75 -19.07
CA SER B 2 12.13 6.27 -19.03
C SER B 2 11.29 5.67 -17.90
N LYS B 3 10.16 6.24 -17.60
CA LYS B 3 9.32 5.71 -16.49
C LYS B 3 9.11 4.19 -16.65
N GLU B 4 10.00 3.41 -16.11
CA GLU B 4 9.87 1.93 -16.22
C GLU B 4 10.14 1.26 -14.88
N ARG B 5 9.81 0.00 -14.76
CA ARG B 5 10.06 -0.73 -13.49
C ARG B 5 11.59 -0.92 -13.34
N PRO B 6 12.05 -1.94 -12.63
CA PRO B 6 13.50 -2.10 -12.47
C PRO B 6 14.12 -2.53 -13.81
N GLU B 7 14.38 -1.56 -14.65
CA GLU B 7 14.96 -1.85 -15.99
C GLU B 7 16.08 -2.89 -15.90
N ILE B 8 16.51 -3.39 -17.03
CA ILE B 8 17.63 -4.35 -17.05
C ILE B 8 18.92 -3.58 -17.21
N SER B 9 18.79 -2.42 -17.75
CA SER B 9 19.94 -1.54 -18.03
C SER B 9 20.75 -1.23 -16.76
N LEU B 10 21.61 -0.27 -16.85
CA LEU B 10 22.52 0.10 -15.73
C LEU B 10 21.88 -0.02 -14.34
N PRO B 11 22.44 -0.90 -13.55
CA PRO B 11 21.99 -1.10 -12.16
C PRO B 11 22.85 -0.24 -11.22
N SER B 12 22.30 0.78 -10.63
CA SER B 12 23.12 1.63 -9.72
C SER B 12 23.12 1.05 -8.31
N ASP B 13 23.59 1.79 -7.36
CA ASP B 13 23.59 1.29 -5.96
C ASP B 13 22.26 0.64 -5.63
N PHE B 14 22.27 -0.37 -4.81
CA PHE B 14 21.00 -1.06 -4.45
C PHE B 14 20.39 -0.42 -3.20
N GLU B 15 19.14 -0.68 -2.94
CA GLU B 15 18.46 -0.05 -1.75
C GLU B 15 19.26 -0.25 -0.47
N HIS B 16 18.73 0.27 0.61
CA HIS B 16 19.42 0.19 1.94
C HIS B 16 19.20 -1.16 2.64
N THR B 17 19.54 -1.24 3.90
CA THR B 17 19.37 -2.51 4.68
C THR B 17 17.94 -2.57 5.25
N ILE B 18 17.42 -3.76 5.46
CA ILE B 18 16.04 -3.88 6.01
C ILE B 18 16.07 -4.71 7.31
N HIS B 19 15.48 -4.23 8.37
CA HIS B 19 15.51 -5.03 9.63
C HIS B 19 14.18 -4.94 10.42
N VAL B 20 13.87 -5.98 11.16
CA VAL B 20 12.61 -6.02 11.97
C VAL B 20 12.92 -6.21 13.46
N GLY B 21 12.03 -5.77 14.31
CA GLY B 21 12.22 -5.96 15.78
C GLY B 21 10.98 -6.69 16.30
N PHE B 22 10.70 -7.84 15.74
CA PHE B 22 9.49 -8.60 16.14
C PHE B 22 9.30 -9.80 15.19
N ASP B 23 9.66 -10.98 15.61
CA ASP B 23 9.51 -12.17 14.72
C ASP B 23 8.03 -12.41 14.37
N ALA B 24 7.76 -12.78 13.15
CA ALA B 24 6.35 -13.05 12.70
C ALA B 24 5.37 -12.14 13.42
N VAL B 25 5.48 -10.86 13.25
CA VAL B 25 4.53 -9.93 13.93
C VAL B 25 3.63 -9.23 12.91
N THR B 26 4.09 -9.06 11.70
CA THR B 26 3.27 -8.37 10.67
C THR B 26 3.02 -9.28 9.45
N GLY B 27 3.71 -10.38 9.34
CA GLY B 27 3.50 -11.28 8.17
C GLY B 27 2.16 -11.97 8.35
N GLU B 28 1.78 -12.19 9.57
CA GLU B 28 0.49 -12.84 9.86
C GLU B 28 -0.63 -11.83 9.81
N PHE B 29 -1.30 -11.76 8.71
CA PHE B 29 -2.41 -10.80 8.57
C PHE B 29 -3.74 -11.57 8.51
N THR B 30 -4.77 -11.02 9.07
CA THR B 30 -6.07 -11.74 9.07
C THR B 30 -7.24 -10.74 9.02
N GLY B 31 -7.11 -9.65 9.74
CA GLY B 31 -8.21 -8.66 9.76
C GLY B 31 -7.78 -7.35 9.10
N ILE B 32 -8.39 -6.26 9.48
CA ILE B 32 -8.06 -4.95 8.87
C ILE B 32 -7.46 -3.98 9.90
N PRO B 33 -6.22 -4.21 10.23
CA PRO B 33 -5.53 -3.32 11.19
C PRO B 33 -5.19 -2.00 10.50
N GLU B 34 -4.73 -1.04 11.24
CA GLU B 34 -4.41 0.29 10.63
C GLU B 34 -3.30 0.17 9.57
N GLN B 35 -3.06 1.24 8.85
CA GLN B 35 -2.00 1.22 7.81
C GLN B 35 -0.68 1.77 8.36
N TRP B 36 -0.56 1.83 9.67
CA TRP B 36 0.71 2.34 10.28
C TRP B 36 1.03 3.77 9.83
N ALA B 37 0.10 4.66 9.97
CA ALA B 37 0.36 6.08 9.56
C ALA B 37 -0.85 6.99 9.86
N ARG B 38 -1.93 6.83 9.15
CA ARG B 38 -3.13 7.70 9.39
C ARG B 38 -3.44 7.79 10.90
N LEU B 39 -3.23 6.71 11.60
CA LEU B 39 -3.48 6.66 13.05
C LEU B 39 -4.79 7.35 13.47
N LEU B 40 -5.71 7.53 12.56
CA LEU B 40 -7.00 8.20 12.97
C LEU B 40 -8.19 7.28 12.67
N GLN B 41 -7.92 6.07 12.31
CA GLN B 41 -9.01 5.08 12.01
C GLN B 41 -9.74 5.41 10.69
N THR B 42 -9.56 6.59 10.16
CA THR B 42 -10.25 6.96 8.89
C THR B 42 -9.26 7.59 7.92
N SER B 43 -9.64 7.74 6.67
CA SER B 43 -8.72 8.34 5.67
C SER B 43 -8.87 9.87 5.66
N ASN B 44 -9.00 10.48 6.81
CA ASN B 44 -9.15 11.97 6.84
C ASN B 44 -7.78 12.65 6.97
N ILE B 45 -7.38 13.38 5.96
CA ILE B 45 -6.07 14.09 6.01
C ILE B 45 -6.27 15.54 6.40
N THR B 46 -7.34 16.14 5.94
CA THR B 46 -7.60 17.57 6.27
C THR B 46 -7.28 17.85 7.74
N MET A 1 8.02 13.70 -12.69
CA MET A 1 9.00 13.55 -11.57
C MET A 1 9.53 12.12 -11.51
N GLN A 2 10.26 11.78 -10.48
CA GLN A 2 10.80 10.41 -10.37
C GLN A 2 10.81 9.95 -8.91
N THR A 3 10.63 10.86 -7.99
CA THR A 3 10.66 10.47 -6.56
C THR A 3 9.41 9.69 -6.16
N ILE A 4 9.57 8.44 -5.84
CA ILE A 4 8.38 7.66 -5.39
C ILE A 4 8.47 7.43 -3.89
N LYS A 5 7.49 7.88 -3.18
CA LYS A 5 7.49 7.68 -1.72
C LYS A 5 6.71 6.40 -1.43
N CYS A 6 7.35 5.39 -0.95
CA CYS A 6 6.63 4.13 -0.66
C CYS A 6 6.32 4.05 0.83
N VAL A 7 5.09 4.27 1.21
CA VAL A 7 4.76 4.22 2.66
C VAL A 7 3.38 3.61 2.89
N VAL A 8 3.20 2.91 3.99
CA VAL A 8 1.88 2.29 4.26
C VAL A 8 0.80 3.36 4.34
N VAL A 9 -0.36 3.08 3.83
CA VAL A 9 -1.45 4.09 3.88
C VAL A 9 -2.01 4.24 5.29
N GLY A 10 -3.10 4.94 5.43
CA GLY A 10 -3.70 5.11 6.77
C GLY A 10 -5.18 4.76 6.70
N ASP A 11 -5.62 4.17 5.62
CA ASP A 11 -7.05 3.79 5.51
C ASP A 11 -7.47 3.02 6.76
N GLY A 12 -6.66 2.08 7.16
CA GLY A 12 -6.99 1.28 8.37
C GLY A 12 -6.76 -0.19 8.06
N ALA A 13 -6.59 -0.52 6.81
CA ALA A 13 -6.35 -1.95 6.44
C ALA A 13 -4.96 -2.36 6.92
N VAL A 14 -4.64 -3.62 6.82
CA VAL A 14 -3.29 -4.05 7.27
C VAL A 14 -2.22 -3.29 6.49
N GLY A 15 -1.01 -3.24 6.99
CA GLY A 15 0.06 -2.50 6.27
C GLY A 15 0.45 -3.26 5.00
N LYS A 16 0.16 -2.72 3.85
CA LYS A 16 0.55 -3.43 2.60
C LYS A 16 2.01 -3.83 2.70
N THR A 17 2.79 -3.06 3.43
CA THR A 17 4.23 -3.39 3.58
C THR A 17 4.37 -4.77 4.23
N CYS A 18 3.44 -5.13 5.09
CA CYS A 18 3.53 -6.46 5.74
C CYS A 18 2.97 -7.54 4.81
N LEU A 19 2.27 -7.13 3.77
CA LEU A 19 1.71 -8.13 2.82
C LEU A 19 2.69 -8.36 1.68
N LEU A 20 3.43 -7.35 1.34
CA LEU A 20 4.46 -7.51 0.27
C LEU A 20 5.51 -8.47 0.78
N ILE A 21 5.71 -8.44 2.07
CA ILE A 21 6.70 -9.34 2.73
C ILE A 21 6.19 -10.76 2.75
N SER A 22 4.96 -10.95 3.10
CA SER A 22 4.43 -12.33 3.15
C SER A 22 4.78 -13.03 1.83
N TYR A 23 4.96 -12.28 0.77
CA TYR A 23 5.35 -12.90 -0.53
C TYR A 23 6.88 -13.03 -0.56
N THR A 24 7.55 -12.17 0.17
CA THR A 24 9.04 -12.19 0.18
C THR A 24 9.59 -13.13 1.27
N THR A 25 8.90 -13.27 2.38
CA THR A 25 9.42 -14.17 3.44
C THR A 25 8.86 -15.57 3.26
N ASN A 26 7.66 -15.78 3.71
CA ASN A 26 7.04 -17.12 3.56
C ASN A 26 5.54 -17.00 3.41
N LYS A 27 4.95 -15.97 4.01
CA LYS A 27 3.46 -15.73 3.96
C LYS A 27 2.98 -15.13 5.28
N PHE A 28 1.83 -15.54 5.75
CA PHE A 28 1.27 -14.97 7.01
C PHE A 28 1.03 -16.03 8.11
N PRO A 29 0.17 -16.99 7.84
CA PRO A 29 -0.15 -18.02 8.87
C PRO A 29 1.02 -18.97 9.18
N SER A 30 2.16 -18.80 8.56
CA SER A 30 3.29 -19.73 8.87
C SER A 30 4.63 -19.17 8.40
N GLU A 31 4.99 -18.02 8.89
CA GLU A 31 6.29 -17.41 8.48
C GLU A 31 6.95 -16.73 9.69
N TYR A 32 7.73 -17.46 10.44
CA TYR A 32 8.40 -16.84 11.62
C TYR A 32 9.63 -16.07 11.16
N VAL A 33 9.45 -15.14 10.26
CA VAL A 33 10.59 -14.35 9.75
C VAL A 33 10.72 -13.03 10.51
N PRO A 34 11.89 -12.80 11.05
CA PRO A 34 12.14 -11.56 11.83
C PRO A 34 12.21 -10.35 10.90
N THR A 35 11.13 -9.65 10.70
CA THR A 35 11.16 -8.47 9.79
C THR A 35 10.06 -7.45 10.16
N VAL A 36 10.21 -6.22 9.70
CA VAL A 36 9.21 -5.12 9.96
C VAL A 36 9.90 -3.76 9.78
N PHE A 37 10.65 -3.35 10.77
CA PHE A 37 11.35 -2.03 10.66
C PHE A 37 12.33 -2.01 9.50
N ASP A 38 12.38 -0.91 8.80
CA ASP A 38 13.32 -0.79 7.66
C ASP A 38 13.46 0.68 7.29
N ASN A 39 14.33 1.41 7.94
CA ASN A 39 14.44 2.87 7.63
C ASN A 39 15.69 3.17 6.79
N TYR A 40 15.52 3.38 5.53
CA TYR A 40 16.69 3.69 4.65
C TYR A 40 16.20 4.15 3.27
N ALA A 41 17.09 4.24 2.31
CA ALA A 41 16.67 4.70 0.96
C ALA A 41 17.39 3.90 -0.12
N VAL A 42 16.93 3.97 -1.34
CA VAL A 42 17.61 3.21 -2.43
C VAL A 42 17.33 3.85 -3.80
N THR A 43 17.99 3.37 -4.80
CA THR A 43 17.78 3.92 -6.17
C THR A 43 17.80 2.78 -7.20
N VAL A 44 17.02 2.89 -8.24
CA VAL A 44 17.03 1.80 -9.25
C VAL A 44 17.78 2.28 -10.50
N MET A 45 18.04 1.38 -11.41
CA MET A 45 18.77 1.78 -12.65
C MET A 45 18.22 1.00 -13.85
N ILE A 46 17.75 1.69 -14.83
CA ILE A 46 17.20 1.00 -16.03
C ILE A 46 17.66 1.72 -17.30
N GLY A 47 18.18 1.02 -18.26
CA GLY A 47 18.64 1.71 -19.50
C GLY A 47 19.47 2.93 -19.12
N GLY A 48 20.03 2.95 -17.94
CA GLY A 48 20.86 4.12 -17.51
C GLY A 48 20.00 5.13 -16.76
N GLU A 49 18.75 4.84 -16.55
CA GLU A 49 17.86 5.80 -15.83
C GLU A 49 17.80 5.48 -14.33
N PRO A 50 18.37 6.34 -13.54
CA PRO A 50 18.35 6.16 -12.07
C PRO A 50 16.93 6.38 -11.53
N TYR A 51 16.60 5.76 -10.43
CA TYR A 51 15.22 5.93 -9.88
C TYR A 51 15.27 6.62 -8.51
N THR A 52 14.16 7.11 -8.06
CA THR A 52 14.10 7.81 -6.74
C THR A 52 13.03 7.16 -5.87
N LEU A 53 13.42 6.50 -4.80
CA LEU A 53 12.39 5.85 -3.93
C LEU A 53 12.81 5.87 -2.46
N GLY A 54 11.97 5.33 -1.61
CA GLY A 54 12.28 5.29 -0.15
C GLY A 54 11.27 4.37 0.55
N LEU A 55 11.74 3.49 1.40
CA LEU A 55 10.80 2.57 2.10
C LEU A 55 10.97 2.68 3.61
N PHE A 56 9.91 2.97 4.33
CA PHE A 56 10.03 3.09 5.80
C PHE A 56 8.90 2.33 6.50
N ASP A 57 9.22 1.28 7.22
CA ASP A 57 8.16 0.51 7.95
C ASP A 57 8.02 1.05 9.36
N THR A 58 6.81 1.25 9.81
CA THR A 58 6.59 1.80 11.18
C THR A 58 6.63 0.70 12.25
N ALA A 59 7.76 0.54 12.91
CA ALA A 59 7.88 -0.49 13.99
C ALA A 59 9.35 -0.74 14.31
N GLY A 60 10.04 0.27 14.78
CA GLY A 60 11.48 0.11 15.11
C GLY A 60 11.70 -1.25 15.79
N GLN A 61 10.70 -1.73 16.50
CA GLN A 61 10.86 -3.05 17.16
C GLN A 61 9.52 -3.54 17.72
N GLU A 62 8.41 -3.06 17.21
CA GLU A 62 7.10 -3.53 17.74
C GLU A 62 6.03 -3.48 16.64
N ASP A 63 5.28 -2.41 16.53
CA ASP A 63 4.23 -2.35 15.46
C ASP A 63 3.30 -1.15 15.66
N TYR A 64 3.85 0.01 15.89
CA TYR A 64 2.97 1.20 16.08
C TYR A 64 3.75 2.51 15.91
N ASP A 65 4.93 2.61 16.48
CA ASP A 65 5.74 3.86 16.34
C ASP A 65 5.23 4.98 17.23
N ARG A 66 6.00 5.38 18.20
CA ARG A 66 5.57 6.49 19.09
C ARG A 66 5.25 7.70 18.22
N LEU A 67 5.78 7.73 17.03
CA LEU A 67 5.48 8.86 16.11
C LEU A 67 4.17 8.57 15.38
N ARG A 68 3.50 7.50 15.74
CA ARG A 68 2.22 7.15 15.06
C ARG A 68 1.20 8.31 15.00
N PRO A 69 1.15 9.19 16.00
CA PRO A 69 0.17 10.30 15.91
C PRO A 69 0.62 11.35 14.89
N LEU A 70 0.48 11.08 13.61
CA LEU A 70 0.94 12.08 12.60
C LEU A 70 -0.26 12.88 12.04
N SER A 71 -1.40 12.27 12.00
CA SER A 71 -2.59 12.99 11.45
C SER A 71 -2.24 13.76 10.16
N TYR A 72 -1.21 13.33 9.47
CA TYR A 72 -0.84 14.06 8.21
C TYR A 72 0.10 13.22 7.33
N PRO A 73 -0.47 12.58 6.34
CA PRO A 73 0.33 11.75 5.40
C PRO A 73 1.20 12.62 4.49
N GLN A 74 2.13 12.02 3.79
CA GLN A 74 3.02 12.78 2.89
C GLN A 74 3.82 11.81 2.00
N THR A 75 3.15 11.12 1.12
CA THR A 75 3.85 10.16 0.23
C THR A 75 3.17 10.14 -1.14
N ASP A 76 3.72 10.87 -2.06
CA ASP A 76 3.13 10.93 -3.44
C ASP A 76 2.49 9.59 -3.83
N VAL A 77 3.01 8.51 -3.35
CA VAL A 77 2.42 7.18 -3.71
C VAL A 77 1.98 6.42 -2.44
N PHE A 78 0.72 6.11 -2.36
CA PHE A 78 0.20 5.36 -1.17
C PHE A 78 -0.33 3.99 -1.62
N LEU A 79 -0.11 2.96 -0.85
CA LEU A 79 -0.63 1.62 -1.23
C LEU A 79 -1.68 1.18 -0.22
N VAL A 80 -2.93 1.36 -0.55
CA VAL A 80 -4.02 0.99 0.40
C VAL A 80 -4.72 -0.29 -0.05
N CYS A 81 -5.19 -1.07 0.89
CA CYS A 81 -5.89 -2.32 0.51
C CYS A 81 -7.18 -2.49 1.31
N PHE A 82 -8.27 -2.67 0.63
CA PHE A 82 -9.56 -2.86 1.37
C PHE A 82 -10.37 -3.99 0.73
N SER A 83 -11.27 -4.58 1.49
CA SER A 83 -12.06 -5.74 0.96
C SER A 83 -13.28 -5.28 0.14
N VAL A 84 -13.52 -5.93 -0.96
CA VAL A 84 -14.67 -5.58 -1.83
C VAL A 84 -15.90 -6.39 -1.41
N VAL A 85 -15.77 -7.19 -0.38
CA VAL A 85 -16.91 -8.02 0.09
C VAL A 85 -17.26 -7.64 1.52
N SER A 86 -17.37 -6.37 1.76
CA SER A 86 -17.69 -5.86 3.13
C SER A 86 -18.79 -4.81 3.02
N PRO A 87 -19.24 -4.32 4.15
CA PRO A 87 -20.32 -3.29 4.13
C PRO A 87 -19.80 -1.96 3.59
N SER A 88 -20.69 -1.13 3.12
CA SER A 88 -20.32 0.20 2.55
C SER A 88 -19.06 0.77 3.20
N SER A 89 -17.91 0.41 2.70
CA SER A 89 -16.65 0.95 3.28
C SER A 89 -15.91 1.78 2.23
N PHE A 90 -15.66 1.23 1.07
CA PHE A 90 -14.95 2.02 0.02
C PHE A 90 -15.63 3.38 -0.14
N GLU A 91 -16.93 3.42 -0.06
CA GLU A 91 -17.65 4.72 -0.18
C GLU A 91 -17.20 5.66 0.93
N ASN A 92 -16.94 5.13 2.09
CA ASN A 92 -16.49 6.01 3.22
C ASN A 92 -15.07 6.53 2.94
N VAL A 93 -14.39 5.93 2.00
CA VAL A 93 -13.02 6.41 1.68
C VAL A 93 -13.10 7.51 0.62
N LYS A 94 -14.22 7.62 -0.02
CA LYS A 94 -14.40 8.67 -1.05
C LYS A 94 -14.85 9.94 -0.35
N GLU A 95 -15.54 9.78 0.74
CA GLU A 95 -16.02 10.94 1.51
C GLU A 95 -15.02 11.27 2.62
N LYS A 96 -13.90 10.59 2.64
CA LYS A 96 -12.91 10.86 3.72
C LYS A 96 -11.82 11.85 3.29
N TRP A 97 -11.19 11.62 2.18
CA TRP A 97 -10.11 12.57 1.76
C TRP A 97 -10.58 13.48 0.61
N VAL A 98 -11.54 13.05 -0.16
CA VAL A 98 -12.01 13.93 -1.27
C VAL A 98 -12.67 15.20 -0.70
N PRO A 99 -13.45 15.04 0.34
CA PRO A 99 -14.13 16.20 0.95
C PRO A 99 -13.19 16.93 1.91
N GLU A 100 -12.19 16.25 2.43
CA GLU A 100 -11.25 16.92 3.37
C GLU A 100 -10.04 17.47 2.61
N ILE A 101 -10.06 17.41 1.31
CA ILE A 101 -8.92 17.92 0.51
C ILE A 101 -7.63 17.20 0.87
N THR A 102 -7.18 16.30 0.02
CA THR A 102 -5.92 15.57 0.30
C THR A 102 -4.88 16.59 0.77
N HIS A 103 -4.20 17.20 -0.16
CA HIS A 103 -3.18 18.23 0.21
C HIS A 103 -3.66 19.60 -0.31
N HIS A 104 -4.74 19.60 -1.06
CA HIS A 104 -5.29 20.87 -1.65
C HIS A 104 -6.15 20.52 -2.88
N CYS A 105 -6.54 19.27 -3.01
CA CYS A 105 -7.32 18.79 -4.20
C CYS A 105 -6.36 18.48 -5.37
N PRO A 106 -5.17 17.98 -5.05
CA PRO A 106 -4.20 17.63 -6.12
C PRO A 106 -4.55 16.27 -6.71
N LYS A 107 -5.32 15.50 -6.00
CA LYS A 107 -5.71 14.15 -6.49
C LYS A 107 -4.47 13.25 -6.59
N THR A 108 -3.74 13.12 -5.52
CA THR A 108 -2.52 12.26 -5.52
C THR A 108 -2.89 10.86 -6.03
N PRO A 109 -1.92 10.13 -6.51
CA PRO A 109 -2.18 8.76 -7.02
C PRO A 109 -2.51 7.82 -5.86
N PHE A 110 -3.46 6.95 -6.06
CA PHE A 110 -3.84 6.00 -4.97
C PHE A 110 -4.01 4.59 -5.55
N LEU A 111 -3.15 3.68 -5.20
CA LEU A 111 -3.27 2.31 -5.74
C LEU A 111 -4.38 1.59 -4.99
N LEU A 112 -5.53 1.55 -5.58
CA LEU A 112 -6.68 0.86 -4.96
C LEU A 112 -6.45 -0.65 -4.97
N VAL A 113 -6.82 -1.36 -3.93
CA VAL A 113 -6.57 -2.83 -3.91
C VAL A 113 -7.72 -3.61 -3.28
N GLY A 114 -7.70 -4.91 -3.43
CA GLY A 114 -8.75 -5.77 -2.83
C GLY A 114 -8.14 -6.52 -1.63
N THR A 115 -8.96 -7.00 -0.73
CA THR A 115 -8.38 -7.72 0.46
C THR A 115 -8.80 -9.19 0.47
N GLN A 116 -7.85 -10.07 0.43
CA GLN A 116 -8.15 -11.54 0.47
C GLN A 116 -9.31 -11.88 -0.46
N ILE A 117 -9.21 -11.54 -1.71
CA ILE A 117 -10.32 -11.89 -2.66
C ILE A 117 -10.58 -13.40 -2.59
N ASP A 118 -9.57 -14.12 -2.15
CA ASP A 118 -9.61 -15.62 -2.08
C ASP A 118 -10.85 -16.10 -1.34
N LEU A 119 -11.96 -15.76 -1.90
CA LEU A 119 -13.28 -16.13 -1.32
C LEU A 119 -14.34 -15.20 -1.89
N ARG A 120 -13.92 -14.05 -2.32
CA ARG A 120 -14.88 -13.07 -2.92
C ARG A 120 -15.73 -13.79 -3.98
N ASP A 121 -15.12 -14.60 -4.79
CA ASP A 121 -15.92 -15.34 -5.82
C ASP A 121 -17.07 -16.07 -5.13
N ASP A 122 -16.95 -16.29 -3.85
CA ASP A 122 -18.04 -17.00 -3.11
C ASP A 122 -19.16 -16.02 -2.72
N PRO A 123 -20.32 -16.28 -3.24
CA PRO A 123 -21.50 -15.43 -2.95
C PRO A 123 -22.25 -15.96 -1.72
N SER A 124 -21.57 -16.69 -0.88
CA SER A 124 -22.24 -17.24 0.33
C SER A 124 -21.89 -16.41 1.56
N THR A 125 -20.64 -16.15 1.76
CA THR A 125 -20.26 -15.28 2.90
C THR A 125 -20.54 -13.86 2.43
N ILE A 126 -20.47 -13.69 1.14
CA ILE A 126 -20.78 -12.40 0.52
C ILE A 126 -22.20 -12.02 0.95
N GLU A 127 -22.99 -13.01 1.24
CA GLU A 127 -24.40 -12.78 1.67
C GLU A 127 -24.47 -11.73 2.77
N LYS A 128 -23.51 -11.70 3.64
CA LYS A 128 -23.52 -10.72 4.76
C LYS A 128 -23.49 -9.29 4.21
N LEU A 129 -22.74 -9.05 3.16
CA LEU A 129 -22.67 -7.67 2.60
C LEU A 129 -24.06 -7.20 2.17
N ALA A 130 -24.91 -8.11 1.73
CA ALA A 130 -26.27 -7.70 1.31
C ALA A 130 -26.97 -6.97 2.45
N LYS A 131 -26.88 -7.51 3.63
CA LYS A 131 -27.54 -6.86 4.80
C LYS A 131 -27.07 -5.41 4.94
N ASN A 132 -25.98 -5.05 4.32
CA ASN A 132 -25.48 -3.65 4.43
C ASN A 132 -25.30 -3.01 3.06
N LYS A 133 -25.23 -3.79 2.02
CA LYS A 133 -25.05 -3.22 0.66
C LYS A 133 -25.35 -4.28 -0.41
N GLN A 134 -26.42 -4.11 -1.12
CA GLN A 134 -26.78 -5.09 -2.19
C GLN A 134 -25.83 -4.97 -3.37
N LYS A 135 -25.24 -3.82 -3.54
CA LYS A 135 -24.30 -3.63 -4.68
C LYS A 135 -22.85 -3.80 -4.22
N PRO A 136 -22.28 -4.92 -4.56
CA PRO A 136 -20.88 -5.21 -4.17
C PRO A 136 -19.92 -4.34 -4.99
N ILE A 137 -18.75 -4.08 -4.46
CA ILE A 137 -17.78 -3.25 -5.21
C ILE A 137 -16.84 -4.16 -6.00
N THR A 138 -16.58 -3.84 -7.23
CA THR A 138 -15.69 -4.72 -8.04
C THR A 138 -14.52 -3.89 -8.59
N PRO A 139 -13.55 -4.57 -9.13
CA PRO A 139 -12.35 -3.88 -9.68
C PRO A 139 -12.74 -3.02 -10.90
N GLU A 140 -13.90 -3.25 -11.45
CA GLU A 140 -14.32 -2.46 -12.64
C GLU A 140 -14.95 -1.13 -12.19
N THR A 141 -15.68 -1.15 -11.12
CA THR A 141 -16.33 0.09 -10.62
C THR A 141 -15.33 0.96 -9.86
N ALA A 142 -14.38 0.34 -9.19
CA ALA A 142 -13.39 1.13 -8.40
C ALA A 142 -12.47 1.92 -9.33
N GLU A 143 -11.97 1.32 -10.36
CA GLU A 143 -11.06 2.05 -11.28
C GLU A 143 -11.83 3.19 -11.95
N LYS A 144 -13.12 3.05 -12.10
CA LYS A 144 -13.92 4.15 -12.72
C LYS A 144 -13.93 5.34 -11.76
N LEU A 145 -14.12 5.08 -10.50
CA LEU A 145 -14.10 6.18 -9.51
C LEU A 145 -12.71 6.79 -9.51
N ALA A 146 -11.71 5.95 -9.48
CA ALA A 146 -10.31 6.46 -9.52
C ALA A 146 -10.15 7.40 -10.70
N ARG A 147 -10.68 7.03 -11.81
CA ARG A 147 -10.60 7.90 -13.02
C ARG A 147 -11.16 9.27 -12.70
N ASP A 148 -12.09 9.34 -11.78
CA ASP A 148 -12.69 10.65 -11.41
C ASP A 148 -11.75 11.45 -10.50
N LEU A 149 -11.17 10.80 -9.53
CA LEU A 149 -10.25 11.52 -8.60
C LEU A 149 -8.84 11.49 -9.19
N LYS A 150 -8.74 11.06 -10.41
CA LYS A 150 -7.41 11.00 -11.08
C LYS A 150 -6.48 10.08 -10.30
N ALA A 151 -7.04 9.13 -9.63
CA ALA A 151 -6.22 8.16 -8.85
C ALA A 151 -5.27 7.43 -9.81
N VAL A 152 -4.87 6.22 -9.51
CA VAL A 152 -3.97 5.51 -10.44
C VAL A 152 -4.64 4.25 -11.01
N LYS A 153 -4.95 3.28 -10.21
CA LYS A 153 -5.61 2.08 -10.77
C LYS A 153 -6.04 1.09 -9.68
N TYR A 154 -7.19 0.48 -9.83
CA TYR A 154 -7.63 -0.51 -8.82
C TYR A 154 -7.02 -1.88 -9.13
N VAL A 155 -6.07 -2.30 -8.34
CA VAL A 155 -5.42 -3.63 -8.58
C VAL A 155 -5.95 -4.66 -7.58
N GLU A 156 -5.33 -5.80 -7.53
CA GLU A 156 -5.78 -6.86 -6.58
C GLU A 156 -4.61 -7.34 -5.72
N CYS A 157 -4.89 -7.96 -4.60
CA CYS A 157 -3.81 -8.43 -3.69
C CYS A 157 -4.37 -9.39 -2.66
N SER A 158 -3.69 -10.47 -2.43
CA SER A 158 -4.14 -11.41 -1.38
C SER A 158 -2.93 -11.72 -0.50
N ALA A 159 -2.70 -10.85 0.43
CA ALA A 159 -1.54 -10.97 1.34
C ALA A 159 -1.12 -12.43 1.60
N LEU A 160 -2.02 -13.28 1.99
CA LEU A 160 -1.63 -14.69 2.26
C LEU A 160 -1.31 -15.44 0.97
N THR A 161 -2.20 -15.44 0.01
CA THR A 161 -1.93 -16.17 -1.25
C THR A 161 -1.12 -15.31 -2.23
N GLN A 162 -1.78 -14.55 -3.07
CA GLN A 162 -1.06 -13.68 -4.06
C GLN A 162 -2.01 -13.33 -5.19
N LYS A 163 -2.89 -12.41 -4.97
CA LYS A 163 -3.84 -12.04 -6.06
C LYS A 163 -3.46 -10.69 -6.66
N GLY A 164 -2.36 -10.63 -7.35
CA GLY A 164 -1.92 -9.35 -7.97
C GLY A 164 -1.31 -8.47 -6.89
N LEU A 165 -1.28 -8.95 -5.68
CA LEU A 165 -0.69 -8.17 -4.59
C LEU A 165 0.68 -7.64 -4.99
N LYS A 166 1.49 -8.46 -5.59
CA LYS A 166 2.82 -7.98 -6.04
C LYS A 166 2.65 -7.02 -7.23
N ASN A 167 1.56 -7.18 -7.95
CA ASN A 167 1.32 -6.30 -9.14
C ASN A 167 0.87 -4.90 -8.72
N VAL A 168 0.12 -4.77 -7.65
CA VAL A 168 -0.33 -3.41 -7.24
C VAL A 168 0.87 -2.50 -7.02
N PHE A 169 1.81 -2.96 -6.26
CA PHE A 169 3.01 -2.13 -5.99
C PHE A 169 3.75 -1.79 -7.29
N ASP A 170 3.83 -2.74 -8.20
CA ASP A 170 4.54 -2.45 -9.49
C ASP A 170 3.87 -1.31 -10.24
N GLU A 171 2.57 -1.32 -10.35
CA GLU A 171 1.87 -0.22 -11.07
C GLU A 171 2.13 1.11 -10.36
N ALA A 172 2.08 1.12 -9.07
CA ALA A 172 2.33 2.38 -8.32
C ALA A 172 3.70 2.94 -8.69
N ILE A 173 4.59 2.12 -9.14
CA ILE A 173 5.93 2.63 -9.51
C ILE A 173 5.80 3.59 -10.70
N LEU A 174 5.06 3.22 -11.71
CA LEU A 174 4.90 4.10 -12.89
C LEU A 174 4.04 5.32 -12.55
N ALA A 175 2.99 5.12 -11.81
CA ALA A 175 2.10 6.27 -11.45
C ALA A 175 2.68 7.07 -10.29
N ALA A 176 3.78 6.63 -9.74
CA ALA A 176 4.38 7.38 -8.59
C ALA A 176 5.31 8.49 -9.08
N LEU A 177 5.81 8.37 -10.28
CA LEU A 177 6.74 9.42 -10.80
C LEU A 177 5.96 10.51 -11.52
N GLU A 178 4.78 10.19 -11.98
CA GLU A 178 3.97 11.21 -12.69
C GLU A 178 3.94 12.52 -11.90
N GLY B 1 15.69 13.02 -14.85
CA GLY B 1 15.30 11.59 -14.75
C GLY B 1 14.03 11.35 -15.57
N SER B 2 14.03 10.34 -16.38
CA SER B 2 12.83 10.07 -17.22
C SER B 2 12.34 8.63 -17.00
N LYS B 3 11.05 8.44 -16.94
CA LYS B 3 10.52 7.08 -16.74
C LYS B 3 10.45 6.38 -18.09
N GLU B 4 11.38 5.50 -18.37
CA GLU B 4 11.37 4.81 -19.68
C GLU B 4 10.42 3.62 -19.66
N ARG B 5 9.89 3.27 -20.80
CA ARG B 5 8.93 2.13 -20.88
C ARG B 5 9.58 0.93 -21.60
N PRO B 6 10.19 1.18 -22.73
CA PRO B 6 10.85 0.09 -23.48
C PRO B 6 12.32 0.00 -23.04
N GLU B 7 12.60 0.46 -21.85
CA GLU B 7 14.01 0.45 -21.37
C GLU B 7 14.74 -0.82 -21.78
N ILE B 8 16.05 -0.84 -21.65
CA ILE B 8 16.82 -2.05 -22.03
C ILE B 8 17.46 -2.70 -20.80
N SER B 9 18.65 -2.28 -20.43
CA SER B 9 19.33 -2.91 -19.26
C SER B 9 18.86 -2.31 -17.94
N LEU B 10 19.26 -2.90 -16.84
CA LEU B 10 18.84 -2.37 -15.52
C LEU B 10 19.61 -3.04 -14.37
N PRO B 11 20.64 -2.37 -13.92
CA PRO B 11 21.45 -2.90 -12.80
C PRO B 11 20.69 -2.66 -11.49
N SER B 12 20.62 -3.65 -10.64
CA SER B 12 19.85 -3.46 -9.36
C SER B 12 20.79 -3.02 -8.24
N ASP B 13 20.56 -1.85 -7.71
CA ASP B 13 21.40 -1.34 -6.59
C ASP B 13 20.52 -1.09 -5.37
N PHE B 14 20.96 -1.49 -4.20
CA PHE B 14 20.11 -1.26 -2.99
C PHE B 14 20.98 -0.83 -1.80
N GLU B 15 20.37 -0.33 -0.76
CA GLU B 15 21.17 0.12 0.42
C GLU B 15 20.27 0.30 1.65
N HIS B 16 20.42 -0.55 2.63
CA HIS B 16 19.59 -0.42 3.86
C HIS B 16 20.18 -1.28 4.99
N THR B 17 20.22 -0.76 6.18
CA THR B 17 20.78 -1.54 7.33
C THR B 17 20.11 -1.13 8.65
N ILE B 18 19.15 -1.89 9.07
CA ILE B 18 18.45 -1.60 10.36
C ILE B 18 17.86 -2.92 10.89
N HIS B 19 17.04 -2.89 11.90
CA HIS B 19 16.48 -4.19 12.37
C HIS B 19 15.03 -4.08 12.81
N VAL B 20 14.32 -5.17 12.72
CA VAL B 20 12.88 -5.22 13.07
C VAL B 20 12.68 -5.89 14.44
N GLY B 21 11.64 -5.54 15.15
CA GLY B 21 11.42 -6.17 16.50
C GLY B 21 10.04 -6.82 16.55
N PHE B 22 9.88 -7.94 15.90
CA PHE B 22 8.56 -8.65 15.91
C PHE B 22 8.56 -9.74 14.83
N ASP B 23 8.84 -10.95 15.21
CA ASP B 23 8.88 -12.06 14.20
C ASP B 23 7.53 -12.27 13.51
N ALA B 24 7.55 -12.80 12.33
CA ALA B 24 6.29 -13.06 11.57
C ALA B 24 5.30 -11.91 11.76
N VAL B 25 5.77 -10.70 11.79
CA VAL B 25 4.84 -9.57 11.95
C VAL B 25 4.81 -8.77 10.65
N THR B 26 5.85 -8.88 9.89
CA THR B 26 5.93 -8.17 8.61
C THR B 26 5.32 -9.01 7.48
N GLY B 27 5.04 -10.25 7.75
CA GLY B 27 4.45 -11.11 6.69
C GLY B 27 3.13 -11.70 7.18
N GLU B 28 2.73 -11.38 8.38
CA GLU B 28 1.47 -11.94 8.91
C GLU B 28 0.37 -10.88 8.89
N PHE B 29 -0.67 -11.18 8.21
CA PHE B 29 -1.83 -10.24 8.14
C PHE B 29 -3.06 -10.94 8.67
N THR B 30 -3.62 -10.44 9.72
CA THR B 30 -4.83 -11.08 10.30
C THR B 30 -5.98 -10.06 10.33
N GLY B 31 -5.71 -8.84 9.96
CA GLY B 31 -6.77 -7.79 9.97
C GLY B 31 -6.37 -6.69 10.96
N ILE B 32 -5.12 -6.34 11.01
CA ILE B 32 -4.67 -5.28 11.96
C ILE B 32 -5.22 -3.92 11.53
N PRO B 33 -5.59 -3.14 12.50
CA PRO B 33 -6.14 -1.78 12.25
C PRO B 33 -5.06 -0.84 11.71
N GLU B 34 -5.45 0.37 11.41
CA GLU B 34 -4.50 1.41 10.87
C GLU B 34 -3.04 1.10 11.24
N GLN B 35 -2.15 1.29 10.30
CA GLN B 35 -0.71 1.00 10.56
C GLN B 35 0.13 2.25 10.86
N TRP B 36 0.37 3.05 9.86
CA TRP B 36 1.24 4.26 10.05
C TRP B 36 0.46 5.57 10.00
N ALA B 37 -0.76 5.54 10.40
CA ALA B 37 -1.56 6.81 10.37
C ALA B 37 -2.96 6.60 10.92
N ARG B 38 -3.12 6.78 12.20
CA ARG B 38 -4.45 6.65 12.83
C ARG B 38 -5.17 7.98 12.66
N LEU B 39 -5.09 8.52 11.48
CA LEU B 39 -5.71 9.83 11.19
C LEU B 39 -7.18 9.84 11.61
N LEU B 40 -7.93 8.84 11.22
CA LEU B 40 -9.38 8.80 11.59
C LEU B 40 -9.61 7.72 12.65
N GLN B 41 -8.56 7.23 13.22
CA GLN B 41 -8.70 6.17 14.26
C GLN B 41 -8.08 6.65 15.58
N THR B 42 -7.75 7.91 15.66
CA THR B 42 -7.15 8.43 16.92
C THR B 42 -8.26 8.77 17.91
N SER B 43 -7.91 9.12 19.11
CA SER B 43 -8.97 9.45 20.13
C SER B 43 -9.49 10.88 19.94
N ASN B 44 -9.28 11.47 18.79
CA ASN B 44 -9.78 12.86 18.58
C ASN B 44 -10.59 12.96 17.28
N ILE B 45 -11.69 13.65 17.32
CA ILE B 45 -12.53 13.78 16.10
C ILE B 45 -11.74 14.46 14.97
N THR B 46 -10.97 15.46 15.28
CA THR B 46 -10.22 16.16 14.21
C THR B 46 -9.28 15.19 13.48
N MET A 1 10.50 9.89 -13.79
CA MET A 1 11.46 8.79 -13.50
C MET A 1 12.32 9.16 -12.29
N GLN A 2 11.73 9.80 -11.32
CA GLN A 2 12.51 10.21 -10.13
C GLN A 2 11.61 10.89 -9.11
N THR A 3 12.20 11.63 -8.21
CA THR A 3 11.38 12.34 -7.19
C THR A 3 10.25 11.45 -6.67
N ILE A 4 10.53 10.30 -6.11
CA ILE A 4 9.39 9.47 -5.63
C ILE A 4 9.68 8.71 -4.32
N LYS A 5 8.64 8.48 -3.55
CA LYS A 5 8.79 7.72 -2.28
C LYS A 5 7.73 6.62 -2.20
N CYS A 6 8.14 5.40 -1.99
CA CYS A 6 7.15 4.29 -1.88
C CYS A 6 6.64 4.20 -0.44
N VAL A 7 5.35 4.15 -0.25
CA VAL A 7 4.82 4.09 1.15
C VAL A 7 3.52 3.25 1.19
N VAL A 8 2.97 3.03 2.36
CA VAL A 8 1.71 2.22 2.42
C VAL A 8 0.50 3.09 2.77
N VAL A 9 -0.65 2.77 2.26
CA VAL A 9 -1.86 3.56 2.56
C VAL A 9 -3.06 2.65 2.78
N GLY A 10 -4.20 3.24 2.83
CA GLY A 10 -5.45 2.45 3.03
C GLY A 10 -6.06 2.80 4.38
N ASP A 11 -7.33 3.01 4.41
CA ASP A 11 -8.00 3.36 5.69
C ASP A 11 -7.80 2.23 6.71
N GLY A 12 -7.37 1.08 6.26
CA GLY A 12 -7.17 -0.08 7.19
C GLY A 12 -7.08 -1.36 6.36
N ALA A 13 -8.08 -2.20 6.42
CA ALA A 13 -8.05 -3.47 5.62
C ALA A 13 -7.01 -4.45 6.18
N VAL A 14 -6.15 -4.99 5.34
CA VAL A 14 -5.12 -5.96 5.83
C VAL A 14 -3.72 -5.34 5.75
N GLY A 15 -2.83 -5.72 6.64
CA GLY A 15 -1.46 -5.14 6.60
C GLY A 15 -0.91 -5.30 5.19
N LYS A 16 -0.25 -4.31 4.66
CA LYS A 16 0.29 -4.44 3.28
C LYS A 16 1.80 -4.69 3.31
N THR A 17 2.47 -4.21 4.32
CA THR A 17 3.94 -4.43 4.41
C THR A 17 4.25 -5.74 5.13
N CYS A 18 3.48 -6.07 6.14
CA CYS A 18 3.75 -7.34 6.85
C CYS A 18 3.06 -8.51 6.14
N LEU A 19 2.15 -8.23 5.23
CA LEU A 19 1.52 -9.36 4.50
C LEU A 19 2.42 -9.80 3.37
N LEU A 20 3.01 -8.87 2.66
CA LEU A 20 3.93 -9.26 1.56
C LEU A 20 4.88 -10.31 2.11
N ILE A 21 5.25 -10.13 3.34
CA ILE A 21 6.14 -11.10 4.02
C ILE A 21 5.41 -12.43 4.23
N SER A 22 4.21 -12.36 4.71
CA SER A 22 3.44 -13.60 4.96
C SER A 22 3.51 -14.50 3.72
N TYR A 23 3.61 -13.93 2.55
CA TYR A 23 3.72 -14.77 1.34
C TYR A 23 5.19 -14.97 0.98
N THR A 24 6.04 -14.12 1.50
CA THR A 24 7.48 -14.22 1.15
C THR A 24 8.28 -15.04 2.17
N THR A 25 7.82 -15.19 3.39
CA THR A 25 8.63 -15.99 4.35
C THR A 25 7.95 -17.33 4.67
N ASN A 26 6.94 -17.34 5.49
CA ASN A 26 6.29 -18.66 5.78
C ASN A 26 4.81 -18.53 6.16
N LYS A 27 4.37 -17.39 6.66
CA LYS A 27 2.91 -17.27 7.03
C LYS A 27 2.62 -16.01 7.87
N PHE A 28 1.52 -16.04 8.60
CA PHE A 28 1.13 -14.84 9.42
C PHE A 28 1.01 -15.10 10.95
N PRO A 29 0.92 -16.33 11.41
CA PRO A 29 0.77 -16.56 12.88
C PRO A 29 2.06 -16.22 13.69
N SER A 30 3.15 -16.92 13.47
CA SER A 30 4.40 -16.62 14.24
C SER A 30 5.60 -17.30 13.56
N GLU A 31 6.03 -16.78 12.44
CA GLU A 31 7.17 -17.37 11.69
C GLU A 31 8.41 -16.48 11.80
N TYR A 32 9.53 -17.02 11.45
CA TYR A 32 10.80 -16.24 11.49
C TYR A 32 10.92 -15.40 10.23
N VAL A 33 10.57 -14.16 10.35
CA VAL A 33 10.58 -13.25 9.18
C VAL A 33 11.67 -12.18 9.33
N PRO A 34 11.89 -11.45 8.26
CA PRO A 34 12.91 -10.37 8.28
C PRO A 34 12.47 -9.30 9.29
N THR A 35 12.82 -8.05 9.09
CA THR A 35 12.43 -7.02 10.11
C THR A 35 11.34 -6.05 9.60
N VAL A 36 10.34 -5.81 10.43
CA VAL A 36 9.23 -4.86 10.07
C VAL A 36 9.82 -3.49 9.75
N PHE A 37 10.23 -2.75 10.75
CA PHE A 37 10.82 -1.41 10.47
C PHE A 37 11.80 -1.54 9.32
N ASP A 38 11.62 -0.79 8.27
CA ASP A 38 12.55 -0.95 7.13
C ASP A 38 12.72 0.38 6.37
N ASN A 39 13.62 1.21 6.79
CA ASN A 39 13.83 2.48 6.04
C ASN A 39 15.04 2.28 5.12
N TYR A 40 14.77 2.02 3.87
CA TYR A 40 15.89 1.79 2.90
C TYR A 40 15.77 2.79 1.75
N ALA A 41 16.79 3.58 1.54
CA ALA A 41 16.73 4.57 0.43
C ALA A 41 17.75 4.20 -0.66
N VAL A 42 17.28 3.89 -1.85
CA VAL A 42 18.24 3.53 -2.96
C VAL A 42 17.88 4.28 -4.23
N THR A 43 18.69 4.16 -5.24
CA THR A 43 18.38 4.86 -6.53
C THR A 43 19.05 4.14 -7.69
N VAL A 44 18.47 4.22 -8.86
CA VAL A 44 19.10 3.53 -10.02
C VAL A 44 18.90 4.33 -11.30
N MET A 45 19.96 4.57 -12.02
CA MET A 45 19.82 5.33 -13.29
C MET A 45 19.50 4.34 -14.42
N ILE A 46 18.24 4.21 -14.76
CA ILE A 46 17.88 3.28 -15.87
C ILE A 46 18.18 3.97 -17.18
N GLY A 47 19.11 3.46 -17.94
CA GLY A 47 19.43 4.13 -19.22
C GLY A 47 19.78 5.59 -18.96
N GLY A 48 20.14 5.92 -17.73
CA GLY A 48 20.50 7.33 -17.41
C GLY A 48 19.43 7.97 -16.52
N GLU A 49 18.32 7.31 -16.31
CA GLU A 49 17.26 7.91 -15.44
C GLU A 49 17.38 7.37 -14.01
N PRO A 50 17.88 8.21 -13.13
CA PRO A 50 18.05 7.83 -11.70
C PRO A 50 16.70 7.72 -11.00
N TYR A 51 16.45 6.65 -10.30
CA TYR A 51 15.13 6.52 -9.63
C TYR A 51 15.21 6.91 -8.15
N THR A 52 14.49 7.93 -7.75
CA THR A 52 14.52 8.33 -6.32
C THR A 52 13.39 7.62 -5.59
N LEU A 53 13.67 6.54 -4.90
CA LEU A 53 12.58 5.81 -4.18
C LEU A 53 12.82 5.79 -2.67
N GLY A 54 11.77 5.81 -1.90
CA GLY A 54 11.92 5.78 -0.41
C GLY A 54 11.00 4.68 0.15
N LEU A 55 11.56 3.61 0.63
CA LEU A 55 10.73 2.50 1.19
C LEU A 55 10.67 2.61 2.72
N PHE A 56 9.48 2.61 3.26
CA PHE A 56 9.36 2.70 4.75
C PHE A 56 8.28 1.75 5.28
N ASP A 57 8.63 0.85 6.17
CA ASP A 57 7.61 -0.09 6.73
C ASP A 57 7.30 0.29 8.18
N THR A 58 6.22 -0.21 8.75
CA THR A 58 5.88 0.14 10.16
C THR A 58 7.10 0.01 11.08
N ALA A 59 7.01 0.58 12.25
CA ALA A 59 8.14 0.52 13.23
C ALA A 59 7.81 -0.48 14.33
N GLY A 60 8.20 -1.71 14.19
CA GLY A 60 7.92 -2.69 15.28
C GLY A 60 8.36 -2.02 16.58
N GLN A 61 9.49 -1.36 16.54
CA GLN A 61 9.96 -0.63 17.74
C GLN A 61 9.08 0.60 17.93
N GLU A 62 8.58 1.16 16.86
CA GLU A 62 7.68 2.34 16.99
C GLU A 62 8.33 3.47 17.77
N ASP A 63 9.13 4.24 17.11
CA ASP A 63 9.80 5.39 17.77
C ASP A 63 9.53 6.66 16.96
N TYR A 64 8.73 6.55 15.93
CA TYR A 64 8.43 7.75 15.08
C TYR A 64 7.65 7.35 13.82
N ASP A 65 6.87 6.30 13.88
CA ASP A 65 6.12 5.89 12.65
C ASP A 65 4.60 6.06 12.88
N ARG A 66 4.22 6.79 13.88
CA ARG A 66 2.76 6.98 14.12
C ARG A 66 2.19 8.01 13.15
N LEU A 67 2.97 9.01 12.79
CA LEU A 67 2.44 10.04 11.83
C LEU A 67 3.15 9.96 10.47
N ARG A 68 3.99 8.98 10.24
CA ARG A 68 4.71 8.93 8.93
C ARG A 68 4.05 7.96 7.93
N PRO A 69 3.86 6.73 8.33
CA PRO A 69 3.25 5.72 7.42
C PRO A 69 1.76 5.99 7.20
N LEU A 70 0.99 5.93 8.24
CA LEU A 70 -0.47 6.19 8.11
C LEU A 70 -0.76 7.49 7.36
N SER A 71 -0.98 8.54 8.10
CA SER A 71 -1.28 9.87 7.50
C SER A 71 -0.57 10.03 6.15
N TYR A 72 0.62 9.49 6.07
CA TYR A 72 1.44 9.55 4.81
C TYR A 72 1.52 10.96 4.19
N PRO A 73 2.71 11.30 3.74
CA PRO A 73 2.97 12.64 3.12
C PRO A 73 2.36 12.73 1.72
N GLN A 74 2.28 13.91 1.18
CA GLN A 74 1.70 14.07 -0.20
C GLN A 74 2.76 13.79 -1.28
N THR A 75 3.68 12.90 -0.99
CA THR A 75 4.73 12.53 -1.97
C THR A 75 5.02 11.04 -1.83
N ASP A 76 4.32 10.23 -2.56
CA ASP A 76 4.50 8.76 -2.46
C ASP A 76 3.28 8.07 -3.05
N VAL A 77 3.47 7.31 -4.07
CA VAL A 77 2.32 6.59 -4.69
C VAL A 77 1.82 5.61 -3.61
N PHE A 78 0.60 5.18 -3.65
CA PHE A 78 0.12 4.32 -2.53
C PHE A 78 -0.37 2.94 -2.94
N LEU A 79 -0.34 2.01 -2.01
CA LEU A 79 -0.85 0.64 -2.29
C LEU A 79 -2.01 0.35 -1.33
N VAL A 80 -3.22 0.52 -1.76
CA VAL A 80 -4.38 0.26 -0.86
C VAL A 80 -5.12 -0.99 -1.33
N CYS A 81 -5.82 -1.67 -0.45
CA CYS A 81 -6.54 -2.91 -0.87
C CYS A 81 -8.04 -2.83 -0.58
N PHE A 82 -8.85 -2.71 -1.59
CA PHE A 82 -10.32 -2.66 -1.36
C PHE A 82 -10.90 -4.08 -1.34
N SER A 83 -12.13 -4.23 -0.93
CA SER A 83 -12.72 -5.59 -0.92
C SER A 83 -13.09 -5.97 -2.36
N VAL A 84 -13.19 -7.22 -2.65
CA VAL A 84 -13.50 -7.61 -4.06
C VAL A 84 -15.00 -7.51 -4.34
N VAL A 85 -15.82 -7.57 -3.33
CA VAL A 85 -17.29 -7.43 -3.57
C VAL A 85 -17.84 -6.39 -2.60
N SER A 86 -18.23 -6.79 -1.43
CA SER A 86 -18.76 -5.82 -0.43
C SER A 86 -19.73 -4.85 -1.12
N PRO A 87 -20.14 -3.84 -0.41
CA PRO A 87 -21.08 -2.85 -1.00
C PRO A 87 -20.34 -1.96 -2.00
N SER A 88 -21.06 -1.27 -2.86
CA SER A 88 -20.36 -0.40 -3.85
C SER A 88 -19.59 0.70 -3.11
N SER A 89 -18.45 0.39 -2.57
CA SER A 89 -17.66 1.39 -1.80
C SER A 89 -16.43 1.85 -2.61
N PHE A 90 -15.71 0.93 -3.18
CA PHE A 90 -14.51 1.30 -3.99
C PHE A 90 -14.87 2.40 -4.98
N GLU A 91 -16.14 2.58 -5.26
CA GLU A 91 -16.55 3.63 -6.23
C GLU A 91 -16.54 5.02 -5.59
N ASN A 92 -16.59 5.11 -4.29
CA ASN A 92 -16.58 6.47 -3.68
C ASN A 92 -15.15 6.84 -3.32
N VAL A 93 -14.27 5.89 -3.32
CA VAL A 93 -12.86 6.21 -3.00
C VAL A 93 -12.17 6.66 -4.28
N LYS A 94 -12.59 6.15 -5.40
CA LYS A 94 -11.98 6.58 -6.68
C LYS A 94 -12.47 7.99 -7.04
N GLU A 95 -13.62 8.37 -6.56
CA GLU A 95 -14.15 9.73 -6.88
C GLU A 95 -13.83 10.72 -5.75
N LYS A 96 -13.11 10.30 -4.74
CA LYS A 96 -12.80 11.26 -3.65
C LYS A 96 -11.36 11.78 -3.76
N TRP A 97 -10.42 10.90 -3.91
CA TRP A 97 -9.00 11.35 -3.99
C TRP A 97 -8.54 11.68 -5.43
N VAL A 98 -8.93 10.92 -6.41
CA VAL A 98 -8.44 11.22 -7.78
C VAL A 98 -9.07 12.49 -8.37
N PRO A 99 -10.36 12.58 -8.34
CA PRO A 99 -11.04 13.78 -8.90
C PRO A 99 -10.65 15.01 -8.08
N GLU A 100 -10.21 14.81 -6.87
CA GLU A 100 -9.81 15.97 -6.05
C GLU A 100 -8.82 16.85 -6.83
N ILE A 101 -7.72 16.28 -7.27
CA ILE A 101 -6.67 17.03 -8.06
C ILE A 101 -5.28 16.44 -7.79
N THR A 102 -4.63 15.97 -8.81
CA THR A 102 -3.27 15.40 -8.60
C THR A 102 -2.27 16.53 -8.85
N HIS A 103 -1.92 16.74 -10.07
CA HIS A 103 -1.00 17.87 -10.40
C HIS A 103 -1.83 18.95 -11.09
N HIS A 104 -3.04 18.61 -11.45
CA HIS A 104 -3.95 19.56 -12.12
C HIS A 104 -5.20 18.78 -12.54
N CYS A 105 -5.02 17.52 -12.84
CA CYS A 105 -6.16 16.66 -13.24
C CYS A 105 -6.11 15.36 -12.42
N PRO A 106 -7.19 14.65 -12.43
CA PRO A 106 -7.27 13.37 -11.68
C PRO A 106 -6.35 12.31 -12.30
N LYS A 107 -5.13 12.22 -11.82
CA LYS A 107 -4.18 11.22 -12.36
C LYS A 107 -3.36 10.59 -11.21
N THR A 108 -3.73 10.84 -9.98
CA THR A 108 -2.96 10.25 -8.85
C THR A 108 -2.69 8.78 -9.12
N PRO A 109 -1.52 8.35 -8.78
CA PRO A 109 -1.14 6.94 -8.96
C PRO A 109 -1.92 6.09 -7.95
N PHE A 110 -2.76 5.21 -8.41
CA PHE A 110 -3.56 4.40 -7.47
C PHE A 110 -3.41 2.91 -7.75
N LEU A 111 -2.76 2.22 -6.86
CA LEU A 111 -2.62 0.76 -7.01
C LEU A 111 -3.87 0.10 -6.42
N LEU A 112 -4.79 -0.22 -7.26
CA LEU A 112 -6.07 -0.82 -6.80
C LEU A 112 -5.92 -2.34 -6.60
N VAL A 113 -6.31 -2.84 -5.45
CA VAL A 113 -6.21 -4.29 -5.19
C VAL A 113 -7.51 -4.81 -4.56
N GLY A 114 -7.70 -6.11 -4.52
CA GLY A 114 -8.94 -6.65 -3.91
C GLY A 114 -8.57 -7.49 -2.69
N THR A 115 -8.92 -7.03 -1.52
CA THR A 115 -8.58 -7.79 -0.28
C THR A 115 -9.71 -8.74 0.13
N GLN A 116 -9.41 -9.71 0.93
CA GLN A 116 -10.46 -10.66 1.41
C GLN A 116 -11.11 -11.37 0.23
N ILE A 117 -10.33 -11.81 -0.70
CA ILE A 117 -10.90 -12.53 -1.87
C ILE A 117 -11.32 -13.93 -1.41
N ASP A 118 -10.78 -14.37 -0.29
CA ASP A 118 -11.04 -15.75 0.25
C ASP A 118 -12.53 -15.99 0.39
N LEU A 119 -13.16 -15.94 -0.72
CA LEU A 119 -14.64 -16.13 -0.79
C LEU A 119 -15.09 -15.68 -2.17
N ARG A 120 -14.36 -14.77 -2.74
CA ARG A 120 -14.67 -14.28 -4.10
C ARG A 120 -14.95 -15.47 -5.01
N ASP A 121 -14.18 -16.50 -4.88
CA ASP A 121 -14.38 -17.71 -5.72
C ASP A 121 -15.78 -18.29 -5.50
N ASP A 122 -16.37 -18.00 -4.37
CA ASP A 122 -17.72 -18.55 -4.08
C ASP A 122 -18.83 -17.59 -4.49
N PRO A 123 -19.66 -18.05 -5.39
CA PRO A 123 -20.80 -17.26 -5.89
C PRO A 123 -22.02 -17.54 -5.02
N SER A 124 -21.81 -18.01 -3.82
CA SER A 124 -22.96 -18.33 -2.93
C SER A 124 -23.07 -17.29 -1.82
N THR A 125 -21.97 -16.95 -1.21
CA THR A 125 -22.07 -15.87 -0.17
C THR A 125 -22.30 -14.60 -0.95
N ILE A 126 -21.77 -14.60 -2.14
CA ILE A 126 -21.94 -13.47 -3.06
C ILE A 126 -23.44 -13.15 -3.15
N GLU A 127 -24.25 -14.14 -2.90
CA GLU A 127 -25.73 -13.96 -2.96
C GLU A 127 -26.18 -12.81 -2.06
N LYS A 128 -25.61 -12.71 -0.91
CA LYS A 128 -26.00 -11.61 0.01
C LYS A 128 -25.27 -10.32 -0.37
N LEU A 129 -24.04 -10.40 -0.82
CA LEU A 129 -23.33 -9.18 -1.24
C LEU A 129 -24.13 -8.50 -2.36
N ALA A 130 -24.57 -9.27 -3.32
CA ALA A 130 -25.37 -8.69 -4.44
C ALA A 130 -26.48 -7.80 -3.90
N LYS A 131 -27.10 -8.21 -2.84
CA LYS A 131 -28.21 -7.41 -2.25
C LYS A 131 -27.77 -5.97 -1.98
N ASN A 132 -26.49 -5.71 -1.91
CA ASN A 132 -26.06 -4.31 -1.61
C ASN A 132 -25.24 -3.71 -2.75
N LYS A 133 -24.98 -4.47 -3.77
CA LYS A 133 -24.18 -3.93 -4.90
C LYS A 133 -24.43 -4.72 -6.18
N GLN A 134 -24.83 -5.96 -6.05
CA GLN A 134 -25.08 -6.82 -7.25
C GLN A 134 -24.01 -6.61 -8.33
N LYS A 135 -22.87 -6.09 -7.98
CA LYS A 135 -21.79 -5.88 -8.99
C LYS A 135 -20.43 -5.89 -8.30
N PRO A 136 -19.81 -7.02 -8.29
CA PRO A 136 -18.48 -7.17 -7.67
C PRO A 136 -17.41 -6.46 -8.52
N ILE A 137 -16.31 -6.10 -7.94
CA ILE A 137 -15.22 -5.42 -8.73
C ILE A 137 -14.21 -6.47 -9.22
N THR A 138 -14.02 -6.53 -10.51
CA THR A 138 -13.07 -7.54 -11.08
C THR A 138 -11.95 -6.79 -11.83
N PRO A 139 -10.95 -7.52 -12.28
CA PRO A 139 -9.84 -6.86 -13.01
C PRO A 139 -10.35 -6.22 -14.31
N GLU A 140 -11.56 -6.50 -14.68
CA GLU A 140 -12.12 -5.88 -15.92
C GLU A 140 -12.90 -4.60 -15.55
N THR A 141 -13.71 -4.67 -14.54
CA THR A 141 -14.49 -3.46 -14.12
C THR A 141 -13.55 -2.43 -13.48
N ALA A 142 -12.73 -2.87 -12.56
CA ALA A 142 -11.78 -1.94 -11.90
C ALA A 142 -10.79 -1.33 -12.89
N GLU A 143 -10.30 -2.11 -13.82
CA GLU A 143 -9.34 -1.53 -14.80
C GLU A 143 -10.01 -0.42 -15.58
N LYS A 144 -11.25 -0.59 -15.95
CA LYS A 144 -11.94 0.49 -16.69
C LYS A 144 -11.96 1.74 -15.80
N LEU A 145 -12.38 1.61 -14.56
CA LEU A 145 -12.40 2.77 -13.66
C LEU A 145 -11.00 3.36 -13.56
N ALA A 146 -10.01 2.51 -13.54
CA ALA A 146 -8.61 3.00 -13.44
C ALA A 146 -8.24 3.77 -14.71
N ARG A 147 -8.73 3.34 -15.83
CA ARG A 147 -8.42 4.07 -17.09
C ARG A 147 -9.22 5.37 -17.13
N ASP A 148 -10.22 5.48 -16.30
CA ASP A 148 -11.08 6.71 -16.29
C ASP A 148 -10.30 7.91 -15.74
N LEU A 149 -9.15 7.67 -15.16
CA LEU A 149 -8.37 8.80 -14.58
C LEU A 149 -6.87 8.49 -14.57
N LYS A 150 -6.42 7.71 -15.52
CA LYS A 150 -4.97 7.39 -15.61
C LYS A 150 -4.51 6.67 -14.34
N ALA A 151 -5.36 5.86 -13.81
CA ALA A 151 -4.98 5.10 -12.59
C ALA A 151 -3.96 4.05 -12.97
N VAL A 152 -3.56 3.22 -12.04
CA VAL A 152 -2.56 2.18 -12.40
C VAL A 152 -3.26 0.94 -12.92
N LYS A 153 -3.74 0.12 -12.04
CA LYS A 153 -4.44 -1.12 -12.48
C LYS A 153 -5.05 -1.83 -11.27
N TYR A 154 -6.02 -2.68 -11.49
CA TYR A 154 -6.60 -3.40 -10.32
C TYR A 154 -5.92 -4.77 -10.15
N VAL A 155 -4.99 -4.84 -9.22
CA VAL A 155 -4.27 -6.13 -9.00
C VAL A 155 -4.95 -6.91 -7.86
N GLU A 156 -4.33 -7.94 -7.32
CA GLU A 156 -5.00 -8.71 -6.24
C GLU A 156 -4.06 -9.04 -5.07
N CYS A 157 -4.58 -9.15 -3.88
CA CYS A 157 -3.74 -9.48 -2.68
C CYS A 157 -4.63 -9.95 -1.54
N SER A 158 -4.23 -10.97 -0.85
CA SER A 158 -5.04 -11.47 0.29
C SER A 158 -4.14 -12.04 1.38
N ALA A 159 -4.14 -11.39 2.50
CA ALA A 159 -3.33 -11.78 3.70
C ALA A 159 -2.42 -12.98 3.49
N LEU A 160 -2.98 -14.14 3.26
CA LEU A 160 -2.12 -15.33 3.11
C LEU A 160 -2.49 -16.16 1.87
N THR A 161 -3.76 -16.29 1.59
CA THR A 161 -4.20 -17.12 0.43
C THR A 161 -3.63 -16.59 -0.89
N GLN A 162 -4.13 -15.48 -1.35
CA GLN A 162 -3.66 -14.92 -2.65
C GLN A 162 -2.18 -15.14 -2.86
N LYS A 163 -1.37 -14.48 -2.09
CA LYS A 163 0.12 -14.66 -2.25
C LYS A 163 0.57 -14.12 -3.60
N GLY A 164 -0.17 -13.20 -4.16
CA GLY A 164 0.23 -12.59 -5.46
C GLY A 164 0.32 -11.07 -5.27
N LEU A 165 0.10 -10.61 -4.06
CA LEU A 165 0.17 -9.16 -3.76
C LEU A 165 1.54 -8.55 -4.13
N LYS A 166 2.54 -9.35 -4.35
CA LYS A 166 3.87 -8.78 -4.70
C LYS A 166 3.80 -8.01 -6.02
N ASN A 167 3.02 -8.49 -6.95
CA ASN A 167 2.93 -7.79 -8.28
C ASN A 167 2.33 -6.40 -8.12
N VAL A 168 1.36 -6.23 -7.28
CA VAL A 168 0.76 -4.88 -7.10
C VAL A 168 1.85 -3.84 -6.81
N PHE A 169 2.88 -4.23 -6.11
CA PHE A 169 3.97 -3.27 -5.79
C PHE A 169 4.87 -3.03 -7.01
N ASP A 170 4.92 -3.97 -7.93
CA ASP A 170 5.78 -3.76 -9.13
C ASP A 170 5.13 -2.74 -10.07
N GLU A 171 3.86 -2.84 -10.31
CA GLU A 171 3.20 -1.85 -11.20
C GLU A 171 3.36 -0.44 -10.64
N ALA A 172 3.38 -0.29 -9.34
CA ALA A 172 3.54 1.08 -8.77
C ALA A 172 4.89 1.66 -9.22
N ILE A 173 5.84 0.82 -9.53
CA ILE A 173 7.17 1.35 -9.98
C ILE A 173 7.01 2.15 -11.28
N LEU A 174 6.22 1.65 -12.20
CA LEU A 174 6.03 2.39 -13.48
C LEU A 174 5.09 3.58 -13.25
N ALA A 175 4.04 3.38 -12.50
CA ALA A 175 3.09 4.47 -12.22
C ALA A 175 3.64 5.39 -11.14
N ALA A 176 4.78 5.05 -10.57
CA ALA A 176 5.37 5.91 -9.52
C ALA A 176 6.01 7.13 -10.19
N LEU A 177 6.71 6.90 -11.26
CA LEU A 177 7.39 8.01 -11.97
C LEU A 177 6.68 8.31 -13.27
N GLU A 178 5.92 7.36 -13.76
CA GLU A 178 5.18 7.56 -15.04
C GLU A 178 6.09 8.21 -16.09
N GLY B 1 9.27 11.53 -17.43
CA GLY B 1 8.81 10.11 -17.42
C GLY B 1 9.32 9.43 -18.69
N SER B 2 10.56 9.02 -18.69
CA SER B 2 11.11 8.36 -19.90
C SER B 2 11.30 6.87 -19.66
N LYS B 3 10.27 6.18 -19.27
CA LYS B 3 10.41 4.71 -19.02
C LYS B 3 11.06 4.02 -20.23
N GLU B 4 12.31 3.65 -20.10
CA GLU B 4 13.02 2.97 -21.23
C GLU B 4 12.98 1.46 -21.04
N ARG B 5 13.12 0.71 -22.11
CA ARG B 5 13.09 -0.78 -21.99
C ARG B 5 14.49 -1.37 -22.24
N PRO B 6 15.12 -0.97 -23.31
CA PRO B 6 16.47 -1.48 -23.63
C PRO B 6 17.49 -0.47 -23.11
N GLU B 7 17.17 0.20 -22.03
CA GLU B 7 18.08 1.22 -21.47
C GLU B 7 19.53 0.74 -21.60
N ILE B 8 20.49 1.64 -21.57
CA ILE B 8 21.90 1.19 -21.71
C ILE B 8 22.49 0.65 -20.40
N SER B 9 22.42 1.39 -19.32
CA SER B 9 22.99 0.86 -18.05
C SER B 9 22.44 1.60 -16.85
N LEU B 10 22.77 1.15 -15.66
CA LEU B 10 22.24 1.82 -14.45
C LEU B 10 23.01 1.41 -13.20
N PRO B 11 23.92 2.26 -12.80
CA PRO B 11 24.70 2.00 -11.57
C PRO B 11 23.80 2.21 -10.35
N SER B 12 23.37 1.16 -9.72
CA SER B 12 22.47 1.32 -8.52
C SER B 12 23.09 2.26 -7.49
N ASP B 13 22.51 2.31 -6.33
CA ASP B 13 23.04 3.19 -5.25
C ASP B 13 22.98 2.42 -3.93
N PHE B 14 23.19 3.06 -2.82
CA PHE B 14 23.16 2.31 -1.53
C PHE B 14 21.79 2.44 -0.85
N GLU B 15 21.55 1.59 0.12
CA GLU B 15 20.27 1.60 0.86
C GLU B 15 20.51 1.87 2.35
N HIS B 16 19.45 2.08 3.11
CA HIS B 16 19.64 2.34 4.56
C HIS B 16 19.56 1.03 5.35
N THR B 17 19.60 1.10 6.65
CA THR B 17 19.55 -0.13 7.47
C THR B 17 18.83 0.14 8.77
N ILE B 18 17.92 -0.70 9.14
CA ILE B 18 17.18 -0.48 10.39
C ILE B 18 16.77 -1.83 11.00
N HIS B 19 16.06 -1.81 12.09
CA HIS B 19 15.64 -3.09 12.71
C HIS B 19 14.22 -2.98 13.29
N VAL B 20 13.53 -4.07 13.40
CA VAL B 20 12.14 -4.03 13.96
C VAL B 20 12.17 -4.24 15.48
N GLY B 21 11.25 -3.65 16.18
CA GLY B 21 11.21 -3.83 17.66
C GLY B 21 10.16 -4.88 18.01
N PHE B 22 10.17 -6.00 17.34
CA PHE B 22 9.19 -7.07 17.62
C PHE B 22 9.49 -8.28 16.72
N ASP B 23 10.04 -9.30 17.30
CA ASP B 23 10.43 -10.53 16.53
C ASP B 23 9.22 -11.17 15.81
N ALA B 24 9.43 -11.67 14.62
CA ALA B 24 8.33 -12.34 13.83
C ALA B 24 7.07 -11.47 13.73
N VAL B 25 7.19 -10.24 13.32
CA VAL B 25 5.98 -9.39 13.21
C VAL B 25 5.69 -9.05 11.73
N THR B 26 6.71 -8.78 10.96
CA THR B 26 6.49 -8.44 9.51
C THR B 26 5.82 -9.61 8.79
N GLY B 27 5.96 -10.80 9.30
CA GLY B 27 5.30 -11.98 8.69
C GLY B 27 4.14 -12.36 9.59
N GLU B 28 3.56 -11.38 10.23
CA GLU B 28 2.44 -11.67 11.15
C GLU B 28 1.24 -10.77 10.83
N PHE B 29 0.20 -11.37 10.39
CA PHE B 29 -1.04 -10.61 10.04
C PHE B 29 -2.24 -11.23 10.74
N THR B 30 -3.12 -10.41 11.21
CA THR B 30 -4.35 -10.92 11.90
C THR B 30 -5.50 -9.96 11.60
N GLY B 31 -5.47 -8.76 12.15
CA GLY B 31 -6.56 -7.78 11.87
C GLY B 31 -6.78 -6.85 13.08
N ILE B 32 -6.36 -7.23 14.24
CA ILE B 32 -6.57 -6.34 15.43
C ILE B 32 -5.84 -5.00 15.26
N PRO B 33 -4.56 -5.07 15.05
CA PRO B 33 -3.76 -3.83 14.87
C PRO B 33 -4.12 -3.18 13.53
N GLU B 34 -3.68 -1.97 13.30
CA GLU B 34 -4.00 -1.31 12.00
C GLU B 34 -3.08 -1.86 10.91
N GLN B 35 -3.38 -1.57 9.68
CA GLN B 35 -2.54 -2.09 8.57
C GLN B 35 -1.30 -1.22 8.37
N TRP B 36 -0.93 -0.45 9.37
CA TRP B 36 0.24 0.49 9.29
C TRP B 36 -0.28 1.82 8.77
N ALA B 37 -1.52 2.04 9.03
CA ALA B 37 -2.21 3.28 8.61
C ALA B 37 -3.43 3.50 9.52
N ARG B 38 -3.22 4.05 10.70
CA ARG B 38 -4.37 4.31 11.62
C ARG B 38 -5.02 5.63 11.23
N LEU B 39 -5.03 5.89 9.96
CA LEU B 39 -5.63 7.15 9.45
C LEU B 39 -7.11 7.27 9.85
N LEU B 40 -7.70 6.22 10.36
CA LEU B 40 -9.16 6.29 10.74
C LEU B 40 -9.37 7.14 11.99
N GLN B 41 -8.32 7.62 12.56
CA GLN B 41 -8.47 8.47 13.79
C GLN B 41 -7.20 9.29 14.00
N THR B 42 -6.25 8.73 14.72
CA THR B 42 -4.98 9.45 14.97
C THR B 42 -3.79 8.51 14.82
N SER B 43 -2.62 8.94 15.20
CA SER B 43 -1.42 8.09 15.09
C SER B 43 -1.25 7.21 16.34
N ASN B 44 -2.20 7.23 17.25
CA ASN B 44 -2.07 6.41 18.49
C ASN B 44 -2.61 4.99 18.29
N ILE B 45 -1.76 4.05 18.00
CA ILE B 45 -2.22 2.65 17.80
C ILE B 45 -2.27 1.90 19.14
N THR B 46 -1.13 1.69 19.74
CA THR B 46 -1.07 0.95 21.02
C THR B 46 -2.06 -0.22 21.00
N MET A 1 8.43 13.96 -10.72
CA MET A 1 9.09 13.41 -11.93
C MET A 1 9.68 12.03 -11.64
N GLN A 2 10.42 11.90 -10.57
CA GLN A 2 11.01 10.58 -10.24
C GLN A 2 10.93 10.32 -8.73
N THR A 3 11.15 11.32 -7.92
CA THR A 3 11.07 11.12 -6.45
C THR A 3 9.83 10.29 -6.09
N ILE A 4 10.00 9.04 -5.82
CA ILE A 4 8.83 8.23 -5.41
C ILE A 4 8.86 7.92 -3.93
N LYS A 5 7.74 7.98 -3.29
CA LYS A 5 7.68 7.64 -1.86
C LYS A 5 6.87 6.35 -1.72
N CYS A 6 7.30 5.44 -0.90
CA CYS A 6 6.54 4.16 -0.76
C CYS A 6 6.06 3.99 0.68
N VAL A 7 4.78 4.13 0.92
CA VAL A 7 4.26 3.98 2.30
C VAL A 7 2.95 3.18 2.30
N VAL A 8 2.54 2.68 3.44
CA VAL A 8 1.28 1.88 3.50
C VAL A 8 0.08 2.80 3.70
N VAL A 9 -1.03 2.50 3.07
CA VAL A 9 -2.24 3.34 3.22
C VAL A 9 -3.48 2.46 3.39
N GLY A 10 -4.61 3.04 3.64
CA GLY A 10 -5.86 2.23 3.81
C GLY A 10 -6.51 2.56 5.16
N ASP A 11 -7.78 2.83 5.15
CA ASP A 11 -8.49 3.14 6.43
C ASP A 11 -8.28 2.01 7.44
N GLY A 12 -8.07 0.81 6.97
CA GLY A 12 -7.86 -0.32 7.92
C GLY A 12 -8.55 -1.57 7.39
N ALA A 13 -7.83 -2.66 7.31
CA ALA A 13 -8.44 -3.93 6.81
C ALA A 13 -7.33 -4.97 6.55
N VAL A 14 -6.50 -4.72 5.58
CA VAL A 14 -5.39 -5.68 5.28
C VAL A 14 -4.18 -4.90 4.76
N GLY A 15 -3.14 -4.80 5.55
CA GLY A 15 -1.94 -4.04 5.10
C GLY A 15 -1.16 -4.87 4.07
N LYS A 16 -1.33 -4.60 2.81
CA LYS A 16 -0.60 -5.37 1.77
C LYS A 16 0.90 -5.35 2.09
N THR A 17 1.39 -4.25 2.58
CA THR A 17 2.83 -4.16 2.91
C THR A 17 3.27 -5.33 3.81
N CYS A 18 2.46 -5.72 4.76
CA CYS A 18 2.86 -6.84 5.63
C CYS A 18 2.55 -8.16 4.92
N LEU A 19 1.73 -8.11 3.88
CA LEU A 19 1.41 -9.35 3.14
C LEU A 19 2.50 -9.60 2.10
N LEU A 20 3.09 -8.57 1.62
CA LEU A 20 4.20 -8.73 0.63
C LEU A 20 5.25 -9.64 1.24
N ILE A 21 5.48 -9.47 2.51
CA ILE A 21 6.48 -10.32 3.23
C ILE A 21 5.79 -11.53 3.81
N SER A 22 4.63 -11.34 4.38
CA SER A 22 3.93 -12.50 5.01
C SER A 22 3.92 -13.68 4.05
N TYR A 23 3.71 -13.46 2.77
CA TYR A 23 3.73 -14.62 1.84
C TYR A 23 5.06 -14.71 1.11
N THR A 24 5.98 -13.82 1.40
CA THR A 24 7.29 -13.87 0.69
C THR A 24 8.41 -14.37 1.61
N THR A 25 8.22 -14.32 2.90
CA THR A 25 9.30 -14.80 3.80
C THR A 25 8.90 -16.06 4.53
N ASN A 26 7.69 -16.16 5.03
CA ASN A 26 7.31 -17.41 5.75
C ASN A 26 5.80 -17.63 5.75
N LYS A 27 5.02 -16.63 6.10
CA LYS A 27 3.53 -16.84 6.14
C LYS A 27 2.81 -15.66 6.82
N PHE A 28 1.65 -15.91 7.37
CA PHE A 28 0.88 -14.82 8.06
C PHE A 28 0.72 -15.03 9.60
N PRO A 29 0.93 -16.23 10.13
CA PRO A 29 0.75 -16.43 11.59
C PRO A 29 1.83 -15.71 12.43
N SER A 30 2.71 -16.42 13.11
CA SER A 30 3.72 -15.70 13.95
C SER A 30 4.85 -16.64 14.38
N GLU A 31 5.66 -17.07 13.46
CA GLU A 31 6.80 -17.95 13.77
C GLU A 31 8.08 -17.27 13.30
N TYR A 32 9.17 -17.96 13.30
CA TYR A 32 10.44 -17.32 12.84
C TYR A 32 10.16 -16.59 11.52
N VAL A 33 9.98 -15.31 11.58
CA VAL A 33 9.66 -14.51 10.35
C VAL A 33 10.22 -13.10 10.49
N PRO A 34 10.49 -12.46 9.38
CA PRO A 34 11.03 -11.07 9.43
C PRO A 34 10.02 -10.15 10.12
N THR A 35 10.35 -8.89 10.24
CA THR A 35 9.43 -7.96 10.95
C THR A 35 9.45 -6.56 10.33
N VAL A 36 8.49 -5.74 10.70
CA VAL A 36 8.39 -4.33 10.17
C VAL A 36 9.77 -3.78 9.78
N PHE A 37 10.78 -4.16 10.50
CA PHE A 37 12.16 -3.69 10.20
C PHE A 37 12.37 -3.63 8.68
N ASP A 38 12.20 -2.48 8.06
CA ASP A 38 12.40 -2.47 6.59
C ASP A 38 12.42 -1.05 5.98
N ASN A 39 13.57 -0.44 5.89
CA ASN A 39 13.65 0.91 5.25
C ASN A 39 14.86 0.92 4.31
N TYR A 40 14.82 1.68 3.25
CA TYR A 40 15.99 1.69 2.34
C TYR A 40 15.92 2.84 1.34
N ALA A 41 16.83 3.77 1.45
CA ALA A 41 16.87 4.91 0.49
C ALA A 41 17.83 4.54 -0.63
N VAL A 42 17.34 4.29 -1.81
CA VAL A 42 18.28 3.89 -2.89
C VAL A 42 17.98 4.60 -4.20
N THR A 43 18.86 4.43 -5.14
CA THR A 43 18.70 5.05 -6.47
C THR A 43 19.30 4.13 -7.52
N VAL A 44 19.11 4.41 -8.78
CA VAL A 44 19.69 3.53 -9.82
C VAL A 44 19.75 4.22 -11.15
N MET A 45 20.89 4.20 -11.76
CA MET A 45 21.00 4.82 -13.09
C MET A 45 21.06 3.71 -14.13
N ILE A 46 20.25 3.77 -15.14
CA ILE A 46 20.26 2.70 -16.17
C ILE A 46 20.29 3.31 -17.57
N GLY A 47 21.46 3.35 -18.16
CA GLY A 47 21.56 3.94 -19.53
C GLY A 47 21.10 5.40 -19.48
N GLY A 48 21.16 6.01 -18.32
CA GLY A 48 20.72 7.44 -18.21
C GLY A 48 19.36 7.48 -17.52
N GLU A 49 19.06 6.51 -16.70
CA GLU A 49 17.73 6.50 -16.00
C GLU A 49 17.93 6.35 -14.48
N PRO A 50 17.94 7.48 -13.81
CA PRO A 50 18.13 7.50 -12.34
C PRO A 50 16.81 7.24 -11.59
N TYR A 51 16.83 6.37 -10.62
CA TYR A 51 15.60 6.11 -9.81
C TYR A 51 15.62 7.00 -8.57
N THR A 52 14.47 7.37 -8.07
CA THR A 52 14.44 8.25 -6.86
C THR A 52 13.38 7.74 -5.87
N LEU A 53 13.77 7.02 -4.84
CA LEU A 53 12.72 6.54 -3.89
C LEU A 53 13.24 6.40 -2.45
N GLY A 54 12.34 6.05 -1.57
CA GLY A 54 12.69 5.87 -0.13
C GLY A 54 11.48 5.24 0.57
N LEU A 55 11.60 4.07 1.12
CA LEU A 55 10.43 3.43 1.77
C LEU A 55 10.77 2.95 3.19
N PHE A 56 9.77 2.75 4.02
CA PHE A 56 10.03 2.28 5.41
C PHE A 56 8.74 1.79 6.07
N ASP A 57 8.77 0.63 6.67
CA ASP A 57 7.55 0.11 7.34
C ASP A 57 7.39 0.74 8.72
N THR A 58 6.33 0.42 9.40
CA THR A 58 6.11 0.99 10.76
C THR A 58 7.42 1.06 11.57
N ALA A 59 7.41 1.82 12.65
CA ALA A 59 8.63 1.95 13.50
C ALA A 59 8.22 2.13 14.96
N GLY A 60 7.57 1.16 15.52
CA GLY A 60 7.12 1.26 16.93
C GLY A 60 8.32 1.42 17.86
N GLN A 61 9.45 0.91 17.49
CA GLN A 61 10.65 1.04 18.37
C GLN A 61 11.74 1.87 17.71
N GLU A 62 11.81 1.88 16.40
CA GLU A 62 12.89 2.67 15.74
C GLU A 62 12.71 4.16 16.04
N ASP A 63 11.52 4.69 15.84
CA ASP A 63 11.31 6.13 16.12
C ASP A 63 9.92 6.39 16.72
N TYR A 64 9.14 5.36 16.92
CA TYR A 64 7.78 5.56 17.49
C TYR A 64 6.96 6.35 16.48
N ASP A 65 7.14 6.01 15.24
CA ASP A 65 6.44 6.69 14.15
C ASP A 65 4.99 6.20 14.02
N ARG A 66 4.29 6.13 15.12
CA ARG A 66 2.86 5.68 15.07
C ARG A 66 1.97 6.85 14.69
N LEU A 67 2.40 8.05 14.98
CA LEU A 67 1.58 9.25 14.67
C LEU A 67 2.20 10.11 13.56
N ARG A 68 3.40 9.80 13.12
CA ARG A 68 4.02 10.68 12.07
C ARG A 68 3.76 10.20 10.65
N PRO A 69 4.10 8.97 10.38
CA PRO A 69 3.90 8.40 9.02
C PRO A 69 2.44 8.02 8.77
N LEU A 70 1.58 8.13 9.75
CA LEU A 70 0.15 7.75 9.55
C LEU A 70 -0.72 8.99 9.37
N SER A 71 -1.38 9.43 10.41
CA SER A 71 -2.26 10.63 10.32
C SER A 71 -1.65 11.67 9.38
N TYR A 72 -0.36 11.71 9.28
CA TYR A 72 0.30 12.68 8.36
C TYR A 72 0.79 11.94 7.11
N PRO A 73 -0.06 11.90 6.12
CA PRO A 73 0.28 11.20 4.86
C PRO A 73 1.36 11.96 4.08
N GLN A 74 2.20 11.26 3.38
CA GLN A 74 3.28 11.95 2.62
C GLN A 74 3.97 10.97 1.67
N THR A 75 3.23 10.36 0.79
CA THR A 75 3.84 9.40 -0.16
C THR A 75 3.13 9.48 -1.51
N ASP A 76 3.68 10.21 -2.42
CA ASP A 76 3.07 10.36 -3.77
C ASP A 76 2.37 9.07 -4.20
N VAL A 77 2.90 7.95 -3.79
CA VAL A 77 2.27 6.64 -4.15
C VAL A 77 1.68 5.98 -2.90
N PHE A 78 0.39 5.73 -2.90
CA PHE A 78 -0.27 5.12 -1.70
C PHE A 78 -0.82 3.73 -2.02
N LEU A 79 -0.70 2.81 -1.11
CA LEU A 79 -1.25 1.44 -1.35
C LEU A 79 -2.47 1.21 -0.45
N VAL A 80 -3.64 1.37 -0.99
CA VAL A 80 -4.87 1.16 -0.18
C VAL A 80 -5.51 -0.20 -0.51
N CYS A 81 -6.19 -0.80 0.43
CA CYS A 81 -6.81 -2.12 0.16
C CYS A 81 -8.31 -2.11 0.49
N PHE A 82 -9.15 -2.05 -0.51
CA PHE A 82 -10.62 -2.05 -0.25
C PHE A 82 -11.18 -3.48 -0.23
N SER A 83 -12.09 -3.76 0.67
CA SER A 83 -12.69 -5.13 0.74
C SER A 83 -13.96 -5.20 -0.11
N VAL A 84 -14.16 -6.27 -0.83
CA VAL A 84 -15.38 -6.38 -1.68
C VAL A 84 -16.58 -6.84 -0.83
N VAL A 85 -16.32 -7.38 0.33
CA VAL A 85 -17.44 -7.85 1.21
C VAL A 85 -17.68 -6.84 2.33
N SER A 86 -17.59 -5.58 2.00
CA SER A 86 -17.81 -4.51 3.02
C SER A 86 -19.12 -3.78 2.72
N PRO A 87 -19.71 -3.22 3.73
CA PRO A 87 -20.99 -2.48 3.56
C PRO A 87 -20.79 -1.19 2.76
N SER A 88 -20.59 -1.33 1.47
CA SER A 88 -20.40 -0.12 0.61
C SER A 88 -19.54 0.92 1.33
N SER A 89 -18.37 0.53 1.78
CA SER A 89 -17.49 1.49 2.49
C SER A 89 -16.54 2.19 1.50
N PHE A 90 -16.07 1.49 0.52
CA PHE A 90 -15.14 2.13 -0.46
C PHE A 90 -15.72 3.45 -0.97
N GLU A 91 -17.02 3.55 -1.03
CA GLU A 91 -17.65 4.82 -1.52
C GLU A 91 -17.39 5.94 -0.52
N ASN A 92 -17.37 5.65 0.75
CA ASN A 92 -17.11 6.72 1.75
C ASN A 92 -15.65 7.14 1.68
N VAL A 93 -14.84 6.37 1.00
CA VAL A 93 -13.40 6.75 0.88
C VAL A 93 -13.21 7.63 -0.34
N LYS A 94 -14.21 7.71 -1.18
CA LYS A 94 -14.11 8.58 -2.38
C LYS A 94 -14.57 9.98 -2.02
N GLU A 95 -15.55 10.04 -1.17
CA GLU A 95 -16.07 11.36 -0.72
C GLU A 95 -15.17 11.95 0.35
N LYS A 96 -14.18 11.21 0.80
CA LYS A 96 -13.29 11.75 1.87
C LYS A 96 -11.95 12.26 1.30
N TRP A 97 -11.34 11.50 0.43
CA TRP A 97 -10.03 11.92 -0.14
C TRP A 97 -10.20 12.76 -1.41
N VAL A 98 -11.24 12.56 -2.16
CA VAL A 98 -11.40 13.37 -3.40
C VAL A 98 -11.52 14.85 -3.06
N PRO A 99 -12.36 15.18 -2.12
CA PRO A 99 -12.51 16.60 -1.72
C PRO A 99 -11.29 17.03 -0.90
N GLU A 100 -10.53 16.06 -0.44
CA GLU A 100 -9.33 16.37 0.38
C GLU A 100 -8.35 17.24 -0.41
N ILE A 101 -8.33 17.13 -1.71
CA ILE A 101 -7.37 17.96 -2.51
C ILE A 101 -5.94 17.67 -2.04
N THR A 102 -5.26 16.78 -2.68
CA THR A 102 -3.86 16.46 -2.28
C THR A 102 -3.12 17.77 -1.99
N HIS A 103 -2.65 18.42 -3.01
CA HIS A 103 -1.96 19.73 -2.83
C HIS A 103 -2.86 20.83 -3.42
N HIS A 104 -3.80 20.42 -4.23
CA HIS A 104 -4.74 21.36 -4.90
C HIS A 104 -5.37 20.59 -6.04
N CYS A 105 -4.54 20.05 -6.89
CA CYS A 105 -5.03 19.24 -8.02
C CYS A 105 -3.85 18.48 -8.67
N PRO A 106 -2.99 17.90 -7.86
CA PRO A 106 -1.83 17.15 -8.41
C PRO A 106 -2.28 15.77 -8.83
N LYS A 107 -3.33 15.28 -8.20
CA LYS A 107 -3.89 13.93 -8.50
C LYS A 107 -2.81 12.85 -8.33
N THR A 108 -2.17 12.85 -7.19
CA THR A 108 -1.12 11.83 -6.92
C THR A 108 -1.61 10.44 -7.34
N PRO A 109 -0.68 9.58 -7.63
CA PRO A 109 -1.03 8.20 -8.06
C PRO A 109 -1.69 7.44 -6.91
N PHE A 110 -2.59 6.54 -7.24
CA PHE A 110 -3.28 5.77 -6.17
C PHE A 110 -3.41 4.30 -6.59
N LEU A 111 -2.72 3.42 -5.91
CA LEU A 111 -2.82 1.99 -6.27
C LEU A 111 -4.08 1.40 -5.65
N LEU A 112 -5.11 1.30 -6.42
CA LEU A 112 -6.39 0.72 -5.92
C LEU A 112 -6.20 -0.78 -5.69
N VAL A 113 -6.75 -1.33 -4.64
CA VAL A 113 -6.56 -2.80 -4.41
C VAL A 113 -7.77 -3.41 -3.70
N GLY A 114 -7.82 -4.73 -3.65
CA GLY A 114 -8.94 -5.41 -2.96
C GLY A 114 -8.43 -6.01 -1.65
N THR A 115 -9.26 -6.12 -0.66
CA THR A 115 -8.80 -6.69 0.64
C THR A 115 -9.28 -8.13 0.81
N GLN A 116 -8.39 -9.03 1.14
CA GLN A 116 -8.80 -10.45 1.32
C GLN A 116 -9.55 -10.96 0.09
N ILE A 117 -9.00 -10.77 -1.07
CA ILE A 117 -9.71 -11.25 -2.30
C ILE A 117 -9.80 -12.77 -2.29
N ASP A 118 -8.89 -13.42 -1.61
CA ASP A 118 -8.83 -14.93 -1.56
C ASP A 118 -10.18 -15.49 -1.17
N LEU A 119 -11.15 -15.18 -1.97
CA LEU A 119 -12.56 -15.61 -1.73
C LEU A 119 -13.49 -14.68 -2.50
N ARG A 120 -13.04 -13.47 -2.74
CA ARG A 120 -13.86 -12.49 -3.48
C ARG A 120 -14.37 -13.12 -4.79
N ASP A 121 -13.54 -13.87 -5.45
CA ASP A 121 -13.98 -14.52 -6.71
C ASP A 121 -15.28 -15.30 -6.49
N ASP A 122 -15.49 -15.77 -5.30
CA ASP A 122 -16.73 -16.54 -5.01
C ASP A 122 -17.89 -15.60 -4.68
N PRO A 123 -19.00 -15.83 -5.34
CA PRO A 123 -20.22 -15.01 -5.14
C PRO A 123 -21.03 -15.58 -3.97
N SER A 124 -20.39 -16.28 -3.06
CA SER A 124 -21.12 -16.87 -1.91
C SER A 124 -20.97 -15.98 -0.68
N THR A 125 -19.77 -15.63 -0.35
CA THR A 125 -19.58 -14.70 0.80
C THR A 125 -19.99 -13.34 0.28
N ILE A 126 -19.73 -13.15 -0.97
CA ILE A 126 -20.12 -11.90 -1.65
C ILE A 126 -21.60 -11.66 -1.34
N GLU A 127 -22.31 -12.73 -1.11
CA GLU A 127 -23.76 -12.63 -0.78
C GLU A 127 -23.96 -11.66 0.39
N LYS A 128 -23.00 -11.55 1.24
CA LYS A 128 -23.12 -10.66 2.42
C LYS A 128 -23.44 -9.22 2.00
N LEU A 129 -22.89 -8.75 0.92
CA LEU A 129 -23.20 -7.35 0.50
C LEU A 129 -24.70 -7.19 0.31
N ALA A 130 -25.29 -8.09 -0.43
CA ALA A 130 -26.75 -8.01 -0.70
C ALA A 130 -27.55 -7.82 0.58
N LYS A 131 -27.19 -8.49 1.63
CA LYS A 131 -27.95 -8.35 2.91
C LYS A 131 -27.95 -6.89 3.37
N ASN A 132 -26.99 -6.11 2.91
CA ASN A 132 -26.95 -4.68 3.33
C ASN A 132 -26.86 -3.75 2.12
N LYS A 133 -25.98 -4.05 1.22
CA LYS A 133 -25.80 -3.22 0.01
C LYS A 133 -26.03 -4.07 -1.23
N GLN A 134 -26.60 -3.51 -2.25
CA GLN A 134 -26.87 -4.30 -3.49
C GLN A 134 -25.79 -4.04 -4.54
N LYS A 135 -24.78 -3.31 -4.19
CA LYS A 135 -23.68 -3.04 -5.17
C LYS A 135 -22.32 -3.30 -4.52
N PRO A 136 -21.83 -4.50 -4.72
CA PRO A 136 -20.52 -4.90 -4.16
C PRO A 136 -19.38 -4.18 -4.87
N ILE A 137 -18.22 -4.12 -4.26
CA ILE A 137 -17.07 -3.44 -4.95
C ILE A 137 -16.53 -4.37 -6.03
N THR A 138 -16.31 -3.85 -7.20
CA THR A 138 -15.80 -4.72 -8.29
C THR A 138 -14.60 -4.07 -8.96
N PRO A 139 -13.93 -4.82 -9.79
CA PRO A 139 -12.74 -4.29 -10.51
C PRO A 139 -13.20 -3.23 -11.52
N GLU A 140 -14.36 -3.42 -12.09
CA GLU A 140 -14.88 -2.42 -13.07
C GLU A 140 -15.27 -1.15 -12.32
N THR A 141 -15.57 -1.27 -11.05
CA THR A 141 -15.93 -0.06 -10.25
C THR A 141 -14.66 0.67 -9.85
N ALA A 142 -13.64 -0.07 -9.47
CA ALA A 142 -12.35 0.58 -9.09
C ALA A 142 -11.81 1.35 -10.27
N GLU A 143 -11.90 0.79 -11.44
CA GLU A 143 -11.40 1.48 -12.65
C GLU A 143 -12.13 2.82 -12.83
N LYS A 144 -13.42 2.83 -12.62
CA LYS A 144 -14.17 4.10 -12.76
C LYS A 144 -13.66 5.11 -11.74
N LEU A 145 -13.37 4.68 -10.54
CA LEU A 145 -12.82 5.61 -9.53
C LEU A 145 -11.46 6.10 -10.01
N ALA A 146 -10.62 5.20 -10.45
CA ALA A 146 -9.27 5.59 -10.94
C ALA A 146 -9.39 6.61 -12.07
N ARG A 147 -10.27 6.37 -13.00
CA ARG A 147 -10.44 7.33 -14.13
C ARG A 147 -11.07 8.62 -13.62
N ASP A 148 -11.82 8.54 -12.55
CA ASP A 148 -12.47 9.77 -12.01
C ASP A 148 -11.45 10.64 -11.28
N LEU A 149 -10.69 10.06 -10.40
CA LEU A 149 -9.67 10.86 -9.66
C LEU A 149 -8.35 10.82 -10.43
N LYS A 150 -8.37 10.17 -11.55
CA LYS A 150 -7.15 10.06 -12.39
C LYS A 150 -6.08 9.27 -11.66
N ALA A 151 -6.49 8.36 -10.83
CA ALA A 151 -5.51 7.53 -10.08
C ALA A 151 -4.61 6.78 -11.07
N VAL A 152 -4.18 5.59 -10.75
CA VAL A 152 -3.30 4.87 -11.71
C VAL A 152 -3.93 3.56 -12.20
N LYS A 153 -4.29 2.67 -11.33
CA LYS A 153 -4.90 1.39 -11.83
C LYS A 153 -5.45 0.53 -10.70
N TYR A 154 -6.46 -0.26 -10.98
CA TYR A 154 -7.04 -1.17 -9.95
C TYR A 154 -6.28 -2.49 -9.91
N VAL A 155 -5.77 -2.87 -8.77
CA VAL A 155 -5.02 -4.16 -8.67
C VAL A 155 -5.62 -5.02 -7.55
N GLU A 156 -4.94 -6.07 -7.16
CA GLU A 156 -5.48 -6.94 -6.07
C GLU A 156 -4.33 -7.46 -5.20
N CYS A 157 -4.57 -7.60 -3.91
CA CYS A 157 -3.50 -8.08 -3.00
C CYS A 157 -4.07 -8.96 -1.89
N SER A 158 -3.50 -10.11 -1.72
CA SER A 158 -3.94 -11.01 -0.64
C SER A 158 -2.75 -11.26 0.28
N ALA A 159 -2.95 -11.91 1.37
CA ALA A 159 -1.83 -12.15 2.30
C ALA A 159 -1.17 -13.49 2.01
N LEU A 160 -1.58 -14.52 2.68
CA LEU A 160 -0.96 -15.83 2.43
C LEU A 160 -1.07 -16.17 0.93
N THR A 161 -2.16 -15.85 0.29
CA THR A 161 -2.27 -16.16 -1.16
C THR A 161 -1.51 -15.12 -2.00
N GLN A 162 -1.51 -13.86 -1.60
CA GLN A 162 -0.78 -12.84 -2.39
C GLN A 162 -1.33 -12.80 -3.81
N LYS A 163 -2.54 -12.37 -3.97
CA LYS A 163 -3.14 -12.33 -5.33
C LYS A 163 -2.81 -10.99 -6.04
N GLY A 164 -1.55 -10.67 -6.17
CA GLY A 164 -1.20 -9.40 -6.87
C GLY A 164 -0.30 -8.53 -5.98
N LEU A 165 0.22 -9.05 -4.90
CA LEU A 165 1.10 -8.20 -4.05
C LEU A 165 2.23 -7.62 -4.90
N LYS A 166 2.70 -8.35 -5.86
CA LYS A 166 3.81 -7.84 -6.72
C LYS A 166 3.26 -7.04 -7.91
N ASN A 167 2.04 -7.31 -8.29
CA ASN A 167 1.46 -6.58 -9.46
C ASN A 167 1.16 -5.12 -9.09
N VAL A 168 0.68 -4.85 -7.91
CA VAL A 168 0.39 -3.44 -7.53
C VAL A 168 1.69 -2.67 -7.41
N PHE A 169 2.70 -3.31 -6.91
CA PHE A 169 4.01 -2.64 -6.77
C PHE A 169 4.52 -2.19 -8.14
N ASP A 170 4.29 -2.98 -9.17
CA ASP A 170 4.78 -2.59 -10.53
C ASP A 170 4.03 -1.37 -11.06
N GLU A 171 2.73 -1.35 -10.96
CA GLU A 171 1.96 -0.18 -11.47
C GLU A 171 2.39 1.10 -10.75
N ALA A 172 2.81 1.00 -9.51
CA ALA A 172 3.26 2.22 -8.80
C ALA A 172 4.59 2.68 -9.38
N ILE A 173 5.32 1.78 -9.98
CA ILE A 173 6.63 2.17 -10.57
C ILE A 173 6.41 3.15 -11.72
N LEU A 174 5.46 2.90 -12.58
CA LEU A 174 5.23 3.83 -13.71
C LEU A 174 4.42 5.05 -13.25
N ALA A 175 3.57 4.85 -12.30
CA ALA A 175 2.73 5.99 -11.81
C ALA A 175 3.44 6.72 -10.67
N ALA A 176 4.63 6.30 -10.31
CA ALA A 176 5.35 7.00 -9.21
C ALA A 176 6.19 8.15 -9.77
N LEU A 177 6.77 7.96 -10.93
CA LEU A 177 7.62 9.05 -11.52
C LEU A 177 6.85 9.75 -12.64
N GLU A 178 5.76 9.15 -13.06
CA GLU A 178 4.95 9.77 -14.16
C GLU A 178 4.82 11.28 -13.94
N GLY B 1 5.95 9.31 -19.96
CA GLY B 1 7.28 9.33 -19.28
C GLY B 1 8.26 8.45 -20.05
N SER B 2 9.53 8.60 -19.79
CA SER B 2 10.54 7.77 -20.51
C SER B 2 10.81 6.47 -19.75
N LYS B 3 9.77 5.79 -19.34
CA LYS B 3 9.98 4.52 -18.59
C LYS B 3 10.40 3.41 -19.54
N GLU B 4 11.67 3.12 -19.58
CA GLU B 4 12.16 2.03 -20.47
C GLU B 4 12.42 0.77 -19.65
N ARG B 5 12.78 -0.29 -20.33
CA ARG B 5 13.06 -1.57 -19.61
C ARG B 5 14.35 -1.38 -18.78
N PRO B 6 15.16 -2.41 -18.61
CA PRO B 6 16.38 -2.25 -17.79
C PRO B 6 17.48 -1.48 -18.54
N GLU B 7 17.14 -0.84 -19.65
CA GLU B 7 18.18 -0.07 -20.42
C GLU B 7 19.51 -0.80 -20.36
N ILE B 8 20.59 -0.07 -20.44
CA ILE B 8 21.93 -0.73 -20.35
C ILE B 8 22.25 -0.94 -18.87
N SER B 9 23.27 -0.32 -18.32
CA SER B 9 23.56 -0.52 -16.88
C SER B 9 24.41 0.61 -16.31
N LEU B 10 23.84 1.44 -15.48
CA LEU B 10 24.64 2.54 -14.88
C LEU B 10 24.70 2.33 -13.36
N PRO B 11 25.89 2.19 -12.85
CA PRO B 11 26.08 1.94 -11.40
C PRO B 11 25.72 3.14 -10.53
N SER B 12 24.55 3.13 -9.94
CA SER B 12 24.14 4.24 -9.03
C SER B 12 23.21 3.69 -7.95
N ASP B 13 23.50 3.90 -6.70
CA ASP B 13 22.58 3.35 -5.66
C ASP B 13 22.91 3.85 -4.26
N PHE B 14 21.88 3.97 -3.45
CA PHE B 14 22.04 4.39 -2.03
C PHE B 14 21.29 3.39 -1.13
N GLU B 15 21.23 3.60 0.15
CA GLU B 15 20.51 2.62 1.03
C GLU B 15 20.40 3.12 2.49
N HIS B 16 19.35 2.72 3.18
CA HIS B 16 19.18 3.12 4.61
C HIS B 16 18.00 2.35 5.23
N THR B 17 18.25 1.54 6.21
CA THR B 17 17.13 0.76 6.82
C THR B 17 17.07 0.90 8.35
N ILE B 18 15.93 0.64 8.92
CA ILE B 18 15.77 0.72 10.40
C ILE B 18 15.32 -0.64 10.93
N HIS B 19 14.91 -0.72 12.18
CA HIS B 19 14.48 -2.04 12.70
C HIS B 19 13.19 -1.94 13.53
N VAL B 20 12.47 -3.04 13.65
CA VAL B 20 11.18 -3.05 14.41
C VAL B 20 11.37 -3.57 15.84
N GLY B 21 10.51 -3.15 16.73
CA GLY B 21 10.59 -3.65 18.13
C GLY B 21 9.40 -4.58 18.37
N PHE B 22 9.38 -5.70 17.67
CA PHE B 22 8.26 -6.65 17.81
C PHE B 22 8.45 -7.79 16.80
N ASP B 23 8.68 -8.97 17.28
CA ASP B 23 8.92 -10.13 16.38
C ASP B 23 7.71 -10.44 15.47
N ALA B 24 7.97 -11.01 14.31
CA ALA B 24 6.87 -11.37 13.35
C ALA B 24 5.76 -10.33 13.30
N VAL B 25 6.02 -9.18 12.75
CA VAL B 25 4.93 -8.17 12.66
C VAL B 25 4.54 -7.95 11.20
N THR B 26 5.53 -7.81 10.36
CA THR B 26 5.25 -7.58 8.92
C THR B 26 4.98 -8.90 8.19
N GLY B 27 5.53 -9.97 8.68
CA GLY B 27 5.29 -11.29 8.05
C GLY B 27 4.14 -11.97 8.77
N GLU B 28 3.17 -11.21 9.18
CA GLU B 28 2.02 -11.79 9.91
C GLU B 28 0.73 -11.10 9.52
N PHE B 29 -0.23 -11.88 9.16
CA PHE B 29 -1.55 -11.32 8.79
C PHE B 29 -2.65 -12.23 9.34
N THR B 30 -3.41 -11.70 10.25
CA THR B 30 -4.51 -12.49 10.88
C THR B 30 -5.68 -11.55 11.23
N GLY B 31 -5.37 -10.46 11.88
CA GLY B 31 -6.44 -9.48 12.26
C GLY B 31 -5.79 -8.34 13.07
N ILE B 32 -5.36 -7.30 12.40
CA ILE B 32 -4.71 -6.16 13.12
C ILE B 32 -5.50 -4.87 12.87
N PRO B 33 -5.51 -4.01 13.87
CA PRO B 33 -6.22 -2.71 13.74
C PRO B 33 -5.49 -1.82 12.74
N GLU B 34 -6.21 -1.27 11.80
CA GLU B 34 -5.57 -0.40 10.76
C GLU B 34 -4.44 -1.17 10.07
N GLN B 35 -4.03 -0.75 8.90
CA GLN B 35 -2.96 -1.50 8.19
C GLN B 35 -1.56 -0.95 8.48
N TRP B 36 -1.47 0.31 8.79
CA TRP B 36 -0.13 0.95 9.06
C TRP B 36 -0.29 2.46 8.97
N ALA B 37 -1.40 2.93 9.44
CA ALA B 37 -1.72 4.37 9.40
C ALA B 37 -3.02 4.55 10.14
N ARG B 38 -2.93 4.48 11.43
CA ARG B 38 -4.12 4.64 12.29
C ARG B 38 -4.42 6.12 12.38
N LEU B 39 -4.47 6.75 11.23
CA LEU B 39 -4.74 8.22 11.19
C LEU B 39 -5.79 8.56 12.25
N LEU B 40 -6.65 7.61 12.52
CA LEU B 40 -7.71 7.79 13.55
C LEU B 40 -7.13 7.56 14.95
N GLN B 41 -5.89 7.92 15.15
CA GLN B 41 -5.22 7.73 16.47
C GLN B 41 -6.22 7.90 17.61
N THR B 42 -7.21 8.71 17.41
CA THR B 42 -8.24 8.88 18.44
C THR B 42 -9.49 8.23 17.87
N SER B 43 -9.50 6.91 17.81
CA SER B 43 -10.65 6.17 17.21
C SER B 43 -12.00 6.71 17.68
N ASN B 44 -12.29 7.93 17.35
CA ASN B 44 -13.58 8.54 17.77
C ASN B 44 -14.60 8.45 16.64
N ILE B 45 -15.84 8.18 16.97
CA ILE B 45 -16.90 8.10 15.92
C ILE B 45 -16.43 7.23 14.76
N THR B 46 -17.24 7.09 13.75
CA THR B 46 -16.82 6.27 12.59
C THR B 46 -17.73 6.58 11.39
N MET A 1 9.12 13.34 -11.99
CA MET A 1 8.29 12.15 -12.34
C MET A 1 9.06 10.86 -12.01
N GLN A 2 9.68 10.84 -10.87
CA GLN A 2 10.45 9.64 -10.44
C GLN A 2 10.51 9.61 -8.91
N THR A 3 10.60 10.77 -8.30
CA THR A 3 10.66 10.82 -6.81
C THR A 3 9.49 10.05 -6.21
N ILE A 4 9.68 8.81 -5.90
CA ILE A 4 8.55 8.06 -5.28
C ILE A 4 8.84 7.79 -3.82
N LYS A 5 7.87 8.05 -3.01
CA LYS A 5 8.03 7.81 -1.56
C LYS A 5 6.90 6.87 -1.15
N CYS A 6 7.21 5.62 -0.92
CA CYS A 6 6.13 4.65 -0.58
C CYS A 6 6.22 4.21 0.89
N VAL A 7 5.11 3.85 1.46
CA VAL A 7 5.10 3.39 2.87
C VAL A 7 3.76 2.72 3.21
N VAL A 8 3.72 1.96 4.27
CA VAL A 8 2.45 1.26 4.66
C VAL A 8 1.51 2.19 5.41
N VAL A 9 0.23 2.14 5.10
CA VAL A 9 -0.76 3.01 5.82
C VAL A 9 -2.13 2.35 5.80
N GLY A 10 -3.06 2.87 6.56
CA GLY A 10 -4.43 2.26 6.59
C GLY A 10 -5.06 2.51 7.96
N ASP A 11 -5.75 3.61 8.12
CA ASP A 11 -6.41 3.92 9.42
C ASP A 11 -5.51 3.54 10.60
N GLY A 12 -4.22 3.53 10.40
CA GLY A 12 -3.29 3.17 11.52
C GLY A 12 -3.40 1.67 11.81
N ALA A 13 -3.57 0.88 10.80
CA ALA A 13 -3.69 -0.59 10.99
C ALA A 13 -2.42 -1.29 10.48
N VAL A 14 -2.57 -2.41 9.84
CA VAL A 14 -1.38 -3.12 9.29
C VAL A 14 -1.07 -2.61 7.88
N GLY A 15 0.12 -2.84 7.39
CA GLY A 15 0.47 -2.36 6.01
C GLY A 15 0.17 -3.44 4.98
N LYS A 16 0.54 -3.21 3.75
CA LYS A 16 0.29 -4.22 2.68
C LYS A 16 1.60 -4.86 2.20
N THR A 17 2.58 -4.05 1.84
CA THR A 17 3.87 -4.62 1.36
C THR A 17 4.36 -5.66 2.37
N CYS A 18 4.13 -5.39 3.63
CA CYS A 18 4.54 -6.35 4.67
C CYS A 18 3.71 -7.64 4.56
N LEU A 19 2.87 -7.74 3.56
CA LEU A 19 2.05 -8.95 3.40
C LEU A 19 2.50 -9.74 2.17
N LEU A 20 2.83 -9.07 1.14
CA LEU A 20 3.25 -9.81 -0.09
C LEU A 20 4.20 -10.96 0.23
N ILE A 21 5.17 -10.72 1.04
CA ILE A 21 6.07 -11.88 1.35
C ILE A 21 5.56 -12.62 2.58
N SER A 22 4.93 -11.92 3.45
CA SER A 22 4.41 -12.59 4.67
C SER A 22 3.66 -13.86 4.30
N TYR A 23 2.83 -13.85 3.29
CA TYR A 23 2.14 -15.10 2.92
C TYR A 23 3.02 -15.92 1.96
N THR A 24 4.19 -15.43 1.61
CA THR A 24 5.04 -16.19 0.64
C THR A 24 6.30 -16.82 1.29
N THR A 25 7.01 -16.14 2.14
CA THR A 25 8.24 -16.75 2.69
C THR A 25 8.16 -16.93 4.21
N ASN A 26 8.63 -15.98 4.95
CA ASN A 26 8.58 -16.10 6.45
C ASN A 26 8.13 -14.80 7.08
N LYS A 27 8.27 -13.72 6.37
CA LYS A 27 7.81 -12.39 6.83
C LYS A 27 7.43 -11.63 5.60
N PHE A 28 7.74 -10.40 5.51
CA PHE A 28 7.36 -9.72 4.25
C PHE A 28 8.51 -9.03 3.49
N PRO A 29 9.74 -9.41 3.76
CA PRO A 29 10.87 -8.83 2.99
C PRO A 29 10.89 -9.45 1.58
N SER A 30 11.66 -10.48 1.35
CA SER A 30 11.67 -11.11 -0.01
C SER A 30 12.10 -12.58 0.02
N GLU A 31 12.62 -13.01 1.12
CA GLU A 31 13.07 -14.40 1.27
C GLU A 31 13.44 -14.60 2.75
N TYR A 32 14.05 -15.69 3.09
CA TYR A 32 14.44 -15.87 4.53
C TYR A 32 15.16 -14.59 4.95
N VAL A 33 14.44 -13.71 5.59
CA VAL A 33 15.01 -12.38 5.96
C VAL A 33 14.30 -11.84 7.21
N PRO A 34 14.92 -10.93 7.90
CA PRO A 34 14.27 -10.33 9.11
C PRO A 34 13.04 -9.49 8.70
N THR A 35 12.27 -9.05 9.65
CA THR A 35 11.04 -8.24 9.32
C THR A 35 11.31 -6.74 9.43
N VAL A 36 10.67 -5.95 8.59
CA VAL A 36 10.82 -4.46 8.62
C VAL A 36 12.13 -4.01 7.98
N PHE A 37 13.07 -4.90 7.77
CA PHE A 37 14.37 -4.53 7.14
C PHE A 37 14.16 -3.43 6.07
N ASP A 38 14.19 -2.20 6.47
CA ASP A 38 13.97 -1.14 5.44
C ASP A 38 14.28 0.26 5.98
N ASN A 39 15.30 0.88 5.48
CA ASN A 39 15.63 2.27 5.94
C ASN A 39 16.66 2.85 4.97
N TYR A 40 16.21 3.62 4.01
CA TYR A 40 17.17 4.21 3.04
C TYR A 40 16.48 5.22 2.12
N ALA A 41 17.25 5.84 1.27
CA ALA A 41 16.68 6.85 0.33
C ALA A 41 17.75 7.25 -0.68
N VAL A 42 17.73 6.67 -1.85
CA VAL A 42 18.77 7.02 -2.86
C VAL A 42 18.27 6.69 -4.27
N THR A 43 19.17 6.69 -5.23
CA THR A 43 18.76 6.41 -6.63
C THR A 43 19.18 4.99 -7.06
N VAL A 44 18.65 4.53 -8.16
CA VAL A 44 19.02 3.19 -8.66
C VAL A 44 19.46 3.32 -10.12
N MET A 45 20.49 2.64 -10.53
CA MET A 45 20.91 2.78 -11.95
C MET A 45 20.45 1.56 -12.77
N ILE A 46 19.39 1.71 -13.53
CA ILE A 46 18.88 0.57 -14.33
C ILE A 46 19.12 0.83 -15.83
N GLY A 47 19.90 0.01 -16.49
CA GLY A 47 20.15 0.21 -17.94
C GLY A 47 20.69 1.64 -18.17
N GLY A 48 21.16 2.29 -17.15
CA GLY A 48 21.70 3.68 -17.32
C GLY A 48 20.60 4.69 -16.99
N GLU A 49 19.58 4.27 -16.30
CA GLU A 49 18.47 5.20 -15.96
C GLU A 49 18.46 5.48 -14.46
N PRO A 50 18.69 6.72 -14.12
CA PRO A 50 18.71 7.12 -12.68
C PRO A 50 17.29 7.06 -12.10
N TYR A 51 17.08 6.25 -11.10
CA TYR A 51 15.73 6.15 -10.49
C TYR A 51 15.62 7.03 -9.25
N THR A 52 14.47 7.04 -8.62
CA THR A 52 14.29 7.88 -7.40
C THR A 52 13.35 7.19 -6.43
N LEU A 53 13.70 7.12 -5.17
CA LEU A 53 12.77 6.47 -4.20
C LEU A 53 13.25 6.65 -2.76
N GLY A 54 12.45 6.21 -1.84
CA GLY A 54 12.80 6.33 -0.39
C GLY A 54 11.72 5.60 0.41
N LEU A 55 12.00 4.44 0.93
CA LEU A 55 10.97 3.72 1.70
C LEU A 55 11.27 3.80 3.20
N PHE A 56 10.28 4.07 4.00
CA PHE A 56 10.50 4.16 5.47
C PHE A 56 9.49 3.29 6.23
N ASP A 57 9.91 2.15 6.70
CA ASP A 57 8.98 1.26 7.46
C ASP A 57 9.33 1.32 8.96
N THR A 58 8.41 1.72 9.78
CA THR A 58 8.71 1.80 11.24
C THR A 58 9.59 0.63 11.72
N ALA A 59 10.66 0.94 12.41
CA ALA A 59 11.60 -0.12 12.92
C ALA A 59 10.99 -0.90 14.08
N GLY A 60 10.90 -0.31 15.24
CA GLY A 60 10.33 -1.04 16.40
C GLY A 60 11.31 -2.13 16.84
N GLN A 61 12.49 -2.15 16.25
CA GLN A 61 13.50 -3.18 16.64
C GLN A 61 14.78 -3.02 15.79
N GLU A 62 14.69 -2.48 14.60
CA GLU A 62 15.92 -2.34 13.77
C GLU A 62 17.10 -1.89 14.63
N ASP A 63 17.09 -0.65 15.07
CA ASP A 63 18.21 -0.12 15.93
C ASP A 63 18.18 1.41 15.99
N TYR A 64 17.43 2.05 15.14
CA TYR A 64 17.37 3.53 15.17
C TYR A 64 15.98 3.97 15.64
N ASP A 65 15.25 3.08 16.24
CA ASP A 65 13.90 3.43 16.72
C ASP A 65 13.97 4.72 17.53
N ARG A 66 15.11 5.05 18.07
CA ARG A 66 15.22 6.31 18.84
C ARG A 66 14.65 7.46 18.01
N LEU A 67 14.86 7.42 16.72
CA LEU A 67 14.32 8.50 15.83
C LEU A 67 12.95 8.10 15.29
N ARG A 68 12.36 7.06 15.84
CA ARG A 68 11.01 6.63 15.35
C ARG A 68 9.87 7.57 15.78
N PRO A 69 10.06 8.34 16.84
CA PRO A 69 8.97 9.25 17.28
C PRO A 69 8.91 10.50 16.40
N LEU A 70 8.22 10.38 15.29
CA LEU A 70 8.09 11.54 14.35
C LEU A 70 6.61 11.74 14.01
N SER A 71 5.94 10.67 13.70
CA SER A 71 4.49 10.72 13.38
C SER A 71 4.23 11.62 12.18
N TYR A 72 5.25 12.00 11.45
CA TYR A 72 5.03 12.91 10.29
C TYR A 72 5.07 12.15 8.95
N PRO A 73 3.93 12.05 8.33
CA PRO A 73 3.82 11.37 7.02
C PRO A 73 4.35 12.27 5.90
N GLN A 74 4.92 11.67 4.87
CA GLN A 74 5.45 12.48 3.73
C GLN A 74 5.93 11.53 2.63
N THR A 75 5.02 10.82 2.00
CA THR A 75 5.43 9.88 0.93
C THR A 75 4.39 9.89 -0.18
N ASP A 76 4.55 10.78 -1.12
CA ASP A 76 3.60 10.91 -2.27
C ASP A 76 2.75 9.65 -2.51
N VAL A 77 3.35 8.49 -2.49
CA VAL A 77 2.55 7.25 -2.74
C VAL A 77 2.41 6.41 -1.46
N PHE A 78 1.28 5.77 -1.28
CA PHE A 78 1.09 4.93 -0.05
C PHE A 78 0.02 3.85 -0.28
N LEU A 79 0.06 2.78 0.48
CA LEU A 79 -0.96 1.71 0.33
C LEU A 79 -1.92 1.79 1.53
N VAL A 80 -3.05 2.40 1.37
CA VAL A 80 -4.01 2.53 2.49
C VAL A 80 -4.89 1.27 2.57
N CYS A 81 -5.33 0.89 3.73
CA CYS A 81 -6.13 -0.37 3.82
C CYS A 81 -7.57 -0.13 4.34
N PHE A 82 -8.53 -0.13 3.45
CA PHE A 82 -9.95 0.01 3.90
C PHE A 82 -10.63 -1.37 3.95
N SER A 83 -11.55 -1.59 4.84
CA SER A 83 -12.23 -2.91 4.87
C SER A 83 -13.47 -2.86 3.97
N VAL A 84 -13.73 -3.91 3.26
CA VAL A 84 -14.91 -3.91 2.33
C VAL A 84 -16.19 -4.19 3.13
N VAL A 85 -16.10 -4.28 4.42
CA VAL A 85 -17.29 -4.56 5.25
C VAL A 85 -17.24 -3.78 6.55
N SER A 86 -17.17 -2.50 6.45
CA SER A 86 -17.09 -1.63 7.66
C SER A 86 -18.23 -0.61 7.60
N PRO A 87 -18.15 0.41 8.43
CA PRO A 87 -19.20 1.45 8.42
C PRO A 87 -19.01 2.36 7.21
N SER A 88 -19.08 1.80 6.04
CA SER A 88 -18.91 2.58 4.77
C SER A 88 -17.93 3.73 4.96
N SER A 89 -16.76 3.46 5.48
CA SER A 89 -15.76 4.55 5.67
C SER A 89 -15.09 4.92 4.34
N PHE A 90 -15.04 4.01 3.41
CA PHE A 90 -14.39 4.32 2.10
C PHE A 90 -15.05 5.51 1.41
N GLU A 91 -16.34 5.61 1.45
CA GLU A 91 -17.02 6.75 0.77
C GLU A 91 -16.75 8.06 1.52
N ASN A 92 -16.43 7.99 2.78
CA ASN A 92 -16.16 9.26 3.52
C ASN A 92 -14.70 9.68 3.35
N VAL A 93 -13.85 8.76 2.98
CA VAL A 93 -12.42 9.12 2.80
C VAL A 93 -12.21 9.68 1.40
N LYS A 94 -12.99 9.26 0.45
CA LYS A 94 -12.82 9.79 -0.92
C LYS A 94 -13.30 11.24 -0.98
N GLU A 95 -14.31 11.55 -0.20
CA GLU A 95 -14.84 12.95 -0.22
C GLU A 95 -13.98 13.87 0.65
N LYS A 96 -13.04 13.33 1.37
CA LYS A 96 -12.19 14.20 2.24
C LYS A 96 -11.05 14.84 1.45
N TRP A 97 -10.29 14.07 0.74
CA TRP A 97 -9.15 14.66 -0.02
C TRP A 97 -9.62 15.43 -1.26
N VAL A 98 -10.87 15.34 -1.62
CA VAL A 98 -11.34 16.09 -2.83
C VAL A 98 -11.51 17.59 -2.51
N PRO A 99 -12.20 17.90 -1.46
CA PRO A 99 -12.41 19.32 -1.07
C PRO A 99 -11.12 19.91 -0.50
N GLU A 100 -10.26 19.08 0.07
CA GLU A 100 -9.00 19.60 0.66
C GLU A 100 -7.97 19.91 -0.43
N ILE A 101 -8.09 19.29 -1.58
CA ILE A 101 -7.10 19.56 -2.67
C ILE A 101 -5.68 19.20 -2.22
N THR A 102 -5.18 18.09 -2.67
CA THR A 102 -3.80 17.68 -2.27
C THR A 102 -2.88 18.89 -2.43
N HIS A 103 -2.37 19.10 -3.60
CA HIS A 103 -1.50 20.28 -3.84
C HIS A 103 -2.21 21.28 -4.79
N HIS A 104 -3.35 20.88 -5.28
CA HIS A 104 -4.14 21.75 -6.22
C HIS A 104 -5.13 20.85 -6.96
N CYS A 105 -4.69 19.65 -7.21
CA CYS A 105 -5.55 18.65 -7.90
C CYS A 105 -5.28 17.27 -7.28
N PRO A 106 -6.34 16.54 -7.06
CA PRO A 106 -6.21 15.20 -6.44
C PRO A 106 -5.53 14.21 -7.41
N LYS A 107 -4.23 14.26 -7.50
CA LYS A 107 -3.52 13.35 -8.43
C LYS A 107 -2.56 12.42 -7.67
N THR A 108 -2.27 12.72 -6.43
CA THR A 108 -1.34 11.84 -5.67
C THR A 108 -1.74 10.38 -5.87
N PRO A 109 -0.75 9.55 -6.09
CA PRO A 109 -0.98 8.10 -6.30
C PRO A 109 -1.55 7.48 -5.03
N PHE A 110 -2.78 7.07 -5.07
CA PHE A 110 -3.41 6.45 -3.86
C PHE A 110 -3.82 5.01 -4.16
N LEU A 111 -3.05 4.07 -3.67
CA LEU A 111 -3.40 2.66 -3.90
C LEU A 111 -4.53 2.26 -2.97
N LEU A 112 -5.72 2.27 -3.47
CA LEU A 112 -6.90 1.92 -2.64
C LEU A 112 -6.89 0.40 -2.41
N VAL A 113 -7.13 -0.06 -1.22
CA VAL A 113 -7.08 -1.54 -0.99
C VAL A 113 -8.14 -2.01 0.01
N GLY A 114 -8.30 -3.30 0.10
CA GLY A 114 -9.26 -3.88 1.07
C GLY A 114 -8.47 -4.34 2.31
N THR A 115 -9.07 -4.40 3.45
CA THR A 115 -8.29 -4.83 4.66
C THR A 115 -8.59 -6.28 5.00
N GLN A 116 -7.57 -7.08 5.15
CA GLN A 116 -7.78 -8.51 5.51
C GLN A 116 -8.99 -9.07 4.77
N ILE A 117 -9.01 -8.97 3.47
CA ILE A 117 -10.19 -9.49 2.69
C ILE A 117 -10.67 -10.81 3.30
N ASP A 118 -9.79 -11.55 3.91
CA ASP A 118 -10.11 -12.90 4.49
C ASP A 118 -11.31 -12.79 5.42
N LEU A 119 -12.38 -12.37 4.87
CA LEU A 119 -13.66 -12.18 5.62
C LEU A 119 -14.55 -11.27 4.79
N ARG A 120 -13.95 -10.43 3.99
CA ARG A 120 -14.74 -9.53 3.13
C ARG A 120 -15.81 -10.35 2.42
N ASP A 121 -15.49 -11.55 2.03
CA ASP A 121 -16.48 -12.41 1.35
C ASP A 121 -17.26 -13.24 2.38
N ASP A 122 -17.22 -12.86 3.62
CA ASP A 122 -17.95 -13.62 4.67
C ASP A 122 -19.23 -12.89 5.10
N PRO A 123 -20.35 -13.48 4.75
CA PRO A 123 -21.67 -12.89 5.10
C PRO A 123 -22.04 -13.23 6.55
N SER A 124 -21.10 -13.67 7.33
CA SER A 124 -21.41 -14.03 8.75
C SER A 124 -20.77 -13.01 9.68
N THR A 125 -19.53 -12.73 9.50
CA THR A 125 -18.88 -11.71 10.34
C THR A 125 -19.41 -10.38 9.83
N ILE A 126 -19.82 -10.39 8.60
CA ILE A 126 -20.43 -9.20 7.97
C ILE A 126 -21.67 -8.84 8.77
N GLU A 127 -22.17 -9.78 9.51
CA GLU A 127 -23.39 -9.53 10.33
C GLU A 127 -23.24 -8.24 11.12
N LYS A 128 -22.12 -8.05 11.73
CA LYS A 128 -21.91 -6.79 12.53
C LYS A 128 -21.43 -5.66 11.61
N LEU A 129 -21.02 -5.98 10.41
CA LEU A 129 -20.54 -4.93 9.46
C LEU A 129 -21.70 -4.51 8.53
N ALA A 130 -22.48 -5.46 8.09
CA ALA A 130 -23.62 -5.13 7.19
C ALA A 130 -24.55 -4.14 7.89
N LYS A 131 -24.77 -4.33 9.17
CA LYS A 131 -25.66 -3.41 9.91
C LYS A 131 -25.16 -1.97 9.75
N ASN A 132 -23.93 -1.79 9.39
CA ASN A 132 -23.39 -0.42 9.18
C ASN A 132 -22.94 -0.27 7.73
N LYS A 133 -23.26 -1.23 6.91
CA LYS A 133 -22.85 -1.18 5.49
C LYS A 133 -24.00 -1.73 4.62
N GLN A 134 -24.96 -0.89 4.32
CA GLN A 134 -26.11 -1.36 3.47
C GLN A 134 -25.64 -1.73 2.07
N LYS A 135 -24.54 -1.16 1.65
CA LYS A 135 -24.00 -1.46 0.30
C LYS A 135 -22.50 -1.75 0.40
N PRO A 136 -22.13 -2.97 0.09
CA PRO A 136 -20.70 -3.37 0.15
C PRO A 136 -19.89 -2.63 -0.92
N ILE A 137 -18.61 -2.55 -0.74
CA ILE A 137 -17.76 -1.84 -1.73
C ILE A 137 -17.01 -2.86 -2.59
N THR A 138 -17.00 -2.66 -3.88
CA THR A 138 -16.29 -3.61 -4.77
C THR A 138 -15.30 -2.85 -5.65
N PRO A 139 -14.40 -3.58 -6.24
CA PRO A 139 -13.38 -2.95 -7.12
C PRO A 139 -14.06 -2.33 -8.34
N GLU A 140 -15.29 -2.68 -8.57
CA GLU A 140 -16.01 -2.10 -9.74
C GLU A 140 -16.62 -0.75 -9.37
N THR A 141 -16.80 -0.51 -8.10
CA THR A 141 -17.40 0.79 -7.68
C THR A 141 -16.31 1.79 -7.29
N ALA A 142 -15.31 1.35 -6.57
CA ALA A 142 -14.23 2.29 -6.16
C ALA A 142 -13.34 2.63 -7.35
N GLU A 143 -13.25 1.76 -8.32
CA GLU A 143 -12.40 2.06 -9.50
C GLU A 143 -12.91 3.30 -10.21
N LYS A 144 -14.20 3.47 -10.30
CA LYS A 144 -14.75 4.67 -10.97
C LYS A 144 -14.38 5.91 -10.15
N LEU A 145 -14.45 5.81 -8.85
CA LEU A 145 -14.08 6.96 -7.99
C LEU A 145 -12.61 7.30 -8.19
N ALA A 146 -11.78 6.30 -8.30
CA ALA A 146 -10.33 6.55 -8.52
C ALA A 146 -10.15 7.24 -9.87
N ARG A 147 -10.82 6.76 -10.86
CA ARG A 147 -10.72 7.37 -12.22
C ARG A 147 -11.16 8.83 -12.18
N ASP A 148 -12.00 9.19 -11.24
CA ASP A 148 -12.46 10.61 -11.18
C ASP A 148 -11.33 11.53 -10.73
N LEU A 149 -10.65 11.20 -9.67
CA LEU A 149 -9.52 12.06 -9.21
C LEU A 149 -8.22 11.56 -9.83
N LYS A 150 -8.35 10.90 -10.93
CA LYS A 150 -7.15 10.36 -11.62
C LYS A 150 -6.31 9.56 -10.63
N ALA A 151 -6.96 9.02 -9.65
CA ALA A 151 -6.22 8.20 -8.64
C ALA A 151 -5.49 7.06 -9.35
N VAL A 152 -5.12 6.03 -8.65
CA VAL A 152 -4.41 4.93 -9.33
C VAL A 152 -5.29 3.67 -9.47
N LYS A 153 -5.68 3.02 -8.40
CA LYS A 153 -6.54 1.81 -8.58
C LYS A 153 -7.02 1.25 -7.25
N TYR A 154 -8.10 0.50 -7.26
CA TYR A 154 -8.59 -0.11 -5.99
C TYR A 154 -8.32 -1.63 -6.01
N VAL A 155 -7.45 -2.09 -5.15
CA VAL A 155 -7.15 -3.56 -5.10
C VAL A 155 -7.83 -4.21 -3.90
N GLU A 156 -7.47 -5.43 -3.59
CA GLU A 156 -8.11 -6.13 -2.42
C GLU A 156 -7.34 -7.44 -2.12
N CYS A 157 -6.45 -7.43 -1.15
CA CYS A 157 -5.67 -8.67 -0.84
C CYS A 157 -5.22 -8.69 0.61
N SER A 158 -4.97 -9.88 1.10
CA SER A 158 -4.50 -10.05 2.48
C SER A 158 -3.44 -11.16 2.49
N ALA A 159 -2.21 -10.86 2.81
CA ALA A 159 -1.18 -11.93 2.79
C ALA A 159 -1.33 -12.86 3.98
N LEU A 160 -0.73 -12.53 5.11
CA LEU A 160 -0.84 -13.44 6.33
C LEU A 160 -2.19 -14.14 6.30
N THR A 161 -3.17 -13.45 5.81
CA THR A 161 -4.55 -14.01 5.74
C THR A 161 -4.84 -14.68 4.39
N GLN A 162 -4.98 -13.93 3.31
CA GLN A 162 -5.29 -14.59 2.00
C GLN A 162 -4.10 -14.55 1.04
N LYS A 163 -4.16 -13.74 0.01
CA LYS A 163 -3.05 -13.68 -0.99
C LYS A 163 -3.46 -12.75 -2.16
N GLY A 164 -2.71 -12.75 -3.22
CA GLY A 164 -3.08 -11.89 -4.40
C GLY A 164 -2.62 -10.44 -4.18
N LEU A 165 -2.22 -10.11 -2.99
CA LEU A 165 -1.76 -8.71 -2.70
C LEU A 165 -0.57 -8.26 -3.56
N LYS A 166 -0.05 -9.11 -4.41
CA LYS A 166 1.09 -8.69 -5.27
C LYS A 166 0.69 -7.50 -6.15
N ASN A 167 -0.43 -7.59 -6.80
CA ASN A 167 -0.89 -6.49 -7.70
C ASN A 167 -1.01 -5.16 -6.95
N VAL A 168 -1.49 -5.17 -5.73
CA VAL A 168 -1.63 -3.89 -4.97
C VAL A 168 -0.30 -3.12 -4.95
N PHE A 169 0.76 -3.79 -4.62
CA PHE A 169 2.09 -3.08 -4.55
C PHE A 169 2.68 -2.89 -5.96
N ASP A 170 2.52 -3.85 -6.84
CA ASP A 170 3.11 -3.69 -8.20
C ASP A 170 2.51 -2.48 -8.92
N GLU A 171 1.24 -2.26 -8.77
CA GLU A 171 0.60 -1.10 -9.46
C GLU A 171 1.19 0.22 -8.99
N ALA A 172 1.34 0.40 -7.71
CA ALA A 172 1.90 1.68 -7.20
C ALA A 172 3.25 1.98 -7.86
N ILE A 173 3.92 0.97 -8.33
CA ILE A 173 5.23 1.21 -8.98
C ILE A 173 5.03 2.05 -10.25
N LEU A 174 4.03 1.75 -11.04
CA LEU A 174 3.82 2.53 -12.28
C LEU A 174 2.98 3.78 -12.01
N ALA A 175 2.30 3.84 -10.90
CA ALA A 175 1.50 5.05 -10.59
C ALA A 175 2.27 5.96 -9.64
N ALA A 176 3.44 5.56 -9.24
CA ALA A 176 4.24 6.41 -8.31
C ALA A 176 5.10 7.40 -9.10
N LEU A 177 5.67 6.97 -10.19
CA LEU A 177 6.52 7.89 -11.00
C LEU A 177 5.75 8.35 -12.23
N GLU A 178 4.64 7.73 -12.49
CA GLU A 178 3.83 8.12 -13.68
C GLU A 178 4.71 8.20 -14.92
N GLY B 1 11.74 9.41 -15.81
CA GLY B 1 11.36 8.15 -15.13
C GLY B 1 10.92 7.12 -16.18
N SER B 2 11.71 6.10 -16.39
CA SER B 2 11.34 5.08 -17.39
C SER B 2 11.04 3.75 -16.69
N LYS B 3 9.95 3.12 -17.01
CA LYS B 3 9.61 1.84 -16.35
C LYS B 3 10.25 0.67 -17.12
N GLU B 4 11.36 0.19 -16.62
CA GLU B 4 12.05 -0.94 -17.30
C GLU B 4 11.64 -2.27 -16.66
N ARG B 5 11.79 -3.36 -17.36
CA ARG B 5 11.42 -4.67 -16.77
C ARG B 5 12.71 -5.48 -16.47
N PRO B 6 13.19 -6.30 -17.39
CA PRO B 6 14.44 -7.04 -17.11
C PRO B 6 15.61 -6.07 -17.27
N GLU B 7 15.35 -4.90 -17.80
CA GLU B 7 16.42 -3.90 -18.01
C GLU B 7 17.69 -4.59 -18.52
N ILE B 8 18.81 -3.93 -18.43
CA ILE B 8 20.07 -4.56 -18.93
C ILE B 8 21.20 -4.35 -17.91
N SER B 9 21.63 -3.14 -17.74
CA SER B 9 22.75 -2.88 -16.80
C SER B 9 22.26 -2.29 -15.48
N LEU B 10 22.71 -2.81 -14.37
CA LEU B 10 22.23 -2.26 -13.08
C LEU B 10 23.28 -2.39 -11.97
N PRO B 11 23.93 -1.27 -11.71
CA PRO B 11 24.93 -1.17 -10.65
C PRO B 11 24.23 -0.72 -9.36
N SER B 12 24.95 -0.34 -8.35
CA SER B 12 24.27 0.11 -7.10
C SER B 12 24.41 1.61 -6.90
N ASP B 13 23.75 2.14 -5.90
CA ASP B 13 23.79 3.60 -5.64
C ASP B 13 24.00 3.90 -4.16
N PHE B 14 23.75 5.13 -3.80
CA PHE B 14 23.92 5.58 -2.38
C PHE B 14 23.31 4.58 -1.37
N GLU B 15 23.17 5.00 -0.14
CA GLU B 15 22.63 4.12 0.94
C GLU B 15 21.46 3.27 0.45
N HIS B 16 21.23 2.15 1.07
CA HIS B 16 20.10 1.28 0.62
C HIS B 16 19.36 0.69 1.83
N THR B 17 18.47 -0.23 1.59
CA THR B 17 17.69 -0.85 2.69
C THR B 17 18.60 -1.53 3.73
N ILE B 18 18.10 -1.69 4.93
CA ILE B 18 18.90 -2.36 6.01
C ILE B 18 18.03 -3.46 6.63
N HIS B 19 18.42 -4.04 7.73
CA HIS B 19 17.59 -5.12 8.32
C HIS B 19 16.88 -4.68 9.63
N VAL B 20 15.67 -5.13 9.83
CA VAL B 20 14.90 -4.78 11.07
C VAL B 20 14.32 -6.04 11.73
N GLY B 21 14.12 -6.01 13.02
CA GLY B 21 13.56 -7.19 13.73
C GLY B 21 12.15 -6.88 14.25
N PHE B 22 11.57 -7.79 14.99
CA PHE B 22 10.19 -7.57 15.54
C PHE B 22 9.65 -8.90 16.05
N ASP B 23 9.40 -9.00 17.32
CA ASP B 23 8.87 -10.28 17.89
C ASP B 23 7.86 -10.89 16.93
N ALA B 24 7.69 -12.19 16.93
CA ALA B 24 6.76 -12.80 15.96
C ALA B 24 7.31 -12.52 14.58
N VAL B 25 8.28 -13.27 14.16
CA VAL B 25 8.91 -13.00 12.85
C VAL B 25 8.57 -14.10 11.85
N THR B 26 8.19 -15.23 12.32
CA THR B 26 7.87 -16.38 11.42
C THR B 26 6.91 -16.00 10.26
N GLY B 27 6.25 -14.88 10.34
CA GLY B 27 5.33 -14.48 9.22
C GLY B 27 4.16 -13.69 9.78
N GLU B 28 4.34 -12.41 9.93
CA GLU B 28 3.26 -11.56 10.47
C GLU B 28 3.06 -10.36 9.55
N PHE B 29 2.71 -9.24 10.11
CA PHE B 29 2.51 -8.04 9.28
C PHE B 29 3.18 -6.86 9.97
N THR B 30 3.72 -5.95 9.22
CA THR B 30 4.40 -4.76 9.78
C THR B 30 5.04 -5.11 11.15
N GLY B 31 4.79 -4.32 12.16
CA GLY B 31 5.36 -4.63 13.49
C GLY B 31 4.46 -4.03 14.57
N ILE B 32 3.99 -2.84 14.34
CA ILE B 32 3.09 -2.19 15.33
C ILE B 32 1.82 -1.71 14.62
N PRO B 33 0.71 -1.78 15.30
CA PRO B 33 -0.58 -1.37 14.70
C PRO B 33 -0.60 0.14 14.51
N GLU B 34 -0.04 0.60 13.43
CA GLU B 34 -0.01 2.07 13.18
C GLU B 34 0.24 2.35 11.69
N GLN B 35 -0.16 3.49 11.20
CA GLN B 35 0.05 3.81 9.78
C GLN B 35 1.38 4.54 9.59
N TRP B 36 1.45 5.76 10.03
CA TRP B 36 2.74 6.52 9.90
C TRP B 36 2.71 7.86 10.62
N ALA B 37 1.75 8.05 11.46
CA ALA B 37 1.65 9.34 12.21
C ALA B 37 1.45 9.05 13.71
N ARG B 38 1.02 7.88 14.07
CA ARG B 38 0.89 7.58 15.53
C ARG B 38 2.29 7.27 16.08
N LEU B 39 3.29 7.44 15.25
CA LEU B 39 4.69 7.17 15.67
C LEU B 39 4.96 7.72 17.08
N LEU B 40 4.28 8.79 17.46
CA LEU B 40 4.51 9.37 18.82
C LEU B 40 3.47 8.84 19.80
N GLN B 41 2.80 7.80 19.42
CA GLN B 41 1.75 7.21 20.30
C GLN B 41 1.51 5.76 19.88
N THR B 42 2.50 4.93 20.00
CA THR B 42 2.33 3.50 19.61
C THR B 42 1.90 2.68 20.83
N SER B 43 1.84 1.37 20.68
CA SER B 43 1.43 0.50 21.82
C SER B 43 2.52 0.42 22.88
N ASN B 44 3.56 1.23 22.78
CA ASN B 44 4.63 1.17 23.81
C ASN B 44 4.02 1.31 25.21
N ILE B 45 2.89 1.95 25.32
CA ILE B 45 2.24 2.10 26.65
C ILE B 45 1.00 1.21 26.71
N THR B 46 0.44 1.05 27.87
CA THR B 46 -0.77 0.20 27.99
C THR B 46 -1.61 0.64 29.19
N MET A 1 8.82 12.28 -14.44
CA MET A 1 9.59 12.45 -13.17
C MET A 1 10.01 11.07 -12.64
N GLN A 2 10.83 11.04 -11.61
CA GLN A 2 11.29 9.73 -11.05
C GLN A 2 11.16 9.72 -9.52
N THR A 3 10.69 10.80 -8.94
CA THR A 3 10.55 10.84 -7.45
C THR A 3 9.52 9.80 -6.98
N ILE A 4 9.96 8.69 -6.50
CA ILE A 4 8.99 7.67 -6.01
C ILE A 4 9.11 7.46 -4.50
N LYS A 5 8.00 7.44 -3.84
CA LYS A 5 8.00 7.21 -2.37
C LYS A 5 7.17 5.98 -2.07
N CYS A 6 7.79 4.86 -1.84
CA CYS A 6 7.01 3.63 -1.55
C CYS A 6 6.63 3.59 -0.07
N VAL A 7 5.39 3.84 0.24
CA VAL A 7 4.96 3.82 1.67
C VAL A 7 3.67 3.02 1.82
N VAL A 8 3.50 2.37 2.94
CA VAL A 8 2.28 1.57 3.16
C VAL A 8 1.21 2.43 3.84
N VAL A 9 0.10 2.66 3.17
CA VAL A 9 -0.98 3.47 3.77
C VAL A 9 -2.34 2.87 3.42
N GLY A 10 -3.37 3.61 3.65
CA GLY A 10 -4.74 3.09 3.34
C GLY A 10 -5.63 3.20 4.58
N ASP A 11 -6.53 2.26 4.78
CA ASP A 11 -7.42 2.34 5.97
C ASP A 11 -6.60 2.61 7.23
N GLY A 12 -5.44 2.03 7.31
CA GLY A 12 -4.58 2.25 8.50
C GLY A 12 -4.03 0.92 9.01
N ALA A 13 -3.79 -0.03 8.13
CA ALA A 13 -3.23 -1.34 8.59
C ALA A 13 -1.87 -1.10 9.25
N VAL A 14 -0.88 -1.88 8.93
CA VAL A 14 0.46 -1.67 9.57
C VAL A 14 1.56 -1.58 8.52
N GLY A 15 1.37 -2.16 7.37
CA GLY A 15 2.44 -2.08 6.31
C GLY A 15 2.29 -3.23 5.33
N LYS A 16 2.26 -2.94 4.06
CA LYS A 16 2.12 -4.02 3.04
C LYS A 16 3.25 -5.04 3.19
N THR A 17 4.36 -4.63 3.74
CA THR A 17 5.51 -5.56 3.92
C THR A 17 5.10 -6.77 4.78
N CYS A 18 4.22 -6.57 5.72
CA CYS A 18 3.80 -7.69 6.60
C CYS A 18 3.16 -8.81 5.77
N LEU A 19 2.55 -8.48 4.67
CA LEU A 19 1.93 -9.54 3.83
C LEU A 19 2.98 -10.24 2.97
N LEU A 20 4.01 -9.54 2.58
CA LEU A 20 5.06 -10.19 1.73
C LEU A 20 5.48 -11.52 2.35
N ILE A 21 5.42 -11.63 3.63
CA ILE A 21 5.81 -12.91 4.31
C ILE A 21 4.57 -13.63 4.81
N SER A 22 3.68 -12.90 5.42
CA SER A 22 2.44 -13.53 5.93
C SER A 22 1.81 -14.37 4.82
N TYR A 23 1.82 -13.89 3.61
CA TYR A 23 1.23 -14.68 2.50
C TYR A 23 2.27 -15.71 2.01
N THR A 24 3.54 -15.41 2.14
CA THR A 24 4.57 -16.38 1.66
C THR A 24 4.53 -17.66 2.50
N THR A 25 4.54 -17.56 3.81
CA THR A 25 4.49 -18.83 4.62
C THR A 25 4.39 -18.57 6.13
N ASN A 26 5.07 -17.58 6.61
CA ASN A 26 5.06 -17.31 8.07
C ASN A 26 3.72 -16.76 8.54
N LYS A 27 2.83 -16.41 7.63
CA LYS A 27 1.49 -15.86 8.03
C LYS A 27 1.62 -15.04 9.30
N PHE A 28 0.58 -14.97 10.08
CA PHE A 28 0.65 -14.15 11.32
C PHE A 28 0.13 -14.93 12.54
N PRO A 29 0.79 -16.05 12.83
CA PRO A 29 0.41 -16.90 13.98
C PRO A 29 1.28 -16.57 15.20
N SER A 30 2.39 -17.24 15.35
CA SER A 30 3.26 -16.97 16.52
C SER A 30 4.64 -17.62 16.35
N GLU A 31 5.42 -17.13 15.42
CA GLU A 31 6.78 -17.69 15.21
C GLU A 31 7.75 -16.52 15.05
N TYR A 32 8.96 -16.78 14.71
CA TYR A 32 9.95 -15.66 14.57
C TYR A 32 10.34 -15.43 13.10
N VAL A 33 9.93 -14.32 12.54
CA VAL A 33 10.30 -14.00 11.12
C VAL A 33 10.23 -12.47 10.95
N PRO A 34 11.39 -11.87 10.88
CA PRO A 34 11.52 -10.37 10.80
C PRO A 34 11.11 -9.78 9.44
N THR A 35 10.03 -9.04 9.42
CA THR A 35 9.59 -8.34 8.17
C THR A 35 8.68 -7.17 8.55
N VAL A 36 9.23 -5.98 8.67
CA VAL A 36 8.39 -4.77 9.02
C VAL A 36 9.15 -3.48 8.71
N PHE A 37 9.80 -2.91 9.70
CA PHE A 37 10.55 -1.64 9.47
C PHE A 37 11.60 -1.80 8.37
N ASP A 38 11.76 -0.80 7.56
CA ASP A 38 12.77 -0.89 6.46
C ASP A 38 13.06 0.50 5.89
N ASN A 39 14.15 1.12 6.25
CA ASN A 39 14.45 2.47 5.69
C ASN A 39 15.56 2.34 4.63
N TYR A 40 15.27 2.68 3.40
CA TYR A 40 16.31 2.57 2.36
C TYR A 40 16.16 3.67 1.29
N ALA A 41 17.11 4.58 1.20
CA ALA A 41 17.00 5.66 0.16
C ALA A 41 18.18 5.56 -0.81
N VAL A 42 17.93 5.26 -2.06
CA VAL A 42 19.05 5.15 -3.02
C VAL A 42 18.72 5.85 -4.34
N THR A 43 19.52 5.61 -5.32
CA THR A 43 19.29 6.23 -6.66
C THR A 43 20.10 5.50 -7.74
N VAL A 44 19.54 5.41 -8.92
CA VAL A 44 20.26 4.71 -10.03
C VAL A 44 20.10 5.51 -11.32
N MET A 45 21.18 5.88 -11.96
CA MET A 45 21.04 6.63 -13.23
C MET A 45 21.03 5.67 -14.40
N ILE A 46 19.87 5.33 -14.89
CA ILE A 46 19.78 4.39 -16.02
C ILE A 46 19.90 5.14 -17.34
N GLY A 47 20.88 4.80 -18.13
CA GLY A 47 21.07 5.51 -19.43
C GLY A 47 20.92 7.02 -19.20
N GLY A 48 21.21 7.50 -18.01
CA GLY A 48 21.10 8.96 -17.75
C GLY A 48 19.91 9.28 -16.83
N GLU A 49 18.91 8.45 -16.79
CA GLU A 49 17.74 8.75 -15.90
C GLU A 49 18.02 8.26 -14.47
N PRO A 50 18.17 9.21 -13.58
CA PRO A 50 18.45 8.89 -12.15
C PRO A 50 17.19 8.36 -11.45
N TYR A 51 17.34 7.39 -10.60
CA TYR A 51 16.16 6.83 -9.87
C TYR A 51 15.98 7.57 -8.54
N THR A 52 14.85 8.17 -8.34
CA THR A 52 14.59 8.92 -7.07
C THR A 52 13.62 8.13 -6.19
N LEU A 53 14.10 7.43 -5.20
CA LEU A 53 13.14 6.66 -4.36
C LEU A 53 13.57 6.63 -2.89
N GLY A 54 12.67 6.18 -2.06
CA GLY A 54 12.92 6.09 -0.60
C GLY A 54 11.75 5.36 0.04
N LEU A 55 11.99 4.33 0.79
CA LEU A 55 10.85 3.59 1.40
C LEU A 55 11.03 3.52 2.93
N PHE A 56 9.95 3.63 3.66
CA PHE A 56 10.06 3.59 5.15
C PHE A 56 8.92 2.79 5.76
N ASP A 57 9.19 1.59 6.21
CA ASP A 57 8.10 0.77 6.82
C ASP A 57 7.87 1.18 8.28
N THR A 58 6.96 0.54 8.96
CA THR A 58 6.66 0.93 10.37
C THR A 58 7.59 0.26 11.39
N ALA A 59 7.31 0.52 12.64
CA ALA A 59 8.10 -0.04 13.79
C ALA A 59 7.12 -0.38 14.91
N GLY A 60 6.58 0.62 15.54
CA GLY A 60 5.60 0.37 16.64
C GLY A 60 6.07 -0.79 17.50
N GLN A 61 7.34 -1.07 17.52
CA GLN A 61 7.85 -2.19 18.35
C GLN A 61 9.38 -2.18 18.37
N GLU A 62 10.01 -1.81 17.28
CA GLU A 62 11.51 -1.78 17.34
C GLU A 62 11.94 -0.90 18.52
N ASP A 63 11.94 0.41 18.35
CA ASP A 63 12.34 1.28 19.50
C ASP A 63 12.45 2.75 19.07
N TYR A 64 11.72 3.17 18.06
CA TYR A 64 11.82 4.59 17.64
C TYR A 64 10.47 5.12 17.18
N ASP A 65 9.83 4.42 16.27
CA ASP A 65 8.51 4.89 15.76
C ASP A 65 8.58 6.40 15.52
N ARG A 66 9.72 6.91 15.15
CA ARG A 66 9.85 8.36 14.90
C ARG A 66 9.32 8.71 13.52
N LEU A 67 8.82 7.73 12.80
CA LEU A 67 8.29 7.99 11.43
C LEU A 67 6.76 8.00 11.47
N ARG A 68 6.18 7.51 12.54
CA ARG A 68 4.68 7.46 12.64
C ARG A 68 4.07 8.80 13.10
N PRO A 69 4.81 9.59 13.84
CA PRO A 69 4.28 10.89 14.35
C PRO A 69 4.40 11.97 13.26
N LEU A 70 4.81 11.60 12.08
CA LEU A 70 4.98 12.58 10.98
C LEU A 70 3.76 13.48 10.78
N SER A 71 2.58 12.96 10.88
CA SER A 71 1.37 13.80 10.70
C SER A 71 1.49 14.65 9.41
N TYR A 72 2.31 14.24 8.49
CA TYR A 72 2.44 15.02 7.22
C TYR A 72 2.66 14.08 6.03
N PRO A 73 1.89 14.30 4.99
CA PRO A 73 2.01 13.46 3.77
C PRO A 73 3.27 13.80 2.98
N GLN A 74 3.82 12.83 2.28
CA GLN A 74 5.04 13.07 1.47
C GLN A 74 5.43 11.80 0.71
N THR A 75 4.47 11.19 0.08
CA THR A 75 4.75 9.95 -0.69
C THR A 75 3.97 9.94 -2.00
N ASP A 76 4.55 10.48 -3.04
CA ASP A 76 3.86 10.53 -4.36
C ASP A 76 3.13 9.21 -4.66
N VAL A 77 3.63 8.11 -4.21
CA VAL A 77 2.92 6.81 -4.50
C VAL A 77 2.57 6.08 -3.19
N PHE A 78 1.31 5.76 -3.02
CA PHE A 78 0.88 5.05 -1.76
C PHE A 78 0.34 3.65 -2.05
N LEU A 79 0.41 2.78 -1.09
CA LEU A 79 -0.14 1.41 -1.26
C LEU A 79 -1.37 1.27 -0.36
N VAL A 80 -2.54 1.45 -0.91
CA VAL A 80 -3.77 1.37 -0.07
C VAL A 80 -4.50 0.04 -0.30
N CYS A 81 -4.76 -0.68 0.74
CA CYS A 81 -5.48 -1.96 0.59
C CYS A 81 -6.68 -1.98 1.54
N PHE A 82 -7.85 -2.23 1.02
CA PHE A 82 -9.05 -2.24 1.90
C PHE A 82 -9.94 -3.45 1.56
N SER A 83 -11.03 -3.61 2.26
CA SER A 83 -11.92 -4.78 2.01
C SER A 83 -12.85 -4.53 0.81
N VAL A 84 -13.20 -5.59 0.12
CA VAL A 84 -14.11 -5.49 -1.05
C VAL A 84 -15.54 -5.88 -0.65
N VAL A 85 -15.73 -6.28 0.58
CA VAL A 85 -17.10 -6.68 1.04
C VAL A 85 -17.40 -6.01 2.39
N SER A 86 -17.28 -4.73 2.44
CA SER A 86 -17.57 -3.99 3.71
C SER A 86 -18.68 -2.97 3.49
N PRO A 87 -19.29 -2.59 4.57
CA PRO A 87 -20.40 -1.60 4.52
C PRO A 87 -19.89 -0.19 4.22
N SER A 88 -20.35 0.40 3.15
CA SER A 88 -19.92 1.80 2.82
C SER A 88 -18.40 1.98 2.99
N SER A 89 -17.61 1.30 2.22
CA SER A 89 -16.14 1.47 2.37
C SER A 89 -15.50 1.88 1.03
N PHE A 90 -15.88 1.26 -0.04
CA PHE A 90 -15.28 1.62 -1.36
C PHE A 90 -15.45 3.12 -1.64
N GLU A 91 -16.63 3.64 -1.51
CA GLU A 91 -16.84 5.09 -1.79
C GLU A 91 -15.97 5.97 -0.90
N ASN A 92 -15.42 5.44 0.15
CA ASN A 92 -14.58 6.29 1.03
C ASN A 92 -13.13 6.34 0.54
N VAL A 93 -12.71 5.38 -0.25
CA VAL A 93 -11.31 5.43 -0.74
C VAL A 93 -11.27 6.22 -2.06
N LYS A 94 -12.42 6.43 -2.65
CA LYS A 94 -12.46 7.22 -3.92
C LYS A 94 -12.59 8.69 -3.59
N GLU A 95 -13.27 8.96 -2.52
CA GLU A 95 -13.43 10.38 -2.08
C GLU A 95 -12.15 10.83 -1.38
N LYS A 96 -11.22 9.93 -1.18
CA LYS A 96 -9.97 10.30 -0.47
C LYS A 96 -8.93 10.93 -1.43
N TRP A 97 -8.66 10.28 -2.52
CA TRP A 97 -7.61 10.82 -3.44
C TRP A 97 -8.12 11.94 -4.36
N VAL A 98 -9.40 12.04 -4.64
CA VAL A 98 -9.85 13.13 -5.54
C VAL A 98 -9.69 14.51 -4.87
N PRO A 99 -10.21 14.64 -3.67
CA PRO A 99 -10.07 15.92 -2.94
C PRO A 99 -8.61 16.08 -2.47
N GLU A 100 -7.81 15.07 -2.65
CA GLU A 100 -6.39 15.15 -2.21
C GLU A 100 -5.62 16.15 -3.10
N ILE A 101 -5.99 16.25 -4.36
CA ILE A 101 -5.30 17.21 -5.30
C ILE A 101 -3.80 17.29 -5.00
N THR A 102 -2.98 16.66 -5.80
CA THR A 102 -1.51 16.73 -5.55
C THR A 102 -1.10 18.17 -5.30
N HIS A 103 -0.76 18.88 -6.33
CA HIS A 103 -0.37 20.31 -6.17
C HIS A 103 -1.49 21.20 -6.69
N HIS A 104 -2.52 20.62 -7.26
CA HIS A 104 -3.65 21.43 -7.80
C HIS A 104 -4.76 20.51 -8.31
N CYS A 105 -4.43 19.31 -8.72
CA CYS A 105 -5.47 18.37 -9.22
C CYS A 105 -5.23 16.98 -8.61
N PRO A 106 -6.21 16.13 -8.77
CA PRO A 106 -6.13 14.75 -8.23
C PRO A 106 -5.33 13.83 -9.15
N LYS A 107 -4.03 14.00 -9.20
CA LYS A 107 -3.20 13.14 -10.08
C LYS A 107 -2.27 12.22 -9.28
N THR A 108 -2.16 12.41 -7.99
CA THR A 108 -1.24 11.53 -7.21
C THR A 108 -1.55 10.06 -7.45
N PRO A 109 -0.55 9.33 -7.85
CA PRO A 109 -0.70 7.88 -8.15
C PRO A 109 -0.86 7.06 -6.87
N PHE A 110 -1.52 5.94 -6.98
CA PHE A 110 -1.70 5.02 -5.82
C PHE A 110 -2.17 3.67 -6.35
N LEU A 111 -1.94 2.65 -5.60
CA LEU A 111 -2.33 1.30 -6.07
C LEU A 111 -3.60 0.82 -5.37
N LEU A 112 -4.68 0.89 -6.07
CA LEU A 112 -5.98 0.43 -5.52
C LEU A 112 -5.93 -1.08 -5.28
N VAL A 113 -6.46 -1.55 -4.18
CA VAL A 113 -6.39 -3.02 -3.92
C VAL A 113 -7.59 -3.51 -3.09
N GLY A 114 -7.71 -4.79 -2.96
CA GLY A 114 -8.83 -5.40 -2.16
C GLY A 114 -8.23 -6.47 -1.23
N THR A 115 -8.41 -6.34 0.05
CA THR A 115 -7.84 -7.35 0.99
C THR A 115 -8.92 -8.34 1.46
N GLN A 116 -8.52 -9.37 2.14
CA GLN A 116 -9.50 -10.38 2.61
C GLN A 116 -10.40 -10.80 1.45
N ILE A 117 -9.85 -10.85 0.27
CA ILE A 117 -10.70 -11.24 -0.91
C ILE A 117 -11.06 -12.71 -0.81
N ASP A 118 -10.30 -13.45 -0.06
CA ASP A 118 -10.49 -14.93 0.10
C ASP A 118 -11.92 -15.23 0.48
N LEU A 119 -12.80 -14.87 -0.38
CA LEU A 119 -14.27 -15.06 -0.15
C LEU A 119 -15.02 -14.11 -1.08
N ARG A 120 -14.42 -12.98 -1.36
CA ARG A 120 -15.07 -11.99 -2.28
C ARG A 120 -15.59 -12.69 -3.53
N ASP A 121 -14.86 -13.66 -4.01
CA ASP A 121 -15.29 -14.40 -5.22
C ASP A 121 -16.69 -14.99 -5.03
N ASP A 122 -17.10 -15.23 -3.81
CA ASP A 122 -18.45 -15.82 -3.58
C ASP A 122 -19.51 -14.72 -3.40
N PRO A 123 -20.36 -14.61 -4.39
CA PRO A 123 -21.46 -13.60 -4.36
C PRO A 123 -22.63 -14.04 -3.45
N SER A 124 -22.38 -14.88 -2.49
CA SER A 124 -23.49 -15.32 -1.57
C SER A 124 -23.41 -14.56 -0.26
N THR A 125 -22.24 -14.48 0.30
CA THR A 125 -22.09 -13.69 1.55
C THR A 125 -22.21 -12.24 1.11
N ILE A 126 -21.86 -12.02 -0.12
CA ILE A 126 -21.99 -10.69 -0.74
C ILE A 126 -23.42 -10.20 -0.48
N GLU A 127 -24.32 -11.13 -0.31
CA GLU A 127 -25.74 -10.76 -0.04
C GLU A 127 -25.85 -9.77 1.12
N LYS A 128 -25.03 -9.96 2.12
CA LYS A 128 -25.07 -9.04 3.29
C LYS A 128 -24.41 -7.71 2.97
N LEU A 129 -23.28 -7.74 2.31
CA LEU A 129 -22.59 -6.48 1.94
C LEU A 129 -23.50 -5.66 1.04
N ALA A 130 -24.04 -6.28 0.04
CA ALA A 130 -24.96 -5.56 -0.89
C ALA A 130 -26.06 -4.87 -0.09
N LYS A 131 -26.57 -5.53 0.91
CA LYS A 131 -27.65 -4.89 1.72
C LYS A 131 -27.19 -3.52 2.20
N ASN A 132 -25.90 -3.32 2.32
CA ASN A 132 -25.41 -1.99 2.83
C ASN A 132 -25.20 -0.99 1.68
N LYS A 133 -24.55 -1.39 0.64
CA LYS A 133 -24.29 -0.46 -0.49
C LYS A 133 -24.76 -1.08 -1.82
N GLN A 134 -25.29 -2.26 -1.76
CA GLN A 134 -25.80 -2.94 -2.99
C GLN A 134 -24.81 -2.83 -4.14
N LYS A 135 -23.56 -2.63 -3.86
CA LYS A 135 -22.57 -2.51 -4.96
C LYS A 135 -21.15 -2.92 -4.50
N PRO A 136 -20.77 -4.12 -4.86
CA PRO A 136 -19.43 -4.65 -4.51
C PRO A 136 -18.36 -3.98 -5.39
N ILE A 137 -17.12 -4.00 -5.00
CA ILE A 137 -16.09 -3.36 -5.85
C ILE A 137 -15.69 -4.34 -6.97
N THR A 138 -15.73 -3.90 -8.18
CA THR A 138 -15.41 -4.80 -9.32
C THR A 138 -14.30 -4.18 -10.18
N PRO A 139 -13.79 -4.97 -11.11
CA PRO A 139 -12.72 -4.48 -12.01
C PRO A 139 -13.26 -3.41 -12.96
N GLU A 140 -14.53 -3.19 -12.95
CA GLU A 140 -15.12 -2.15 -13.85
C GLU A 140 -15.21 -0.80 -13.12
N THR A 141 -15.54 -0.84 -11.87
CA THR A 141 -15.67 0.43 -11.09
C THR A 141 -14.30 1.01 -10.74
N ALA A 142 -13.39 0.20 -10.29
CA ALA A 142 -12.05 0.72 -9.91
C ALA A 142 -11.18 1.01 -11.13
N GLU A 143 -11.24 0.20 -12.13
CA GLU A 143 -10.40 0.48 -13.33
C GLU A 143 -10.85 1.81 -13.95
N LYS A 144 -12.09 2.17 -13.76
CA LYS A 144 -12.59 3.46 -14.32
C LYS A 144 -12.17 4.62 -13.41
N LEU A 145 -12.41 4.51 -12.13
CA LEU A 145 -12.02 5.60 -11.21
C LEU A 145 -10.52 5.89 -11.34
N ALA A 146 -9.71 4.87 -11.45
CA ALA A 146 -8.25 5.11 -11.61
C ALA A 146 -8.00 5.83 -12.92
N ARG A 147 -8.57 5.33 -13.97
CA ARG A 147 -8.38 5.99 -15.29
C ARG A 147 -8.92 7.42 -15.23
N ASP A 148 -9.90 7.66 -14.41
CA ASP A 148 -10.48 9.04 -14.31
C ASP A 148 -9.50 9.98 -13.60
N LEU A 149 -8.96 9.56 -12.49
CA LEU A 149 -8.00 10.42 -11.75
C LEU A 149 -6.58 10.15 -12.26
N LYS A 150 -6.50 9.52 -13.40
CA LYS A 150 -5.17 9.18 -13.99
C LYS A 150 -4.30 8.52 -12.94
N ALA A 151 -4.92 7.87 -12.01
CA ALA A 151 -4.15 7.18 -10.95
C ALA A 151 -3.32 6.06 -11.57
N VAL A 152 -3.09 5.00 -10.84
CA VAL A 152 -2.28 3.89 -11.41
C VAL A 152 -3.20 2.80 -11.93
N LYS A 153 -3.78 2.02 -11.05
CA LYS A 153 -4.68 0.94 -11.53
C LYS A 153 -5.38 0.23 -10.36
N TYR A 154 -6.15 -0.77 -10.66
CA TYR A 154 -6.89 -1.53 -9.61
C TYR A 154 -6.30 -2.95 -9.46
N VAL A 155 -5.75 -3.27 -8.32
CA VAL A 155 -5.18 -4.65 -8.13
C VAL A 155 -5.84 -5.34 -6.92
N GLU A 156 -5.31 -6.44 -6.48
CA GLU A 156 -5.92 -7.14 -5.31
C GLU A 156 -4.95 -8.14 -4.67
N CYS A 157 -4.98 -8.27 -3.37
CA CYS A 157 -4.06 -9.21 -2.68
C CYS A 157 -4.59 -9.59 -1.29
N SER A 158 -3.89 -10.45 -0.61
CA SER A 158 -4.31 -10.88 0.76
C SER A 158 -3.07 -11.13 1.63
N ALA A 159 -3.25 -11.32 2.90
CA ALA A 159 -2.09 -11.57 3.79
C ALA A 159 -1.77 -13.06 3.88
N LEU A 160 -2.78 -13.87 4.12
CA LEU A 160 -2.51 -15.34 4.25
C LEU A 160 -3.25 -16.15 3.18
N THR A 161 -4.02 -15.54 2.31
CA THR A 161 -4.76 -16.34 1.29
C THR A 161 -4.36 -15.95 -0.14
N GLN A 162 -4.90 -14.88 -0.65
CA GLN A 162 -4.59 -14.47 -2.06
C GLN A 162 -3.11 -14.65 -2.39
N LYS A 163 -2.27 -13.93 -1.71
CA LYS A 163 -0.80 -14.00 -1.98
C LYS A 163 -0.50 -13.36 -3.34
N GLY A 164 -0.99 -12.17 -3.54
CA GLY A 164 -0.76 -11.46 -4.82
C GLY A 164 -0.51 -9.97 -4.54
N LEU A 165 -0.06 -9.64 -3.37
CA LEU A 165 0.19 -8.20 -3.06
C LEU A 165 1.52 -7.75 -3.68
N LYS A 166 2.20 -8.61 -4.37
CA LYS A 166 3.49 -8.18 -5.01
C LYS A 166 3.19 -7.40 -6.30
N ASN A 167 2.20 -7.84 -7.05
CA ASN A 167 1.86 -7.14 -8.33
C ASN A 167 1.41 -5.70 -8.04
N VAL A 168 0.63 -5.52 -7.01
CA VAL A 168 0.15 -4.15 -6.69
C VAL A 168 1.35 -3.23 -6.44
N PHE A 169 2.43 -3.80 -5.99
CA PHE A 169 3.66 -2.98 -5.71
C PHE A 169 4.47 -2.78 -6.99
N ASP A 170 4.30 -3.63 -7.98
CA ASP A 170 5.09 -3.48 -9.25
C ASP A 170 4.57 -2.31 -10.08
N GLU A 171 3.29 -2.24 -10.29
CA GLU A 171 2.72 -1.14 -11.12
C GLU A 171 3.07 0.22 -10.52
N ALA A 172 3.08 0.32 -9.22
CA ALA A 172 3.42 1.62 -8.58
C ALA A 172 4.78 2.10 -9.06
N ILE A 173 5.67 1.20 -9.34
CA ILE A 173 7.02 1.62 -9.81
C ILE A 173 6.89 2.41 -11.12
N LEU A 174 6.10 1.95 -12.04
CA LEU A 174 5.98 2.69 -13.33
C LEU A 174 5.23 4.00 -13.16
N ALA A 175 4.33 4.08 -12.22
CA ALA A 175 3.57 5.34 -12.03
C ALA A 175 4.32 6.30 -11.09
N ALA A 176 5.26 5.81 -10.35
CA ALA A 176 6.00 6.72 -9.44
C ALA A 176 6.81 7.72 -10.27
N LEU A 177 7.23 7.31 -11.43
CA LEU A 177 8.04 8.22 -12.29
C LEU A 177 7.24 8.65 -13.52
N GLU A 178 6.13 8.00 -13.75
CA GLU A 178 5.28 8.34 -14.93
C GLU A 178 6.09 8.27 -16.22
N GLY B 1 12.95 13.18 -16.35
CA GLY B 1 11.79 12.52 -15.69
C GLY B 1 11.18 11.53 -16.68
N SER B 2 11.94 10.55 -17.10
CA SER B 2 11.40 9.55 -18.06
C SER B 2 11.68 8.14 -17.57
N LYS B 3 10.71 7.25 -17.68
CA LYS B 3 10.95 5.86 -17.25
C LYS B 3 11.25 5.02 -18.48
N GLU B 4 12.50 4.69 -18.69
CA GLU B 4 12.87 3.89 -19.88
C GLU B 4 13.15 2.44 -19.49
N ARG B 5 13.11 1.55 -20.45
CA ARG B 5 13.40 0.13 -20.16
C ARG B 5 14.89 0.01 -19.82
N PRO B 6 15.51 -1.12 -20.03
CA PRO B 6 16.96 -1.20 -19.69
C PRO B 6 17.77 -0.35 -20.66
N GLU B 7 17.99 0.89 -20.31
CA GLU B 7 18.76 1.82 -21.19
C GLU B 7 20.15 1.24 -21.49
N ILE B 8 21.13 2.08 -21.74
CA ILE B 8 22.49 1.55 -22.06
C ILE B 8 23.24 1.14 -20.79
N SER B 9 23.32 2.00 -19.80
CA SER B 9 24.05 1.60 -18.56
C SER B 9 23.55 2.39 -17.36
N LEU B 10 23.98 2.03 -16.18
CA LEU B 10 23.51 2.77 -14.98
C LEU B 10 24.39 2.52 -13.74
N PRO B 11 24.72 3.61 -13.08
CA PRO B 11 25.50 3.53 -11.84
C PRO B 11 24.54 3.31 -10.67
N SER B 12 25.04 3.16 -9.47
CA SER B 12 24.11 2.94 -8.32
C SER B 12 24.47 3.82 -7.12
N ASP B 13 23.48 4.21 -6.36
CA ASP B 13 23.74 5.05 -5.16
C ASP B 13 23.62 4.19 -3.90
N PHE B 14 23.81 4.77 -2.74
CA PHE B 14 23.72 3.96 -1.50
C PHE B 14 22.30 4.00 -0.92
N GLU B 15 22.01 3.10 -0.03
CA GLU B 15 20.66 3.05 0.58
C GLU B 15 20.79 3.04 2.12
N HIS B 16 19.68 3.05 2.80
CA HIS B 16 19.71 3.07 4.30
C HIS B 16 19.58 1.65 4.89
N THR B 17 19.88 1.52 6.17
CA THR B 17 19.79 0.18 6.85
C THR B 17 18.96 0.28 8.13
N ILE B 18 18.23 -0.76 8.45
CA ILE B 18 17.41 -0.75 9.70
C ILE B 18 17.07 -2.17 10.13
N HIS B 19 16.22 -2.31 11.11
CA HIS B 19 15.83 -3.67 11.58
C HIS B 19 14.33 -3.70 11.89
N VAL B 20 13.71 -4.84 11.86
CA VAL B 20 12.25 -4.92 12.11
C VAL B 20 11.90 -5.49 13.49
N GLY B 21 10.87 -4.97 14.09
CA GLY B 21 10.43 -5.45 15.42
C GLY B 21 8.90 -5.31 15.51
N PHE B 22 8.22 -6.33 15.96
CA PHE B 22 6.75 -6.26 16.07
C PHE B 22 6.20 -7.62 16.47
N ASP B 23 5.62 -7.73 17.64
CA ASP B 23 5.07 -9.05 18.07
C ASP B 23 4.39 -9.74 16.87
N ALA B 24 4.69 -11.01 16.67
CA ALA B 24 4.16 -11.73 15.48
C ALA B 24 4.66 -11.03 14.23
N VAL B 25 5.92 -11.14 13.96
CA VAL B 25 6.46 -10.48 12.76
C VAL B 25 6.34 -11.44 11.59
N THR B 26 6.15 -12.67 11.91
CA THR B 26 6.00 -13.76 10.91
C THR B 26 4.96 -13.37 9.84
N GLY B 27 4.13 -12.42 10.12
CA GLY B 27 3.11 -11.99 9.11
C GLY B 27 2.73 -10.52 9.40
N GLU B 28 2.72 -10.16 10.67
CA GLU B 28 2.37 -8.76 11.06
C GLU B 28 1.04 -8.33 10.46
N PHE B 29 0.22 -9.26 10.13
CA PHE B 29 -1.11 -8.91 9.56
C PHE B 29 -2.22 -9.26 10.54
N THR B 30 -2.91 -8.28 11.01
CA THR B 30 -4.02 -8.51 11.98
C THR B 30 -5.02 -7.36 11.95
N GLY B 31 -4.64 -6.21 12.43
CA GLY B 31 -5.56 -5.04 12.43
C GLY B 31 -5.04 -3.94 13.36
N ILE B 32 -4.75 -2.79 12.82
CA ILE B 32 -4.24 -1.68 13.67
C ILE B 32 -4.65 -0.33 13.04
N PRO B 33 -4.63 0.69 13.85
CA PRO B 33 -5.03 2.04 13.38
C PRO B 33 -3.92 2.69 12.54
N GLU B 34 -4.29 3.31 11.45
CA GLU B 34 -3.26 3.97 10.59
C GLU B 34 -2.17 2.98 10.18
N GLN B 35 -1.64 3.13 8.99
CA GLN B 35 -0.60 2.19 8.53
C GLN B 35 0.79 2.62 9.01
N TRP B 36 1.24 3.74 8.55
CA TRP B 36 2.58 4.25 8.97
C TRP B 36 2.52 5.76 9.10
N ALA B 37 1.33 6.26 9.28
CA ALA B 37 1.11 7.72 9.41
C ALA B 37 -0.40 7.98 9.28
N ARG B 38 -0.96 8.77 10.17
CA ARG B 38 -2.41 9.04 10.13
C ARG B 38 -2.66 10.37 9.42
N LEU B 39 -1.99 10.54 8.33
CA LEU B 39 -2.11 11.80 7.53
C LEU B 39 -3.54 12.04 7.02
N LEU B 40 -4.12 11.06 6.37
CA LEU B 40 -5.47 11.25 5.75
C LEU B 40 -6.62 11.22 6.76
N GLN B 41 -6.34 11.39 8.01
CA GLN B 41 -7.45 11.38 9.01
C GLN B 41 -7.52 12.73 9.74
N THR B 42 -6.75 12.90 10.77
CA THR B 42 -6.75 14.17 11.50
C THR B 42 -5.31 14.56 11.79
N SER B 43 -4.50 14.62 10.76
CA SER B 43 -3.10 15.04 10.97
C SER B 43 -3.12 16.55 11.19
N ASN B 44 -4.29 17.13 11.13
CA ASN B 44 -4.40 18.60 11.33
C ASN B 44 -5.84 18.96 11.67
N ILE B 45 -6.08 20.18 12.09
CA ILE B 45 -7.47 20.58 12.44
C ILE B 45 -8.23 20.95 11.16
N THR B 46 -7.64 21.78 10.34
CA THR B 46 -8.34 22.17 9.09
C THR B 46 -8.85 20.94 8.34
N MET A 1 8.65 13.01 -13.63
CA MET A 1 9.67 12.89 -12.54
C MET A 1 9.78 11.42 -12.10
N GLN A 2 10.57 11.16 -11.10
CA GLN A 2 10.73 9.76 -10.61
C GLN A 2 10.70 9.73 -9.08
N THR A 3 10.49 10.86 -8.46
CA THR A 3 10.44 10.89 -6.97
C THR A 3 9.32 9.99 -6.49
N ILE A 4 9.62 8.77 -6.14
CA ILE A 4 8.54 7.88 -5.65
C ILE A 4 8.70 7.63 -4.16
N LYS A 5 7.64 7.76 -3.41
CA LYS A 5 7.73 7.52 -1.94
C LYS A 5 6.76 6.40 -1.52
N CYS A 6 7.25 5.20 -1.38
CA CYS A 6 6.36 4.08 -0.97
C CYS A 6 6.13 4.09 0.55
N VAL A 7 4.91 4.38 0.95
CA VAL A 7 4.59 4.40 2.41
C VAL A 7 3.31 3.58 2.64
N VAL A 8 2.93 3.35 3.86
CA VAL A 8 1.69 2.54 4.11
C VAL A 8 0.45 3.43 4.25
N VAL A 9 -0.60 3.09 3.53
CA VAL A 9 -1.87 3.88 3.61
C VAL A 9 -3.06 2.92 3.46
N GLY A 10 -4.27 3.42 3.50
CA GLY A 10 -5.46 2.52 3.36
C GLY A 10 -6.36 2.66 4.60
N ASP A 11 -7.54 2.09 4.55
CA ASP A 11 -8.46 2.19 5.72
C ASP A 11 -7.72 1.79 7.00
N GLY A 12 -6.89 0.78 6.91
CA GLY A 12 -6.14 0.33 8.11
C GLY A 12 -5.84 -1.17 8.00
N ALA A 13 -4.86 -1.64 8.71
CA ALA A 13 -4.50 -3.08 8.66
C ALA A 13 -3.32 -3.34 9.59
N VAL A 14 -2.17 -2.81 9.23
CA VAL A 14 -0.91 -2.93 10.04
C VAL A 14 0.30 -2.93 9.09
N GLY A 15 0.82 -1.77 8.79
CA GLY A 15 1.99 -1.70 7.87
C GLY A 15 1.77 -2.66 6.70
N LYS A 16 1.21 -2.18 5.62
CA LYS A 16 0.99 -3.08 4.46
C LYS A 16 2.27 -3.84 4.15
N THR A 17 3.40 -3.21 4.34
CA THR A 17 4.67 -3.93 4.07
C THR A 17 4.63 -5.28 4.78
N CYS A 18 3.86 -5.38 5.83
CA CYS A 18 3.78 -6.68 6.54
C CYS A 18 3.18 -7.72 5.60
N LEU A 19 2.52 -7.29 4.54
CA LEU A 19 1.96 -8.25 3.57
C LEU A 19 3.10 -8.92 2.82
N LEU A 20 4.14 -8.17 2.61
CA LEU A 20 5.32 -8.73 1.90
C LEU A 20 5.68 -10.08 2.51
N ILE A 21 5.56 -10.17 3.81
CA ILE A 21 5.86 -11.45 4.50
C ILE A 21 4.89 -12.53 4.06
N SER A 22 3.65 -12.20 3.96
CA SER A 22 2.65 -13.21 3.54
C SER A 22 3.15 -13.95 2.30
N TYR A 23 3.67 -13.22 1.36
CA TYR A 23 4.17 -13.85 0.11
C TYR A 23 5.66 -14.21 0.28
N THR A 24 6.25 -13.85 1.39
CA THR A 24 7.70 -14.16 1.60
C THR A 24 7.91 -15.20 2.72
N THR A 25 7.10 -15.22 3.76
CA THR A 25 7.35 -16.20 4.84
C THR A 25 6.07 -16.89 5.34
N ASN A 26 5.33 -16.27 6.23
CA ASN A 26 4.10 -16.97 6.75
C ASN A 26 3.01 -16.00 7.24
N LYS A 27 2.62 -15.06 6.43
CA LYS A 27 1.53 -14.09 6.78
C LYS A 27 1.45 -13.83 8.29
N PHE A 28 0.27 -13.90 8.84
CA PHE A 28 0.07 -13.64 10.30
C PHE A 28 -0.31 -14.93 11.05
N PRO A 29 0.69 -15.72 11.36
CA PRO A 29 0.48 -17.00 12.08
C PRO A 29 0.57 -16.79 13.60
N SER A 30 0.61 -17.85 14.35
CA SER A 30 0.71 -17.71 15.84
C SER A 30 2.01 -18.35 16.35
N GLU A 31 3.10 -18.11 15.66
CA GLU A 31 4.39 -18.67 16.08
C GLU A 31 5.48 -17.66 15.73
N TYR A 32 6.70 -17.98 15.97
CA TYR A 32 7.79 -17.02 15.67
C TYR A 32 8.02 -16.91 14.16
N VAL A 33 8.13 -15.71 13.67
CA VAL A 33 8.36 -15.46 12.22
C VAL A 33 9.45 -14.40 12.07
N PRO A 34 9.76 -14.03 10.85
CA PRO A 34 10.78 -12.98 10.65
C PRO A 34 10.35 -11.69 11.37
N THR A 35 11.10 -10.64 11.24
CA THR A 35 10.75 -9.37 11.96
C THR A 35 10.46 -8.24 10.98
N VAL A 36 9.89 -7.18 11.48
CA VAL A 36 9.54 -5.98 10.66
C VAL A 36 10.75 -5.41 9.90
N PHE A 37 11.94 -5.90 10.17
CA PHE A 37 13.18 -5.36 9.51
C PHE A 37 12.93 -4.86 8.08
N ASP A 38 12.55 -3.64 7.94
CA ASP A 38 12.33 -3.10 6.57
C ASP A 38 12.43 -1.56 6.57
N ASN A 39 13.51 -1.02 6.07
CA ASN A 39 13.66 0.47 6.02
C ASN A 39 14.89 0.80 5.20
N TYR A 40 14.73 1.21 3.97
CA TYR A 40 15.93 1.50 3.14
C TYR A 40 15.64 2.53 2.04
N ALA A 41 16.65 2.93 1.32
CA ALA A 41 16.44 3.93 0.23
C ALA A 41 17.66 3.99 -0.70
N VAL A 42 17.45 4.27 -1.97
CA VAL A 42 18.61 4.35 -2.93
C VAL A 42 18.18 4.89 -4.28
N THR A 43 19.01 4.72 -5.28
CA THR A 43 18.65 5.22 -6.65
C THR A 43 19.03 4.19 -7.71
N VAL A 44 18.26 4.10 -8.76
CA VAL A 44 18.59 3.11 -9.84
C VAL A 44 19.21 3.84 -11.03
N MET A 45 19.62 3.12 -12.04
CA MET A 45 20.23 3.79 -13.22
C MET A 45 20.06 2.91 -14.47
N ILE A 46 19.49 3.46 -15.51
CA ILE A 46 19.30 2.69 -16.77
C ILE A 46 19.62 3.59 -17.96
N GLY A 47 20.54 3.19 -18.82
CA GLY A 47 20.87 4.05 -19.98
C GLY A 47 21.15 5.48 -19.51
N GLY A 48 21.51 5.66 -18.26
CA GLY A 48 21.79 7.03 -17.75
C GLY A 48 20.53 7.62 -17.12
N GLU A 49 19.72 6.80 -16.50
CA GLU A 49 18.47 7.31 -15.88
C GLU A 49 18.44 7.00 -14.37
N PRO A 50 18.79 7.98 -13.58
CA PRO A 50 18.79 7.81 -12.11
C PRO A 50 17.35 7.71 -11.59
N TYR A 51 17.08 6.79 -10.69
CA TYR A 51 15.70 6.65 -10.14
C TYR A 51 15.60 7.32 -8.78
N THR A 52 14.42 7.71 -8.36
CA THR A 52 14.27 8.38 -7.04
C THR A 52 13.22 7.70 -6.16
N LEU A 53 13.62 6.99 -5.13
CA LEU A 53 12.60 6.36 -4.26
C LEU A 53 13.09 6.27 -2.82
N GLY A 54 12.16 5.99 -1.96
CA GLY A 54 12.47 5.87 -0.52
C GLY A 54 11.24 5.34 0.21
N LEU A 55 11.39 4.39 1.08
CA LEU A 55 10.21 3.85 1.80
C LEU A 55 10.62 3.28 3.16
N PHE A 56 9.68 3.00 4.01
CA PHE A 56 10.04 2.44 5.35
C PHE A 56 8.79 1.96 6.09
N ASP A 57 8.83 0.76 6.63
CA ASP A 57 7.63 0.26 7.38
C ASP A 57 7.84 0.42 8.89
N THR A 58 6.85 0.09 9.66
CA THR A 58 6.97 0.24 11.15
C THR A 58 8.36 -0.17 11.68
N ALA A 59 8.66 0.26 12.89
CA ALA A 59 9.95 -0.05 13.56
C ALA A 59 9.69 -0.47 15.01
N GLY A 60 9.09 -1.62 15.22
CA GLY A 60 8.83 -2.06 16.63
C GLY A 60 10.09 -1.78 17.45
N GLN A 61 11.05 -2.65 17.39
CA GLN A 61 12.32 -2.40 18.12
C GLN A 61 12.85 -1.05 17.66
N GLU A 62 12.37 -0.56 16.53
CA GLU A 62 12.85 0.75 16.00
C GLU A 62 14.34 0.89 16.16
N ASP A 63 15.04 0.44 15.18
CA ASP A 63 16.52 0.57 15.20
C ASP A 63 16.88 1.97 14.71
N TYR A 64 15.92 2.65 14.14
CA TYR A 64 16.16 4.04 13.63
C TYR A 64 15.03 4.96 14.09
N ASP A 65 13.85 4.42 14.31
CA ASP A 65 12.72 5.27 14.77
C ASP A 65 12.67 6.58 13.99
N ARG A 66 13.00 6.54 12.72
CA ARG A 66 12.97 7.80 11.92
C ARG A 66 11.56 8.08 11.43
N LEU A 67 10.66 7.15 11.60
CA LEU A 67 9.26 7.38 11.13
C LEU A 67 8.32 7.51 12.33
N ARG A 68 8.84 7.49 13.54
CA ARG A 68 7.95 7.61 14.73
C ARG A 68 7.04 8.85 14.66
N PRO A 69 7.59 9.94 14.20
CA PRO A 69 6.80 11.17 14.07
C PRO A 69 6.02 11.15 12.74
N LEU A 70 4.93 10.44 12.67
CA LEU A 70 4.15 10.38 11.40
C LEU A 70 2.88 11.21 11.50
N SER A 71 1.75 10.59 11.63
CA SER A 71 0.49 11.39 11.72
C SER A 71 0.52 12.42 10.60
N TYR A 72 1.08 12.06 9.48
CA TYR A 72 1.18 13.03 8.35
C TYR A 72 1.10 12.30 6.99
N PRO A 73 0.05 12.59 6.27
CA PRO A 73 -0.17 11.97 4.94
C PRO A 73 0.79 12.61 3.91
N GLN A 74 0.38 12.64 2.66
CA GLN A 74 1.24 13.26 1.60
C GLN A 74 2.39 12.34 1.21
N THR A 75 2.11 11.36 0.39
CA THR A 75 3.17 10.45 -0.09
C THR A 75 2.89 10.19 -1.55
N ASP A 76 3.55 10.94 -2.39
CA ASP A 76 3.36 10.83 -3.88
C ASP A 76 2.79 9.47 -4.28
N VAL A 77 3.24 8.42 -3.71
CA VAL A 77 2.70 7.08 -4.08
C VAL A 77 2.58 6.17 -2.87
N PHE A 78 1.44 5.56 -2.67
CA PHE A 78 1.29 4.63 -1.51
C PHE A 78 0.32 3.50 -1.84
N LEU A 79 0.24 2.51 -0.99
CA LEU A 79 -0.67 1.37 -1.26
C LEU A 79 -1.82 1.37 -0.24
N VAL A 80 -2.97 1.81 -0.65
CA VAL A 80 -4.13 1.83 0.29
C VAL A 80 -5.01 0.61 0.00
N CYS A 81 -5.32 -0.18 0.99
CA CYS A 81 -6.14 -1.39 0.72
C CYS A 81 -7.60 -1.23 1.19
N PHE A 82 -8.49 -0.94 0.29
CA PHE A 82 -9.93 -0.80 0.67
C PHE A 82 -10.61 -2.16 0.63
N SER A 83 -11.86 -2.23 1.01
CA SER A 83 -12.61 -3.52 0.97
C SER A 83 -13.49 -3.53 -0.27
N VAL A 84 -13.63 -4.66 -0.91
CA VAL A 84 -14.48 -4.72 -2.14
C VAL A 84 -15.89 -4.23 -1.83
N VAL A 85 -16.28 -4.17 -0.59
CA VAL A 85 -17.64 -3.67 -0.26
C VAL A 85 -17.53 -2.34 0.46
N SER A 86 -17.43 -2.38 1.77
CA SER A 86 -17.31 -1.12 2.56
C SER A 86 -18.13 -0.01 1.93
N PRO A 87 -19.42 -0.10 2.10
CA PRO A 87 -20.35 0.92 1.53
C PRO A 87 -20.20 2.25 2.26
N SER A 88 -20.67 3.31 1.66
CA SER A 88 -20.57 4.65 2.30
C SER A 88 -19.16 4.90 2.84
N SER A 89 -18.15 4.51 2.13
CA SER A 89 -16.77 4.74 2.64
C SER A 89 -15.87 5.27 1.52
N PHE A 90 -15.58 4.45 0.56
CA PHE A 90 -14.70 4.90 -0.55
C PHE A 90 -15.30 6.15 -1.23
N GLU A 91 -16.56 6.41 -1.01
CA GLU A 91 -17.17 7.60 -1.66
C GLU A 91 -16.78 8.87 -0.91
N ASN A 92 -16.45 8.76 0.35
CA ASN A 92 -16.07 9.97 1.13
C ASN A 92 -14.61 10.33 0.85
N VAL A 93 -13.85 9.45 0.27
CA VAL A 93 -12.43 9.81 -0.03
C VAL A 93 -12.37 10.49 -1.38
N LYS A 94 -13.34 10.23 -2.21
CA LYS A 94 -13.37 10.88 -3.55
C LYS A 94 -13.70 12.33 -3.36
N GLU A 95 -14.41 12.61 -2.29
CA GLU A 95 -14.77 14.00 -1.98
C GLU A 95 -13.67 14.61 -1.12
N LYS A 96 -12.67 13.84 -0.79
CA LYS A 96 -11.57 14.38 0.07
C LYS A 96 -10.32 14.75 -0.74
N TRP A 97 -9.79 13.84 -1.51
CA TRP A 97 -8.55 14.18 -2.29
C TRP A 97 -8.86 14.75 -3.67
N VAL A 98 -9.87 14.27 -4.35
CA VAL A 98 -10.14 14.81 -5.71
C VAL A 98 -10.53 16.29 -5.65
N PRO A 99 -11.49 16.62 -4.82
CA PRO A 99 -11.91 18.03 -4.70
C PRO A 99 -10.78 18.85 -4.08
N GLU A 100 -9.82 18.20 -3.47
CA GLU A 100 -8.69 18.94 -2.86
C GLU A 100 -8.03 19.83 -3.91
N ILE A 101 -7.66 19.28 -5.05
CA ILE A 101 -7.01 20.13 -6.13
C ILE A 101 -6.31 19.26 -7.19
N THR A 102 -6.35 17.96 -7.10
CA THR A 102 -5.64 17.12 -8.12
C THR A 102 -6.17 17.38 -9.52
N HIS A 103 -7.40 17.80 -9.62
CA HIS A 103 -7.98 18.04 -10.97
C HIS A 103 -7.25 19.19 -11.70
N HIS A 104 -6.40 19.90 -11.03
CA HIS A 104 -5.70 21.02 -11.73
C HIS A 104 -4.18 20.80 -11.69
N CYS A 105 -3.71 19.77 -11.05
CA CYS A 105 -2.24 19.54 -11.01
C CYS A 105 -1.93 18.09 -10.63
N PRO A 106 -0.69 17.71 -10.82
CA PRO A 106 -0.26 16.33 -10.47
C PRO A 106 -0.35 16.14 -8.96
N LYS A 107 -1.28 15.35 -8.53
CA LYS A 107 -1.49 15.13 -7.08
C LYS A 107 -0.69 13.93 -6.60
N THR A 108 -1.33 12.80 -6.55
CA THR A 108 -0.63 11.58 -6.07
C THR A 108 -1.48 10.33 -6.39
N PRO A 109 -0.91 9.45 -7.17
CA PRO A 109 -1.60 8.20 -7.55
C PRO A 109 -1.78 7.27 -6.34
N PHE A 110 -2.83 6.50 -6.34
CA PHE A 110 -3.08 5.57 -5.21
C PHE A 110 -3.35 4.19 -5.77
N LEU A 111 -2.55 3.24 -5.41
CA LEU A 111 -2.79 1.87 -5.91
C LEU A 111 -3.99 1.31 -5.15
N LEU A 112 -5.13 1.38 -5.75
CA LEU A 112 -6.37 0.88 -5.08
C LEU A 112 -6.27 -0.63 -4.88
N VAL A 113 -6.79 -1.14 -3.80
CA VAL A 113 -6.68 -2.61 -3.55
C VAL A 113 -7.81 -3.12 -2.66
N GLY A 114 -8.10 -4.39 -2.74
CA GLY A 114 -9.18 -4.97 -1.88
C GLY A 114 -8.52 -5.65 -0.67
N THR A 115 -9.22 -5.78 0.43
CA THR A 115 -8.60 -6.44 1.62
C THR A 115 -9.42 -7.66 2.03
N GLN A 116 -8.77 -8.75 2.36
CA GLN A 116 -9.52 -9.97 2.78
C GLN A 116 -10.75 -10.12 1.89
N ILE A 117 -10.54 -10.04 0.61
CA ILE A 117 -11.68 -10.12 -0.35
C ILE A 117 -12.07 -11.58 -0.63
N ASP A 118 -11.12 -12.47 -0.62
CA ASP A 118 -11.37 -13.92 -0.94
C ASP A 118 -12.51 -14.48 -0.10
N LEU A 119 -13.64 -13.88 -0.24
CA LEU A 119 -14.87 -14.27 0.51
C LEU A 119 -15.76 -13.03 0.62
N ARG A 120 -15.15 -11.90 0.74
CA ARG A 120 -15.92 -10.63 0.85
C ARG A 120 -16.89 -10.54 -0.33
N ASP A 121 -16.56 -11.16 -1.44
CA ASP A 121 -17.48 -11.12 -2.61
C ASP A 121 -18.69 -12.01 -2.36
N ASP A 122 -18.71 -12.72 -1.27
CA ASP A 122 -19.87 -13.61 -0.98
C ASP A 122 -21.05 -12.81 -0.41
N PRO A 123 -22.22 -13.38 -0.56
CA PRO A 123 -23.47 -12.73 -0.09
C PRO A 123 -23.70 -12.97 1.41
N SER A 124 -22.66 -13.25 2.15
CA SER A 124 -22.83 -13.49 3.61
C SER A 124 -22.30 -12.29 4.37
N THR A 125 -21.15 -11.83 4.02
CA THR A 125 -20.62 -10.60 4.67
C THR A 125 -21.50 -9.47 4.17
N ILE A 126 -22.01 -9.69 2.99
CA ILE A 126 -22.94 -8.73 2.37
C ILE A 126 -24.00 -8.39 3.40
N GLU A 127 -24.25 -9.30 4.30
CA GLU A 127 -25.26 -9.07 5.37
C GLU A 127 -24.97 -7.76 6.12
N LYS A 128 -23.73 -7.46 6.34
CA LYS A 128 -23.38 -6.22 7.09
C LYS A 128 -23.40 -4.98 6.18
N LEU A 129 -22.74 -5.02 5.07
CA LEU A 129 -22.77 -3.82 4.17
C LEU A 129 -24.17 -3.65 3.60
N ALA A 130 -24.95 -4.70 3.60
CA ALA A 130 -26.34 -4.62 3.08
C ALA A 130 -27.16 -3.61 3.90
N LYS A 131 -26.99 -3.63 5.18
CA LYS A 131 -27.75 -2.67 6.04
C LYS A 131 -27.36 -1.24 5.67
N ASN A 132 -26.24 -1.07 5.01
CA ASN A 132 -25.81 0.31 4.64
C ASN A 132 -26.20 0.60 3.19
N LYS A 133 -25.52 0.01 2.26
CA LYS A 133 -25.84 0.24 0.82
C LYS A 133 -25.51 -1.01 0.01
N GLN A 134 -26.29 -1.29 -0.98
CA GLN A 134 -26.05 -2.51 -1.81
C GLN A 134 -25.05 -2.20 -2.93
N LYS A 135 -24.26 -1.17 -2.77
CA LYS A 135 -23.27 -0.82 -3.84
C LYS A 135 -21.85 -1.06 -3.34
N PRO A 136 -21.35 -2.24 -3.64
CA PRO A 136 -19.98 -2.62 -3.23
C PRO A 136 -18.94 -2.08 -4.24
N ILE A 137 -17.72 -1.91 -3.82
CA ILE A 137 -16.67 -1.41 -4.76
C ILE A 137 -16.02 -2.61 -5.46
N THR A 138 -16.20 -2.72 -6.75
CA THR A 138 -15.60 -3.86 -7.49
C THR A 138 -14.54 -3.34 -8.47
N PRO A 139 -13.78 -4.25 -9.03
CA PRO A 139 -12.72 -3.85 -9.99
C PRO A 139 -13.33 -3.15 -11.21
N GLU A 140 -14.60 -3.34 -11.45
CA GLU A 140 -15.24 -2.64 -12.60
C GLU A 140 -15.46 -1.18 -12.22
N THR A 141 -15.91 -0.94 -11.03
CA THR A 141 -16.13 0.45 -10.56
C THR A 141 -14.81 1.04 -10.07
N ALA A 142 -14.05 0.25 -9.36
CA ALA A 142 -12.73 0.73 -8.85
C ALA A 142 -11.91 1.32 -9.98
N GLU A 143 -11.92 0.69 -11.12
CA GLU A 143 -11.15 1.22 -12.28
C GLU A 143 -11.67 2.60 -12.64
N LYS A 144 -12.95 2.74 -12.78
CA LYS A 144 -13.52 4.08 -13.10
C LYS A 144 -13.16 5.04 -11.98
N LEU A 145 -13.23 4.58 -10.76
CA LEU A 145 -12.85 5.43 -9.62
C LEU A 145 -11.42 5.91 -9.79
N ALA A 146 -10.55 5.05 -10.26
CA ALA A 146 -9.14 5.46 -10.46
C ALA A 146 -9.07 6.44 -11.62
N ARG A 147 -9.70 6.10 -12.70
CA ARG A 147 -9.73 7.01 -13.88
C ARG A 147 -10.55 8.26 -13.54
N ASP A 148 -11.44 8.13 -12.59
CA ASP A 148 -12.30 9.27 -12.19
C ASP A 148 -11.46 10.50 -11.81
N LEU A 149 -10.26 10.30 -11.36
CA LEU A 149 -9.42 11.48 -10.98
C LEU A 149 -7.92 11.24 -11.19
N LYS A 150 -7.58 10.54 -12.25
CA LYS A 150 -6.13 10.32 -12.57
C LYS A 150 -5.44 9.46 -11.52
N ALA A 151 -6.12 8.49 -11.00
CA ALA A 151 -5.49 7.61 -9.97
C ALA A 151 -4.49 6.69 -10.68
N VAL A 152 -4.14 5.56 -10.11
CA VAL A 152 -3.17 4.68 -10.81
C VAL A 152 -3.82 3.35 -11.20
N LYS A 153 -4.25 2.55 -10.27
CA LYS A 153 -4.89 1.25 -10.68
C LYS A 153 -5.50 0.50 -9.50
N TYR A 154 -6.45 -0.36 -9.77
CA TYR A 154 -7.08 -1.16 -8.69
C TYR A 154 -6.49 -2.58 -8.71
N VAL A 155 -5.64 -2.90 -7.76
CA VAL A 155 -5.03 -4.25 -7.73
C VAL A 155 -5.78 -5.17 -6.76
N GLU A 156 -5.22 -6.31 -6.45
CA GLU A 156 -5.90 -7.27 -5.52
C GLU A 156 -4.92 -7.76 -4.45
N CYS A 157 -5.38 -7.88 -3.23
CA CYS A 157 -4.47 -8.34 -2.13
C CYS A 157 -5.26 -8.71 -0.88
N SER A 158 -4.95 -9.83 -0.33
CA SER A 158 -5.60 -10.27 0.93
C SER A 158 -4.61 -11.14 1.69
N ALA A 159 -3.68 -10.54 2.35
CA ALA A 159 -2.61 -11.29 3.10
C ALA A 159 -3.00 -12.74 3.43
N LEU A 160 -4.20 -12.99 3.86
CA LEU A 160 -4.57 -14.39 4.17
C LEU A 160 -4.84 -15.16 2.87
N THR A 161 -5.79 -14.71 2.09
CA THR A 161 -6.10 -15.40 0.79
C THR A 161 -5.78 -14.44 -0.35
N GLN A 162 -4.72 -13.74 -0.16
CA GLN A 162 -4.24 -12.70 -1.09
C GLN A 162 -3.95 -13.28 -2.48
N LYS A 163 -2.69 -13.40 -2.78
CA LYS A 163 -2.23 -13.90 -4.11
C LYS A 163 -2.51 -12.85 -5.19
N GLY A 164 -1.89 -11.70 -5.08
CA GLY A 164 -2.13 -10.64 -6.10
C GLY A 164 -1.52 -9.30 -5.65
N LEU A 165 -1.29 -9.10 -4.38
CA LEU A 165 -0.72 -7.79 -3.95
C LEU A 165 0.67 -7.57 -4.56
N LYS A 166 1.21 -8.57 -5.21
CA LYS A 166 2.56 -8.38 -5.82
C LYS A 166 2.46 -7.33 -6.95
N ASN A 167 1.33 -7.26 -7.60
CA ASN A 167 1.15 -6.27 -8.70
C ASN A 167 0.97 -4.86 -8.14
N VAL A 168 0.46 -4.75 -6.95
CA VAL A 168 0.25 -3.40 -6.34
C VAL A 168 1.57 -2.63 -6.38
N PHE A 169 2.63 -3.26 -5.95
CA PHE A 169 3.95 -2.60 -5.93
C PHE A 169 4.53 -2.47 -7.34
N ASP A 170 4.22 -3.38 -8.23
CA ASP A 170 4.78 -3.31 -9.61
C ASP A 170 4.21 -2.12 -10.40
N GLU A 171 2.92 -1.93 -10.37
CA GLU A 171 2.32 -0.79 -11.14
C GLU A 171 2.63 0.53 -10.43
N ALA A 172 2.84 0.50 -9.15
CA ALA A 172 3.15 1.75 -8.41
C ALA A 172 4.52 2.27 -8.84
N ILE A 173 5.39 1.39 -9.25
CA ILE A 173 6.73 1.84 -9.69
C ILE A 173 6.59 2.76 -10.91
N LEU A 174 5.83 2.33 -11.89
CA LEU A 174 5.66 3.18 -13.10
C LEU A 174 4.76 4.38 -12.81
N ALA A 175 3.70 4.17 -12.09
CA ALA A 175 2.76 5.29 -11.78
C ALA A 175 3.33 6.19 -10.68
N ALA A 176 4.48 5.86 -10.16
CA ALA A 176 5.06 6.72 -9.08
C ALA A 176 5.90 7.84 -9.69
N LEU A 177 6.50 7.61 -10.81
CA LEU A 177 7.35 8.65 -11.46
C LEU A 177 6.46 9.56 -12.31
N GLU A 178 5.28 9.12 -12.62
CA GLU A 178 4.35 9.94 -13.43
C GLU A 178 3.12 10.33 -12.61
N GLY B 1 6.87 11.31 -17.96
CA GLY B 1 7.91 10.46 -17.30
C GLY B 1 8.83 9.87 -18.37
N SER B 2 10.09 9.73 -18.08
CA SER B 2 11.05 9.17 -19.07
C SER B 2 11.13 7.65 -18.94
N LYS B 3 10.02 6.97 -19.05
CA LYS B 3 10.05 5.48 -18.91
C LYS B 3 10.57 4.86 -20.21
N GLU B 4 11.84 4.53 -20.25
CA GLU B 4 12.40 3.90 -21.48
C GLU B 4 12.30 2.38 -21.39
N ARG B 5 12.28 1.72 -22.52
CA ARG B 5 12.20 0.24 -22.50
C ARG B 5 13.56 -0.30 -21.98
N PRO B 6 13.96 -1.48 -22.37
CA PRO B 6 15.26 -2.00 -21.86
C PRO B 6 16.42 -1.20 -22.48
N GLU B 7 16.78 -0.11 -21.86
CA GLU B 7 17.90 0.73 -22.39
C GLU B 7 19.13 -0.15 -22.65
N ILE B 8 20.23 0.45 -23.04
CA ILE B 8 21.45 -0.37 -23.32
C ILE B 8 22.18 -0.74 -22.02
N SER B 9 22.34 0.19 -21.10
CA SER B 9 23.05 -0.15 -19.83
C SER B 9 22.20 0.23 -18.63
N LEU B 10 22.52 -0.30 -17.46
CA LEU B 10 21.70 0.05 -16.28
C LEU B 10 22.32 -0.41 -14.95
N PRO B 11 23.00 0.52 -14.31
CA PRO B 11 23.59 0.25 -12.99
C PRO B 11 22.48 0.43 -11.94
N SER B 12 22.60 -0.15 -10.78
CA SER B 12 21.51 0.01 -9.79
C SER B 12 22.01 -0.02 -8.35
N ASP B 13 21.71 1.00 -7.58
CA ASP B 13 22.13 1.02 -6.15
C ASP B 13 21.16 0.16 -5.35
N PHE B 14 21.54 -0.34 -4.22
CA PHE B 14 20.59 -1.19 -3.46
C PHE B 14 20.12 -0.49 -2.18
N GLU B 15 18.87 -0.67 -1.85
CA GLU B 15 18.28 0.00 -0.65
C GLU B 15 19.02 -0.35 0.64
N HIS B 16 19.16 0.58 1.54
CA HIS B 16 19.84 0.29 2.81
C HIS B 16 18.83 -0.22 3.84
N THR B 17 18.73 -1.51 4.00
CA THR B 17 17.73 -2.09 4.94
C THR B 17 18.22 -2.12 6.39
N ILE B 18 17.29 -2.13 7.31
CA ILE B 18 17.63 -2.20 8.76
C ILE B 18 16.89 -3.37 9.39
N HIS B 19 16.86 -3.45 10.69
CA HIS B 19 16.12 -4.57 11.33
C HIS B 19 15.06 -4.04 12.29
N VAL B 20 13.93 -4.70 12.36
CA VAL B 20 12.83 -4.26 13.27
C VAL B 20 12.24 -5.45 14.03
N GLY B 21 11.65 -5.20 15.17
CA GLY B 21 11.13 -6.33 15.99
C GLY B 21 9.63 -6.20 16.28
N PHE B 22 8.99 -7.34 16.48
CA PHE B 22 7.53 -7.39 16.80
C PHE B 22 6.99 -8.78 16.45
N ASP B 23 6.61 -9.53 17.44
CA ASP B 23 6.10 -10.92 17.20
C ASP B 23 5.11 -10.96 16.03
N ALA B 24 5.15 -12.04 15.25
CA ALA B 24 4.23 -12.21 14.08
C ALA B 24 3.64 -10.88 13.62
N VAL B 25 4.47 -9.91 13.36
CA VAL B 25 3.95 -8.61 12.92
C VAL B 25 4.36 -8.35 11.46
N THR B 26 5.57 -8.70 11.13
CA THR B 26 6.05 -8.52 9.74
C THR B 26 5.08 -9.18 8.76
N GLY B 27 4.25 -10.08 9.24
CA GLY B 27 3.25 -10.75 8.35
C GLY B 27 1.87 -10.61 9.00
N GLU B 28 1.69 -9.60 9.81
CA GLU B 28 0.39 -9.42 10.50
C GLU B 28 -0.54 -8.52 9.71
N PHE B 29 -1.54 -9.12 9.20
CA PHE B 29 -2.59 -8.36 8.46
C PHE B 29 -3.94 -8.93 8.79
N THR B 30 -4.72 -8.19 9.49
CA THR B 30 -6.09 -8.66 9.83
C THR B 30 -7.11 -7.72 9.17
N GLY B 31 -7.35 -6.58 9.77
CA GLY B 31 -8.30 -5.61 9.15
C GLY B 31 -9.18 -4.95 10.22
N ILE B 32 -8.83 -3.77 10.67
CA ILE B 32 -9.66 -3.07 11.69
C ILE B 32 -9.02 -1.72 12.07
N PRO B 33 -7.76 -1.78 12.42
CA PRO B 33 -7.03 -0.56 12.81
C PRO B 33 -6.33 0.06 11.60
N GLU B 34 -6.08 1.34 11.62
CA GLU B 34 -5.39 1.97 10.46
C GLU B 34 -4.13 1.14 10.14
N GLN B 35 -3.42 1.45 9.07
CA GLN B 35 -2.23 0.62 8.72
C GLN B 35 -0.96 1.11 9.42
N TRP B 36 -0.42 2.21 8.96
CA TRP B 36 0.80 2.77 9.59
C TRP B 36 0.52 4.19 10.06
N ALA B 37 -0.73 4.49 10.18
CA ALA B 37 -1.14 5.83 10.64
C ALA B 37 -1.77 5.70 12.01
N ARG B 38 -1.08 5.07 12.91
CA ARG B 38 -1.58 4.88 14.29
C ARG B 38 -1.45 6.20 15.05
N LEU B 39 -1.80 7.26 14.39
CA LEU B 39 -1.71 8.62 15.00
C LEU B 39 -2.41 8.66 16.36
N LEU B 40 -3.43 7.86 16.55
CA LEU B 40 -4.13 7.86 17.87
C LEU B 40 -3.93 6.52 18.56
N GLN B 41 -3.01 5.75 18.07
CA GLN B 41 -2.74 4.42 18.68
C GLN B 41 -1.23 4.25 18.90
N THR B 42 -0.54 5.32 19.22
CA THR B 42 0.92 5.22 19.43
C THR B 42 1.24 5.21 20.92
N SER B 43 2.47 4.89 21.26
CA SER B 43 2.86 4.85 22.70
C SER B 43 2.70 6.23 23.35
N ASN B 44 2.42 7.25 22.58
CA ASN B 44 2.26 8.60 23.20
C ASN B 44 0.89 9.17 22.84
N ILE B 45 -0.05 9.11 23.75
CA ILE B 45 -1.40 9.65 23.46
C ILE B 45 -1.31 11.14 23.19
N THR B 46 -2.29 11.70 22.54
CA THR B 46 -2.25 13.15 22.28
C THR B 46 -3.67 13.71 22.11
N MET A 1 10.17 13.87 -12.20
CA MET A 1 9.23 12.73 -12.34
C MET A 1 9.92 11.42 -11.96
N GLN A 2 10.38 11.30 -10.75
CA GLN A 2 11.06 10.06 -10.32
C GLN A 2 10.78 9.81 -8.83
N THR A 3 10.77 10.86 -8.05
CA THR A 3 10.52 10.71 -6.58
C THR A 3 9.31 9.81 -6.30
N ILE A 4 9.56 8.59 -5.93
CA ILE A 4 8.41 7.70 -5.59
C ILE A 4 8.46 7.41 -4.10
N LYS A 5 7.36 7.58 -3.43
CA LYS A 5 7.34 7.30 -1.97
C LYS A 5 6.45 6.11 -1.69
N CYS A 6 7.04 4.96 -1.52
CA CYS A 6 6.22 3.74 -1.23
C CYS A 6 5.96 3.67 0.26
N VAL A 7 4.80 4.05 0.70
CA VAL A 7 4.51 4.02 2.15
C VAL A 7 3.29 3.14 2.44
N VAL A 8 3.34 2.40 3.51
CA VAL A 8 2.19 1.53 3.87
C VAL A 8 0.96 2.37 4.15
N VAL A 9 -0.13 2.09 3.48
CA VAL A 9 -1.36 2.88 3.71
C VAL A 9 -2.56 1.95 3.66
N GLY A 10 -3.69 2.45 4.08
CA GLY A 10 -4.91 1.60 4.07
C GLY A 10 -6.03 2.32 4.81
N ASP A 11 -7.25 1.96 4.55
CA ASP A 11 -8.39 2.60 5.24
C ASP A 11 -8.13 2.58 6.76
N GLY A 12 -7.30 1.68 7.21
CA GLY A 12 -6.99 1.59 8.66
C GLY A 12 -6.84 0.13 9.08
N ALA A 13 -6.30 -0.68 8.20
CA ALA A 13 -6.12 -2.13 8.54
C ALA A 13 -4.65 -2.52 8.35
N VAL A 14 -4.38 -3.77 8.11
CA VAL A 14 -2.97 -4.21 7.91
C VAL A 14 -2.47 -3.66 6.57
N GLY A 15 -1.59 -2.70 6.59
CA GLY A 15 -1.07 -2.11 5.32
C GLY A 15 -0.56 -3.23 4.42
N LYS A 16 -0.36 -2.95 3.16
CA LYS A 16 0.16 -3.99 2.22
C LYS A 16 1.68 -4.00 2.24
N THR A 17 2.29 -3.24 3.11
CA THR A 17 3.78 -3.22 3.16
C THR A 17 4.26 -4.49 3.84
N CYS A 18 3.64 -4.90 4.90
CA CYS A 18 4.09 -6.12 5.56
C CYS A 18 3.64 -7.31 4.72
N LEU A 19 2.82 -7.07 3.73
CA LEU A 19 2.38 -8.17 2.85
C LEU A 19 3.49 -8.53 1.87
N LEU A 20 4.22 -7.55 1.43
CA LEU A 20 5.34 -7.87 0.50
C LEU A 20 6.19 -8.96 1.13
N ILE A 21 6.35 -8.89 2.42
CA ILE A 21 7.15 -9.93 3.13
C ILE A 21 6.24 -11.05 3.61
N SER A 22 5.19 -10.70 4.29
CA SER A 22 4.28 -11.74 4.81
C SER A 22 3.92 -12.71 3.69
N TYR A 23 3.59 -12.20 2.53
CA TYR A 23 3.23 -13.10 1.41
C TYR A 23 4.49 -13.88 0.96
N THR A 24 5.64 -13.29 1.07
CA THR A 24 6.87 -13.99 0.61
C THR A 24 7.32 -15.09 1.59
N THR A 25 7.46 -14.78 2.86
CA THR A 25 7.93 -15.88 3.78
C THR A 25 7.47 -15.68 5.24
N ASN A 26 7.63 -14.51 5.78
CA ASN A 26 7.26 -14.30 7.20
C ASN A 26 5.75 -14.40 7.43
N LYS A 27 4.99 -14.18 6.40
CA LYS A 27 3.49 -14.27 6.47
C LYS A 27 2.94 -14.06 7.88
N PHE A 28 1.86 -14.70 8.19
CA PHE A 28 1.25 -14.56 9.54
C PHE A 28 2.31 -14.87 10.62
N PRO A 29 2.18 -14.24 11.76
CA PRO A 29 3.17 -14.41 12.86
C PRO A 29 3.27 -15.86 13.34
N SER A 30 4.28 -16.55 12.88
CA SER A 30 4.48 -17.96 13.31
C SER A 30 5.86 -18.43 12.87
N GLU A 31 6.79 -17.53 12.76
CA GLU A 31 8.16 -17.91 12.35
C GLU A 31 9.10 -16.71 12.51
N TYR A 32 10.31 -16.87 12.07
CA TYR A 32 11.30 -15.76 12.15
C TYR A 32 10.93 -14.70 11.11
N VAL A 33 11.32 -13.47 11.31
CA VAL A 33 10.92 -12.42 10.32
C VAL A 33 11.52 -11.04 10.68
N PRO A 34 11.69 -10.24 9.65
CA PRO A 34 12.24 -8.86 9.83
C PRO A 34 11.30 -8.02 10.70
N THR A 35 11.59 -6.75 10.87
CA THR A 35 10.72 -5.92 11.74
C THR A 35 10.21 -4.65 11.03
N VAL A 36 9.18 -4.06 11.60
CA VAL A 36 8.52 -2.83 11.03
C VAL A 36 9.45 -1.67 10.67
N PHE A 37 9.91 -0.93 11.64
CA PHE A 37 10.74 0.27 11.29
C PHE A 37 11.87 -0.14 10.36
N ASP A 38 11.63 -0.01 9.09
CA ASP A 38 12.64 -0.38 8.08
C ASP A 38 12.78 0.70 7.02
N ASN A 39 13.58 1.70 7.25
CA ASN A 39 13.75 2.78 6.25
C ASN A 39 14.80 2.36 5.21
N TYR A 40 14.37 1.89 4.07
CA TYR A 40 15.35 1.47 3.03
C TYR A 40 15.41 2.54 1.94
N ALA A 41 16.55 3.11 1.70
CA ALA A 41 16.62 4.16 0.63
C ALA A 41 17.68 3.79 -0.41
N VAL A 42 17.37 3.98 -1.67
CA VAL A 42 18.38 3.67 -2.72
C VAL A 42 18.05 4.43 -4.01
N THR A 43 18.94 4.40 -4.95
CA THR A 43 18.72 5.09 -6.25
C THR A 43 19.45 4.34 -7.36
N VAL A 44 18.91 4.33 -8.54
CA VAL A 44 19.58 3.56 -9.63
C VAL A 44 19.37 4.20 -11.00
N MET A 45 20.41 4.35 -11.78
CA MET A 45 20.26 4.94 -13.14
C MET A 45 20.04 3.82 -14.17
N ILE A 46 18.81 3.60 -14.56
CA ILE A 46 18.51 2.52 -15.55
C ILE A 46 18.62 3.06 -16.97
N GLY A 47 19.34 2.37 -17.83
CA GLY A 47 19.48 2.87 -19.23
C GLY A 47 19.74 4.38 -19.21
N GLY A 48 20.30 4.87 -18.12
CA GLY A 48 20.58 6.34 -18.04
C GLY A 48 19.45 7.06 -17.28
N GLU A 49 18.70 6.34 -16.48
CA GLU A 49 17.60 7.00 -15.71
C GLU A 49 17.73 6.69 -14.22
N PRO A 50 18.17 7.68 -13.47
CA PRO A 50 18.35 7.53 -12.00
C PRO A 50 17.00 7.34 -11.29
N TYR A 51 16.89 6.36 -10.44
CA TYR A 51 15.60 6.14 -9.72
C TYR A 51 15.54 6.97 -8.43
N THR A 52 14.36 7.31 -8.01
CA THR A 52 14.20 8.11 -6.75
C THR A 52 13.14 7.44 -5.87
N LEU A 53 13.52 6.66 -4.89
CA LEU A 53 12.47 6.01 -4.05
C LEU A 53 12.96 5.72 -2.64
N GLY A 54 12.06 5.27 -1.81
CA GLY A 54 12.38 4.94 -0.39
C GLY A 54 11.16 4.28 0.24
N LEU A 55 11.33 3.21 0.95
CA LEU A 55 10.16 2.54 1.57
C LEU A 55 10.40 2.27 3.06
N PHE A 56 9.37 2.22 3.84
CA PHE A 56 9.55 1.95 5.30
C PHE A 56 8.19 1.70 5.96
N ASP A 57 8.17 0.90 7.00
CA ASP A 57 6.87 0.61 7.69
C ASP A 57 6.63 1.58 8.85
N THR A 58 5.47 1.52 9.44
CA THR A 58 5.12 2.43 10.57
C THR A 58 6.01 2.19 11.81
N ALA A 59 5.64 2.78 12.91
CA ALA A 59 6.41 2.62 14.17
C ALA A 59 5.58 1.81 15.18
N GLY A 60 5.44 0.54 14.93
CA GLY A 60 4.64 -0.32 15.85
C GLY A 60 4.90 0.09 17.29
N GLN A 61 6.14 0.31 17.65
CA GLN A 61 6.44 0.72 19.05
C GLN A 61 7.58 1.74 19.08
N GLU A 62 7.95 2.31 17.97
CA GLU A 62 9.05 3.30 18.00
C GLU A 62 8.73 4.37 19.06
N ASP A 63 7.50 4.77 19.16
CA ASP A 63 7.12 5.80 20.16
C ASP A 63 7.75 7.13 19.75
N TYR A 64 8.30 7.18 18.57
CA TYR A 64 8.91 8.44 18.08
C TYR A 64 7.93 9.10 17.12
N ASP A 65 7.18 8.28 16.40
CA ASP A 65 6.16 8.80 15.42
C ASP A 65 6.47 10.24 15.01
N ARG A 66 7.69 10.51 14.64
CA ARG A 66 8.06 11.89 14.25
C ARG A 66 7.69 12.15 12.79
N LEU A 67 7.85 11.17 11.94
CA LEU A 67 7.50 11.36 10.51
C LEU A 67 6.22 10.60 10.16
N ARG A 68 5.58 9.97 11.11
CA ARG A 68 4.34 9.22 10.79
C ARG A 68 3.05 9.99 11.12
N PRO A 69 3.13 11.21 11.60
CA PRO A 69 1.88 11.95 11.88
C PRO A 69 1.34 12.50 10.56
N LEU A 70 1.17 11.62 9.58
CA LEU A 70 0.69 12.06 8.26
C LEU A 70 -0.61 12.86 8.36
N SER A 71 -1.61 12.34 9.00
CA SER A 71 -2.89 13.10 9.09
C SER A 71 -3.18 13.78 7.74
N TYR A 72 -2.70 13.21 6.67
CA TYR A 72 -2.90 13.82 5.33
C TYR A 72 -2.23 12.97 4.25
N PRO A 73 -2.68 13.12 3.03
CA PRO A 73 -2.07 12.37 1.90
C PRO A 73 -0.69 12.95 1.58
N GLN A 74 0.36 12.24 1.90
CA GLN A 74 1.73 12.78 1.62
C GLN A 74 2.65 11.69 1.05
N THR A 75 2.12 10.82 0.25
CA THR A 75 2.96 9.74 -0.36
C THR A 75 2.46 9.46 -1.77
N ASP A 76 3.03 10.13 -2.74
CA ASP A 76 2.60 9.97 -4.16
C ASP A 76 1.94 8.61 -4.44
N VAL A 77 2.52 7.55 -4.01
CA VAL A 77 1.91 6.21 -4.29
C VAL A 77 1.45 5.53 -2.98
N PHE A 78 0.25 5.00 -2.99
CA PHE A 78 -0.29 4.35 -1.76
C PHE A 78 -0.62 2.87 -1.99
N LEU A 79 -0.17 2.01 -1.11
CA LEU A 79 -0.52 0.56 -1.24
C LEU A 79 -1.60 0.25 -0.22
N VAL A 80 -2.83 0.24 -0.64
CA VAL A 80 -3.94 -0.03 0.31
C VAL A 80 -4.64 -1.35 -0.03
N CYS A 81 -5.38 -1.90 0.90
CA CYS A 81 -6.08 -3.19 0.62
C CYS A 81 -7.58 -3.08 0.87
N PHE A 82 -8.36 -2.93 -0.17
CA PHE A 82 -9.84 -2.83 0.00
C PHE A 82 -10.46 -4.22 0.02
N SER A 83 -11.74 -4.31 0.27
CA SER A 83 -12.42 -5.63 0.30
C SER A 83 -13.52 -5.67 -0.77
N VAL A 84 -13.54 -6.69 -1.58
CA VAL A 84 -14.60 -6.78 -2.63
C VAL A 84 -15.98 -6.96 -1.98
N VAL A 85 -15.99 -7.23 -0.70
CA VAL A 85 -17.30 -7.42 0.01
C VAL A 85 -17.47 -6.32 1.06
N SER A 86 -17.15 -5.11 0.71
CA SER A 86 -17.31 -3.99 1.68
C SER A 86 -18.52 -3.14 1.31
N PRO A 87 -19.24 -2.73 2.32
CA PRO A 87 -20.46 -1.91 2.10
C PRO A 87 -20.12 -0.50 1.63
N SER A 88 -20.50 -0.16 0.42
CA SER A 88 -20.22 1.21 -0.10
C SER A 88 -18.86 1.72 0.34
N SER A 89 -17.81 1.04 -0.02
CA SER A 89 -16.44 1.51 0.37
C SER A 89 -15.78 2.24 -0.79
N PHE A 90 -15.49 1.53 -1.84
CA PHE A 90 -14.84 2.18 -3.01
C PHE A 90 -15.58 3.46 -3.38
N GLU A 91 -16.84 3.54 -3.08
CA GLU A 91 -17.60 4.77 -3.43
C GLU A 91 -17.07 5.96 -2.64
N ASN A 92 -16.37 5.73 -1.57
CA ASN A 92 -15.82 6.87 -0.78
C ASN A 92 -14.49 7.33 -1.37
N VAL A 93 -13.87 6.51 -2.19
CA VAL A 93 -12.58 6.94 -2.79
C VAL A 93 -12.86 7.70 -4.09
N LYS A 94 -14.03 7.52 -4.65
CA LYS A 94 -14.37 8.25 -5.90
C LYS A 94 -14.70 9.67 -5.52
N GLU A 95 -15.28 9.82 -4.37
CA GLU A 95 -15.59 11.18 -3.89
C GLU A 95 -14.36 11.75 -3.21
N LYS A 96 -13.28 10.99 -3.18
CA LYS A 96 -12.05 11.52 -2.52
C LYS A 96 -10.94 11.78 -3.56
N TRP A 97 -10.64 10.81 -4.37
CA TRP A 97 -9.55 10.99 -5.37
C TRP A 97 -9.95 11.92 -6.51
N VAL A 98 -11.21 11.95 -6.86
CA VAL A 98 -11.63 12.83 -7.99
C VAL A 98 -11.56 14.32 -7.60
N PRO A 99 -12.09 14.66 -6.45
CA PRO A 99 -12.06 16.08 -6.01
C PRO A 99 -10.64 16.51 -5.63
N GLU A 100 -9.74 15.59 -5.45
CA GLU A 100 -8.35 15.98 -5.08
C GLU A 100 -7.69 16.72 -6.23
N ILE A 101 -7.91 16.30 -7.44
CA ILE A 101 -7.26 17.00 -8.60
C ILE A 101 -5.79 17.29 -8.27
N THR A 102 -4.92 16.36 -8.51
CA THR A 102 -3.48 16.59 -8.20
C THR A 102 -3.06 18.00 -8.67
N HIS A 103 -2.71 18.13 -9.91
CA HIS A 103 -2.29 19.46 -10.43
C HIS A 103 -3.41 20.09 -11.27
N HIS A 104 -4.38 19.29 -11.64
CA HIS A 104 -5.50 19.82 -12.48
C HIS A 104 -6.56 18.72 -12.61
N CYS A 105 -6.12 17.54 -12.94
CA CYS A 105 -7.05 16.38 -13.07
C CYS A 105 -6.65 15.31 -12.06
N PRO A 106 -7.53 14.38 -11.82
CA PRO A 106 -7.23 13.30 -10.86
C PRO A 106 -6.29 12.27 -11.49
N LYS A 107 -5.08 12.15 -11.00
CA LYS A 107 -4.15 11.16 -11.60
C LYS A 107 -3.24 10.52 -10.54
N THR A 108 -3.38 10.90 -9.30
CA THR A 108 -2.51 10.29 -8.26
C THR A 108 -2.51 8.76 -8.44
N PRO A 109 -1.34 8.18 -8.37
CA PRO A 109 -1.22 6.72 -8.54
C PRO A 109 -1.86 6.01 -7.36
N PHE A 110 -2.71 5.05 -7.62
CA PHE A 110 -3.37 4.34 -6.50
C PHE A 110 -3.41 2.83 -6.76
N LEU A 111 -2.71 2.09 -5.96
CA LEU A 111 -2.71 0.62 -6.10
C LEU A 111 -3.95 0.09 -5.40
N LEU A 112 -4.96 -0.22 -6.15
CA LEU A 112 -6.21 -0.71 -5.53
C LEU A 112 -6.19 -2.24 -5.44
N VAL A 113 -6.25 -2.76 -4.24
CA VAL A 113 -6.18 -4.25 -4.07
C VAL A 113 -7.36 -4.77 -3.24
N GLY A 114 -7.44 -6.07 -3.07
CA GLY A 114 -8.53 -6.68 -2.26
C GLY A 114 -7.95 -7.17 -0.92
N THR A 115 -8.78 -7.35 0.08
CA THR A 115 -8.27 -7.82 1.39
C THR A 115 -8.81 -9.22 1.70
N GLN A 116 -8.00 -10.08 2.28
CA GLN A 116 -8.48 -11.45 2.59
C GLN A 116 -9.17 -12.04 1.36
N ILE A 117 -8.68 -11.75 0.19
CA ILE A 117 -9.34 -12.29 -1.04
C ILE A 117 -9.65 -13.78 -0.88
N ASP A 118 -8.91 -14.48 -0.04
CA ASP A 118 -9.07 -15.98 0.12
C ASP A 118 -10.52 -16.37 0.41
N LEU A 119 -11.40 -15.91 -0.42
CA LEU A 119 -12.88 -16.17 -0.31
C LEU A 119 -13.57 -15.05 -1.07
N ARG A 120 -13.22 -13.85 -0.71
CA ARG A 120 -13.78 -12.65 -1.40
C ARG A 120 -13.88 -12.90 -2.90
N ASP A 121 -12.99 -13.70 -3.43
CA ASP A 121 -13.02 -13.98 -4.90
C ASP A 121 -14.27 -14.79 -5.26
N ASP A 122 -14.88 -15.42 -4.30
CA ASP A 122 -16.10 -16.23 -4.59
C ASP A 122 -17.33 -15.32 -4.64
N PRO A 123 -18.27 -15.71 -5.46
CA PRO A 123 -19.53 -14.95 -5.62
C PRO A 123 -20.55 -15.37 -4.57
N SER A 124 -20.09 -15.93 -3.47
CA SER A 124 -21.03 -16.38 -2.40
C SER A 124 -21.01 -15.38 -1.26
N THR A 125 -19.84 -15.05 -0.80
CA THR A 125 -19.76 -14.03 0.28
C THR A 125 -20.14 -12.72 -0.38
N ILE A 126 -19.81 -12.66 -1.64
CA ILE A 126 -20.16 -11.48 -2.46
C ILE A 126 -21.66 -11.22 -2.22
N GLU A 127 -22.38 -12.27 -1.95
CA GLU A 127 -23.84 -12.16 -1.67
C GLU A 127 -24.07 -11.13 -0.57
N LYS A 128 -23.20 -11.12 0.40
CA LYS A 128 -23.35 -10.17 1.53
C LYS A 128 -23.41 -8.72 1.04
N LEU A 129 -22.62 -8.38 0.06
CA LEU A 129 -22.65 -6.98 -0.45
C LEU A 129 -24.09 -6.57 -0.76
N ALA A 130 -24.81 -7.40 -1.46
CA ALA A 130 -26.21 -7.06 -1.81
C ALA A 130 -26.98 -6.64 -0.57
N LYS A 131 -26.83 -7.36 0.50
CA LYS A 131 -27.57 -6.99 1.75
C LYS A 131 -27.41 -5.50 2.02
N ASN A 132 -26.37 -4.88 1.52
CA ASN A 132 -26.19 -3.42 1.78
C ASN A 132 -25.98 -2.65 0.47
N LYS A 133 -25.48 -3.31 -0.53
CA LYS A 133 -25.22 -2.64 -1.83
C LYS A 133 -25.43 -3.65 -2.95
N GLN A 134 -26.37 -3.41 -3.81
CA GLN A 134 -26.68 -4.36 -4.91
C GLN A 134 -25.52 -4.49 -5.90
N LYS A 135 -24.66 -3.52 -5.95
CA LYS A 135 -23.51 -3.60 -6.90
C LYS A 135 -22.22 -3.82 -6.12
N PRO A 136 -21.83 -5.06 -6.01
CA PRO A 136 -20.60 -5.42 -5.28
C PRO A 136 -19.38 -5.01 -6.11
N ILE A 137 -18.25 -4.83 -5.48
CA ILE A 137 -17.05 -4.43 -6.26
C ILE A 137 -16.15 -5.65 -6.50
N THR A 138 -15.79 -5.88 -7.72
CA THR A 138 -14.93 -7.06 -8.04
C THR A 138 -13.69 -6.57 -8.81
N PRO A 139 -12.75 -7.46 -8.98
CA PRO A 139 -11.50 -7.10 -9.70
C PRO A 139 -11.79 -6.73 -11.16
N GLU A 140 -12.97 -6.98 -11.64
CA GLU A 140 -13.28 -6.62 -13.05
C GLU A 140 -13.71 -5.16 -13.14
N THR A 141 -14.64 -4.76 -12.33
CA THR A 141 -15.11 -3.34 -12.34
C THR A 141 -14.02 -2.41 -11.82
N ALA A 142 -13.31 -2.81 -10.81
CA ALA A 142 -12.25 -1.94 -10.26
C ALA A 142 -11.32 -1.47 -11.38
N GLU A 143 -11.21 -2.24 -12.42
CA GLU A 143 -10.33 -1.83 -13.55
C GLU A 143 -10.92 -0.61 -14.25
N LYS A 144 -12.18 -0.65 -14.58
CA LYS A 144 -12.80 0.53 -15.23
C LYS A 144 -12.89 1.67 -14.23
N LEU A 145 -13.07 1.34 -12.97
CA LEU A 145 -13.14 2.39 -11.94
C LEU A 145 -11.80 3.11 -11.85
N ALA A 146 -10.73 2.37 -11.76
CA ALA A 146 -9.39 3.02 -11.71
C ALA A 146 -9.18 3.79 -13.00
N ARG A 147 -9.58 3.21 -14.10
CA ARG A 147 -9.44 3.91 -15.41
C ARG A 147 -10.19 5.24 -15.35
N ASP A 148 -11.17 5.35 -14.50
CA ASP A 148 -11.93 6.62 -14.40
C ASP A 148 -10.97 7.76 -14.05
N LEU A 149 -10.22 7.63 -12.99
CA LEU A 149 -9.24 8.69 -12.64
C LEU A 149 -7.88 8.27 -13.18
N LYS A 150 -7.88 7.22 -13.96
CA LYS A 150 -6.61 6.72 -14.56
C LYS A 150 -5.67 6.29 -13.45
N ALA A 151 -6.22 5.74 -12.42
CA ALA A 151 -5.39 5.25 -11.28
C ALA A 151 -4.38 4.23 -11.79
N VAL A 152 -3.93 3.35 -10.94
CA VAL A 152 -2.95 2.33 -11.41
C VAL A 152 -3.66 1.10 -11.94
N LYS A 153 -4.16 0.27 -11.07
CA LYS A 153 -4.84 -0.96 -11.58
C LYS A 153 -5.48 -1.76 -10.46
N TYR A 154 -6.42 -2.61 -10.80
CA TYR A 154 -7.07 -3.46 -9.76
C TYR A 154 -6.23 -4.71 -9.51
N VAL A 155 -5.65 -4.81 -8.34
CA VAL A 155 -4.80 -6.02 -8.03
C VAL A 155 -5.42 -6.84 -6.90
N GLU A 156 -4.69 -7.79 -6.38
CA GLU A 156 -5.23 -8.63 -5.27
C GLU A 156 -4.08 -9.19 -4.44
N CYS A 157 -4.27 -9.31 -3.15
CA CYS A 157 -3.17 -9.83 -2.29
C CYS A 157 -3.71 -10.59 -1.08
N SER A 158 -2.97 -11.56 -0.63
CA SER A 158 -3.39 -12.35 0.56
C SER A 158 -2.14 -12.82 1.30
N ALA A 159 -1.73 -12.10 2.29
CA ALA A 159 -0.50 -12.47 3.04
C ALA A 159 -0.34 -13.99 3.17
N LEU A 160 -1.31 -14.67 3.72
CA LEU A 160 -1.13 -16.14 3.89
C LEU A 160 -1.84 -16.99 2.79
N THR A 161 -2.68 -16.43 1.97
CA THR A 161 -3.36 -17.28 0.93
C THR A 161 -2.65 -17.16 -0.44
N GLN A 162 -3.06 -16.23 -1.28
CA GLN A 162 -2.42 -16.09 -2.62
C GLN A 162 -0.89 -15.99 -2.47
N LYS A 163 -0.44 -14.90 -1.93
CA LYS A 163 1.04 -14.67 -1.75
C LYS A 163 1.68 -14.34 -3.10
N GLY A 164 1.21 -13.32 -3.75
CA GLY A 164 1.78 -12.93 -5.06
C GLY A 164 1.36 -11.50 -5.38
N LEU A 165 1.11 -10.72 -4.35
CA LEU A 165 0.68 -9.31 -4.59
C LEU A 165 1.84 -8.44 -5.09
N LYS A 166 2.98 -9.02 -5.34
CA LYS A 166 4.13 -8.23 -5.85
C LYS A 166 3.69 -7.45 -7.09
N ASN A 167 2.66 -7.89 -7.75
CA ASN A 167 2.18 -7.16 -8.97
C ASN A 167 1.58 -5.82 -8.57
N VAL A 168 0.88 -5.77 -7.47
CA VAL A 168 0.27 -4.48 -7.04
C VAL A 168 1.35 -3.39 -7.07
N PHE A 169 2.53 -3.73 -6.65
CA PHE A 169 3.65 -2.73 -6.65
C PHE A 169 4.25 -2.62 -8.05
N ASP A 170 4.14 -3.65 -8.85
CA ASP A 170 4.71 -3.58 -10.23
C ASP A 170 4.09 -2.41 -11.00
N GLU A 171 2.79 -2.26 -10.94
CA GLU A 171 2.15 -1.13 -11.68
C GLU A 171 2.40 0.18 -10.94
N ALA A 172 2.62 0.12 -9.66
CA ALA A 172 2.91 1.36 -8.89
C ALA A 172 4.24 1.95 -9.33
N ILE A 173 5.16 1.11 -9.71
CA ILE A 173 6.48 1.62 -10.15
C ILE A 173 6.30 2.55 -11.34
N LEU A 174 5.53 2.16 -12.31
CA LEU A 174 5.33 3.02 -13.50
C LEU A 174 4.49 4.25 -13.14
N ALA A 175 3.56 4.09 -12.26
CA ALA A 175 2.72 5.26 -11.87
C ALA A 175 3.37 6.00 -10.71
N ALA A 176 4.48 5.49 -10.21
CA ALA A 176 5.16 6.18 -9.07
C ALA A 176 5.95 7.39 -9.59
N LEU A 177 6.48 7.30 -10.77
CA LEU A 177 7.27 8.44 -11.32
C LEU A 177 6.38 9.26 -12.25
N GLU A 178 5.36 8.63 -12.79
CA GLU A 178 4.42 9.34 -13.70
C GLU A 178 3.69 10.45 -12.95
N GLY B 1 9.03 9.22 -15.30
CA GLY B 1 9.52 10.01 -16.47
C GLY B 1 10.33 9.11 -17.40
N SER B 2 10.01 9.10 -18.67
CA SER B 2 10.76 8.24 -19.64
C SER B 2 10.77 6.79 -19.15
N LYS B 3 9.63 6.24 -18.82
CA LYS B 3 9.62 4.82 -18.36
C LYS B 3 9.91 3.90 -19.54
N GLU B 4 11.08 3.36 -19.59
CA GLU B 4 11.45 2.46 -20.71
C GLU B 4 11.35 1.00 -20.28
N ARG B 5 11.30 0.10 -21.22
CA ARG B 5 11.19 -1.36 -20.88
C ARG B 5 12.53 -1.80 -20.25
N PRO B 6 12.96 -3.04 -20.44
CA PRO B 6 14.23 -3.46 -19.82
C PRO B 6 15.41 -2.76 -20.50
N GLU B 7 15.74 -1.58 -20.03
CA GLU B 7 16.87 -0.83 -20.62
C GLU B 7 18.12 -1.72 -20.61
N ILE B 8 19.29 -1.17 -20.81
CA ILE B 8 20.51 -2.05 -20.80
C ILE B 8 20.93 -2.34 -19.36
N SER B 9 21.47 -1.38 -18.65
CA SER B 9 21.89 -1.67 -17.26
C SER B 9 21.78 -0.44 -16.36
N LEU B 10 22.21 -0.55 -15.12
CA LEU B 10 22.10 0.60 -14.21
C LEU B 10 23.00 0.45 -12.95
N PRO B 11 23.61 1.55 -12.60
CA PRO B 11 24.47 1.61 -11.40
C PRO B 11 23.56 1.78 -10.17
N SER B 12 23.98 1.35 -9.01
CA SER B 12 23.08 1.50 -7.83
C SER B 12 23.82 2.15 -6.65
N ASP B 13 23.10 2.85 -5.82
CA ASP B 13 23.72 3.50 -4.63
C ASP B 13 23.28 2.74 -3.38
N PHE B 14 23.86 3.02 -2.24
CA PHE B 14 23.42 2.29 -1.02
C PHE B 14 23.01 3.26 0.09
N GLU B 15 22.07 2.84 0.89
CA GLU B 15 21.61 3.66 2.03
C GLU B 15 21.21 2.68 3.13
N HIS B 16 20.75 3.13 4.25
CA HIS B 16 20.39 2.12 5.30
C HIS B 16 19.07 2.43 6.00
N THR B 17 18.76 1.62 6.99
CA THR B 17 17.47 1.77 7.73
C THR B 17 17.68 2.00 9.23
N ILE B 18 16.60 1.92 9.98
CA ILE B 18 16.69 2.12 11.46
C ILE B 18 16.15 0.88 12.18
N HIS B 19 15.93 0.95 13.47
CA HIS B 19 15.45 -0.26 14.21
C HIS B 19 13.93 -0.25 14.48
N VAL B 20 13.38 -1.43 14.65
CA VAL B 20 11.92 -1.63 14.91
C VAL B 20 11.66 -2.10 16.34
N GLY B 21 10.50 -1.86 16.87
CA GLY B 21 10.20 -2.33 18.26
C GLY B 21 9.06 -3.35 18.20
N PHE B 22 9.19 -4.38 17.40
CA PHE B 22 8.12 -5.40 17.31
C PHE B 22 8.50 -6.47 16.27
N ASP B 23 8.88 -7.62 16.72
CA ASP B 23 9.28 -8.72 15.78
C ASP B 23 8.07 -9.28 15.03
N ALA B 24 8.29 -9.80 13.86
CA ALA B 24 7.18 -10.38 13.04
C ALA B 24 6.00 -9.42 12.93
N VAL B 25 6.27 -8.15 12.82
CA VAL B 25 5.15 -7.20 12.65
C VAL B 25 5.21 -6.65 11.23
N THR B 26 6.36 -6.71 10.63
CA THR B 26 6.53 -6.23 9.23
C THR B 26 6.21 -7.36 8.25
N GLY B 27 6.38 -8.58 8.66
CA GLY B 27 6.07 -9.72 7.74
C GLY B 27 4.93 -10.51 8.34
N GLU B 28 3.96 -9.84 8.90
CA GLU B 28 2.82 -10.55 9.53
C GLU B 28 1.51 -9.83 9.23
N PHE B 29 0.60 -10.53 8.64
CA PHE B 29 -0.73 -9.93 8.33
C PHE B 29 -1.80 -10.69 9.10
N THR B 30 -2.62 -9.98 9.81
CA THR B 30 -3.69 -10.64 10.61
C THR B 30 -4.97 -9.82 10.56
N GLY B 31 -4.87 -8.53 10.73
CA GLY B 31 -6.10 -7.68 10.69
C GLY B 31 -6.12 -6.75 11.91
N ILE B 32 -5.34 -5.70 11.88
CA ILE B 32 -5.32 -4.74 13.02
C ILE B 32 -5.96 -3.43 12.59
N PRO B 33 -6.37 -2.64 13.56
CA PRO B 33 -7.01 -1.34 13.26
C PRO B 33 -5.97 -0.32 12.78
N GLU B 34 -6.44 0.85 12.38
CA GLU B 34 -5.52 1.95 11.89
C GLU B 34 -4.05 1.56 11.94
N GLN B 35 -3.42 1.45 10.79
CA GLN B 35 -1.98 1.04 10.79
C GLN B 35 -1.05 2.26 10.68
N TRP B 36 -1.01 2.88 9.54
CA TRP B 36 -0.11 4.05 9.35
C TRP B 36 -0.88 5.37 9.46
N ALA B 37 -2.16 5.27 9.43
CA ALA B 37 -3.03 6.47 9.54
C ALA B 37 -3.34 6.71 11.01
N ARG B 38 -2.30 6.93 11.76
CA ARG B 38 -2.45 7.18 13.22
C ARG B 38 -2.81 8.65 13.43
N LEU B 39 -3.71 9.12 12.63
CA LEU B 39 -4.13 10.55 12.73
C LEU B 39 -4.46 10.93 14.18
N LEU B 40 -5.19 10.10 14.87
CA LEU B 40 -5.56 10.43 16.28
C LEU B 40 -5.07 9.35 17.23
N GLN B 41 -4.16 8.55 16.78
CA GLN B 41 -3.60 7.46 17.64
C GLN B 41 -2.08 7.59 17.75
N THR B 42 -1.56 8.79 17.86
CA THR B 42 -0.09 8.97 17.96
C THR B 42 0.34 9.15 19.41
N SER B 43 1.61 9.02 19.66
CA SER B 43 2.13 9.19 21.05
C SER B 43 1.87 10.61 21.55
N ASN B 44 1.40 11.49 20.70
CA ASN B 44 1.15 12.89 21.15
C ASN B 44 2.30 13.39 22.03
N ILE B 45 3.49 13.40 21.48
CA ILE B 45 4.67 13.87 22.28
C ILE B 45 4.52 15.33 22.68
N THR B 46 4.02 16.14 21.78
CA THR B 46 3.87 17.59 22.08
C THR B 46 3.18 17.77 23.44
N MET A 1 8.56 13.48 -10.74
CA MET A 1 9.42 12.94 -11.82
C MET A 1 9.69 11.44 -11.58
N GLN A 2 10.61 11.13 -10.72
CA GLN A 2 10.91 9.70 -10.44
C GLN A 2 10.93 9.46 -8.93
N THR A 3 10.76 10.50 -8.15
CA THR A 3 10.78 10.32 -6.68
C THR A 3 9.55 9.54 -6.21
N ILE A 4 9.74 8.31 -5.84
CA ILE A 4 8.58 7.52 -5.34
C ILE A 4 8.74 7.30 -3.84
N LYS A 5 7.76 7.70 -3.10
CA LYS A 5 7.80 7.48 -1.64
C LYS A 5 6.79 6.38 -1.32
N CYS A 6 7.18 5.40 -0.56
CA CYS A 6 6.22 4.31 -0.25
C CYS A 6 5.82 4.37 1.22
N VAL A 7 4.57 4.62 1.49
CA VAL A 7 4.10 4.69 2.90
C VAL A 7 2.92 3.74 3.12
N VAL A 8 2.58 3.48 4.35
CA VAL A 8 1.43 2.56 4.60
C VAL A 8 0.17 3.36 4.95
N VAL A 9 -0.89 3.12 4.24
CA VAL A 9 -2.15 3.86 4.51
C VAL A 9 -3.33 2.87 4.56
N GLY A 10 -4.54 3.34 4.61
CA GLY A 10 -5.71 2.40 4.67
C GLY A 10 -6.34 2.47 6.06
N ASP A 11 -7.47 1.84 6.24
CA ASP A 11 -8.13 1.88 7.56
C ASP A 11 -7.10 1.62 8.66
N GLY A 12 -6.16 0.75 8.40
CA GLY A 12 -5.12 0.45 9.42
C GLY A 12 -4.65 -1.00 9.23
N ALA A 13 -3.38 -1.25 9.44
CA ALA A 13 -2.87 -2.64 9.26
C ALA A 13 -1.56 -2.82 10.06
N VAL A 14 -0.53 -3.34 9.45
CA VAL A 14 0.75 -3.54 10.20
C VAL A 14 1.89 -2.75 9.55
N GLY A 15 2.00 -2.78 8.25
CA GLY A 15 3.10 -2.03 7.58
C GLY A 15 2.96 -2.17 6.06
N LYS A 16 3.89 -1.59 5.33
CA LYS A 16 3.81 -1.69 3.85
C LYS A 16 4.71 -2.81 3.33
N THR A 17 5.95 -2.84 3.75
CA THR A 17 6.88 -3.90 3.29
C THR A 17 6.50 -5.24 3.94
N CYS A 18 5.75 -5.20 5.01
CA CYS A 18 5.37 -6.46 5.69
C CYS A 18 4.50 -7.32 4.77
N LEU A 19 3.93 -6.76 3.73
CA LEU A 19 3.09 -7.58 2.84
C LEU A 19 3.91 -8.13 1.68
N LEU A 20 4.80 -7.37 1.15
CA LEU A 20 5.62 -7.89 0.03
C LEU A 20 6.29 -9.18 0.48
N ILE A 21 6.71 -9.21 1.71
CA ILE A 21 7.36 -10.41 2.27
C ILE A 21 6.33 -11.42 2.69
N SER A 22 5.19 -10.95 3.09
CA SER A 22 4.13 -11.89 3.53
C SER A 22 4.02 -13.00 2.51
N TYR A 23 3.81 -12.70 1.26
CA TYR A 23 3.74 -13.80 0.27
C TYR A 23 5.13 -14.13 -0.29
N THR A 24 6.17 -13.48 0.18
CA THR A 24 7.51 -13.84 -0.33
C THR A 24 7.93 -15.14 0.34
N THR A 25 7.87 -15.20 1.65
CA THR A 25 8.25 -16.47 2.32
C THR A 25 8.14 -16.41 3.85
N ASN A 26 9.00 -15.69 4.51
CA ASN A 26 8.96 -15.66 6.00
C ASN A 26 7.98 -14.61 6.53
N LYS A 27 6.78 -14.59 6.00
CA LYS A 27 5.74 -13.63 6.46
C LYS A 27 5.69 -13.52 7.98
N PHE A 28 4.64 -14.00 8.57
CA PHE A 28 4.45 -13.92 10.04
C PHE A 28 5.03 -15.14 10.84
N PRO A 29 5.94 -15.92 10.28
CA PRO A 29 6.50 -17.05 11.05
C PRO A 29 7.60 -16.54 12.00
N SER A 30 8.85 -16.97 11.87
CA SER A 30 9.92 -16.47 12.79
C SER A 30 11.31 -16.85 12.27
N GLU A 31 11.75 -16.28 11.19
CA GLU A 31 13.08 -16.61 10.66
C GLU A 31 13.76 -15.35 10.10
N TYR A 32 14.87 -15.53 9.45
CA TYR A 32 15.63 -14.37 8.90
C TYR A 32 14.90 -13.70 7.72
N VAL A 33 14.61 -12.42 7.84
CA VAL A 33 13.90 -11.66 6.76
C VAL A 33 14.09 -10.15 7.03
N PRO A 34 13.36 -9.30 6.33
CA PRO A 34 13.51 -7.84 6.54
C PRO A 34 12.92 -7.41 7.89
N THR A 35 12.96 -6.13 8.19
CA THR A 35 12.43 -5.66 9.51
C THR A 35 11.46 -4.49 9.36
N VAL A 36 10.67 -4.23 10.38
CA VAL A 36 9.72 -3.07 10.32
C VAL A 36 10.48 -1.76 10.09
N PHE A 37 10.89 -1.09 11.14
CA PHE A 37 11.63 0.18 10.98
C PHE A 37 12.72 0.00 9.94
N ASP A 38 12.44 0.30 8.71
CA ASP A 38 13.45 0.13 7.64
C ASP A 38 13.36 1.29 6.67
N ASN A 39 13.99 2.39 6.95
CA ASN A 39 13.91 3.54 6.01
C ASN A 39 14.87 3.33 4.84
N TYR A 40 14.36 2.88 3.73
CA TYR A 40 15.24 2.66 2.54
C TYR A 40 15.25 3.92 1.68
N ALA A 41 16.43 4.47 1.47
CA ALA A 41 16.50 5.70 0.66
C ALA A 41 17.79 5.75 -0.15
N VAL A 42 17.70 5.34 -1.39
CA VAL A 42 18.88 5.34 -2.32
C VAL A 42 18.30 5.23 -3.73
N THR A 43 19.07 4.92 -4.75
CA THR A 43 18.45 4.86 -6.11
C THR A 43 18.70 3.54 -6.81
N VAL A 44 17.98 3.28 -7.87
CA VAL A 44 18.18 2.01 -8.63
C VAL A 44 18.48 2.36 -10.08
N MET A 45 19.48 1.77 -10.65
CA MET A 45 19.80 2.09 -12.07
C MET A 45 19.27 0.99 -12.98
N ILE A 46 18.22 1.28 -13.71
CA ILE A 46 17.65 0.25 -14.63
C ILE A 46 17.64 0.76 -16.06
N GLY A 47 18.14 -0.02 -16.99
CA GLY A 47 18.15 0.43 -18.41
C GLY A 47 18.78 1.82 -18.51
N GLY A 48 19.61 2.16 -17.57
CA GLY A 48 20.27 3.51 -17.62
C GLY A 48 19.34 4.55 -16.98
N GLU A 49 18.33 4.11 -16.29
CA GLU A 49 17.40 5.07 -15.64
C GLU A 49 17.46 4.92 -14.11
N PRO A 50 17.75 6.01 -13.46
CA PRO A 50 17.85 6.01 -11.99
C PRO A 50 16.47 5.97 -11.34
N TYR A 51 16.32 5.23 -10.27
CA TYR A 51 15.00 5.16 -9.60
C TYR A 51 15.05 5.89 -8.25
N THR A 52 14.29 6.93 -8.10
CA THR A 52 14.31 7.68 -6.81
C THR A 52 13.33 7.03 -5.83
N LEU A 53 13.83 6.35 -4.84
CA LEU A 53 12.94 5.69 -3.85
C LEU A 53 13.21 6.19 -2.43
N GLY A 54 12.22 6.14 -1.60
CA GLY A 54 12.39 6.59 -0.19
C GLY A 54 11.20 6.10 0.63
N LEU A 55 11.36 5.03 1.35
CA LEU A 55 10.23 4.49 2.15
C LEU A 55 10.70 4.05 3.53
N PHE A 56 9.79 3.79 4.43
CA PHE A 56 10.21 3.35 5.80
C PHE A 56 9.00 2.85 6.60
N ASP A 57 9.09 1.69 7.20
CA ASP A 57 7.94 1.19 8.00
C ASP A 57 7.99 1.82 9.39
N THR A 58 6.91 1.82 10.12
CA THR A 58 6.93 2.46 11.47
C THR A 58 6.38 1.51 12.54
N ALA A 59 6.72 1.78 13.78
CA ALA A 59 6.26 0.91 14.91
C ALA A 59 7.06 -0.37 14.90
N GLY A 60 8.26 -0.30 14.42
CA GLY A 60 9.12 -1.50 14.42
C GLY A 60 9.71 -1.62 15.81
N GLN A 61 10.68 -0.79 16.12
CA GLN A 61 11.30 -0.85 17.48
C GLN A 61 10.53 0.06 18.46
N GLU A 62 9.31 0.39 18.15
CA GLU A 62 8.53 1.26 19.06
C GLU A 62 7.51 0.44 19.85
N ASP A 63 6.74 -0.38 19.18
CA ASP A 63 5.72 -1.20 19.89
C ASP A 63 4.65 -0.27 20.48
N TYR A 64 4.17 0.63 19.67
CA TYR A 64 3.10 1.59 20.10
C TYR A 64 3.14 2.84 19.20
N ASP A 65 4.19 2.99 18.44
CA ASP A 65 4.32 4.15 17.50
C ASP A 65 3.72 5.42 18.11
N ARG A 66 4.15 5.80 19.29
CA ARG A 66 3.63 7.06 19.89
C ARG A 66 3.84 8.17 18.87
N LEU A 67 4.85 8.04 18.05
CA LEU A 67 5.13 9.04 17.01
C LEU A 67 4.24 8.79 15.78
N ARG A 68 3.26 7.93 15.92
CA ARG A 68 2.36 7.62 14.75
C ARG A 68 1.54 8.80 14.23
N PRO A 69 1.37 9.87 14.98
CA PRO A 69 0.55 10.99 14.46
C PRO A 69 1.41 11.90 13.58
N LEU A 70 1.63 11.52 12.35
CA LEU A 70 2.47 12.34 11.44
C LEU A 70 1.59 13.34 10.67
N SER A 71 0.36 13.00 10.44
CA SER A 71 -0.54 13.92 9.69
C SER A 71 0.19 14.53 8.50
N TYR A 72 1.18 13.87 7.98
CA TYR A 72 1.93 14.42 6.80
C TYR A 72 1.84 13.46 5.61
N PRO A 73 0.86 13.70 4.78
CA PRO A 73 0.66 12.85 3.58
C PRO A 73 1.60 13.25 2.44
N GLN A 74 2.87 12.94 2.56
CA GLN A 74 3.81 13.31 1.46
C GLN A 74 4.36 12.05 0.81
N THR A 75 3.52 11.30 0.17
CA THR A 75 3.96 10.06 -0.50
C THR A 75 3.16 9.89 -1.78
N ASP A 76 3.71 10.33 -2.87
CA ASP A 76 3.00 10.22 -4.18
C ASP A 76 2.12 8.98 -4.24
N VAL A 77 2.52 7.92 -3.59
CA VAL A 77 1.68 6.67 -3.64
C VAL A 77 1.28 6.23 -2.23
N PHE A 78 -0.01 6.10 -1.98
CA PHE A 78 -0.46 5.65 -0.63
C PHE A 78 -1.03 4.23 -0.72
N LEU A 79 -0.80 3.42 0.28
CA LEU A 79 -1.33 2.03 0.24
C LEU A 79 -2.49 1.87 1.22
N VAL A 80 -3.70 1.97 0.77
CA VAL A 80 -4.87 1.79 1.68
C VAL A 80 -5.50 0.42 1.40
N CYS A 81 -5.76 -0.35 2.43
CA CYS A 81 -6.35 -1.69 2.19
C CYS A 81 -7.47 -1.98 3.20
N PHE A 82 -8.64 -2.30 2.72
CA PHE A 82 -9.77 -2.60 3.66
C PHE A 82 -10.75 -3.62 3.05
N SER A 83 -11.78 -3.98 3.78
CA SER A 83 -12.77 -4.99 3.28
C SER A 83 -13.68 -4.37 2.22
N VAL A 84 -14.35 -5.20 1.45
CA VAL A 84 -15.24 -4.68 0.37
C VAL A 84 -16.66 -5.25 0.44
N VAL A 85 -17.01 -5.96 1.48
CA VAL A 85 -18.42 -6.47 1.53
C VAL A 85 -19.31 -5.31 2.01
N SER A 86 -19.25 -4.95 3.27
CA SER A 86 -20.08 -3.81 3.75
C SER A 86 -19.41 -2.51 3.28
N PRO A 87 -20.20 -1.62 2.77
CA PRO A 87 -19.66 -0.33 2.30
C PRO A 87 -19.25 0.54 3.47
N SER A 88 -19.83 0.31 4.63
CA SER A 88 -19.47 1.13 5.82
C SER A 88 -19.33 2.59 5.39
N SER A 89 -20.19 3.02 4.51
CA SER A 89 -20.12 4.42 4.01
C SER A 89 -18.81 4.65 3.24
N PHE A 90 -18.40 3.69 2.45
CA PHE A 90 -17.15 3.86 1.66
C PHE A 90 -17.20 5.21 0.95
N GLU A 91 -18.38 5.71 0.69
CA GLU A 91 -18.50 7.03 0.03
C GLU A 91 -17.76 8.08 0.87
N ASN A 92 -17.67 7.85 2.16
CA ASN A 92 -16.95 8.82 3.03
C ASN A 92 -15.45 8.71 2.78
N VAL A 93 -15.02 7.61 2.25
CA VAL A 93 -13.56 7.45 1.97
C VAL A 93 -13.23 8.10 0.63
N LYS A 94 -14.24 8.51 -0.09
CA LYS A 94 -14.01 9.21 -1.39
C LYS A 94 -13.83 10.68 -1.09
N GLU A 95 -14.50 11.14 -0.07
CA GLU A 95 -14.41 12.55 0.34
C GLU A 95 -13.18 12.74 1.24
N LYS A 96 -12.42 11.70 1.46
CA LYS A 96 -11.24 11.86 2.36
C LYS A 96 -9.93 11.95 1.57
N TRP A 97 -9.70 11.03 0.67
CA TRP A 97 -8.42 11.06 -0.12
C TRP A 97 -8.51 11.96 -1.36
N VAL A 98 -9.54 11.81 -2.15
CA VAL A 98 -9.64 12.64 -3.38
C VAL A 98 -9.53 14.13 -3.08
N PRO A 99 -10.30 14.61 -2.13
CA PRO A 99 -10.24 16.05 -1.78
C PRO A 99 -8.91 16.33 -1.07
N GLU A 100 -8.23 15.31 -0.61
CA GLU A 100 -6.93 15.55 0.08
C GLU A 100 -6.02 16.37 -0.83
N ILE A 101 -6.17 16.22 -2.12
CA ILE A 101 -5.31 17.01 -3.06
C ILE A 101 -3.83 16.70 -2.83
N THR A 102 -3.19 16.09 -3.79
CA THR A 102 -1.75 15.75 -3.64
C THR A 102 -0.97 16.97 -3.15
N HIS A 103 -0.49 17.77 -4.05
CA HIS A 103 0.26 18.99 -3.65
C HIS A 103 -0.58 20.24 -3.97
N HIS A 104 -1.80 20.04 -4.39
CA HIS A 104 -2.67 21.21 -4.72
C HIS A 104 -3.94 20.72 -5.42
N CYS A 105 -3.82 19.70 -6.22
CA CYS A 105 -5.01 19.16 -6.94
C CYS A 105 -5.25 17.70 -6.55
N PRO A 106 -6.48 17.29 -6.70
CA PRO A 106 -6.86 15.90 -6.34
C PRO A 106 -6.42 14.89 -7.41
N LYS A 107 -5.14 14.59 -7.48
CA LYS A 107 -4.68 13.60 -8.48
C LYS A 107 -3.85 12.51 -7.80
N THR A 108 -3.65 12.62 -6.51
CA THR A 108 -2.85 11.58 -5.81
C THR A 108 -3.31 10.18 -6.24
N PRO A 109 -2.36 9.37 -6.63
CA PRO A 109 -2.68 8.00 -7.08
C PRO A 109 -3.09 7.15 -5.87
N PHE A 110 -3.95 6.19 -6.06
CA PHE A 110 -4.38 5.37 -4.91
C PHE A 110 -4.34 3.90 -5.23
N LEU A 111 -3.56 3.18 -4.49
CA LEU A 111 -3.52 1.72 -4.70
C LEU A 111 -4.59 1.10 -3.82
N LEU A 112 -5.75 0.91 -4.36
CA LEU A 112 -6.87 0.32 -3.57
C LEU A 112 -6.58 -1.15 -3.30
N VAL A 113 -7.01 -1.66 -2.17
CA VAL A 113 -6.72 -3.09 -1.85
C VAL A 113 -7.85 -3.71 -1.05
N GLY A 114 -7.71 -4.97 -0.74
CA GLY A 114 -8.74 -5.67 0.06
C GLY A 114 -8.08 -6.33 1.27
N THR A 115 -8.41 -5.91 2.46
CA THR A 115 -7.77 -6.52 3.68
C THR A 115 -8.48 -7.83 4.02
N GLN A 116 -7.76 -8.91 4.10
CA GLN A 116 -8.43 -10.21 4.42
C GLN A 116 -9.67 -10.32 3.54
N ILE A 117 -9.47 -10.49 2.25
CA ILE A 117 -10.63 -10.55 1.32
C ILE A 117 -11.07 -12.00 1.08
N ASP A 118 -10.13 -12.87 0.84
CA ASP A 118 -10.43 -14.30 0.48
C ASP A 118 -11.39 -14.98 1.45
N LEU A 119 -12.52 -14.38 1.60
CA LEU A 119 -13.60 -14.91 2.51
C LEU A 119 -14.43 -13.73 2.98
N ARG A 120 -13.75 -12.69 3.37
CA ARG A 120 -14.46 -11.46 3.82
C ARG A 120 -15.33 -10.95 2.68
N ASP A 121 -15.07 -11.40 1.49
CA ASP A 121 -15.86 -10.95 0.32
C ASP A 121 -16.71 -12.10 -0.24
N ASP A 122 -16.94 -13.12 0.55
CA ASP A 122 -17.78 -14.25 0.06
C ASP A 122 -19.25 -13.87 0.18
N PRO A 123 -20.03 -14.34 -0.76
CA PRO A 123 -21.49 -14.03 -0.80
C PRO A 123 -22.27 -14.84 0.25
N SER A 124 -21.65 -15.28 1.30
CA SER A 124 -22.40 -16.06 2.34
C SER A 124 -22.55 -15.25 3.61
N THR A 125 -21.47 -14.68 4.07
CA THR A 125 -21.57 -13.82 5.28
C THR A 125 -21.95 -12.44 4.79
N ILE A 126 -21.61 -12.18 3.55
CA ILE A 126 -21.96 -10.90 2.92
C ILE A 126 -23.48 -10.81 2.87
N GLU A 127 -24.12 -11.95 2.95
CA GLU A 127 -25.60 -11.97 2.91
C GLU A 127 -26.15 -10.91 3.87
N LYS A 128 -25.63 -10.88 5.06
CA LYS A 128 -26.12 -9.88 6.06
C LYS A 128 -25.33 -8.57 5.96
N LEU A 129 -24.04 -8.66 5.78
CA LEU A 129 -23.21 -7.42 5.70
C LEU A 129 -23.70 -6.50 4.57
N ALA A 130 -24.05 -7.04 3.45
CA ALA A 130 -24.55 -6.18 2.34
C ALA A 130 -25.82 -5.46 2.80
N LYS A 131 -26.69 -6.15 3.47
CA LYS A 131 -27.95 -5.51 3.96
C LYS A 131 -27.62 -4.54 5.10
N ASN A 132 -26.41 -4.56 5.58
CA ASN A 132 -26.04 -3.65 6.71
C ASN A 132 -26.11 -2.19 6.25
N LYS A 133 -25.80 -1.93 5.02
CA LYS A 133 -25.85 -0.53 4.50
C LYS A 133 -26.87 -0.48 3.38
N GLN A 134 -26.57 -1.12 2.27
CA GLN A 134 -27.48 -1.21 1.07
C GLN A 134 -26.66 -1.17 -0.21
N LYS A 135 -25.44 -0.73 -0.15
CA LYS A 135 -24.61 -0.68 -1.38
C LYS A 135 -23.20 -1.20 -1.12
N PRO A 136 -23.00 -2.47 -1.41
CA PRO A 136 -21.67 -3.11 -1.21
C PRO A 136 -20.67 -2.60 -2.25
N ILE A 137 -19.39 -2.77 -2.02
CA ILE A 137 -18.39 -2.32 -3.02
C ILE A 137 -17.86 -3.52 -3.79
N THR A 138 -17.77 -3.40 -5.08
CA THR A 138 -17.29 -4.54 -5.89
C THR A 138 -16.03 -4.11 -6.66
N PRO A 139 -15.39 -5.04 -7.30
CA PRO A 139 -14.15 -4.71 -8.06
C PRO A 139 -14.49 -3.79 -9.23
N GLU A 140 -15.74 -3.74 -9.60
CA GLU A 140 -16.14 -2.86 -10.73
C GLU A 140 -16.27 -1.42 -10.25
N THR A 141 -16.85 -1.22 -9.10
CA THR A 141 -17.00 0.16 -8.57
C THR A 141 -15.64 0.67 -8.07
N ALA A 142 -14.93 -0.16 -7.36
CA ALA A 142 -13.60 0.27 -6.82
C ALA A 142 -12.67 0.72 -7.95
N GLU A 143 -12.54 -0.07 -8.97
CA GLU A 143 -11.66 0.33 -10.11
C GLU A 143 -12.26 1.55 -10.80
N LYS A 144 -13.57 1.66 -10.78
CA LYS A 144 -14.21 2.86 -11.38
C LYS A 144 -13.92 4.05 -10.47
N LEU A 145 -13.90 3.81 -9.19
CA LEU A 145 -13.57 4.90 -8.23
C LEU A 145 -12.18 5.42 -8.54
N ALA A 146 -11.27 4.50 -8.74
CA ALA A 146 -9.87 4.91 -9.06
C ALA A 146 -9.87 5.73 -10.35
N ARG A 147 -10.52 5.21 -11.36
CA ARG A 147 -10.59 5.94 -12.66
C ARG A 147 -11.41 7.23 -12.47
N ASP A 148 -12.17 7.31 -11.41
CA ASP A 148 -13.00 8.52 -11.17
C ASP A 148 -12.11 9.74 -10.86
N LEU A 149 -10.88 9.53 -10.48
CA LEU A 149 -9.99 10.68 -10.18
C LEU A 149 -8.52 10.34 -10.42
N LYS A 150 -8.26 9.60 -11.47
CA LYS A 150 -6.86 9.25 -11.85
C LYS A 150 -6.16 8.45 -10.76
N ALA A 151 -6.77 7.38 -10.36
CA ALA A 151 -6.15 6.51 -9.33
C ALA A 151 -5.62 5.24 -10.02
N VAL A 152 -4.92 4.42 -9.29
CA VAL A 152 -4.38 3.19 -9.92
C VAL A 152 -5.50 2.18 -10.23
N LYS A 153 -5.85 1.36 -9.29
CA LYS A 153 -6.93 0.35 -9.55
C LYS A 153 -7.29 -0.42 -8.28
N TYR A 154 -8.37 -1.17 -8.29
CA TYR A 154 -8.74 -1.96 -7.08
C TYR A 154 -7.93 -3.27 -7.02
N VAL A 155 -7.16 -3.45 -5.99
CA VAL A 155 -6.36 -4.71 -5.88
C VAL A 155 -6.76 -5.49 -4.63
N GLU A 156 -6.00 -6.50 -4.27
CA GLU A 156 -6.39 -7.31 -3.07
C GLU A 156 -5.17 -7.83 -2.31
N CYS A 157 -5.21 -7.78 -1.01
CA CYS A 157 -4.06 -8.29 -0.19
C CYS A 157 -4.53 -9.01 1.05
N SER A 158 -4.00 -10.16 1.25
CA SER A 158 -4.36 -10.93 2.45
C SER A 158 -3.16 -11.77 2.90
N ALA A 159 -2.24 -11.17 3.60
CA ALA A 159 -1.03 -11.89 4.09
C ALA A 159 -1.42 -13.14 4.86
N LEU A 160 -1.84 -13.00 6.07
CA LEU A 160 -2.23 -14.18 6.85
C LEU A 160 -3.14 -15.09 6.03
N THR A 161 -4.17 -14.51 5.46
CA THR A 161 -5.16 -15.31 4.67
C THR A 161 -4.63 -15.68 3.25
N GLN A 162 -4.50 -14.74 2.33
CA GLN A 162 -4.04 -15.14 0.97
C GLN A 162 -2.80 -14.37 0.54
N LYS A 163 -3.02 -13.24 -0.11
CA LYS A 163 -1.95 -12.35 -0.65
C LYS A 163 -2.19 -12.15 -2.17
N GLY A 164 -1.16 -11.86 -2.91
CA GLY A 164 -1.35 -11.63 -4.37
C GLY A 164 -1.45 -10.12 -4.55
N LEU A 165 -1.09 -9.41 -3.51
CA LEU A 165 -1.15 -7.93 -3.52
C LEU A 165 0.09 -7.32 -4.15
N LYS A 166 0.97 -8.13 -4.70
CA LYS A 166 2.18 -7.55 -5.34
C LYS A 166 1.74 -6.45 -6.32
N ASN A 167 0.53 -6.57 -6.83
CA ASN A 167 0.03 -5.55 -7.78
C ASN A 167 -0.13 -4.20 -7.07
N VAL A 168 -0.66 -4.21 -5.88
CA VAL A 168 -0.82 -2.94 -5.13
C VAL A 168 0.51 -2.19 -5.11
N PHE A 169 1.59 -2.92 -5.17
CA PHE A 169 2.93 -2.28 -5.17
C PHE A 169 3.44 -2.15 -6.62
N ASP A 170 2.93 -2.97 -7.50
CA ASP A 170 3.39 -2.91 -8.92
C ASP A 170 2.97 -1.59 -9.59
N GLU A 171 1.72 -1.24 -9.50
CA GLU A 171 1.26 0.02 -10.14
C GLU A 171 1.76 1.25 -9.37
N ALA A 172 1.75 1.21 -8.07
CA ALA A 172 2.23 2.39 -7.29
C ALA A 172 3.65 2.75 -7.72
N ILE A 173 4.44 1.80 -8.12
CA ILE A 173 5.82 2.13 -8.56
C ILE A 173 5.76 3.13 -9.71
N LEU A 174 4.89 2.90 -10.66
CA LEU A 174 4.78 3.81 -11.83
C LEU A 174 4.04 5.10 -11.49
N ALA A 175 2.92 4.99 -10.86
CA ALA A 175 2.13 6.22 -10.52
C ALA A 175 2.91 7.10 -9.54
N ALA A 176 3.98 6.61 -9.00
CA ALA A 176 4.76 7.43 -8.03
C ALA A 176 5.64 8.43 -8.80
N LEU A 177 6.24 8.00 -9.86
CA LEU A 177 7.11 8.93 -10.65
C LEU A 177 6.23 9.86 -11.49
N GLU A 178 5.01 9.47 -11.70
CA GLU A 178 4.08 10.30 -12.51
C GLU A 178 2.97 10.86 -11.62
N GLY B 1 11.80 10.89 -17.13
CA GLY B 1 10.68 10.08 -16.56
C GLY B 1 10.32 8.96 -17.54
N SER B 2 11.21 8.02 -17.73
CA SER B 2 10.90 6.90 -18.66
C SER B 2 10.61 5.61 -17.89
N LYS B 3 9.62 4.88 -18.30
CA LYS B 3 9.28 3.61 -17.61
C LYS B 3 9.47 2.42 -18.55
N GLU B 4 10.55 1.71 -18.40
CA GLU B 4 10.82 0.55 -19.28
C GLU B 4 10.48 -0.77 -18.58
N ARG B 5 9.90 -1.71 -19.30
CA ARG B 5 9.55 -3.00 -18.68
C ARG B 5 10.62 -4.06 -19.01
N PRO B 6 10.98 -4.16 -20.27
CA PRO B 6 12.01 -5.14 -20.67
C PRO B 6 13.39 -4.51 -20.45
N GLU B 7 13.43 -3.21 -20.33
CA GLU B 7 14.71 -2.47 -20.11
C GLU B 7 15.89 -3.16 -20.81
N ILE B 8 17.09 -2.86 -20.39
CA ILE B 8 18.28 -3.48 -21.03
C ILE B 8 19.35 -3.78 -19.98
N SER B 9 19.85 -2.78 -19.31
CA SER B 9 20.88 -3.03 -18.27
C SER B 9 20.59 -2.25 -16.99
N LEU B 10 20.65 -2.89 -15.87
CA LEU B 10 20.36 -2.20 -14.59
C LEU B 10 21.44 -2.51 -13.54
N PRO B 11 22.35 -1.60 -13.38
CA PRO B 11 23.41 -1.79 -12.37
C PRO B 11 22.80 -1.59 -10.97
N SER B 12 22.82 -2.62 -10.17
CA SER B 12 22.21 -2.52 -8.81
C SER B 12 22.67 -1.26 -8.10
N ASP B 13 22.10 -0.98 -6.96
CA ASP B 13 22.47 0.22 -6.18
C ASP B 13 22.24 -0.02 -4.69
N PHE B 14 22.25 0.99 -3.88
CA PHE B 14 22.07 0.78 -2.43
C PHE B 14 20.73 1.27 -1.88
N GLU B 15 20.62 1.28 -0.57
CA GLU B 15 19.36 1.72 0.14
C GLU B 15 19.71 2.06 1.59
N HIS B 16 18.73 2.27 2.42
CA HIS B 16 19.01 2.59 3.85
C HIS B 16 18.07 1.80 4.79
N THR B 17 18.54 1.42 5.95
CA THR B 17 17.65 0.63 6.85
C THR B 17 17.97 0.87 8.33
N ILE B 18 16.95 0.91 9.16
CA ILE B 18 17.16 1.10 10.62
C ILE B 18 16.82 -0.20 11.36
N HIS B 19 16.68 -0.17 12.66
CA HIS B 19 16.38 -1.43 13.39
C HIS B 19 14.94 -1.47 13.92
N VAL B 20 14.41 -2.66 14.07
CA VAL B 20 13.01 -2.85 14.53
C VAL B 20 12.94 -3.74 15.77
N GLY B 21 11.93 -3.56 16.57
CA GLY B 21 11.72 -4.38 17.79
C GLY B 21 10.24 -4.79 17.86
N PHE B 22 9.93 -5.99 17.43
CA PHE B 22 8.51 -6.44 17.46
C PHE B 22 8.43 -7.88 16.93
N ASP B 23 8.00 -8.77 17.75
CA ASP B 23 7.89 -10.21 17.35
C ASP B 23 7.40 -10.34 15.90
N ALA B 24 7.70 -11.45 15.28
CA ALA B 24 7.30 -11.69 13.85
C ALA B 24 7.89 -10.63 12.94
N VAL B 25 9.15 -10.35 13.10
CA VAL B 25 9.78 -9.35 12.20
C VAL B 25 10.07 -10.06 10.88
N THR B 26 10.05 -11.35 10.94
CA THR B 26 10.32 -12.20 9.76
C THR B 26 9.47 -11.76 8.54
N GLY B 27 8.29 -11.23 8.76
CA GLY B 27 7.46 -10.78 7.62
C GLY B 27 6.90 -9.39 7.95
N GLU B 28 7.29 -8.85 9.08
CA GLU B 28 6.79 -7.51 9.49
C GLU B 28 5.27 -7.48 9.49
N PHE B 29 4.67 -8.63 9.56
CA PHE B 29 3.18 -8.69 9.58
C PHE B 29 2.70 -9.21 10.93
N THR B 30 1.73 -8.56 11.50
CA THR B 30 1.17 -9.00 12.83
C THR B 30 0.40 -7.86 13.50
N GLY B 31 -0.76 -8.16 14.04
CA GLY B 31 -1.56 -7.11 14.72
C GLY B 31 -2.41 -6.34 13.70
N ILE B 32 -3.18 -5.37 14.15
CA ILE B 32 -4.02 -4.60 13.20
C ILE B 32 -4.11 -3.11 13.58
N PRO B 33 -3.02 -2.57 14.08
CA PRO B 33 -3.02 -1.13 14.46
C PRO B 33 -2.99 -0.27 13.20
N GLU B 34 -3.16 1.02 13.31
CA GLU B 34 -3.12 1.86 12.09
C GLU B 34 -1.89 1.48 11.27
N GLN B 35 -1.83 1.93 10.06
CA GLN B 35 -0.66 1.61 9.21
C GLN B 35 0.51 2.55 9.50
N TRP B 36 0.50 3.18 10.66
CA TRP B 36 1.56 4.17 11.05
C TRP B 36 1.13 5.52 10.53
N ALA B 37 -0.08 5.86 10.82
CA ALA B 37 -0.64 7.14 10.34
C ALA B 37 -2.14 7.13 10.58
N ARG B 38 -2.56 7.76 11.62
CA ARG B 38 -4.01 7.84 11.90
C ARG B 38 -4.52 9.07 11.18
N LEU B 39 -4.08 9.19 9.97
CA LEU B 39 -4.44 10.36 9.12
C LEU B 39 -5.96 10.53 9.00
N LEU B 40 -6.72 9.49 9.24
CA LEU B 40 -8.20 9.62 9.12
C LEU B 40 -8.90 9.28 10.43
N GLN B 41 -8.14 9.14 11.47
CA GLN B 41 -8.74 8.83 12.79
C GLN B 41 -8.81 10.10 13.63
N THR B 42 -7.73 10.46 14.26
CA THR B 42 -7.71 11.70 15.07
C THR B 42 -6.53 12.54 14.65
N SER B 43 -6.77 13.75 14.24
CA SER B 43 -5.65 14.63 13.81
C SER B 43 -4.76 15.00 14.99
N ASN B 44 -4.33 14.03 15.76
CA ASN B 44 -3.47 14.34 16.94
C ASN B 44 -2.13 14.93 16.47
N ILE B 45 -1.72 16.03 17.03
CA ILE B 45 -0.42 16.64 16.61
C ILE B 45 0.57 16.59 17.76
N THR B 46 1.83 16.73 17.47
CA THR B 46 2.82 16.72 18.57
C THR B 46 4.18 17.20 18.04
N MET A 1 7.98 13.81 -10.20
CA MET A 1 8.17 12.71 -11.20
C MET A 1 9.40 11.88 -10.85
N GLN A 2 9.92 12.06 -9.66
CA GLN A 2 11.10 11.27 -9.22
C GLN A 2 11.02 11.09 -7.70
N THR A 3 11.47 12.07 -6.95
CA THR A 3 11.42 11.98 -5.45
C THR A 3 10.12 11.30 -5.01
N ILE A 4 10.13 10.00 -4.86
CA ILE A 4 8.89 9.30 -4.44
C ILE A 4 9.21 8.26 -3.37
N LYS A 5 8.37 8.18 -2.38
CA LYS A 5 8.60 7.19 -1.29
C LYS A 5 7.35 6.37 -1.02
N CYS A 6 7.48 5.08 -1.14
CA CYS A 6 6.34 4.16 -0.89
C CYS A 6 6.00 4.11 0.61
N VAL A 7 4.76 4.36 0.95
CA VAL A 7 4.33 4.32 2.37
C VAL A 7 2.94 3.69 2.45
N VAL A 8 2.35 3.65 3.62
CA VAL A 8 0.99 3.05 3.73
C VAL A 8 -0.07 4.14 3.61
N VAL A 9 -1.18 3.83 2.98
CA VAL A 9 -2.25 4.85 2.79
C VAL A 9 -3.61 4.26 3.16
N GLY A 10 -4.65 4.93 2.78
CA GLY A 10 -6.03 4.43 3.08
C GLY A 10 -6.48 4.96 4.44
N ASP A 11 -7.44 4.33 5.06
CA ASP A 11 -7.90 4.81 6.39
C ASP A 11 -6.80 4.56 7.41
N GLY A 12 -5.80 3.81 7.05
CA GLY A 12 -4.70 3.52 8.01
C GLY A 12 -4.72 2.05 8.39
N ALA A 13 -4.03 1.23 7.65
CA ALA A 13 -4.00 -0.22 7.98
C ALA A 13 -2.88 -0.92 7.22
N VAL A 14 -1.70 -0.40 7.28
CA VAL A 14 -0.57 -1.04 6.54
C VAL A 14 -0.79 -0.90 5.03
N GLY A 15 0.25 -0.99 4.24
CA GLY A 15 0.08 -0.86 2.78
C GLY A 15 0.63 -2.11 2.10
N LYS A 16 1.06 -2.01 0.88
CA LYS A 16 1.61 -3.20 0.16
C LYS A 16 3.02 -3.53 0.65
N THR A 17 3.53 -2.76 1.57
CA THR A 17 4.92 -3.00 2.07
C THR A 17 4.97 -4.23 2.98
N CYS A 18 4.12 -4.31 3.96
CA CYS A 18 4.17 -5.48 4.86
C CYS A 18 3.89 -6.74 4.05
N LEU A 19 3.33 -6.59 2.88
CA LEU A 19 3.03 -7.77 2.04
C LEU A 19 4.31 -8.24 1.33
N LEU A 20 5.22 -7.35 1.08
CA LEU A 20 6.49 -7.77 0.41
C LEU A 20 7.06 -8.98 1.14
N ILE A 21 7.01 -8.96 2.44
CA ILE A 21 7.53 -10.11 3.25
C ILE A 21 6.43 -11.16 3.37
N SER A 22 5.23 -10.70 3.55
CA SER A 22 4.07 -11.61 3.70
C SER A 22 4.10 -12.70 2.63
N TYR A 23 4.28 -12.33 1.39
CA TYR A 23 4.31 -13.36 0.32
C TYR A 23 5.70 -14.02 0.27
N THR A 24 6.67 -13.44 0.92
CA THR A 24 8.04 -14.04 0.88
C THR A 24 8.36 -14.84 2.14
N THR A 25 7.85 -14.49 3.30
CA THR A 25 8.22 -15.26 4.50
C THR A 25 7.06 -16.08 5.05
N ASN A 26 6.28 -15.51 5.93
CA ASN A 26 5.14 -16.26 6.53
C ASN A 26 4.09 -15.30 7.13
N LYS A 27 4.08 -14.06 6.70
CA LYS A 27 3.10 -13.03 7.21
C LYS A 27 2.60 -13.32 8.63
N PHE A 28 1.45 -12.77 8.98
CA PHE A 28 0.88 -12.94 10.36
C PHE A 28 0.79 -14.42 10.71
N PRO A 29 1.80 -14.88 11.40
CA PRO A 29 1.87 -16.29 11.79
C PRO A 29 1.54 -16.43 13.27
N SER A 30 1.94 -17.52 13.86
CA SER A 30 1.70 -17.74 15.31
C SER A 30 3.05 -17.73 16.04
N GLU A 31 3.97 -16.95 15.54
CA GLU A 31 5.30 -16.87 16.18
C GLU A 31 5.79 -15.43 16.11
N TYR A 32 7.03 -15.25 16.47
CA TYR A 32 7.63 -13.89 16.45
C TYR A 32 8.62 -13.75 15.29
N VAL A 33 8.11 -13.64 14.08
CA VAL A 33 9.03 -13.50 12.89
C VAL A 33 9.84 -12.20 13.07
N PRO A 34 10.54 -11.76 12.05
CA PRO A 34 11.36 -10.53 12.19
C PRO A 34 10.50 -9.29 12.44
N THR A 35 11.11 -8.27 13.01
CA THR A 35 10.37 -7.02 13.34
C THR A 35 10.41 -6.00 12.19
N VAL A 36 9.56 -5.00 12.25
CA VAL A 36 9.49 -3.96 11.18
C VAL A 36 10.87 -3.33 10.94
N PHE A 37 11.80 -3.55 11.83
CA PHE A 37 13.18 -2.96 11.66
C PHE A 37 13.56 -2.95 10.18
N ASP A 38 13.30 -1.87 9.47
CA ASP A 38 13.65 -1.93 8.01
C ASP A 38 14.30 -0.67 7.41
N ASN A 39 15.37 -0.90 6.68
CA ASN A 39 16.14 0.19 6.01
C ASN A 39 15.86 0.22 4.50
N TYR A 40 15.12 1.16 3.97
CA TYR A 40 14.92 1.10 2.50
C TYR A 40 14.60 2.48 1.88
N ALA A 41 15.54 3.02 1.15
CA ALA A 41 15.34 4.33 0.46
C ALA A 41 16.54 4.55 -0.46
N VAL A 42 16.40 4.28 -1.73
CA VAL A 42 17.58 4.42 -2.64
C VAL A 42 17.13 4.64 -4.09
N THR A 43 18.06 4.56 -5.00
CA THR A 43 17.70 4.78 -6.43
C THR A 43 18.63 3.98 -7.37
N VAL A 44 18.08 3.04 -8.08
CA VAL A 44 18.89 2.21 -9.04
C VAL A 44 19.12 2.98 -10.33
N MET A 45 20.19 2.72 -11.03
CA MET A 45 20.38 3.44 -12.31
C MET A 45 20.65 2.41 -13.39
N ILE A 46 19.61 1.99 -14.06
CA ILE A 46 19.72 0.96 -15.12
C ILE A 46 19.84 1.62 -16.49
N GLY A 47 20.66 1.09 -17.36
CA GLY A 47 20.82 1.72 -18.70
C GLY A 47 20.85 3.24 -18.57
N GLY A 48 21.28 3.73 -17.43
CA GLY A 48 21.34 5.21 -17.24
C GLY A 48 19.98 5.74 -16.75
N GLU A 49 19.27 4.97 -15.97
CA GLU A 49 17.95 5.44 -15.48
C GLU A 49 17.87 5.31 -13.96
N PRO A 50 18.01 6.43 -13.29
CA PRO A 50 17.94 6.43 -11.81
C PRO A 50 16.49 6.29 -11.34
N TYR A 51 16.18 5.32 -10.52
CA TYR A 51 14.78 5.18 -10.05
C TYR A 51 14.64 5.76 -8.65
N THR A 52 13.93 6.86 -8.54
CA THR A 52 13.75 7.49 -7.20
C THR A 52 12.80 6.66 -6.34
N LEU A 53 13.28 6.14 -5.23
CA LEU A 53 12.40 5.32 -4.34
C LEU A 53 12.64 5.68 -2.88
N GLY A 54 11.71 5.34 -2.01
CA GLY A 54 11.89 5.65 -0.56
C GLY A 54 10.79 4.97 0.25
N LEU A 55 11.12 3.97 1.04
CA LEU A 55 10.06 3.29 1.83
C LEU A 55 10.54 2.97 3.25
N PHE A 56 9.61 2.90 4.16
CA PHE A 56 9.93 2.59 5.58
C PHE A 56 8.64 2.10 6.28
N ASP A 57 8.74 1.11 7.13
CA ASP A 57 7.50 0.61 7.81
C ASP A 57 7.26 1.30 9.16
N THR A 58 6.03 1.36 9.60
CA THR A 58 5.73 2.04 10.90
C THR A 58 6.48 1.34 12.05
N ALA A 59 7.09 2.10 12.89
CA ALA A 59 7.83 1.53 14.05
C ALA A 59 6.91 1.33 15.25
N GLY A 60 6.12 0.27 15.27
CA GLY A 60 5.26 0.03 16.47
C GLY A 60 6.13 0.30 17.69
N GLN A 61 7.30 -0.29 17.71
CA GLN A 61 8.26 -0.05 18.81
C GLN A 61 8.64 1.43 18.76
N GLU A 62 8.91 1.93 17.58
CA GLU A 62 9.26 3.37 17.45
C GLU A 62 10.59 3.68 18.14
N ASP A 63 11.65 3.48 17.45
CA ASP A 63 13.00 3.78 17.98
C ASP A 63 13.42 5.17 17.52
N TYR A 64 12.65 5.73 16.62
CA TYR A 64 12.95 7.10 16.10
C TYR A 64 11.62 7.87 15.96
N ASP A 65 10.57 7.32 16.50
CA ASP A 65 9.22 7.95 16.43
C ASP A 65 9.30 9.48 16.38
N ARG A 66 10.23 10.06 17.09
CA ARG A 66 10.33 11.55 17.08
C ARG A 66 10.29 12.05 15.63
N LEU A 67 10.72 11.23 14.71
CA LEU A 67 10.71 11.65 13.28
C LEU A 67 9.44 11.11 12.58
N ARG A 68 8.55 10.52 13.32
CA ARG A 68 7.31 9.97 12.69
C ARG A 68 6.33 11.06 12.24
N PRO A 69 6.36 12.23 12.84
CA PRO A 69 5.42 13.28 12.39
C PRO A 69 5.84 13.79 11.02
N LEU A 70 5.65 12.96 10.00
CA LEU A 70 6.04 13.34 8.62
C LEU A 70 5.14 14.44 8.07
N SER A 71 4.02 14.09 7.51
CA SER A 71 3.13 15.14 6.93
C SER A 71 3.95 15.97 5.93
N TYR A 72 4.85 15.31 5.24
CA TYR A 72 5.71 16.03 4.26
C TYR A 72 5.48 15.50 2.82
N PRO A 73 5.60 14.21 2.63
CA PRO A 73 5.41 13.62 1.29
C PRO A 73 3.94 13.33 1.01
N GLN A 74 3.15 14.32 0.71
CA GLN A 74 1.71 14.09 0.42
C GLN A 74 1.51 13.71 -1.05
N THR A 75 2.57 13.63 -1.81
CA THR A 75 2.44 13.29 -3.24
C THR A 75 3.59 12.36 -3.66
N ASP A 76 3.42 11.09 -3.42
CA ASP A 76 4.47 10.12 -3.80
C ASP A 76 3.84 8.85 -4.35
N VAL A 77 3.68 7.85 -3.54
CA VAL A 77 3.05 6.58 -4.01
C VAL A 77 2.16 6.04 -2.90
N PHE A 78 0.87 5.92 -3.15
CA PHE A 78 -0.04 5.42 -2.09
C PHE A 78 -0.66 4.07 -2.48
N LEU A 79 -0.51 3.09 -1.63
CA LEU A 79 -1.10 1.75 -1.90
C LEU A 79 -2.23 1.50 -0.90
N VAL A 80 -3.45 1.71 -1.33
CA VAL A 80 -4.60 1.52 -0.40
C VAL A 80 -5.00 0.03 -0.36
N CYS A 81 -5.21 -0.49 0.81
CA CYS A 81 -5.60 -1.92 0.92
C CYS A 81 -6.92 -2.02 1.69
N PHE A 82 -8.01 -2.18 1.01
CA PHE A 82 -9.31 -2.28 1.76
C PHE A 82 -10.16 -3.45 1.27
N SER A 83 -11.13 -3.85 2.05
CA SER A 83 -11.99 -4.99 1.65
C SER A 83 -12.99 -4.54 0.58
N VAL A 84 -13.51 -5.47 -0.16
CA VAL A 84 -14.49 -5.12 -1.20
C VAL A 84 -15.88 -5.57 -0.77
N VAL A 85 -15.96 -6.38 0.27
CA VAL A 85 -17.29 -6.84 0.78
C VAL A 85 -18.05 -5.67 1.39
N SER A 86 -17.46 -4.51 1.41
CA SER A 86 -18.15 -3.33 2.00
C SER A 86 -18.12 -2.16 1.01
N PRO A 87 -19.06 -2.21 0.10
CA PRO A 87 -19.19 -1.16 -0.94
C PRO A 87 -19.50 0.20 -0.30
N SER A 88 -19.98 0.20 0.91
CA SER A 88 -20.28 1.50 1.58
C SER A 88 -19.03 1.96 2.32
N SER A 89 -17.90 1.49 1.91
CA SER A 89 -16.61 1.88 2.56
C SER A 89 -15.64 2.43 1.52
N PHE A 90 -15.34 1.68 0.48
CA PHE A 90 -14.40 2.20 -0.54
C PHE A 90 -14.90 3.56 -1.04
N GLU A 91 -16.18 3.69 -1.21
CA GLU A 91 -16.75 4.99 -1.69
C GLU A 91 -16.56 6.06 -0.61
N ASN A 92 -16.48 5.65 0.63
CA ASN A 92 -16.28 6.64 1.72
C ASN A 92 -14.80 7.06 1.73
N VAL A 93 -13.99 6.32 1.05
CA VAL A 93 -12.54 6.64 1.00
C VAL A 93 -12.25 7.61 -0.15
N LYS A 94 -13.18 7.71 -1.05
CA LYS A 94 -12.99 8.63 -2.19
C LYS A 94 -13.46 10.01 -1.77
N GLU A 95 -14.46 10.05 -0.93
CA GLU A 95 -14.97 11.35 -0.43
C GLU A 95 -14.02 11.89 0.64
N LYS A 96 -13.07 11.09 1.08
CA LYS A 96 -12.15 11.57 2.14
C LYS A 96 -10.91 12.26 1.56
N TRP A 97 -10.22 11.62 0.67
CA TRP A 97 -8.98 12.27 0.13
C TRP A 97 -9.26 13.06 -1.16
N VAL A 98 -10.18 12.65 -1.97
CA VAL A 98 -10.44 13.40 -3.23
C VAL A 98 -10.70 14.88 -2.94
N PRO A 99 -11.54 15.16 -1.97
CA PRO A 99 -11.84 16.57 -1.61
C PRO A 99 -10.66 17.20 -0.88
N GLU A 100 -9.83 16.41 -0.25
CA GLU A 100 -8.67 16.99 0.48
C GLU A 100 -7.72 17.71 -0.49
N ILE A 101 -7.84 17.45 -1.77
CA ILE A 101 -6.91 18.12 -2.74
C ILE A 101 -5.47 17.84 -2.38
N THR A 102 -4.83 16.97 -3.10
CA THR A 102 -3.40 16.67 -2.81
C THR A 102 -2.67 17.97 -2.55
N HIS A 103 -2.30 18.66 -3.59
CA HIS A 103 -1.61 19.97 -3.42
C HIS A 103 -2.50 21.11 -3.91
N HIS A 104 -3.51 20.77 -4.66
CA HIS A 104 -4.45 21.80 -5.21
C HIS A 104 -5.28 21.11 -6.29
N CYS A 105 -4.59 20.43 -7.17
CA CYS A 105 -5.25 19.66 -8.26
C CYS A 105 -4.17 19.00 -9.12
N PRO A 106 -3.36 18.18 -8.49
CA PRO A 106 -2.27 17.48 -9.18
C PRO A 106 -2.77 16.14 -9.74
N LYS A 107 -3.18 15.26 -8.84
CA LYS A 107 -3.71 13.89 -9.15
C LYS A 107 -2.72 12.80 -8.75
N THR A 108 -2.24 12.85 -7.53
CA THR A 108 -1.28 11.79 -7.08
C THR A 108 -1.80 10.42 -7.50
N PRO A 109 -0.88 9.55 -7.84
CA PRO A 109 -1.27 8.19 -8.29
C PRO A 109 -1.82 7.37 -7.12
N PHE A 110 -2.78 6.52 -7.38
CA PHE A 110 -3.37 5.70 -6.29
C PHE A 110 -3.52 4.24 -6.71
N LEU A 111 -2.77 3.38 -6.09
CA LEU A 111 -2.88 1.94 -6.40
C LEU A 111 -4.05 1.37 -5.59
N LEU A 112 -5.19 1.25 -6.19
CA LEU A 112 -6.38 0.72 -5.49
C LEU A 112 -6.29 -0.81 -5.35
N VAL A 113 -6.79 -1.36 -4.26
CA VAL A 113 -6.71 -2.85 -4.07
C VAL A 113 -7.83 -3.37 -3.18
N GLY A 114 -7.89 -4.67 -3.02
CA GLY A 114 -8.92 -5.29 -2.13
C GLY A 114 -8.21 -5.91 -0.91
N THR A 115 -8.91 -6.15 0.17
CA THR A 115 -8.25 -6.70 1.38
C THR A 115 -8.97 -7.97 1.88
N GLN A 116 -8.22 -8.86 2.51
CA GLN A 116 -8.81 -10.14 3.02
C GLN A 116 -9.94 -10.63 2.12
N ILE A 117 -9.67 -10.84 0.87
CA ILE A 117 -10.73 -11.33 -0.06
C ILE A 117 -10.92 -12.83 0.11
N ASP A 118 -9.88 -13.49 0.57
CA ASP A 118 -9.85 -14.99 0.73
C ASP A 118 -11.05 -15.46 1.54
N LEU A 119 -12.19 -15.18 1.01
CA LEU A 119 -13.48 -15.56 1.63
C LEU A 119 -14.59 -14.82 0.88
N ARG A 120 -14.25 -13.66 0.37
CA ARG A 120 -15.24 -12.86 -0.41
C ARG A 120 -15.95 -13.78 -1.40
N ASP A 121 -15.23 -14.69 -1.98
CA ASP A 121 -15.87 -15.64 -2.95
C ASP A 121 -17.04 -16.34 -2.27
N ASP A 122 -17.00 -16.45 -0.97
CA ASP A 122 -18.11 -17.13 -0.22
C ASP A 122 -19.18 -16.13 0.24
N PRO A 123 -20.38 -16.64 0.32
CA PRO A 123 -21.54 -15.83 0.75
C PRO A 123 -21.59 -15.70 2.28
N SER A 124 -20.51 -15.97 2.96
CA SER A 124 -20.51 -15.86 4.45
C SER A 124 -19.96 -14.52 4.88
N THR A 125 -18.81 -14.15 4.38
CA THR A 125 -18.28 -12.81 4.73
C THR A 125 -19.16 -11.84 3.98
N ILE A 126 -19.68 -12.32 2.89
CA ILE A 126 -20.61 -11.52 2.07
C ILE A 126 -21.68 -10.96 3.01
N GLU A 127 -21.93 -11.67 4.08
CA GLU A 127 -22.94 -11.23 5.07
C GLU A 127 -22.69 -9.76 5.46
N LYS A 128 -21.45 -9.36 5.46
CA LYS A 128 -21.13 -7.94 5.82
C LYS A 128 -21.70 -6.98 4.77
N LEU A 129 -21.77 -7.40 3.54
CA LEU A 129 -22.32 -6.50 2.48
C LEU A 129 -23.71 -6.03 2.91
N ALA A 130 -24.48 -6.90 3.49
CA ALA A 130 -25.85 -6.50 3.93
C ALA A 130 -25.77 -5.26 4.81
N LYS A 131 -24.93 -5.29 5.81
CA LYS A 131 -24.78 -4.09 6.68
C LYS A 131 -24.04 -3.01 5.89
N ASN A 132 -23.46 -3.39 4.78
CA ASN A 132 -22.71 -2.42 3.94
C ASN A 132 -23.20 -2.48 2.50
N LYS A 133 -24.49 -2.48 2.29
CA LYS A 133 -25.03 -2.55 0.91
C LYS A 133 -24.74 -3.91 0.28
N GLN A 134 -25.72 -4.49 -0.36
CA GLN A 134 -25.52 -5.84 -0.98
C GLN A 134 -24.82 -5.70 -2.34
N LYS A 135 -24.44 -4.49 -2.71
CA LYS A 135 -23.75 -4.29 -4.02
C LYS A 135 -22.23 -4.13 -3.80
N PRO A 136 -21.52 -5.21 -4.02
CA PRO A 136 -20.03 -5.21 -3.82
C PRO A 136 -19.30 -4.36 -4.87
N ILE A 137 -18.08 -4.00 -4.59
CA ILE A 137 -17.30 -3.18 -5.56
C ILE A 137 -16.64 -4.11 -6.58
N THR A 138 -16.56 -3.69 -7.80
CA THR A 138 -15.95 -4.57 -8.86
C THR A 138 -14.98 -3.76 -9.73
N PRO A 139 -14.25 -4.46 -10.58
CA PRO A 139 -13.27 -3.79 -11.47
C PRO A 139 -13.99 -2.89 -12.46
N GLU A 140 -15.18 -3.23 -12.85
CA GLU A 140 -15.93 -2.37 -13.81
C GLU A 140 -16.28 -1.05 -13.13
N THR A 141 -16.63 -1.12 -11.87
CA THR A 141 -16.96 0.12 -11.12
C THR A 141 -15.70 0.70 -10.50
N ALA A 142 -14.83 -0.16 -10.02
CA ALA A 142 -13.57 0.33 -9.38
C ALA A 142 -12.65 0.92 -10.44
N GLU A 143 -12.64 0.35 -11.61
CA GLU A 143 -11.76 0.90 -12.68
C GLU A 143 -12.23 2.30 -13.06
N LYS A 144 -13.52 2.51 -13.08
CA LYS A 144 -14.04 3.87 -13.41
C LYS A 144 -13.64 4.84 -12.30
N LEU A 145 -13.64 4.38 -11.07
CA LEU A 145 -13.23 5.25 -9.95
C LEU A 145 -11.77 5.65 -10.17
N ALA A 146 -10.92 4.70 -10.44
CA ALA A 146 -9.50 5.04 -10.69
C ALA A 146 -9.39 5.92 -11.93
N ARG A 147 -10.01 5.51 -13.00
CA ARG A 147 -9.97 6.32 -14.24
C ARG A 147 -10.63 7.68 -14.00
N ASP A 148 -11.53 7.75 -13.06
CA ASP A 148 -12.21 9.05 -12.77
C ASP A 148 -11.27 9.98 -12.01
N LEU A 149 -10.63 9.48 -10.99
CA LEU A 149 -9.71 10.33 -10.18
C LEU A 149 -8.31 10.27 -10.79
N LYS A 150 -8.22 9.75 -11.97
CA LYS A 150 -6.90 9.66 -12.67
C LYS A 150 -5.94 8.82 -11.84
N ALA A 151 -6.45 7.85 -11.15
CA ALA A 151 -5.57 6.98 -10.32
C ALA A 151 -4.56 6.26 -11.20
N VAL A 152 -4.10 5.11 -10.78
CA VAL A 152 -3.11 4.36 -11.60
C VAL A 152 -3.65 3.01 -12.07
N LYS A 153 -4.15 2.21 -11.17
CA LYS A 153 -4.65 0.88 -11.61
C LYS A 153 -5.38 0.14 -10.47
N TYR A 154 -6.43 -0.59 -10.77
CA TYR A 154 -7.14 -1.35 -9.70
C TYR A 154 -6.54 -2.75 -9.57
N VAL A 155 -6.05 -3.09 -8.41
CA VAL A 155 -5.42 -4.43 -8.23
C VAL A 155 -6.05 -5.17 -7.04
N GLU A 156 -5.46 -6.26 -6.63
CA GLU A 156 -6.00 -7.03 -5.49
C GLU A 156 -4.86 -7.66 -4.68
N CYS A 157 -5.03 -7.80 -3.39
CA CYS A 157 -3.96 -8.40 -2.55
C CYS A 157 -4.58 -8.97 -1.28
N SER A 158 -3.95 -9.94 -0.70
CA SER A 158 -4.52 -10.53 0.53
C SER A 158 -3.41 -11.04 1.43
N ALA A 159 -2.92 -10.18 2.27
CA ALA A 159 -1.81 -10.55 3.20
C ALA A 159 -2.04 -11.93 3.82
N LEU A 160 -2.87 -12.01 4.83
CA LEU A 160 -3.14 -13.33 5.51
C LEU A 160 -3.00 -14.46 4.51
N THR A 161 -3.48 -14.22 3.32
CA THR A 161 -3.39 -15.25 2.24
C THR A 161 -2.41 -14.79 1.15
N GLN A 162 -2.91 -14.22 0.06
CA GLN A 162 -2.01 -13.75 -1.04
C GLN A 162 -2.81 -13.64 -2.34
N LYS A 163 -3.17 -12.46 -2.74
CA LYS A 163 -3.94 -12.33 -4.02
C LYS A 163 -3.04 -11.78 -5.12
N GLY A 164 -1.83 -12.26 -5.22
CA GLY A 164 -0.90 -11.78 -6.28
C GLY A 164 -0.74 -10.26 -6.16
N LEU A 165 -0.63 -9.75 -4.97
CA LEU A 165 -0.48 -8.29 -4.81
C LEU A 165 0.81 -7.80 -5.49
N LYS A 166 1.69 -8.70 -5.87
CA LYS A 166 2.95 -8.26 -6.55
C LYS A 166 2.60 -7.36 -7.74
N ASN A 167 1.46 -7.57 -8.35
CA ASN A 167 1.07 -6.72 -9.52
C ASN A 167 0.72 -5.31 -9.05
N VAL A 168 0.23 -5.15 -7.84
CA VAL A 168 -0.12 -3.80 -7.34
C VAL A 168 1.15 -2.96 -7.18
N PHE A 169 2.29 -3.60 -7.10
CA PHE A 169 3.57 -2.82 -6.91
C PHE A 169 4.28 -2.58 -8.24
N ASP A 170 4.40 -3.59 -9.07
CA ASP A 170 5.13 -3.39 -10.36
C ASP A 170 4.59 -2.18 -11.11
N GLU A 171 3.31 -2.07 -11.25
CA GLU A 171 2.73 -0.91 -11.97
C GLU A 171 2.92 0.36 -11.15
N ALA A 172 2.75 0.27 -9.86
CA ALA A 172 2.90 1.46 -9.00
C ALA A 172 4.27 2.11 -9.20
N ILE A 173 5.25 1.35 -9.60
CA ILE A 173 6.60 1.96 -9.79
C ILE A 173 6.57 2.94 -10.97
N LEU A 174 5.98 2.55 -12.07
CA LEU A 174 5.94 3.49 -13.23
C LEU A 174 4.83 4.50 -13.04
N ALA A 175 3.80 4.14 -12.33
CA ALA A 175 2.69 5.09 -12.09
C ALA A 175 3.03 5.97 -10.88
N ALA A 176 4.15 5.74 -10.27
CA ALA A 176 4.54 6.56 -9.09
C ALA A 176 5.18 7.87 -9.53
N LEU A 177 6.03 7.80 -10.51
CA LEU A 177 6.74 9.04 -10.98
C LEU A 177 5.89 9.74 -12.05
N GLU A 178 4.97 9.04 -12.65
CA GLU A 178 4.11 9.68 -13.67
C GLU A 178 2.74 10.04 -13.07
N GLY B 1 15.46 9.97 -14.66
CA GLY B 1 14.85 11.07 -15.46
C GLY B 1 13.70 10.52 -16.30
N SER B 2 13.97 9.57 -17.17
CA SER B 2 12.89 9.00 -18.01
C SER B 2 12.75 7.49 -17.77
N LYS B 3 11.60 6.94 -18.06
CA LYS B 3 11.40 5.48 -17.85
C LYS B 3 11.84 4.70 -19.09
N GLU B 4 13.01 4.12 -19.04
CA GLU B 4 13.51 3.36 -20.22
C GLU B 4 12.91 1.95 -20.22
N ARG B 5 12.88 1.33 -21.37
CA ARG B 5 12.32 -0.04 -21.48
C ARG B 5 13.40 -1.03 -21.94
N PRO B 6 14.07 -0.71 -23.04
CA PRO B 6 15.12 -1.58 -23.56
C PRO B 6 16.46 -1.19 -22.93
N GLU B 7 16.43 -0.52 -21.80
CA GLU B 7 17.70 -0.09 -21.17
C GLU B 7 18.62 -1.29 -20.95
N ILE B 8 19.86 -1.05 -20.63
CA ILE B 8 20.78 -2.18 -20.38
C ILE B 8 20.55 -2.70 -18.96
N SER B 9 21.56 -3.20 -18.33
CA SER B 9 21.39 -3.69 -16.94
C SER B 9 22.35 -2.92 -16.02
N LEU B 10 21.86 -1.91 -15.35
CA LEU B 10 22.74 -1.10 -14.47
C LEU B 10 22.10 -0.89 -13.08
N PRO B 11 22.51 -1.71 -12.15
CA PRO B 11 22.01 -1.61 -10.77
C PRO B 11 22.90 -0.68 -9.95
N SER B 12 22.39 0.46 -9.56
CA SER B 12 23.22 1.40 -8.75
C SER B 12 22.38 2.10 -7.69
N ASP B 13 22.48 1.68 -6.47
CA ASP B 13 21.70 2.33 -5.39
C ASP B 13 22.14 1.82 -4.01
N PHE B 14 22.39 2.69 -3.08
CA PHE B 14 22.82 2.21 -1.72
C PHE B 14 22.49 3.21 -0.61
N GLU B 15 21.44 2.96 0.09
CA GLU B 15 21.05 3.85 1.23
C GLU B 15 19.88 3.22 1.98
N HIS B 16 20.00 3.00 3.25
CA HIS B 16 18.86 2.37 3.98
C HIS B 16 19.00 2.55 5.52
N THR B 17 17.89 2.59 6.23
CA THR B 17 17.96 2.74 7.72
C THR B 17 16.94 1.78 8.40
N ILE B 18 17.42 0.69 8.97
CA ILE B 18 16.50 -0.29 9.62
C ILE B 18 15.52 0.36 10.61
N HIS B 19 14.27 0.48 10.25
CA HIS B 19 13.28 1.06 11.19
C HIS B 19 12.42 -0.04 11.84
N VAL B 20 12.53 -0.20 13.14
CA VAL B 20 11.77 -1.28 13.85
C VAL B 20 10.38 -0.87 14.27
N GLY B 21 9.49 -1.83 14.30
CA GLY B 21 8.10 -1.52 14.68
C GLY B 21 7.45 -2.65 15.50
N PHE B 22 7.25 -3.81 14.92
CA PHE B 22 6.61 -4.91 15.67
C PHE B 22 6.56 -6.15 14.79
N ASP B 23 7.04 -7.22 15.30
CA ASP B 23 7.06 -8.51 14.53
C ASP B 23 5.78 -8.68 13.69
N ALA B 24 5.90 -9.33 12.57
CA ALA B 24 4.73 -9.58 11.66
C ALA B 24 3.98 -8.29 11.32
N VAL B 25 4.65 -7.18 11.26
CA VAL B 25 3.94 -5.94 10.85
C VAL B 25 4.43 -5.56 9.46
N THR B 26 5.66 -5.88 9.20
CA THR B 26 6.27 -5.62 7.87
C THR B 26 6.13 -6.88 7.00
N GLY B 27 5.56 -7.91 7.54
CA GLY B 27 5.42 -9.17 6.76
C GLY B 27 3.95 -9.46 6.51
N GLU B 28 3.08 -8.60 6.92
CA GLU B 28 1.66 -8.88 6.70
C GLU B 28 0.82 -7.73 7.22
N PHE B 29 -0.42 -8.02 7.47
CA PHE B 29 -1.35 -6.99 7.99
C PHE B 29 -2.10 -7.55 9.20
N THR B 30 -2.20 -6.78 10.23
CA THR B 30 -2.91 -7.25 11.46
C THR B 30 -3.53 -6.06 12.19
N GLY B 31 -2.71 -5.17 12.68
CA GLY B 31 -3.24 -4.01 13.41
C GLY B 31 -3.92 -3.04 12.45
N ILE B 32 -4.60 -2.05 12.98
CA ILE B 32 -5.31 -1.06 12.11
C ILE B 32 -4.86 0.36 12.45
N PRO B 33 -3.56 0.53 12.53
CA PRO B 33 -2.97 1.85 12.85
C PRO B 33 -3.13 2.81 11.66
N GLU B 34 -2.81 4.06 11.85
CA GLU B 34 -2.94 5.04 10.72
C GLU B 34 -2.24 4.50 9.47
N GLN B 35 -2.15 5.29 8.44
CA GLN B 35 -1.47 4.85 7.20
C GLN B 35 0.04 5.01 7.36
N TRP B 36 0.51 5.11 8.59
CA TRP B 36 1.97 5.35 8.84
C TRP B 36 2.23 6.77 8.43
N ALA B 37 1.28 7.59 8.74
CA ALA B 37 1.32 9.03 8.41
C ALA B 37 0.13 9.68 9.12
N ARG B 38 0.22 9.84 10.41
CA ARG B 38 -0.87 10.46 11.18
C ARG B 38 -0.88 11.94 10.87
N LEU B 39 -0.96 12.22 9.61
CA LEU B 39 -0.92 13.62 9.11
C LEU B 39 -1.92 14.51 9.85
N LEU B 40 -3.08 14.01 10.19
CA LEU B 40 -4.07 14.88 10.89
C LEU B 40 -4.49 14.29 12.24
N GLN B 41 -3.81 13.31 12.70
CA GLN B 41 -4.17 12.70 14.02
C GLN B 41 -3.38 13.38 15.15
N THR B 42 -2.17 13.78 14.88
CA THR B 42 -1.37 14.47 15.93
C THR B 42 -0.67 15.66 15.29
N SER B 43 -1.45 16.47 14.63
CA SER B 43 -0.91 17.67 13.97
C SER B 43 -1.86 18.83 14.23
N ASN B 44 -3.13 18.53 14.27
CA ASN B 44 -4.13 19.60 14.53
C ASN B 44 -5.02 19.24 15.72
N ILE B 45 -5.56 20.21 16.38
CA ILE B 45 -6.44 19.92 17.55
C ILE B 45 -7.44 18.81 17.21
N THR B 46 -8.12 18.94 16.11
CA THR B 46 -9.11 17.90 15.73
C THR B 46 -8.44 16.52 15.70
N MET A 1 10.73 15.44 -10.30
CA MET A 1 9.86 15.00 -11.42
C MET A 1 9.96 13.48 -11.60
N GLN A 2 10.50 12.79 -10.64
CA GLN A 2 10.63 11.32 -10.75
C GLN A 2 10.93 10.72 -9.37
N THR A 3 10.53 11.42 -8.33
CA THR A 3 10.79 10.90 -6.95
C THR A 3 9.62 10.03 -6.49
N ILE A 4 9.90 8.83 -6.05
CA ILE A 4 8.80 7.95 -5.58
C ILE A 4 8.92 7.73 -4.08
N LYS A 5 7.82 7.81 -3.37
CA LYS A 5 7.85 7.59 -1.90
C LYS A 5 6.87 6.47 -1.53
N CYS A 6 7.35 5.28 -1.33
CA CYS A 6 6.42 4.17 -0.98
C CYS A 6 6.12 4.17 0.52
N VAL A 7 4.99 4.70 0.90
CA VAL A 7 4.62 4.74 2.34
C VAL A 7 3.16 4.30 2.51
N VAL A 8 2.84 3.61 3.57
CA VAL A 8 1.43 3.14 3.76
C VAL A 8 0.47 4.33 3.81
N VAL A 9 -0.81 4.06 3.70
CA VAL A 9 -1.79 5.16 3.76
C VAL A 9 -2.63 5.02 5.04
N GLY A 10 -3.63 5.85 5.21
CA GLY A 10 -4.47 5.76 6.45
C GLY A 10 -5.19 4.42 6.51
N ASP A 11 -6.39 4.41 7.01
CA ASP A 11 -7.15 3.13 7.13
C ASP A 11 -6.41 2.16 8.05
N GLY A 12 -5.37 1.54 7.58
CA GLY A 12 -4.61 0.59 8.45
C GLY A 12 -4.78 -0.84 7.92
N ALA A 13 -4.48 -1.07 6.68
CA ALA A 13 -4.62 -2.45 6.12
C ALA A 13 -4.12 -2.50 4.68
N VAL A 14 -2.85 -2.35 4.47
CA VAL A 14 -2.29 -2.39 3.09
C VAL A 14 -0.77 -2.21 3.13
N GLY A 15 -0.08 -3.07 3.83
CA GLY A 15 1.40 -2.94 3.92
C GLY A 15 2.06 -3.98 3.02
N LYS A 16 2.29 -3.66 1.78
CA LYS A 16 2.93 -4.65 0.87
C LYS A 16 4.27 -5.11 1.44
N THR A 17 4.96 -4.25 2.16
CA THR A 17 6.28 -4.64 2.73
C THR A 17 6.15 -5.80 3.72
N CYS A 18 5.15 -5.79 4.55
CA CYS A 18 5.02 -6.90 5.53
C CYS A 18 4.10 -7.99 4.99
N LEU A 19 3.33 -7.69 3.98
CA LEU A 19 2.43 -8.72 3.43
C LEU A 19 3.10 -9.45 2.29
N LEU A 20 3.92 -8.77 1.53
CA LEU A 20 4.66 -9.49 0.45
C LEU A 20 5.48 -10.55 1.16
N ILE A 21 5.98 -10.18 2.31
CA ILE A 21 6.74 -11.14 3.16
C ILE A 21 5.80 -12.24 3.56
N SER A 22 4.67 -11.86 4.05
CA SER A 22 3.68 -12.87 4.46
C SER A 22 3.51 -13.88 3.33
N TYR A 23 3.29 -13.41 2.13
CA TYR A 23 3.15 -14.34 0.98
C TYR A 23 4.50 -14.95 0.61
N THR A 24 5.58 -14.24 0.85
CA THR A 24 6.92 -14.80 0.50
C THR A 24 7.20 -16.01 1.38
N THR A 25 7.03 -15.88 2.67
CA THR A 25 7.28 -17.04 3.55
C THR A 25 6.78 -16.76 4.98
N ASN A 26 7.01 -15.58 5.48
CA ASN A 26 6.57 -15.25 6.86
C ASN A 26 5.05 -15.37 7.01
N LYS A 27 4.32 -15.31 5.91
CA LYS A 27 2.82 -15.39 5.95
C LYS A 27 2.26 -14.90 7.28
N PHE A 28 1.33 -15.61 7.85
CA PHE A 28 0.74 -15.13 9.14
C PHE A 28 0.75 -16.22 10.24
N PRO A 29 1.85 -16.92 10.41
CA PRO A 29 1.94 -17.95 11.46
C PRO A 29 2.62 -17.34 12.70
N SER A 30 3.75 -17.87 13.13
CA SER A 30 4.46 -17.30 14.31
C SER A 30 5.86 -17.92 14.41
N GLU A 31 6.75 -17.59 13.51
CA GLU A 31 8.11 -18.17 13.56
C GLU A 31 9.16 -17.10 13.25
N TYR A 32 10.37 -17.53 13.14
CA TYR A 32 11.51 -16.59 12.85
C TYR A 32 11.45 -16.09 11.41
N VAL A 33 11.65 -14.82 11.19
CA VAL A 33 11.61 -14.27 9.81
C VAL A 33 12.41 -12.94 9.76
N PRO A 34 12.33 -12.23 8.66
CA PRO A 34 13.11 -10.96 8.54
C PRO A 34 12.61 -9.90 9.55
N THR A 35 12.69 -8.63 9.21
CA THR A 35 12.28 -7.58 10.18
C THR A 35 11.26 -6.57 9.62
N VAL A 36 10.61 -5.87 10.51
CA VAL A 36 9.61 -4.82 10.12
C VAL A 36 10.32 -3.60 9.51
N PHE A 37 10.70 -2.66 10.33
CA PHE A 37 11.40 -1.43 9.86
C PHE A 37 12.28 -1.73 8.66
N ASP A 38 12.15 -0.97 7.63
CA ASP A 38 13.00 -1.16 6.45
C ASP A 38 13.40 0.23 5.96
N ASN A 39 14.41 0.81 6.53
CA ASN A 39 14.81 2.17 6.11
C ASN A 39 15.79 2.12 4.95
N TYR A 40 15.32 2.28 3.74
CA TYR A 40 16.24 2.25 2.59
C TYR A 40 16.04 3.50 1.73
N ALA A 41 17.04 4.35 1.63
CA ALA A 41 16.86 5.60 0.84
C ALA A 41 18.05 5.85 -0.09
N VAL A 42 17.89 5.53 -1.35
CA VAL A 42 19.00 5.72 -2.36
C VAL A 42 18.38 5.55 -3.76
N THR A 43 19.14 5.41 -4.83
CA THR A 43 18.49 5.32 -6.18
C THR A 43 19.09 4.23 -7.09
N VAL A 44 18.36 3.84 -8.11
CA VAL A 44 18.83 2.79 -9.06
C VAL A 44 19.26 3.43 -10.38
N MET A 45 19.65 2.63 -11.36
CA MET A 45 20.02 3.24 -12.67
C MET A 45 19.47 2.36 -13.79
N ILE A 46 18.33 2.70 -14.35
CA ILE A 46 17.72 1.88 -15.44
C ILE A 46 17.94 2.52 -16.81
N GLY A 47 18.40 1.76 -17.77
CA GLY A 47 18.62 2.33 -19.14
C GLY A 47 19.19 3.75 -19.03
N GLY A 48 19.89 4.06 -17.96
CA GLY A 48 20.47 5.42 -17.81
C GLY A 48 19.59 6.30 -16.92
N GLU A 49 18.36 5.90 -16.69
CA GLU A 49 17.45 6.71 -15.83
C GLU A 49 17.36 6.08 -14.43
N PRO A 50 17.96 6.75 -13.49
CA PRO A 50 17.95 6.24 -12.09
C PRO A 50 16.58 6.42 -11.43
N TYR A 51 16.27 5.64 -10.42
CA TYR A 51 14.95 5.76 -9.76
C TYR A 51 15.05 6.44 -8.38
N THR A 52 14.50 7.61 -8.25
CA THR A 52 14.52 8.33 -6.94
C THR A 52 13.51 7.68 -5.99
N LEU A 53 13.93 6.99 -4.96
CA LEU A 53 12.91 6.37 -4.06
C LEU A 53 13.38 6.27 -2.61
N GLY A 54 12.48 5.86 -1.76
CA GLY A 54 12.77 5.70 -0.31
C GLY A 54 11.56 5.04 0.34
N LEU A 55 11.72 3.87 0.90
CA LEU A 55 10.53 3.20 1.52
C LEU A 55 10.83 2.75 2.95
N PHE A 56 9.83 2.73 3.78
CA PHE A 56 10.03 2.29 5.21
C PHE A 56 8.67 2.17 5.91
N ASP A 57 8.41 1.07 6.55
CA ASP A 57 7.09 0.90 7.25
C ASP A 57 7.22 1.09 8.77
N THR A 58 6.14 1.40 9.44
CA THR A 58 6.20 1.60 10.92
C THR A 58 7.06 0.48 11.54
N ALA A 59 7.75 0.78 12.62
CA ALA A 59 8.62 -0.25 13.27
C ALA A 59 9.38 0.32 14.47
N GLY A 60 10.37 1.14 14.24
CA GLY A 60 11.16 1.68 15.37
C GLY A 60 11.47 0.52 16.33
N GLN A 61 12.04 -0.54 15.81
CA GLN A 61 12.35 -1.72 16.66
C GLN A 61 11.07 -2.28 17.28
N GLU A 62 10.00 -2.33 16.52
CA GLU A 62 8.72 -2.87 17.06
C GLU A 62 7.57 -2.71 16.04
N ASP A 63 7.13 -1.50 15.81
CA ASP A 63 6.00 -1.29 14.85
C ASP A 63 5.48 0.15 14.94
N TYR A 64 6.36 1.11 15.01
CA TYR A 64 5.93 2.53 15.09
C TYR A 64 6.96 3.43 14.42
N ASP A 65 8.20 3.26 14.78
CA ASP A 65 9.28 4.12 14.18
C ASP A 65 9.15 5.55 14.70
N ARG A 66 9.63 5.79 15.88
CA ARG A 66 9.56 7.17 16.46
C ARG A 66 10.12 8.20 15.47
N LEU A 67 11.02 7.79 14.63
CA LEU A 67 11.61 8.73 13.64
C LEU A 67 10.73 8.83 12.39
N ARG A 68 9.65 8.09 12.35
CA ARG A 68 8.77 8.11 11.13
C ARG A 68 7.40 8.80 11.34
N PRO A 69 7.18 9.51 12.42
CA PRO A 69 5.86 10.13 12.60
C PRO A 69 5.61 11.10 11.45
N LEU A 70 4.51 10.97 10.76
CA LEU A 70 4.25 11.85 9.59
C LEU A 70 3.06 12.77 9.83
N SER A 71 1.87 12.28 9.72
CA SER A 71 0.69 13.16 9.92
C SER A 71 0.73 14.25 8.85
N TYR A 72 1.21 13.89 7.68
CA TYR A 72 1.30 14.87 6.57
C TYR A 72 1.23 14.13 5.23
N PRO A 73 0.40 14.62 4.36
CA PRO A 73 0.25 14.00 3.02
C PRO A 73 1.46 14.34 2.16
N GLN A 74 2.55 13.64 2.35
CA GLN A 74 3.77 13.92 1.54
C GLN A 74 4.34 12.62 0.97
N THR A 75 3.57 11.94 0.16
CA THR A 75 4.06 10.68 -0.45
C THR A 75 3.50 10.56 -1.86
N ASP A 76 4.27 10.95 -2.83
CA ASP A 76 3.81 10.88 -4.24
C ASP A 76 2.99 9.62 -4.50
N VAL A 77 3.23 8.57 -3.77
CA VAL A 77 2.44 7.34 -4.01
C VAL A 77 1.87 6.79 -2.70
N PHE A 78 0.57 6.76 -2.59
CA PHE A 78 -0.06 6.23 -1.36
C PHE A 78 -0.73 4.89 -1.67
N LEU A 79 -0.48 3.89 -0.88
CA LEU A 79 -1.11 2.57 -1.15
C LEU A 79 -2.26 2.37 -0.18
N VAL A 80 -3.44 2.66 -0.62
CA VAL A 80 -4.63 2.50 0.25
C VAL A 80 -5.46 1.31 -0.24
N CYS A 81 -6.03 0.58 0.64
CA CYS A 81 -6.82 -0.60 0.21
C CYS A 81 -8.17 -0.64 0.94
N PHE A 82 -9.24 -0.78 0.21
CA PHE A 82 -10.59 -0.84 0.86
C PHE A 82 -11.46 -1.93 0.22
N SER A 83 -12.65 -2.13 0.72
CA SER A 83 -13.54 -3.21 0.17
C SER A 83 -14.16 -2.81 -1.18
N VAL A 84 -14.65 -3.76 -1.92
CA VAL A 84 -15.25 -3.46 -3.25
C VAL A 84 -16.75 -3.71 -3.26
N VAL A 85 -17.32 -4.18 -2.17
CA VAL A 85 -18.79 -4.45 -2.17
C VAL A 85 -19.47 -3.79 -0.97
N SER A 86 -19.07 -2.61 -0.61
CA SER A 86 -19.73 -1.92 0.53
C SER A 86 -20.79 -0.96 -0.02
N PRO A 87 -21.83 -0.76 0.75
CA PRO A 87 -22.93 0.13 0.31
C PRO A 87 -22.45 1.58 0.24
N SER A 88 -22.38 2.14 -0.94
CA SER A 88 -21.91 3.56 -1.06
C SER A 88 -20.55 3.72 -0.39
N SER A 89 -19.54 3.06 -0.89
CA SER A 89 -18.19 3.17 -0.26
C SER A 89 -17.19 3.82 -1.22
N PHE A 90 -16.96 3.21 -2.34
CA PHE A 90 -15.97 3.78 -3.32
C PHE A 90 -16.40 5.18 -3.76
N GLU A 91 -17.67 5.39 -3.97
CA GLU A 91 -18.12 6.75 -4.41
C GLU A 91 -17.87 7.77 -3.31
N ASN A 92 -17.68 7.32 -2.10
CA ASN A 92 -17.44 8.30 -0.98
C ASN A 92 -16.00 8.82 -1.04
N VAL A 93 -15.11 8.10 -1.66
CA VAL A 93 -13.71 8.60 -1.73
C VAL A 93 -13.54 9.47 -2.98
N LYS A 94 -14.55 9.54 -3.80
CA LYS A 94 -14.46 10.38 -5.02
C LYS A 94 -15.06 11.75 -4.70
N GLU A 95 -16.04 11.75 -3.85
CA GLU A 95 -16.66 13.04 -3.45
C GLU A 95 -15.76 13.75 -2.45
N LYS A 96 -14.76 13.08 -1.95
CA LYS A 96 -13.86 13.73 -0.96
C LYS A 96 -12.45 13.95 -1.51
N TRP A 97 -11.88 12.92 -2.06
CA TRP A 97 -10.48 13.03 -2.59
C TRP A 97 -10.42 13.92 -3.84
N VAL A 98 -11.28 13.73 -4.80
CA VAL A 98 -11.19 14.58 -6.02
C VAL A 98 -11.25 16.07 -5.64
N PRO A 99 -12.23 16.43 -4.82
CA PRO A 99 -12.35 17.84 -4.40
C PRO A 99 -11.26 18.20 -3.39
N GLU A 100 -10.56 17.22 -2.87
CA GLU A 100 -9.48 17.55 -1.89
C GLU A 100 -8.32 18.26 -2.58
N ILE A 101 -8.01 17.88 -3.78
CA ILE A 101 -6.87 18.55 -4.47
C ILE A 101 -5.62 18.44 -3.60
N THR A 102 -4.90 17.35 -3.72
CA THR A 102 -3.68 17.16 -2.91
C THR A 102 -2.91 18.47 -2.78
N HIS A 103 -2.16 18.79 -3.78
CA HIS A 103 -1.38 20.07 -3.75
C HIS A 103 -1.97 21.06 -4.76
N HIS A 104 -2.96 20.63 -5.51
CA HIS A 104 -3.59 21.52 -6.55
C HIS A 104 -2.73 21.54 -7.80
N CYS A 105 -1.84 20.59 -7.90
CA CYS A 105 -0.95 20.55 -9.08
C CYS A 105 -0.51 19.12 -9.42
N PRO A 106 0.24 18.51 -8.53
CA PRO A 106 0.72 17.13 -8.77
C PRO A 106 -0.41 16.10 -8.71
N LYS A 107 -1.43 16.36 -7.92
CA LYS A 107 -2.54 15.37 -7.79
C LYS A 107 -1.95 13.98 -7.71
N THR A 108 -1.19 13.74 -6.68
CA THR A 108 -0.54 12.41 -6.50
C THR A 108 -1.53 11.28 -6.78
N PRO A 109 -1.03 10.25 -7.40
CA PRO A 109 -1.86 9.07 -7.77
C PRO A 109 -2.28 8.26 -6.54
N PHE A 110 -3.27 7.43 -6.72
CA PHE A 110 -3.75 6.57 -5.60
C PHE A 110 -3.77 5.13 -6.04
N LEU A 111 -2.96 4.31 -5.44
CA LEU A 111 -3.00 2.89 -5.83
C LEU A 111 -4.27 2.31 -5.22
N LEU A 112 -5.34 2.33 -5.98
CA LEU A 112 -6.62 1.79 -5.46
C LEU A 112 -6.52 0.28 -5.31
N VAL A 113 -7.06 -0.27 -4.26
CA VAL A 113 -6.95 -1.75 -4.06
C VAL A 113 -8.20 -2.33 -3.41
N GLY A 114 -8.20 -3.62 -3.18
CA GLY A 114 -9.38 -4.27 -2.52
C GLY A 114 -8.91 -4.89 -1.19
N THR A 115 -9.55 -4.55 -0.10
CA THR A 115 -9.11 -5.12 1.22
C THR A 115 -9.90 -6.39 1.56
N GLN A 116 -9.24 -7.37 2.14
CA GLN A 116 -9.93 -8.62 2.51
C GLN A 116 -10.92 -9.02 1.42
N ILE A 117 -10.46 -9.18 0.23
CA ILE A 117 -11.40 -9.55 -0.88
C ILE A 117 -11.78 -11.02 -0.78
N ASP A 118 -10.89 -11.84 -0.25
CA ASP A 118 -11.10 -13.32 -0.18
C ASP A 118 -12.44 -13.67 0.45
N LEU A 119 -13.48 -13.17 -0.15
CA LEU A 119 -14.90 -13.40 0.30
C LEU A 119 -15.72 -12.15 -0.03
N ARG A 120 -15.08 -11.02 -0.02
CA ARG A 120 -15.79 -9.75 -0.33
C ARG A 120 -16.48 -9.85 -1.69
N ASP A 121 -15.90 -10.58 -2.60
CA ASP A 121 -16.51 -10.70 -3.96
C ASP A 121 -17.55 -11.83 -4.00
N ASP A 122 -17.83 -12.43 -2.88
CA ASP A 122 -18.85 -13.53 -2.85
C ASP A 122 -20.27 -12.95 -2.78
N PRO A 123 -21.22 -13.79 -3.05
CA PRO A 123 -22.65 -13.38 -3.02
C PRO A 123 -23.18 -13.33 -1.57
N SER A 124 -22.31 -13.17 -0.60
CA SER A 124 -22.78 -13.14 0.81
C SER A 124 -22.65 -11.73 1.36
N THR A 125 -21.52 -11.13 1.21
CA THR A 125 -21.37 -9.72 1.68
C THR A 125 -22.03 -8.86 0.63
N ILE A 126 -22.00 -9.37 -0.58
CA ILE A 126 -22.65 -8.69 -1.71
C ILE A 126 -24.14 -8.56 -1.38
N GLU A 127 -24.61 -9.40 -0.49
CA GLU A 127 -26.04 -9.34 -0.08
C GLU A 127 -26.42 -7.91 0.27
N LYS A 128 -25.50 -7.17 0.81
CA LYS A 128 -25.79 -5.75 1.18
C LYS A 128 -25.49 -4.81 0.01
N LEU A 129 -24.34 -4.94 -0.58
CA LEU A 129 -23.98 -4.04 -1.71
C LEU A 129 -25.09 -4.00 -2.76
N ALA A 130 -25.56 -5.13 -3.18
CA ALA A 130 -26.65 -5.13 -4.20
C ALA A 130 -27.83 -4.31 -3.67
N LYS A 131 -28.25 -4.59 -2.48
CA LYS A 131 -29.38 -3.83 -1.89
C LYS A 131 -29.03 -2.34 -1.82
N ASN A 132 -27.76 -2.02 -1.81
CA ASN A 132 -27.39 -0.57 -1.71
C ASN A 132 -27.05 0.01 -3.09
N LYS A 133 -26.03 -0.50 -3.70
CA LYS A 133 -25.62 0.03 -5.03
C LYS A 133 -25.91 -0.97 -6.16
N GLN A 134 -26.45 -2.11 -5.83
CA GLN A 134 -26.79 -3.14 -6.86
C GLN A 134 -25.54 -3.68 -7.58
N LYS A 135 -24.64 -2.82 -7.97
CA LYS A 135 -23.43 -3.29 -8.68
C LYS A 135 -22.16 -3.04 -7.84
N PRO A 136 -21.38 -4.08 -7.69
CA PRO A 136 -20.12 -3.99 -6.91
C PRO A 136 -19.06 -3.19 -7.69
N ILE A 137 -18.04 -2.71 -7.03
CA ILE A 137 -16.98 -1.95 -7.75
C ILE A 137 -15.83 -2.89 -8.10
N THR A 138 -15.37 -2.84 -9.32
CA THR A 138 -14.26 -3.74 -9.73
C THR A 138 -13.08 -2.90 -10.27
N PRO A 139 -12.02 -3.55 -10.67
CA PRO A 139 -10.84 -2.80 -11.17
C PRO A 139 -11.13 -2.25 -12.57
N GLU A 140 -11.99 -2.89 -13.31
CA GLU A 140 -12.33 -2.40 -14.67
C GLU A 140 -13.04 -1.04 -14.60
N THR A 141 -14.03 -0.95 -13.77
CA THR A 141 -14.78 0.34 -13.64
C THR A 141 -13.95 1.38 -12.87
N ALA A 142 -13.26 0.96 -11.85
CA ALA A 142 -12.44 1.91 -11.05
C ALA A 142 -11.25 2.43 -11.88
N GLU A 143 -10.69 1.58 -12.70
CA GLU A 143 -9.54 2.02 -13.54
C GLU A 143 -9.89 3.31 -14.28
N LYS A 144 -11.09 3.42 -14.76
CA LYS A 144 -11.49 4.65 -15.49
C LYS A 144 -11.38 5.87 -14.57
N LEU A 145 -11.92 5.80 -13.39
CA LEU A 145 -11.84 6.95 -12.47
C LEU A 145 -10.38 7.30 -12.21
N ALA A 146 -9.53 6.31 -12.19
CA ALA A 146 -8.08 6.58 -11.96
C ALA A 146 -7.48 7.26 -13.18
N ARG A 147 -7.76 6.72 -14.32
CA ARG A 147 -7.22 7.32 -15.58
C ARG A 147 -7.79 8.73 -15.78
N ASP A 148 -8.97 8.98 -15.25
CA ASP A 148 -9.57 10.34 -15.43
C ASP A 148 -8.94 11.34 -14.45
N LEU A 149 -8.72 10.93 -13.24
CA LEU A 149 -8.11 11.86 -12.23
C LEU A 149 -6.59 11.72 -12.27
N LYS A 150 -6.10 11.20 -13.35
CA LYS A 150 -4.64 10.99 -13.51
C LYS A 150 -4.13 10.13 -12.38
N ALA A 151 -5.02 9.40 -11.78
CA ALA A 151 -4.61 8.49 -10.67
C ALA A 151 -3.80 7.34 -11.25
N VAL A 152 -3.44 6.37 -10.46
CA VAL A 152 -2.62 5.26 -11.02
C VAL A 152 -3.51 4.11 -11.52
N LYS A 153 -4.11 3.34 -10.66
CA LYS A 153 -4.97 2.22 -11.16
C LYS A 153 -5.71 1.54 -10.00
N TYR A 154 -6.59 0.64 -10.31
CA TYR A 154 -7.33 -0.09 -9.23
C TYR A 154 -6.90 -1.56 -9.24
N VAL A 155 -6.09 -1.95 -8.29
CA VAL A 155 -5.61 -3.36 -8.26
C VAL A 155 -6.26 -4.11 -7.08
N GLU A 156 -5.78 -5.29 -6.77
CA GLU A 156 -6.40 -6.05 -5.64
C GLU A 156 -5.39 -7.00 -5.00
N CYS A 157 -5.36 -7.03 -3.69
CA CYS A 157 -4.41 -7.93 -2.98
C CYS A 157 -4.98 -8.29 -1.61
N SER A 158 -4.35 -9.19 -0.93
CA SER A 158 -4.84 -9.62 0.39
C SER A 158 -3.64 -9.82 1.31
N ALA A 159 -3.87 -10.11 2.56
CA ALA A 159 -2.74 -10.29 3.51
C ALA A 159 -2.00 -11.61 3.27
N LEU A 160 -2.69 -12.72 3.28
CA LEU A 160 -1.97 -14.03 3.09
C LEU A 160 -2.59 -14.92 2.00
N THR A 161 -3.83 -14.74 1.66
CA THR A 161 -4.45 -15.65 0.63
C THR A 161 -4.31 -15.13 -0.82
N GLN A 162 -4.69 -13.91 -1.10
CA GLN A 162 -4.60 -13.43 -2.51
C GLN A 162 -3.17 -13.46 -3.03
N LYS A 163 -2.31 -12.70 -2.43
CA LYS A 163 -0.87 -12.64 -2.89
C LYS A 163 -0.77 -11.72 -4.11
N GLY A 164 -1.56 -10.70 -4.14
CA GLY A 164 -1.52 -9.75 -5.29
C GLY A 164 -1.12 -8.38 -4.78
N LEU A 165 -0.51 -8.31 -3.63
CA LEU A 165 -0.09 -6.99 -3.08
C LEU A 165 1.18 -6.49 -3.77
N LYS A 166 1.65 -7.20 -4.77
CA LYS A 166 2.87 -6.75 -5.50
C LYS A 166 2.48 -5.92 -6.73
N ASN A 167 1.50 -6.37 -7.48
CA ASN A 167 1.08 -5.61 -8.68
C ASN A 167 0.51 -4.24 -8.27
N VAL A 168 -0.10 -4.17 -7.12
CA VAL A 168 -0.69 -2.89 -6.65
C VAL A 168 0.42 -1.86 -6.40
N PHE A 169 1.43 -2.24 -5.69
CA PHE A 169 2.55 -1.31 -5.40
C PHE A 169 3.48 -1.14 -6.62
N ASP A 170 3.50 -2.09 -7.50
CA ASP A 170 4.40 -1.99 -8.69
C ASP A 170 3.98 -0.87 -9.63
N GLU A 171 2.74 -0.82 -10.01
CA GLU A 171 2.29 0.26 -10.94
C GLU A 171 2.51 1.63 -10.28
N ALA A 172 2.54 1.67 -8.99
CA ALA A 172 2.78 2.98 -8.31
C ALA A 172 4.20 3.43 -8.60
N ILE A 173 5.08 2.51 -8.86
CA ILE A 173 6.49 2.89 -9.14
C ILE A 173 6.56 3.79 -10.39
N LEU A 174 5.86 3.44 -11.43
CA LEU A 174 5.88 4.28 -12.65
C LEU A 174 5.06 5.54 -12.42
N ALA A 175 3.96 5.42 -11.73
CA ALA A 175 3.11 6.61 -11.45
C ALA A 175 3.71 7.43 -10.31
N ALA A 176 4.75 6.91 -9.69
CA ALA A 176 5.40 7.66 -8.57
C ALA A 176 6.27 8.78 -9.12
N LEU A 177 6.95 8.52 -10.20
CA LEU A 177 7.86 9.55 -10.79
C LEU A 177 7.05 10.62 -11.51
N GLU A 178 5.97 10.22 -12.12
CA GLU A 178 5.13 11.22 -12.85
C GLU A 178 4.31 12.06 -11.86
N GLY B 1 13.11 12.92 -14.61
CA GLY B 1 11.99 11.99 -14.86
C GLY B 1 12.00 11.58 -16.35
N SER B 2 12.85 10.67 -16.71
CA SER B 2 12.93 10.26 -18.14
C SER B 2 12.43 8.82 -18.32
N LYS B 3 11.32 8.48 -17.73
CA LYS B 3 10.79 7.11 -17.90
C LYS B 3 10.63 6.80 -19.38
N GLU B 4 11.65 6.28 -20.02
CA GLU B 4 11.53 5.98 -21.47
C GLU B 4 11.06 4.54 -21.67
N ARG B 5 10.26 4.33 -22.66
CA ARG B 5 9.77 2.97 -22.95
C ARG B 5 10.91 2.08 -23.49
N PRO B 6 11.72 2.64 -24.34
CA PRO B 6 12.81 1.87 -24.97
C PRO B 6 14.10 1.93 -24.16
N GLU B 7 14.08 1.51 -22.92
CA GLU B 7 15.34 1.51 -22.14
C GLU B 7 15.93 0.11 -22.17
N ILE B 8 17.19 -0.03 -21.90
CA ILE B 8 17.79 -1.40 -21.92
C ILE B 8 17.46 -2.12 -20.61
N SER B 9 18.44 -2.46 -19.83
CA SER B 9 18.15 -3.17 -18.54
C SER B 9 19.19 -2.77 -17.50
N LEU B 10 18.84 -1.91 -16.58
CA LEU B 10 19.84 -1.51 -15.56
C LEU B 10 19.20 -1.32 -14.17
N PRO B 11 19.30 -2.34 -13.38
CA PRO B 11 18.80 -2.32 -12.00
C PRO B 11 19.98 -2.10 -11.05
N SER B 12 20.24 -0.90 -10.60
CA SER B 12 21.41 -0.73 -9.70
C SER B 12 21.21 0.38 -8.66
N ASP B 13 20.85 0.02 -7.46
CA ASP B 13 20.67 1.06 -6.41
C ASP B 13 21.13 0.58 -5.05
N PHE B 14 21.51 1.50 -4.22
CA PHE B 14 21.91 1.14 -2.84
C PHE B 14 20.83 1.67 -1.91
N GLU B 15 21.03 1.61 -0.62
CA GLU B 15 20.00 2.16 0.30
C GLU B 15 20.48 2.11 1.75
N HIS B 16 19.60 2.38 2.65
CA HIS B 16 19.93 2.33 4.10
C HIS B 16 19.33 1.06 4.73
N THR B 17 19.70 0.71 5.92
CA THR B 17 19.12 -0.53 6.53
C THR B 17 19.06 -0.43 8.06
N ILE B 18 18.04 -1.03 8.63
CA ILE B 18 17.88 -1.03 10.11
C ILE B 18 17.18 -2.33 10.51
N HIS B 19 16.94 -2.55 11.78
CA HIS B 19 16.29 -3.82 12.18
C HIS B 19 15.15 -3.62 13.20
N VAL B 20 14.27 -4.58 13.29
CA VAL B 20 13.09 -4.50 14.20
C VAL B 20 13.27 -5.38 15.43
N GLY B 21 12.62 -5.02 16.52
CA GLY B 21 12.73 -5.83 17.76
C GLY B 21 11.42 -6.58 17.97
N PHE B 22 11.11 -7.47 17.06
CA PHE B 22 9.85 -8.24 17.18
C PHE B 22 9.83 -9.36 16.15
N ASP B 23 10.14 -10.55 16.58
CA ASP B 23 10.18 -11.72 15.65
C ASP B 23 8.89 -11.87 14.85
N ALA B 24 9.00 -12.41 13.66
CA ALA B 24 7.81 -12.62 12.78
C ALA B 24 6.82 -11.46 12.86
N VAL B 25 7.26 -10.26 12.68
CA VAL B 25 6.31 -9.13 12.72
C VAL B 25 6.21 -8.54 11.32
N THR B 26 7.24 -8.70 10.54
CA THR B 26 7.21 -8.18 9.14
C THR B 26 6.22 -9.03 8.33
N GLY B 27 5.95 -10.22 8.79
CA GLY B 27 4.99 -11.11 8.08
C GLY B 27 3.89 -11.46 9.09
N GLU B 28 3.30 -10.47 9.67
CA GLU B 28 2.25 -10.71 10.69
C GLU B 28 1.10 -9.73 10.49
N PHE B 29 0.52 -9.75 9.34
CA PHE B 29 -0.62 -8.82 9.05
C PHE B 29 -1.93 -9.45 9.53
N THR B 30 -2.70 -8.67 10.21
CA THR B 30 -4.00 -9.17 10.73
C THR B 30 -5.01 -8.01 10.72
N GLY B 31 -6.21 -8.23 11.17
CA GLY B 31 -7.20 -7.11 11.18
C GLY B 31 -6.69 -6.02 12.14
N ILE B 32 -5.79 -5.20 11.68
CA ILE B 32 -5.23 -4.13 12.55
C ILE B 32 -5.67 -2.73 12.10
N PRO B 33 -5.86 -1.89 13.07
CA PRO B 33 -6.28 -0.48 12.83
C PRO B 33 -5.13 0.31 12.19
N GLU B 34 -5.38 1.57 11.89
CA GLU B 34 -4.35 2.46 11.23
C GLU B 34 -2.96 1.82 11.13
N GLN B 35 -2.37 1.88 9.98
CA GLN B 35 -1.01 1.33 9.79
C GLN B 35 0.03 2.35 10.24
N TRP B 36 0.17 3.40 9.48
CA TRP B 36 1.17 4.45 9.84
C TRP B 36 1.06 5.66 8.92
N ALA B 37 -0.08 5.87 8.34
CA ALA B 37 -0.26 7.04 7.45
C ALA B 37 -1.50 7.83 7.89
N ARG B 38 -2.46 7.16 8.47
CA ARG B 38 -3.66 7.90 8.95
C ARG B 38 -3.16 8.98 9.92
N LEU B 39 -1.93 8.85 10.37
CA LEU B 39 -1.34 9.85 11.30
C LEU B 39 -1.74 11.27 10.91
N LEU B 40 -2.05 11.51 9.66
CA LEU B 40 -2.43 12.88 9.24
C LEU B 40 -3.95 13.09 9.30
N GLN B 41 -4.63 12.18 9.91
CA GLN B 41 -6.10 12.32 10.03
C GLN B 41 -6.53 11.92 11.44
N THR B 42 -6.87 10.67 11.63
CA THR B 42 -7.27 10.20 12.98
C THR B 42 -6.61 8.86 13.27
N SER B 43 -6.68 8.39 14.48
CA SER B 43 -6.06 7.09 14.83
C SER B 43 -7.02 5.93 14.53
N ASN B 44 -8.01 6.16 13.72
CA ASN B 44 -8.98 5.06 13.40
C ASN B 44 -9.70 5.34 12.08
N ILE B 45 -10.38 4.35 11.55
CA ILE B 45 -11.11 4.56 10.25
C ILE B 45 -12.50 5.10 10.54
N THR B 46 -13.24 4.44 11.39
CA THR B 46 -14.62 4.90 11.72
C THR B 46 -14.63 6.42 11.95
N MET A 1 10.77 15.64 -12.28
CA MET A 1 10.68 15.73 -10.79
C MET A 1 11.74 14.82 -10.15
N GLN A 2 11.59 13.53 -10.30
CA GLN A 2 12.56 12.58 -9.71
C GLN A 2 12.46 12.62 -8.19
N THR A 3 11.47 11.95 -7.67
CA THR A 3 11.24 11.92 -6.21
C THR A 3 10.08 10.98 -5.91
N ILE A 4 10.32 9.71 -5.93
CA ILE A 4 9.20 8.77 -5.67
C ILE A 4 9.44 8.00 -4.38
N LYS A 5 8.52 8.11 -3.46
CA LYS A 5 8.63 7.37 -2.18
C LYS A 5 7.32 6.64 -1.95
N CYS A 6 7.32 5.33 -2.00
CA CYS A 6 6.04 4.59 -1.80
C CYS A 6 5.89 4.18 -0.35
N VAL A 7 4.69 4.27 0.17
CA VAL A 7 4.45 3.86 1.59
C VAL A 7 3.07 3.22 1.69
N VAL A 8 2.89 2.35 2.65
CA VAL A 8 1.57 1.67 2.80
C VAL A 8 0.47 2.66 3.18
N VAL A 9 -0.34 3.05 2.25
CA VAL A 9 -1.45 4.00 2.58
C VAL A 9 -2.78 3.27 2.51
N GLY A 10 -3.87 3.92 2.82
CA GLY A 10 -5.18 3.23 2.76
C GLY A 10 -6.15 3.88 3.75
N ASP A 11 -7.42 3.56 3.63
CA ASP A 11 -8.41 4.14 4.57
C ASP A 11 -7.91 4.01 6.01
N GLY A 12 -7.10 3.02 6.27
CA GLY A 12 -6.57 2.85 7.66
C GLY A 12 -6.53 1.36 8.01
N ALA A 13 -6.08 0.54 7.10
CA ALA A 13 -6.01 -0.91 7.38
C ALA A 13 -4.59 -1.28 7.83
N VAL A 14 -3.87 -2.06 7.06
CA VAL A 14 -2.49 -2.44 7.48
C VAL A 14 -1.45 -1.84 6.52
N GLY A 15 -1.06 -2.57 5.52
CA GLY A 15 -0.05 -2.04 4.56
C GLY A 15 0.44 -3.15 3.62
N LYS A 16 0.71 -2.81 2.39
CA LYS A 16 1.18 -3.83 1.41
C LYS A 16 2.62 -4.29 1.68
N THR A 17 3.39 -3.48 2.37
CA THR A 17 4.81 -3.86 2.64
C THR A 17 4.92 -5.13 3.49
N CYS A 18 4.22 -5.20 4.59
CA CYS A 18 4.33 -6.44 5.43
C CYS A 18 3.49 -7.56 4.83
N LEU A 19 2.96 -7.38 3.64
CA LEU A 19 2.18 -8.48 3.04
C LEU A 19 3.14 -9.37 2.28
N LEU A 20 4.22 -8.80 1.81
CA LEU A 20 5.25 -9.61 1.12
C LEU A 20 5.92 -10.49 2.15
N ILE A 21 6.04 -9.98 3.35
CA ILE A 21 6.64 -10.79 4.45
C ILE A 21 5.61 -11.81 4.91
N SER A 22 4.41 -11.37 5.14
CA SER A 22 3.35 -12.30 5.58
C SER A 22 3.26 -13.44 4.57
N TYR A 23 3.31 -13.15 3.31
CA TYR A 23 3.26 -14.24 2.32
C TYR A 23 4.61 -14.93 2.24
N THR A 24 5.57 -14.46 3.00
CA THR A 24 6.94 -15.07 2.94
C THR A 24 7.34 -15.83 4.22
N THR A 25 7.19 -15.26 5.39
CA THR A 25 7.67 -15.99 6.59
C THR A 25 6.60 -16.16 7.69
N ASN A 26 6.45 -15.18 8.54
CA ASN A 26 5.47 -15.33 9.65
C ASN A 26 4.03 -15.39 9.15
N LYS A 27 3.73 -14.70 8.11
CA LYS A 27 2.33 -14.74 7.59
C LYS A 27 1.36 -14.24 8.66
N PHE A 28 0.20 -14.82 8.71
CA PHE A 28 -0.79 -14.40 9.74
C PHE A 28 -1.57 -15.62 10.25
N PRO A 29 -0.84 -16.57 10.76
CA PRO A 29 -1.45 -17.80 11.30
C PRO A 29 -1.93 -17.57 12.73
N SER A 30 -1.08 -17.80 13.69
CA SER A 30 -1.49 -17.59 15.11
C SER A 30 -0.45 -16.74 15.85
N GLU A 31 0.02 -15.69 15.23
CA GLU A 31 1.01 -14.82 15.89
C GLU A 31 0.94 -13.42 15.28
N TYR A 32 1.10 -12.42 16.10
CA TYR A 32 1.03 -11.02 15.59
C TYR A 32 2.38 -10.56 15.05
N VAL A 33 2.51 -10.52 13.76
CA VAL A 33 3.78 -10.08 13.13
C VAL A 33 3.47 -8.98 12.10
N PRO A 34 3.04 -7.85 12.62
CA PRO A 34 2.66 -6.68 11.78
C PRO A 34 3.90 -5.94 11.23
N THR A 35 3.70 -5.12 10.23
CA THR A 35 4.84 -4.35 9.65
C THR A 35 5.52 -3.51 10.73
N VAL A 36 6.74 -3.09 10.51
CA VAL A 36 7.38 -2.24 11.52
C VAL A 36 8.36 -1.25 10.86
N PHE A 37 9.64 -1.37 11.10
CA PHE A 37 10.60 -0.40 10.50
C PHE A 37 11.33 -0.99 9.29
N ASP A 38 10.97 -0.57 8.11
CA ASP A 38 11.65 -1.10 6.90
C ASP A 38 12.14 0.07 6.04
N ASN A 39 13.36 0.49 6.21
CA ASN A 39 13.83 1.63 5.38
C ASN A 39 14.48 1.12 4.10
N TYR A 40 13.75 1.13 3.02
CA TYR A 40 14.32 0.66 1.74
C TYR A 40 14.54 1.88 0.84
N ALA A 41 15.72 2.04 0.32
CA ALA A 41 15.97 3.23 -0.55
C ALA A 41 17.10 2.94 -1.53
N VAL A 42 16.79 2.87 -2.79
CA VAL A 42 17.84 2.60 -3.80
C VAL A 42 17.72 3.61 -4.93
N THR A 43 18.68 3.61 -5.81
CA THR A 43 18.61 4.56 -6.94
C THR A 43 18.96 3.86 -8.25
N VAL A 44 18.40 4.32 -9.32
CA VAL A 44 18.69 3.70 -10.64
C VAL A 44 19.31 4.77 -11.54
N MET A 45 19.72 4.38 -12.70
CA MET A 45 20.32 5.38 -13.63
C MET A 45 20.05 4.96 -15.08
N ILE A 46 19.39 5.80 -15.82
CA ILE A 46 19.11 5.48 -17.25
C ILE A 46 19.41 6.73 -18.08
N GLY A 47 20.22 6.60 -19.09
CA GLY A 47 20.55 7.80 -19.92
C GLY A 47 20.94 8.96 -19.00
N GLY A 48 21.51 8.66 -17.86
CA GLY A 48 21.91 9.75 -16.92
C GLY A 48 20.72 10.21 -16.08
N GLU A 49 19.80 9.33 -15.78
CA GLU A 49 18.62 9.75 -14.96
C GLU A 49 18.56 8.94 -13.65
N PRO A 50 18.71 9.64 -12.56
CA PRO A 50 18.67 8.99 -11.23
C PRO A 50 17.24 8.66 -10.82
N TYR A 51 17.05 7.53 -10.19
CA TYR A 51 15.68 7.15 -9.74
C TYR A 51 15.52 7.37 -8.23
N THR A 52 14.71 8.31 -7.82
CA THR A 52 14.52 8.55 -6.37
C THR A 52 13.59 7.49 -5.78
N LEU A 53 14.11 6.51 -5.12
CA LEU A 53 13.21 5.47 -4.54
C LEU A 53 13.34 5.43 -3.02
N GLY A 54 12.23 5.26 -2.34
CA GLY A 54 12.27 5.21 -0.85
C GLY A 54 10.98 4.55 -0.34
N LEU A 55 11.10 3.59 0.52
CA LEU A 55 9.89 2.92 1.08
C LEU A 55 10.08 2.71 2.58
N PHE A 56 9.10 3.03 3.38
CA PHE A 56 9.28 2.83 4.85
C PHE A 56 7.94 2.73 5.60
N ASP A 57 7.93 1.97 6.67
CA ASP A 57 6.67 1.81 7.47
C ASP A 57 6.92 2.21 8.93
N THR A 58 5.98 1.91 9.82
CA THR A 58 6.12 2.24 11.27
C THR A 58 7.51 1.88 11.83
N ALA A 59 7.66 1.91 13.13
CA ALA A 59 8.97 1.58 13.75
C ALA A 59 8.76 1.14 15.20
N GLY A 60 7.76 0.34 15.44
CA GLY A 60 7.53 -0.14 16.83
C GLY A 60 8.86 -0.61 17.38
N GLN A 61 9.72 -1.05 16.50
CA GLN A 61 11.07 -1.52 16.91
C GLN A 61 11.92 -0.31 17.31
N GLU A 62 12.07 0.63 16.41
CA GLU A 62 12.89 1.82 16.75
C GLU A 62 12.31 2.55 17.96
N ASP A 63 11.00 2.65 18.02
CA ASP A 63 10.34 3.37 19.15
C ASP A 63 10.52 4.87 18.95
N TYR A 64 10.41 5.29 17.72
CA TYR A 64 10.57 6.74 17.40
C TYR A 64 9.76 7.11 16.15
N ASP A 65 9.00 6.21 15.59
CA ASP A 65 8.21 6.55 14.38
C ASP A 65 6.71 6.50 14.65
N ARG A 66 6.31 6.68 15.87
CA ARG A 66 4.86 6.64 16.17
C ARG A 66 4.25 8.01 15.89
N LEU A 67 5.05 9.04 15.97
CA LEU A 67 4.53 10.40 15.69
C LEU A 67 5.10 10.96 14.39
N ARG A 68 5.77 10.13 13.61
CA ARG A 68 6.37 10.64 12.34
C ARG A 68 5.56 10.27 11.08
N PRO A 69 5.06 9.05 11.00
CA PRO A 69 4.32 8.63 9.77
C PRO A 69 2.97 9.35 9.64
N LEU A 70 2.25 9.49 10.71
CA LEU A 70 0.93 10.21 10.63
C LEU A 70 1.11 11.54 9.89
N SER A 71 2.31 12.00 9.83
CA SER A 71 2.59 13.28 9.11
C SER A 71 3.70 13.07 8.07
N TYR A 72 3.56 12.08 7.23
CA TYR A 72 4.61 11.83 6.19
C TYR A 72 4.12 12.17 4.79
N PRO A 73 4.08 13.45 4.50
CA PRO A 73 3.63 13.93 3.17
C PRO A 73 4.74 13.75 2.12
N GLN A 74 5.88 13.26 2.51
CA GLN A 74 7.00 13.09 1.52
C GLN A 74 6.80 11.80 0.72
N THR A 75 5.63 11.60 0.18
CA THR A 75 5.38 10.38 -0.63
C THR A 75 4.49 10.72 -1.82
N ASP A 76 5.07 11.18 -2.89
CA ASP A 76 4.25 11.52 -4.09
C ASP A 76 3.41 10.32 -4.51
N VAL A 77 3.82 9.14 -4.14
CA VAL A 77 3.05 7.93 -4.51
C VAL A 77 2.56 7.19 -3.27
N PHE A 78 1.26 7.11 -3.11
CA PHE A 78 0.70 6.44 -1.91
C PHE A 78 0.11 5.07 -2.30
N LEU A 79 0.23 4.09 -1.45
CA LEU A 79 -0.36 2.76 -1.77
C LEU A 79 -1.65 2.58 -0.98
N VAL A 80 -2.76 2.84 -1.60
CA VAL A 80 -4.07 2.68 -0.90
C VAL A 80 -4.69 1.34 -1.26
N CYS A 81 -5.12 0.58 -0.29
CA CYS A 81 -5.72 -0.74 -0.61
C CYS A 81 -7.02 -0.93 0.18
N PHE A 82 -8.12 -1.02 -0.52
CA PHE A 82 -9.44 -1.20 0.16
C PHE A 82 -9.84 -2.68 0.18
N SER A 83 -10.69 -3.06 1.09
CA SER A 83 -11.13 -4.47 1.14
C SER A 83 -12.29 -4.69 0.18
N VAL A 84 -12.50 -5.91 -0.23
CA VAL A 84 -13.62 -6.22 -1.17
C VAL A 84 -14.97 -5.86 -0.55
N VAL A 85 -14.98 -5.55 0.71
CA VAL A 85 -16.28 -5.18 1.37
C VAL A 85 -16.09 -3.94 2.25
N SER A 86 -15.13 -3.96 3.14
CA SER A 86 -14.87 -2.76 4.01
C SER A 86 -16.16 -2.17 4.58
N PRO A 87 -16.01 -1.04 5.23
CA PRO A 87 -17.16 -0.33 5.86
C PRO A 87 -17.92 0.52 4.84
N SER A 88 -18.13 0.02 3.65
CA SER A 88 -18.88 0.80 2.61
C SER A 88 -18.48 2.28 2.67
N SER A 89 -17.41 2.67 2.01
CA SER A 89 -17.01 4.11 2.05
C SER A 89 -15.80 4.39 1.13
N PHE A 90 -15.66 3.65 0.07
CA PHE A 90 -14.52 3.89 -0.85
C PHE A 90 -14.96 4.88 -1.94
N GLU A 91 -16.23 4.96 -2.19
CA GLU A 91 -16.72 5.93 -3.20
C GLU A 91 -16.90 7.30 -2.55
N ASN A 92 -17.08 7.31 -1.26
CA ASN A 92 -17.26 8.61 -0.58
C ASN A 92 -15.89 9.25 -0.28
N VAL A 93 -14.82 8.51 -0.39
CA VAL A 93 -13.49 9.15 -0.14
C VAL A 93 -12.97 9.77 -1.44
N LYS A 94 -13.53 9.38 -2.55
CA LYS A 94 -13.08 9.96 -3.85
C LYS A 94 -13.76 11.29 -4.07
N GLU A 95 -15.02 11.36 -3.75
CA GLU A 95 -15.77 12.62 -3.91
C GLU A 95 -15.39 13.58 -2.77
N LYS A 96 -14.60 13.11 -1.83
CA LYS A 96 -14.23 13.99 -0.70
C LYS A 96 -12.74 14.37 -0.74
N TRP A 97 -11.89 13.41 -0.93
CA TRP A 97 -10.41 13.69 -0.92
C TRP A 97 -9.94 14.34 -2.24
N VAL A 98 -10.30 13.78 -3.36
CA VAL A 98 -9.81 14.35 -4.65
C VAL A 98 -10.35 15.78 -4.92
N PRO A 99 -11.63 15.96 -4.74
CA PRO A 99 -12.21 17.31 -4.99
C PRO A 99 -11.70 18.28 -3.91
N GLU A 100 -11.11 17.75 -2.87
CA GLU A 100 -10.56 18.63 -1.81
C GLU A 100 -9.12 18.99 -2.14
N ILE A 101 -8.28 18.00 -2.27
CA ILE A 101 -6.83 18.24 -2.59
C ILE A 101 -6.03 16.99 -2.23
N THR A 102 -6.04 16.00 -3.09
CA THR A 102 -5.29 14.75 -2.79
C THR A 102 -3.88 15.10 -2.33
N HIS A 103 -2.98 15.31 -3.24
CA HIS A 103 -1.59 15.69 -2.87
C HIS A 103 -1.41 17.17 -3.15
N HIS A 104 -2.24 17.69 -4.02
CA HIS A 104 -2.18 19.14 -4.39
C HIS A 104 -3.25 19.39 -5.45
N CYS A 105 -3.48 18.41 -6.29
CA CYS A 105 -4.51 18.53 -7.35
C CYS A 105 -5.18 17.17 -7.55
N PRO A 106 -6.35 17.19 -8.13
CA PRO A 106 -7.07 15.92 -8.38
C PRO A 106 -6.39 15.16 -9.52
N LYS A 107 -5.38 14.39 -9.20
CA LYS A 107 -4.66 13.62 -10.27
C LYS A 107 -3.44 12.87 -9.71
N THR A 108 -3.13 13.06 -8.46
CA THR A 108 -1.96 12.37 -7.85
C THR A 108 -2.03 10.87 -8.13
N PRO A 109 -0.87 10.25 -8.21
CA PRO A 109 -0.81 8.79 -8.46
C PRO A 109 -1.46 8.03 -7.30
N PHE A 110 -2.60 7.44 -7.57
CA PHE A 110 -3.31 6.67 -6.52
C PHE A 110 -3.27 5.18 -6.86
N LEU A 111 -2.39 4.45 -6.24
CA LEU A 111 -2.34 3.00 -6.53
C LEU A 111 -3.46 2.32 -5.77
N LEU A 112 -4.54 2.06 -6.46
CA LEU A 112 -5.71 1.42 -5.80
C LEU A 112 -5.47 -0.07 -5.67
N VAL A 113 -6.10 -0.71 -4.72
CA VAL A 113 -5.87 -2.17 -4.52
C VAL A 113 -7.04 -2.83 -3.82
N GLY A 114 -6.99 -4.13 -3.69
CA GLY A 114 -8.05 -4.86 -2.96
C GLY A 114 -7.38 -5.67 -1.86
N THR A 115 -7.36 -5.15 -0.66
CA THR A 115 -6.68 -5.87 0.46
C THR A 115 -7.69 -6.69 1.26
N GLN A 116 -7.21 -7.50 2.16
CA GLN A 116 -8.13 -8.33 2.98
C GLN A 116 -9.01 -9.21 2.09
N ILE A 117 -8.48 -9.74 1.02
CA ILE A 117 -9.31 -10.63 0.17
C ILE A 117 -9.04 -12.08 0.59
N ASP A 118 -7.80 -12.34 0.92
CA ASP A 118 -7.34 -13.71 1.32
C ASP A 118 -8.23 -14.27 2.42
N LEU A 119 -9.47 -14.41 2.08
CA LEU A 119 -10.51 -14.94 3.01
C LEU A 119 -11.88 -14.50 2.51
N ARG A 120 -11.91 -13.44 1.73
CA ARG A 120 -13.19 -12.96 1.18
C ARG A 120 -13.96 -14.15 0.63
N ASP A 121 -13.29 -15.03 -0.05
CA ASP A 121 -14.00 -16.23 -0.59
C ASP A 121 -14.88 -16.82 0.52
N ASP A 122 -14.53 -16.57 1.74
CA ASP A 122 -15.33 -17.09 2.88
C ASP A 122 -16.33 -16.04 3.37
N PRO A 123 -17.59 -16.41 3.35
CA PRO A 123 -18.67 -15.50 3.82
C PRO A 123 -18.77 -15.51 5.36
N SER A 124 -17.71 -15.85 6.03
CA SER A 124 -17.73 -15.91 7.52
C SER A 124 -17.21 -14.62 8.11
N THR A 125 -16.07 -14.19 7.68
CA THR A 125 -15.55 -12.90 8.19
C THR A 125 -16.42 -11.84 7.54
N ILE A 126 -16.82 -12.13 6.35
CA ILE A 126 -17.73 -11.25 5.60
C ILE A 126 -18.90 -10.92 6.53
N GLU A 127 -19.21 -11.84 7.40
CA GLU A 127 -20.32 -11.66 8.36
C GLU A 127 -20.17 -10.33 9.11
N LYS A 128 -18.97 -10.03 9.54
CA LYS A 128 -18.74 -8.77 10.28
C LYS A 128 -18.75 -7.59 9.31
N LEU A 129 -18.30 -7.80 8.11
CA LEU A 129 -18.28 -6.70 7.10
C LEU A 129 -19.68 -6.43 6.55
N ALA A 130 -20.45 -7.47 6.36
CA ALA A 130 -21.82 -7.28 5.82
C ALA A 130 -22.57 -6.21 6.61
N LYS A 131 -22.55 -6.30 7.91
CA LYS A 131 -23.25 -5.29 8.74
C LYS A 131 -22.83 -3.88 8.29
N ASN A 132 -21.65 -3.75 7.74
CA ASN A 132 -21.20 -2.41 7.30
C ASN A 132 -20.86 -2.38 5.80
N LYS A 133 -21.15 -3.43 5.09
CA LYS A 133 -20.85 -3.44 3.63
C LYS A 133 -22.09 -3.89 2.85
N GLN A 134 -23.00 -2.98 2.59
CA GLN A 134 -24.22 -3.35 1.82
C GLN A 134 -23.84 -3.59 0.35
N LYS A 135 -22.70 -3.09 -0.05
CA LYS A 135 -22.24 -3.27 -1.45
C LYS A 135 -20.71 -3.39 -1.44
N PRO A 136 -20.23 -4.55 -1.78
CA PRO A 136 -18.77 -4.80 -1.81
C PRO A 136 -18.10 -4.01 -2.93
N ILE A 137 -16.84 -3.75 -2.80
CA ILE A 137 -16.12 -2.97 -3.86
C ILE A 137 -15.28 -3.92 -4.72
N THR A 138 -15.38 -3.81 -6.01
CA THR A 138 -14.61 -4.71 -6.90
C THR A 138 -13.72 -3.89 -7.84
N PRO A 139 -12.83 -4.58 -8.50
CA PRO A 139 -11.89 -3.90 -9.44
C PRO A 139 -12.66 -3.34 -10.64
N GLU A 140 -13.78 -3.91 -10.95
CA GLU A 140 -14.58 -3.41 -12.10
C GLU A 140 -15.14 -2.02 -11.78
N THR A 141 -15.48 -1.82 -10.54
CA THR A 141 -16.04 -0.50 -10.12
C THR A 141 -14.91 0.48 -9.78
N ALA A 142 -13.79 -0.03 -9.30
CA ALA A 142 -12.66 0.86 -8.94
C ALA A 142 -11.94 1.40 -10.18
N GLU A 143 -11.87 0.64 -11.23
CA GLU A 143 -11.19 1.15 -12.45
C GLU A 143 -11.84 2.46 -12.90
N LYS A 144 -13.15 2.51 -12.86
CA LYS A 144 -13.83 3.76 -13.27
C LYS A 144 -13.45 4.86 -12.28
N LEU A 145 -13.40 4.53 -11.02
CA LEU A 145 -13.04 5.56 -9.99
C LEU A 145 -11.63 6.08 -10.30
N ALA A 146 -10.68 5.21 -10.49
CA ALA A 146 -9.31 5.68 -10.81
C ALA A 146 -9.37 6.54 -12.06
N ARG A 147 -10.14 6.13 -13.02
CA ARG A 147 -10.27 6.93 -14.26
C ARG A 147 -11.25 8.09 -14.02
N ASP A 148 -11.78 8.17 -12.82
CA ASP A 148 -12.72 9.27 -12.49
C ASP A 148 -11.96 10.52 -12.04
N LEU A 149 -10.68 10.40 -11.80
CA LEU A 149 -9.91 11.60 -11.34
C LEU A 149 -8.42 11.49 -11.72
N LYS A 150 -8.13 10.86 -12.83
CA LYS A 150 -6.72 10.75 -13.31
C LYS A 150 -5.85 9.99 -12.32
N ALA A 151 -6.37 8.94 -11.78
CA ALA A 151 -5.57 8.11 -10.82
C ALA A 151 -4.64 7.18 -11.59
N VAL A 152 -4.11 6.18 -10.96
CA VAL A 152 -3.21 5.24 -11.68
C VAL A 152 -3.98 4.01 -12.13
N LYS A 153 -4.19 3.10 -11.24
CA LYS A 153 -4.94 1.87 -11.60
C LYS A 153 -5.24 1.02 -10.36
N TYR A 154 -6.12 0.07 -10.48
CA TYR A 154 -6.45 -0.80 -9.31
C TYR A 154 -5.63 -2.10 -9.40
N VAL A 155 -4.87 -2.41 -8.38
CA VAL A 155 -4.06 -3.66 -8.42
C VAL A 155 -4.59 -4.68 -7.41
N GLU A 156 -3.87 -5.73 -7.17
CA GLU A 156 -4.34 -6.76 -6.19
C GLU A 156 -3.22 -7.09 -5.19
N CYS A 157 -3.54 -7.16 -3.93
CA CYS A 157 -2.47 -7.47 -2.93
C CYS A 157 -3.04 -8.18 -1.71
N SER A 158 -2.48 -9.32 -1.42
CA SER A 158 -2.91 -10.10 -0.24
C SER A 158 -1.66 -10.42 0.57
N ALA A 159 -1.79 -10.65 1.82
CA ALA A 159 -0.59 -10.96 2.63
C ALA A 159 -0.54 -12.46 2.83
N LEU A 160 -1.65 -13.04 3.18
CA LEU A 160 -1.72 -14.50 3.35
C LEU A 160 -1.40 -15.18 2.01
N THR A 161 -2.07 -14.76 0.98
CA THR A 161 -1.86 -15.38 -0.37
C THR A 161 -1.00 -14.51 -1.31
N GLN A 162 -0.84 -13.24 -1.06
CA GLN A 162 -0.02 -12.39 -1.99
C GLN A 162 -0.67 -12.41 -3.38
N LYS A 163 -1.74 -11.70 -3.54
CA LYS A 163 -2.44 -11.68 -4.87
C LYS A 163 -2.01 -10.50 -5.73
N GLY A 164 -0.72 -10.27 -5.86
CA GLY A 164 -0.27 -9.13 -6.72
C GLY A 164 0.53 -8.12 -5.90
N LEU A 165 1.22 -8.55 -4.90
CA LEU A 165 2.04 -7.59 -4.08
C LEU A 165 2.98 -6.78 -4.97
N LYS A 166 3.63 -7.42 -5.90
CA LYS A 166 4.57 -6.68 -6.79
C LYS A 166 3.80 -5.87 -7.85
N ASN A 167 2.71 -6.39 -8.32
CA ASN A 167 1.93 -5.67 -9.37
C ASN A 167 1.43 -4.31 -8.86
N VAL A 168 1.13 -4.20 -7.60
CA VAL A 168 0.64 -2.89 -7.08
C VAL A 168 1.72 -1.81 -7.21
N PHE A 169 2.90 -2.13 -6.82
CA PHE A 169 4.02 -1.14 -6.89
C PHE A 169 4.44 -0.87 -8.35
N ASP A 170 4.27 -1.81 -9.23
CA ASP A 170 4.70 -1.60 -10.65
C ASP A 170 4.02 -0.38 -11.27
N GLU A 171 2.72 -0.28 -11.17
CA GLU A 171 2.03 0.89 -11.79
C GLU A 171 2.38 2.19 -11.06
N ALA A 172 2.77 2.10 -9.82
CA ALA A 172 3.15 3.34 -9.08
C ALA A 172 4.46 3.88 -9.63
N ILE A 173 5.21 3.04 -10.28
CA ILE A 173 6.50 3.50 -10.86
C ILE A 173 6.23 4.47 -12.01
N LEU A 174 5.28 4.18 -12.85
CA LEU A 174 4.99 5.09 -13.99
C LEU A 174 4.29 6.36 -13.52
N ALA A 175 3.35 6.25 -12.64
CA ALA A 175 2.62 7.46 -12.16
C ALA A 175 3.44 8.15 -11.07
N ALA A 176 4.55 7.58 -10.70
CA ALA A 176 5.38 8.21 -9.64
C ALA A 176 6.18 9.37 -10.24
N LEU A 177 6.74 9.16 -11.40
CA LEU A 177 7.56 10.22 -12.05
C LEU A 177 6.81 10.84 -13.22
N GLU A 178 5.88 10.12 -13.77
CA GLU A 178 5.10 10.63 -14.92
C GLU A 178 6.04 11.10 -16.04
N GLY B 1 11.29 1.88 -13.83
CA GLY B 1 12.73 2.26 -14.02
C GLY B 1 12.80 3.62 -14.69
N SER B 2 12.12 4.60 -14.16
CA SER B 2 12.15 5.97 -14.76
C SER B 2 11.34 6.03 -16.04
N LYS B 3 10.58 7.07 -16.24
CA LYS B 3 9.79 7.19 -17.49
C LYS B 3 10.53 8.09 -18.47
N GLU B 4 11.42 7.51 -19.23
CA GLU B 4 12.20 8.30 -20.21
C GLU B 4 11.94 7.81 -21.63
N ARG B 5 12.44 8.52 -22.59
CA ARG B 5 12.26 8.09 -24.00
C ARG B 5 13.11 6.82 -24.18
N PRO B 6 13.42 6.44 -25.40
CA PRO B 6 14.23 5.21 -25.57
C PRO B 6 15.63 5.45 -25.01
N GLU B 7 15.76 5.33 -23.71
CA GLU B 7 17.08 5.55 -23.06
C GLU B 7 18.19 4.84 -23.81
N ILE B 8 19.42 5.03 -23.39
CA ILE B 8 20.54 4.37 -24.09
C ILE B 8 21.51 3.76 -23.09
N SER B 9 21.76 4.45 -22.00
CA SER B 9 22.72 3.92 -21.00
C SER B 9 22.05 3.79 -19.63
N LEU B 10 22.49 2.88 -18.82
CA LEU B 10 21.87 2.76 -17.47
C LEU B 10 22.67 1.86 -16.52
N PRO B 11 23.45 2.50 -15.69
CA PRO B 11 24.24 1.79 -14.69
C PRO B 11 23.32 1.30 -13.57
N SER B 12 23.59 0.17 -12.99
CA SER B 12 22.69 -0.32 -11.89
C SER B 12 23.29 0.04 -10.52
N ASP B 13 22.44 0.15 -9.54
CA ASP B 13 22.93 0.48 -8.17
C ASP B 13 21.98 -0.12 -7.12
N PHE B 14 22.52 -0.71 -6.09
CA PHE B 14 21.64 -1.31 -5.05
C PHE B 14 21.97 -0.72 -3.67
N GLU B 15 20.97 -0.52 -2.84
CA GLU B 15 21.22 0.04 -1.49
C GLU B 15 20.21 -0.55 -0.50
N HIS B 16 20.61 -0.73 0.73
CA HIS B 16 19.67 -1.30 1.73
C HIS B 16 19.90 -0.64 3.09
N THR B 17 18.85 -0.15 3.70
CA THR B 17 18.99 0.52 5.02
C THR B 17 18.70 -0.47 6.16
N ILE B 18 18.54 0.01 7.36
CA ILE B 18 18.28 -0.92 8.50
C ILE B 18 17.07 -1.81 8.24
N HIS B 19 16.77 -2.67 9.18
CA HIS B 19 15.62 -3.62 9.02
C HIS B 19 14.60 -3.46 10.14
N VAL B 20 13.42 -3.98 9.93
CA VAL B 20 12.37 -3.88 10.97
C VAL B 20 12.80 -4.67 12.20
N GLY B 21 12.34 -4.30 13.36
CA GLY B 21 12.77 -5.03 14.58
C GLY B 21 12.08 -6.38 14.64
N PHE B 22 12.71 -7.35 15.26
CA PHE B 22 12.08 -8.70 15.35
C PHE B 22 12.04 -9.32 13.95
N ASP B 23 12.99 -10.15 13.65
CA ASP B 23 13.02 -10.79 12.30
C ASP B 23 11.68 -11.47 11.99
N ALA B 24 11.24 -11.42 10.76
CA ALA B 24 9.95 -12.06 10.36
C ALA B 24 8.77 -11.51 11.16
N VAL B 25 8.81 -10.26 11.55
CA VAL B 25 7.66 -9.69 12.31
C VAL B 25 6.98 -8.61 11.48
N THR B 26 7.65 -8.13 10.48
CA THR B 26 7.07 -7.07 9.61
C THR B 26 6.17 -7.67 8.52
N GLY B 27 5.51 -8.76 8.81
CA GLY B 27 4.62 -9.38 7.80
C GLY B 27 3.16 -9.28 8.23
N GLU B 28 2.71 -10.30 8.92
CA GLU B 28 1.30 -10.41 9.41
C GLU B 28 0.43 -9.21 9.09
N PHE B 29 -0.65 -9.50 8.46
CA PHE B 29 -1.62 -8.44 8.09
C PHE B 29 -2.97 -8.75 8.73
N THR B 30 -3.67 -7.75 9.17
CA THR B 30 -4.99 -7.99 9.83
C THR B 30 -5.90 -6.77 9.65
N GLY B 31 -6.61 -6.38 10.67
CA GLY B 31 -7.51 -5.21 10.56
C GLY B 31 -7.03 -4.08 11.49
N ILE B 32 -5.75 -3.81 11.48
CA ILE B 32 -5.22 -2.73 12.36
C ILE B 32 -5.72 -1.36 11.88
N PRO B 33 -5.98 -0.50 12.82
CA PRO B 33 -6.49 0.86 12.49
C PRO B 33 -5.39 1.73 11.83
N GLU B 34 -5.77 2.52 10.87
CA GLU B 34 -4.80 3.40 10.15
C GLU B 34 -3.59 2.64 9.62
N GLN B 35 -2.89 3.25 8.71
CA GLN B 35 -1.70 2.61 8.09
C GLN B 35 -0.42 2.91 8.88
N TRP B 36 -0.54 3.31 10.12
CA TRP B 36 0.66 3.69 10.97
C TRP B 36 0.96 5.17 10.73
N ALA B 37 -0.06 5.87 10.38
CA ALA B 37 0.01 7.34 10.10
C ALA B 37 -1.42 7.89 10.19
N ARG B 38 -1.86 8.24 11.37
CA ARG B 38 -3.24 8.78 11.55
C ARG B 38 -3.23 10.25 11.22
N LEU B 39 -2.74 10.53 10.07
CA LEU B 39 -2.63 11.95 9.60
C LEU B 39 -3.91 12.73 9.89
N LEU B 40 -5.04 12.20 9.54
CA LEU B 40 -6.32 12.95 9.77
C LEU B 40 -7.29 12.15 10.60
N GLN B 41 -6.83 11.12 11.23
CA GLN B 41 -7.73 10.29 12.08
C GLN B 41 -7.32 10.38 13.55
N THR B 42 -6.84 11.52 13.97
CA THR B 42 -6.42 11.67 15.38
C THR B 42 -7.66 11.85 16.28
N SER B 43 -7.46 12.04 17.56
CA SER B 43 -8.61 12.21 18.48
C SER B 43 -9.09 13.67 18.47
N ASN B 44 -8.88 14.37 17.39
CA ASN B 44 -9.32 15.79 17.33
C ASN B 44 -10.79 15.86 16.89
N ILE B 45 -11.65 16.34 17.74
CA ILE B 45 -13.10 16.40 17.38
C ILE B 45 -13.34 17.38 16.24
N THR B 46 -14.58 17.52 15.86
CA THR B 46 -14.93 18.45 14.76
C THR B 46 -16.41 18.83 14.83
N MET A 1 7.33 11.51 -11.09
CA MET A 1 8.28 10.95 -12.10
C MET A 1 9.66 10.74 -11.48
N GLN A 2 9.96 11.45 -10.44
CA GLN A 2 11.28 11.31 -9.78
C GLN A 2 11.11 11.48 -8.28
N THR A 3 11.14 12.70 -7.79
CA THR A 3 10.97 12.93 -6.33
C THR A 3 9.89 12.02 -5.78
N ILE A 4 10.19 10.79 -5.49
CA ILE A 4 9.11 9.89 -5.00
C ILE A 4 9.53 9.03 -3.81
N LYS A 5 8.56 8.63 -3.01
CA LYS A 5 8.86 7.80 -1.80
C LYS A 5 7.85 6.63 -1.70
N CYS A 6 8.30 5.43 -1.93
CA CYS A 6 7.38 4.25 -1.85
C CYS A 6 6.93 4.03 -0.39
N VAL A 7 5.71 3.64 -0.17
CA VAL A 7 5.25 3.42 1.23
C VAL A 7 3.91 2.68 1.26
N VAL A 8 3.31 2.60 2.43
CA VAL A 8 2.00 1.89 2.57
C VAL A 8 0.86 2.90 2.72
N VAL A 9 -0.37 2.47 2.55
CA VAL A 9 -1.52 3.43 2.68
C VAL A 9 -1.88 3.67 4.14
N GLY A 10 -3.00 4.30 4.35
CA GLY A 10 -3.46 4.58 5.73
C GLY A 10 -4.98 4.57 5.76
N ASP A 11 -5.61 4.00 4.76
CA ASP A 11 -7.09 3.95 4.75
C ASP A 11 -7.56 3.04 5.88
N GLY A 12 -6.84 1.99 6.16
CA GLY A 12 -7.24 1.08 7.27
C GLY A 12 -6.97 -0.37 6.88
N ALA A 13 -7.73 -1.29 7.42
CA ALA A 13 -7.53 -2.73 7.07
C ALA A 13 -6.11 -3.19 7.39
N VAL A 14 -5.90 -4.48 7.50
CA VAL A 14 -4.54 -5.00 7.80
C VAL A 14 -3.53 -4.44 6.80
N GLY A 15 -2.29 -4.32 7.20
CA GLY A 15 -1.27 -3.77 6.27
C GLY A 15 -1.08 -4.70 5.07
N LYS A 16 -0.52 -4.22 4.00
CA LYS A 16 -0.30 -5.09 2.81
C LYS A 16 1.06 -5.77 2.94
N THR A 17 2.00 -5.11 3.55
CA THR A 17 3.36 -5.71 3.72
C THR A 17 3.31 -6.91 4.67
N CYS A 18 2.37 -6.94 5.58
CA CYS A 18 2.31 -8.07 6.52
C CYS A 18 1.77 -9.32 5.81
N LEU A 19 1.46 -9.21 4.55
CA LEU A 19 0.96 -10.40 3.79
C LEU A 19 2.06 -10.94 2.89
N LEU A 20 3.02 -10.12 2.58
CA LEU A 20 4.14 -10.56 1.70
C LEU A 20 4.93 -11.68 2.38
N ILE A 21 5.06 -11.59 3.67
CA ILE A 21 5.81 -12.64 4.42
C ILE A 21 4.83 -13.64 5.02
N SER A 22 3.80 -13.14 5.62
CA SER A 22 2.81 -14.05 6.23
C SER A 22 2.41 -15.14 5.22
N TYR A 23 2.12 -14.78 4.01
CA TYR A 23 1.75 -15.84 3.02
C TYR A 23 2.96 -16.73 2.71
N THR A 24 4.11 -16.16 2.47
CA THR A 24 5.28 -17.03 2.14
C THR A 24 5.56 -18.01 3.29
N THR A 25 5.67 -17.54 4.51
CA THR A 25 5.94 -18.52 5.62
C THR A 25 5.44 -18.07 7.00
N ASN A 26 5.90 -16.96 7.50
CA ASN A 26 5.48 -16.53 8.87
C ASN A 26 3.96 -16.58 9.03
N LYS A 27 3.23 -16.46 7.95
CA LYS A 27 1.72 -16.51 8.00
C LYS A 27 1.16 -16.01 9.34
N PHE A 28 -0.03 -16.41 9.69
CA PHE A 28 -0.63 -15.93 10.96
C PHE A 28 -1.09 -17.10 11.85
N PRO A 29 -0.13 -17.86 12.30
CA PRO A 29 -0.41 -19.03 13.17
C PRO A 29 -0.27 -18.62 14.64
N SER A 30 0.90 -18.82 15.22
CA SER A 30 1.12 -18.45 16.65
C SER A 30 2.61 -18.50 16.99
N GLU A 31 3.43 -17.74 16.31
CA GLU A 31 4.88 -17.75 16.60
C GLU A 31 5.45 -16.37 16.30
N TYR A 32 6.71 -16.19 16.53
CA TYR A 32 7.34 -14.87 16.27
C TYR A 32 8.50 -15.00 15.27
N VAL A 33 8.52 -14.15 14.28
CA VAL A 33 9.60 -14.19 13.27
C VAL A 33 10.14 -12.78 13.03
N PRO A 34 11.25 -12.70 12.34
CA PRO A 34 11.85 -11.38 12.02
C PRO A 34 10.98 -10.68 10.97
N THR A 35 10.09 -9.82 11.39
CA THR A 35 9.19 -9.14 10.40
C THR A 35 9.14 -7.63 10.66
N VAL A 36 8.66 -6.90 9.68
CA VAL A 36 8.55 -5.41 9.75
C VAL A 36 9.92 -4.78 9.47
N PHE A 37 10.89 -5.59 9.15
CA PHE A 37 12.23 -5.06 8.83
C PHE A 37 12.07 -3.82 7.98
N ASP A 38 12.63 -2.72 8.40
CA ASP A 38 12.46 -1.49 7.61
C ASP A 38 13.11 -1.60 6.24
N ASN A 39 13.50 -0.50 5.66
CA ASN A 39 14.11 -0.56 4.31
C ASN A 39 15.06 0.61 4.05
N TYR A 40 15.36 0.84 2.81
CA TYR A 40 16.31 1.93 2.48
C TYR A 40 15.76 2.81 1.35
N ALA A 41 16.55 3.72 0.88
CA ALA A 41 16.11 4.62 -0.21
C ALA A 41 17.35 5.16 -0.92
N VAL A 42 17.35 5.25 -2.22
CA VAL A 42 18.55 5.76 -2.93
C VAL A 42 18.21 6.14 -4.36
N THR A 43 19.19 6.53 -5.12
CA THR A 43 18.94 6.89 -6.54
C THR A 43 19.79 6.02 -7.46
N VAL A 44 19.27 5.67 -8.60
CA VAL A 44 20.05 4.82 -9.54
C VAL A 44 20.39 5.67 -10.77
N MET A 45 21.32 5.21 -11.54
CA MET A 45 21.71 5.95 -12.77
C MET A 45 22.21 4.95 -13.80
N ILE A 46 21.42 4.64 -14.80
CA ILE A 46 21.85 3.63 -15.80
C ILE A 46 21.79 4.21 -17.22
N GLY A 47 22.83 4.08 -17.98
CA GLY A 47 22.83 4.61 -19.38
C GLY A 47 22.13 5.97 -19.42
N GLY A 48 22.14 6.70 -18.34
CA GLY A 48 21.47 8.03 -18.33
C GLY A 48 20.06 7.91 -17.77
N GLU A 49 19.82 6.99 -16.88
CA GLU A 49 18.47 6.86 -16.31
C GLU A 49 18.50 7.04 -14.79
N PRO A 50 18.24 8.24 -14.38
CA PRO A 50 18.23 8.57 -12.93
C PRO A 50 16.96 8.04 -12.25
N TYR A 51 17.07 7.60 -11.03
CA TYR A 51 15.88 7.10 -10.30
C TYR A 51 15.78 7.83 -8.96
N THR A 52 14.68 8.48 -8.71
CA THR A 52 14.54 9.21 -7.42
C THR A 52 13.55 8.49 -6.52
N LEU A 53 13.98 7.68 -5.60
CA LEU A 53 12.97 7.00 -4.76
C LEU A 53 13.53 6.63 -3.40
N GLY A 54 12.67 6.12 -2.58
CA GLY A 54 13.06 5.70 -1.21
C GLY A 54 11.88 4.97 -0.57
N LEU A 55 12.12 3.88 0.09
CA LEU A 55 10.99 3.17 0.73
C LEU A 55 11.36 2.83 2.18
N PHE A 56 10.44 3.05 3.07
CA PHE A 56 10.69 2.74 4.50
C PHE A 56 9.48 2.00 5.07
N ASP A 57 9.63 1.28 6.14
CA ASP A 57 8.48 0.54 6.70
C ASP A 57 8.25 0.94 8.16
N THR A 58 7.17 0.52 8.77
CA THR A 58 6.94 0.91 10.20
C THR A 58 8.22 0.72 11.04
N ALA A 59 8.14 0.96 12.31
CA ALA A 59 9.36 0.82 13.17
C ALA A 59 8.97 0.29 14.55
N GLY A 60 8.66 -0.97 14.65
CA GLY A 60 8.29 -1.54 15.97
C GLY A 60 9.49 -1.47 16.92
N GLN A 61 10.66 -1.24 16.38
CA GLN A 61 11.86 -1.16 17.26
C GLN A 61 12.87 -0.12 16.74
N GLU A 62 12.76 0.31 15.52
CA GLU A 62 13.73 1.33 15.01
C GLU A 62 13.60 2.61 15.83
N ASP A 63 12.39 3.06 15.99
CA ASP A 63 12.15 4.30 16.79
C ASP A 63 10.99 4.07 17.75
N TYR A 64 10.43 2.89 17.75
CA TYR A 64 9.27 2.58 18.65
C TYR A 64 8.10 3.42 18.20
N ASP A 65 7.97 3.56 16.91
CA ASP A 65 6.89 4.37 16.33
C ASP A 65 6.29 3.66 15.12
N ARG A 66 5.54 2.61 15.34
CA ARG A 66 4.93 1.90 14.18
C ARG A 66 3.61 2.61 13.83
N LEU A 67 2.97 3.18 14.81
CA LEU A 67 1.67 3.88 14.55
C LEU A 67 1.90 5.35 14.16
N ARG A 68 3.01 5.94 14.56
CA ARG A 68 3.24 7.37 14.22
C ARG A 68 4.36 7.60 13.18
N PRO A 69 4.83 6.57 12.50
CA PRO A 69 5.91 6.77 11.50
C PRO A 69 5.35 7.45 10.25
N LEU A 70 4.09 7.75 10.25
CA LEU A 70 3.47 8.40 9.06
C LEU A 70 3.26 9.91 9.31
N SER A 71 2.04 10.35 9.37
CA SER A 71 1.78 11.80 9.61
C SER A 71 2.73 12.66 8.79
N TYR A 72 2.93 12.33 7.55
CA TYR A 72 3.84 13.16 6.69
C TYR A 72 3.57 12.90 5.20
N PRO A 73 4.23 13.65 4.35
CA PRO A 73 3.99 13.51 2.88
C PRO A 73 4.38 12.10 2.41
N GLN A 74 5.54 11.91 1.83
CA GLN A 74 5.89 10.55 1.36
C GLN A 74 4.77 10.05 0.44
N THR A 75 4.88 10.29 -0.84
CA THR A 75 3.81 9.88 -1.77
C THR A 75 4.36 9.31 -3.08
N ASP A 76 4.64 8.04 -3.11
CA ASP A 76 5.11 7.38 -4.36
C ASP A 76 3.99 6.47 -4.81
N VAL A 77 3.84 5.40 -4.09
CA VAL A 77 2.75 4.44 -4.43
C VAL A 77 2.15 3.89 -3.16
N PHE A 78 0.92 4.23 -2.90
CA PHE A 78 0.27 3.71 -1.67
C PHE A 78 -0.39 2.37 -1.99
N LEU A 79 -0.10 1.36 -1.23
CA LEU A 79 -0.69 0.02 -1.50
C LEU A 79 -1.86 -0.22 -0.56
N VAL A 80 -3.05 0.01 -1.01
CA VAL A 80 -4.24 -0.18 -0.13
C VAL A 80 -5.00 -1.43 -0.56
N CYS A 81 -5.66 -2.08 0.36
CA CYS A 81 -6.40 -3.31 -0.03
C CYS A 81 -7.82 -3.30 0.55
N PHE A 82 -8.81 -3.31 -0.29
CA PHE A 82 -10.22 -3.30 0.22
C PHE A 82 -11.03 -4.46 -0.40
N SER A 83 -12.18 -4.76 0.14
CA SER A 83 -12.97 -5.92 -0.40
C SER A 83 -13.71 -5.54 -1.69
N VAL A 84 -14.07 -6.53 -2.48
CA VAL A 84 -14.79 -6.26 -3.75
C VAL A 84 -16.21 -6.85 -3.67
N VAL A 85 -16.58 -7.41 -2.55
CA VAL A 85 -17.95 -7.98 -2.41
C VAL A 85 -18.82 -7.06 -1.55
N SER A 86 -18.66 -5.78 -1.72
CA SER A 86 -19.45 -4.79 -0.94
C SER A 86 -20.36 -4.01 -1.90
N PRO A 87 -21.25 -3.21 -1.37
CA PRO A 87 -22.17 -2.44 -2.24
C PRO A 87 -21.41 -1.37 -3.02
N SER A 88 -20.79 -1.76 -4.10
CA SER A 88 -20.02 -0.81 -4.95
C SER A 88 -19.31 0.23 -4.08
N SER A 89 -18.77 -0.18 -2.96
CA SER A 89 -18.07 0.79 -2.08
C SER A 89 -16.86 1.41 -2.80
N PHE A 90 -16.15 0.63 -3.57
CA PHE A 90 -14.96 1.18 -4.28
C PHE A 90 -15.29 2.50 -4.98
N GLU A 91 -16.46 2.61 -5.54
CA GLU A 91 -16.83 3.88 -6.24
C GLU A 91 -16.78 5.07 -5.28
N ASN A 92 -17.18 4.88 -4.06
CA ASN A 92 -17.15 6.00 -3.09
C ASN A 92 -15.71 6.37 -2.76
N VAL A 93 -14.77 5.49 -3.03
CA VAL A 93 -13.35 5.81 -2.75
C VAL A 93 -12.73 6.49 -3.97
N LYS A 94 -13.44 6.52 -5.06
CA LYS A 94 -12.93 7.20 -6.28
C LYS A 94 -13.43 8.63 -6.27
N GLU A 95 -14.53 8.84 -5.62
CA GLU A 95 -15.11 10.20 -5.50
C GLU A 95 -14.63 10.86 -4.22
N LYS A 96 -13.79 10.19 -3.46
CA LYS A 96 -13.32 10.79 -2.18
C LYS A 96 -11.85 11.19 -2.26
N TRP A 97 -11.00 10.31 -2.70
CA TRP A 97 -9.54 10.64 -2.77
C TRP A 97 -9.16 11.28 -4.10
N VAL A 98 -9.80 10.91 -5.18
CA VAL A 98 -9.43 11.53 -6.49
C VAL A 98 -9.90 12.99 -6.55
N PRO A 99 -11.15 13.21 -6.23
CA PRO A 99 -11.68 14.60 -6.27
C PRO A 99 -11.07 15.42 -5.12
N GLU A 100 -10.40 14.76 -4.21
CA GLU A 100 -9.77 15.48 -3.07
C GLU A 100 -8.69 16.44 -3.56
N ILE A 101 -7.80 15.99 -4.40
CA ILE A 101 -6.72 16.90 -4.90
C ILE A 101 -5.85 16.18 -5.94
N THR A 102 -5.72 14.88 -5.82
CA THR A 102 -4.89 14.13 -6.80
C THR A 102 -5.50 14.27 -8.19
N HIS A 103 -6.70 14.77 -8.28
CA HIS A 103 -7.33 14.93 -9.62
C HIS A 103 -6.44 15.75 -10.55
N HIS A 104 -5.74 16.72 -10.02
CA HIS A 104 -4.87 17.54 -10.91
C HIS A 104 -3.68 18.13 -10.14
N CYS A 105 -3.43 17.71 -8.92
CA CYS A 105 -2.26 18.27 -8.19
C CYS A 105 -1.18 17.19 -7.96
N PRO A 106 -1.33 16.37 -6.94
CA PRO A 106 -0.31 15.31 -6.68
C PRO A 106 -0.39 14.16 -7.68
N LYS A 107 -1.52 13.95 -8.30
CA LYS A 107 -1.62 12.82 -9.27
C LYS A 107 -1.01 11.56 -8.67
N THR A 108 -1.29 11.30 -7.41
CA THR A 108 -0.72 10.09 -6.75
C THR A 108 -1.30 8.82 -7.37
N PRO A 109 -0.45 7.85 -7.55
CA PRO A 109 -0.88 6.55 -8.13
C PRO A 109 -1.72 5.78 -7.11
N PHE A 110 -2.90 5.39 -7.50
CA PHE A 110 -3.78 4.64 -6.58
C PHE A 110 -3.72 3.14 -6.90
N LEU A 111 -2.97 2.40 -6.14
CA LEU A 111 -2.90 0.94 -6.40
C LEU A 111 -4.17 0.32 -5.87
N LEU A 112 -5.10 0.12 -6.75
CA LEU A 112 -6.41 -0.47 -6.35
C LEU A 112 -6.30 -1.97 -6.21
N VAL A 113 -6.44 -2.48 -5.01
CA VAL A 113 -6.31 -3.94 -4.80
C VAL A 113 -7.59 -4.54 -4.23
N GLY A 114 -7.57 -5.80 -3.92
CA GLY A 114 -8.78 -6.47 -3.36
C GLY A 114 -8.34 -7.56 -2.38
N THR A 115 -8.40 -7.30 -1.10
CA THR A 115 -7.98 -8.33 -0.10
C THR A 115 -9.19 -9.06 0.49
N GLN A 116 -8.95 -10.02 1.35
CA GLN A 116 -10.09 -10.79 1.94
C GLN A 116 -10.88 -11.46 0.83
N ILE A 117 -10.24 -11.78 -0.25
CA ILE A 117 -10.96 -12.42 -1.39
C ILE A 117 -11.17 -13.91 -1.13
N ASP A 118 -10.49 -14.45 -0.15
CA ASP A 118 -10.55 -15.93 0.17
C ASP A 118 -11.98 -16.40 0.33
N LEU A 119 -12.72 -16.23 -0.70
CA LEU A 119 -14.16 -16.64 -0.74
C LEU A 119 -14.79 -15.96 -1.96
N ARG A 120 -14.24 -14.83 -2.33
CA ARG A 120 -14.76 -14.10 -3.51
C ARG A 120 -14.83 -15.05 -4.69
N ASP A 121 -13.97 -16.04 -4.73
CA ASP A 121 -14.01 -17.01 -5.86
C ASP A 121 -15.37 -17.71 -5.89
N ASP A 122 -16.01 -17.81 -4.78
CA ASP A 122 -17.35 -18.46 -4.74
C ASP A 122 -18.45 -17.42 -4.89
N PRO A 123 -19.28 -17.64 -5.89
CA PRO A 123 -20.41 -16.70 -6.16
C PRO A 123 -21.58 -16.93 -5.19
N SER A 124 -21.32 -17.48 -4.03
CA SER A 124 -22.43 -17.72 -3.05
C SER A 124 -22.47 -16.61 -2.02
N THR A 125 -21.38 -16.29 -1.42
CA THR A 125 -21.38 -15.16 -0.46
C THR A 125 -21.51 -13.92 -1.31
N ILE A 126 -20.99 -14.03 -2.50
CA ILE A 126 -21.07 -12.94 -3.50
C ILE A 126 -22.55 -12.55 -3.60
N GLU A 127 -23.41 -13.48 -3.31
CA GLU A 127 -24.88 -13.21 -3.35
C GLU A 127 -25.20 -11.94 -2.57
N LYS A 128 -24.41 -11.63 -1.57
CA LYS A 128 -24.67 -10.41 -0.75
C LYS A 128 -24.57 -9.15 -1.60
N LEU A 129 -23.79 -9.15 -2.63
CA LEU A 129 -23.68 -7.92 -3.47
C LEU A 129 -25.02 -7.61 -4.13
N ALA A 130 -25.66 -8.62 -4.65
CA ALA A 130 -26.97 -8.42 -5.32
C ALA A 130 -27.97 -7.78 -4.37
N LYS A 131 -27.85 -8.02 -3.09
CA LYS A 131 -28.81 -7.40 -2.15
C LYS A 131 -28.63 -5.88 -2.17
N ASN A 132 -27.53 -5.41 -2.71
CA ASN A 132 -27.31 -3.94 -2.77
C ASN A 132 -26.98 -3.49 -4.19
N LYS A 133 -26.18 -4.25 -4.89
CA LYS A 133 -25.83 -3.88 -6.29
C LYS A 133 -25.55 -5.13 -7.10
N GLN A 134 -26.06 -5.17 -8.29
CA GLN A 134 -25.85 -6.36 -9.16
C GLN A 134 -24.49 -6.27 -9.86
N LYS A 135 -23.84 -5.13 -9.76
CA LYS A 135 -22.52 -4.99 -10.44
C LYS A 135 -21.38 -4.90 -9.42
N PRO A 136 -20.74 -6.02 -9.22
CA PRO A 136 -19.58 -6.11 -8.30
C PRO A 136 -18.37 -5.40 -8.91
N ILE A 137 -17.37 -5.06 -8.13
CA ILE A 137 -16.19 -4.38 -8.73
C ILE A 137 -15.30 -5.42 -9.42
N THR A 138 -15.16 -5.31 -10.71
CA THR A 138 -14.32 -6.27 -11.47
C THR A 138 -13.21 -5.49 -12.19
N PRO A 139 -12.28 -6.21 -12.78
CA PRO A 139 -11.16 -5.53 -13.48
C PRO A 139 -11.65 -4.79 -14.73
N GLU A 140 -12.83 -5.09 -15.21
CA GLU A 140 -13.33 -4.35 -16.41
C GLU A 140 -13.86 -2.99 -15.98
N THR A 141 -14.27 -2.88 -14.75
CA THR A 141 -14.79 -1.59 -14.24
C THR A 141 -13.67 -0.85 -13.50
N ALA A 142 -12.83 -1.59 -12.84
CA ALA A 142 -11.70 -0.95 -12.09
C ALA A 142 -10.64 -0.42 -13.03
N GLU A 143 -10.35 -1.14 -14.07
CA GLU A 143 -9.33 -0.66 -15.04
C GLU A 143 -9.78 0.65 -15.67
N LYS A 144 -11.00 0.68 -16.16
CA LYS A 144 -11.50 1.92 -16.77
C LYS A 144 -11.52 3.01 -15.70
N LEU A 145 -11.94 2.67 -14.50
CA LEU A 145 -11.96 3.67 -13.42
C LEU A 145 -10.55 4.20 -13.20
N ALA A 146 -9.60 3.32 -13.15
CA ALA A 146 -8.19 3.74 -12.94
C ALA A 146 -7.76 4.66 -14.07
N ARG A 147 -8.01 4.27 -15.28
CA ARG A 147 -7.63 5.15 -16.42
C ARG A 147 -8.56 6.36 -16.46
N ASP A 148 -9.64 6.31 -15.73
CA ASP A 148 -10.61 7.45 -15.72
C ASP A 148 -10.01 8.66 -15.00
N LEU A 149 -8.93 8.49 -14.29
CA LEU A 149 -8.31 9.65 -13.59
C LEU A 149 -6.79 9.46 -13.50
N LYS A 150 -6.24 8.73 -14.42
CA LYS A 150 -4.77 8.51 -14.45
C LYS A 150 -4.31 7.76 -13.21
N ALA A 151 -5.11 6.84 -12.77
CA ALA A 151 -4.71 6.04 -11.58
C ALA A 151 -3.56 5.13 -12.00
N VAL A 152 -3.35 4.03 -11.34
CA VAL A 152 -2.23 3.15 -11.74
C VAL A 152 -2.75 1.77 -12.17
N LYS A 153 -3.37 1.01 -11.29
CA LYS A 153 -3.89 -0.32 -11.73
C LYS A 153 -4.76 -0.97 -10.64
N TYR A 154 -5.64 -1.85 -11.05
CA TYR A 154 -6.50 -2.56 -10.05
C TYR A 154 -6.03 -4.01 -9.94
N VAL A 155 -5.30 -4.31 -8.90
CA VAL A 155 -4.78 -5.71 -8.74
C VAL A 155 -5.54 -6.41 -7.60
N GLU A 156 -5.08 -7.57 -7.20
CA GLU A 156 -5.78 -8.29 -6.11
C GLU A 156 -4.80 -9.19 -5.34
N CYS A 157 -4.85 -9.13 -4.03
CA CYS A 157 -3.96 -9.97 -3.20
C CYS A 157 -4.63 -10.21 -1.86
N SER A 158 -4.26 -11.24 -1.16
CA SER A 158 -4.88 -11.52 0.16
C SER A 158 -3.77 -11.97 1.11
N ALA A 159 -4.01 -11.98 2.39
CA ALA A 159 -2.91 -12.37 3.33
C ALA A 159 -2.43 -13.81 3.11
N LEU A 160 -3.29 -14.78 3.23
CA LEU A 160 -2.81 -16.20 3.06
C LEU A 160 -3.54 -16.94 1.92
N THR A 161 -4.41 -16.29 1.19
CA THR A 161 -5.15 -17.03 0.12
C THR A 161 -4.63 -16.75 -1.30
N GLN A 162 -4.42 -15.51 -1.67
CA GLN A 162 -3.95 -15.20 -3.06
C GLN A 162 -2.41 -15.15 -3.14
N LYS A 163 -1.79 -14.51 -2.20
CA LYS A 163 -0.29 -14.40 -2.23
C LYS A 163 0.13 -13.60 -3.46
N GLY A 164 -0.71 -12.71 -3.91
CA GLY A 164 -0.38 -11.89 -5.10
C GLY A 164 -0.13 -10.45 -4.65
N LEU A 165 0.06 -10.25 -3.37
CA LEU A 165 0.32 -8.88 -2.87
C LEU A 165 1.70 -8.38 -3.32
N LYS A 166 2.44 -9.21 -4.00
CA LYS A 166 3.79 -8.79 -4.49
C LYS A 166 3.67 -8.18 -5.88
N ASN A 167 2.64 -8.53 -6.62
CA ASN A 167 2.48 -7.96 -7.98
C ASN A 167 1.77 -6.61 -7.87
N VAL A 168 0.86 -6.48 -6.95
CA VAL A 168 0.14 -5.19 -6.80
C VAL A 168 1.11 -4.05 -6.51
N PHE A 169 2.12 -4.32 -5.70
CA PHE A 169 3.09 -3.24 -5.35
C PHE A 169 4.13 -3.03 -6.46
N ASP A 170 4.67 -4.08 -7.02
CA ASP A 170 5.70 -3.88 -8.09
C ASP A 170 5.18 -2.94 -9.18
N GLU A 171 3.96 -3.12 -9.61
CA GLU A 171 3.40 -2.24 -10.68
C GLU A 171 3.37 -0.78 -10.26
N ALA A 172 2.99 -0.52 -9.04
CA ALA A 172 2.92 0.90 -8.57
C ALA A 172 4.27 1.60 -8.74
N ILE A 173 5.36 0.91 -8.61
CA ILE A 173 6.66 1.59 -8.81
C ILE A 173 6.71 2.13 -10.24
N LEU A 174 6.31 1.33 -11.19
CA LEU A 174 6.31 1.79 -12.60
C LEU A 174 5.21 2.83 -12.81
N ALA A 175 4.23 2.84 -11.95
CA ALA A 175 3.11 3.81 -12.10
C ALA A 175 3.34 5.05 -11.24
N ALA A 176 4.34 5.04 -10.40
CA ALA A 176 4.59 6.23 -9.54
C ALA A 176 5.45 7.28 -10.26
N LEU A 177 6.36 6.87 -11.10
CA LEU A 177 7.20 7.88 -11.82
C LEU A 177 6.66 8.08 -13.24
N GLU A 178 5.76 7.24 -13.66
CA GLU A 178 5.20 7.40 -15.03
C GLU A 178 4.76 8.85 -15.23
N GLY B 1 7.16 7.47 -19.55
CA GLY B 1 8.25 7.42 -18.54
C GLY B 1 9.49 6.76 -19.15
N SER B 2 10.66 7.19 -18.78
CA SER B 2 11.89 6.58 -19.35
C SER B 2 12.23 5.25 -18.65
N LYS B 3 11.25 4.48 -18.28
CA LYS B 3 11.54 3.19 -17.62
C LYS B 3 12.36 2.31 -18.56
N GLU B 4 13.63 2.26 -18.36
CA GLU B 4 14.49 1.45 -19.27
C GLU B 4 15.01 0.19 -18.57
N ARG B 5 15.46 -0.77 -19.33
CA ARG B 5 15.99 -2.02 -18.74
C ARG B 5 17.34 -1.69 -18.04
N PRO B 6 18.32 -2.57 -18.09
CA PRO B 6 19.62 -2.25 -17.44
C PRO B 6 20.40 -1.22 -18.26
N GLU B 7 19.80 -0.68 -19.29
CA GLU B 7 20.50 0.34 -20.13
C GLU B 7 21.93 -0.07 -20.38
N ILE B 8 22.81 0.89 -20.54
CA ILE B 8 24.24 0.55 -20.78
C ILE B 8 25.04 0.70 -19.47
N SER B 9 25.73 1.79 -19.28
CA SER B 9 26.53 1.95 -18.03
C SER B 9 25.64 2.32 -16.85
N LEU B 10 26.02 1.97 -15.64
CA LEU B 10 25.15 2.34 -14.49
C LEU B 10 25.88 2.21 -13.15
N PRO B 11 26.36 3.32 -12.65
CA PRO B 11 27.04 3.34 -11.34
C PRO B 11 25.99 3.23 -10.24
N SER B 12 26.11 2.26 -9.37
CA SER B 12 25.09 2.12 -8.30
C SER B 12 25.53 2.85 -7.02
N ASP B 13 24.62 3.04 -6.10
CA ASP B 13 24.96 3.74 -4.82
C ASP B 13 24.13 3.13 -3.68
N PHE B 14 24.35 3.53 -2.47
CA PHE B 14 23.54 2.94 -1.36
C PHE B 14 23.34 3.94 -0.22
N GLU B 15 22.24 3.82 0.47
CA GLU B 15 21.95 4.74 1.61
C GLU B 15 20.73 4.24 2.39
N HIS B 16 20.87 3.91 3.64
CA HIS B 16 19.69 3.40 4.40
C HIS B 16 19.93 3.46 5.93
N THR B 17 18.87 3.51 6.70
CA THR B 17 19.04 3.51 8.17
C THR B 17 17.70 3.26 8.86
N ILE B 18 17.44 2.03 9.21
CA ILE B 18 16.16 1.67 9.90
C ILE B 18 16.22 0.19 10.36
N HIS B 19 15.32 -0.26 11.21
CA HIS B 19 15.41 -1.69 11.63
C HIS B 19 14.05 -2.36 11.88
N VAL B 20 14.05 -3.68 11.84
CA VAL B 20 12.81 -4.47 12.08
C VAL B 20 12.38 -4.37 13.54
N GLY B 21 11.09 -4.38 13.79
CA GLY B 21 10.59 -4.30 15.19
C GLY B 21 9.31 -5.12 15.28
N PHE B 22 8.97 -5.59 16.45
CA PHE B 22 7.71 -6.40 16.60
C PHE B 22 7.78 -7.65 15.70
N ASP B 23 8.26 -8.75 16.24
CA ASP B 23 8.38 -10.01 15.46
C ASP B 23 7.02 -10.50 14.94
N ALA B 24 7.04 -11.30 13.90
CA ALA B 24 5.77 -11.84 13.34
C ALA B 24 4.70 -10.77 13.24
N VAL B 25 5.06 -9.62 12.78
CA VAL B 25 4.05 -8.55 12.64
C VAL B 25 3.81 -8.28 11.15
N THR B 26 4.85 -8.38 10.37
CA THR B 26 4.71 -8.19 8.90
C THR B 26 4.69 -9.56 8.22
N GLY B 27 4.66 -10.61 9.00
CA GLY B 27 4.63 -11.98 8.43
C GLY B 27 3.41 -12.70 8.99
N GLU B 28 2.43 -11.94 9.39
CA GLU B 28 1.20 -12.54 9.97
C GLU B 28 0.08 -11.54 9.85
N PHE B 29 -1.04 -11.97 9.39
CA PHE B 29 -2.20 -11.06 9.23
C PHE B 29 -3.29 -11.39 10.24
N THR B 30 -3.58 -10.44 11.07
CA THR B 30 -4.63 -10.63 12.10
C THR B 30 -5.41 -9.33 12.30
N GLY B 31 -6.58 -9.39 12.89
CA GLY B 31 -7.37 -8.14 13.11
C GLY B 31 -7.37 -7.29 11.84
N ILE B 32 -7.78 -6.05 11.96
CA ILE B 32 -7.82 -5.16 10.75
C ILE B 32 -7.42 -3.72 11.13
N PRO B 33 -6.28 -3.61 11.76
CA PRO B 33 -5.77 -2.27 12.21
C PRO B 33 -5.23 -1.47 11.01
N GLU B 34 -5.07 -0.19 11.18
CA GLU B 34 -4.54 0.65 10.06
C GLU B 34 -3.37 -0.06 9.39
N GLN B 35 -3.11 0.24 8.15
CA GLN B 35 -1.98 -0.45 7.46
C GLN B 35 -0.64 -0.03 8.05
N TRP B 36 -0.29 1.20 7.88
CA TRP B 36 1.00 1.73 8.40
C TRP B 36 0.91 3.25 8.43
N ALA B 37 -0.29 3.73 8.44
CA ALA B 37 -0.54 5.20 8.46
C ALA B 37 -1.92 5.46 9.06
N ARG B 38 -1.98 5.71 10.34
CA ARG B 38 -3.29 6.00 10.99
C ARG B 38 -3.51 7.50 10.91
N LEU B 39 -3.26 8.02 9.75
CA LEU B 39 -3.39 9.49 9.52
C LEU B 39 -4.75 10.02 9.99
N LEU B 40 -5.73 9.17 10.11
CA LEU B 40 -7.07 9.67 10.57
C LEU B 40 -7.07 9.86 12.10
N GLN B 41 -5.93 9.76 12.70
CA GLN B 41 -5.77 9.94 14.18
C GLN B 41 -6.33 8.74 14.95
N THR B 42 -7.18 7.96 14.35
CA THR B 42 -7.72 6.79 15.08
C THR B 42 -7.69 5.56 14.18
N SER B 43 -8.11 4.44 14.68
CA SER B 43 -8.12 3.20 13.87
C SER B 43 -9.51 3.06 13.23
N ASN B 44 -10.29 4.11 13.23
CA ASN B 44 -11.66 4.05 12.65
C ASN B 44 -11.62 4.29 11.13
N ILE B 45 -11.98 3.31 10.35
CA ILE B 45 -11.97 3.49 8.87
C ILE B 45 -13.12 4.43 8.47
N THR B 46 -14.29 4.20 9.02
CA THR B 46 -15.44 5.05 8.67
C THR B 46 -15.06 6.53 8.79
N MET A 1 7.74 14.06 -11.28
CA MET A 1 8.62 14.04 -10.07
C MET A 1 9.03 12.61 -9.74
N GLN A 2 10.30 12.29 -9.89
CA GLN A 2 10.77 10.90 -9.57
C GLN A 2 10.92 10.77 -8.07
N THR A 3 11.57 11.72 -7.45
CA THR A 3 11.74 11.70 -5.98
C THR A 3 10.44 11.22 -5.33
N ILE A 4 10.32 9.95 -5.09
CA ILE A 4 9.06 9.46 -4.49
C ILE A 4 9.32 8.48 -3.35
N LYS A 5 8.43 8.47 -2.40
CA LYS A 5 8.56 7.52 -1.27
C LYS A 5 7.27 6.74 -1.13
N CYS A 6 7.36 5.44 -1.26
CA CYS A 6 6.13 4.61 -1.16
C CYS A 6 5.91 4.20 0.30
N VAL A 7 4.69 4.30 0.76
CA VAL A 7 4.39 3.96 2.17
C VAL A 7 3.02 3.31 2.28
N VAL A 8 2.77 2.58 3.32
CA VAL A 8 1.47 1.90 3.49
C VAL A 8 0.32 2.91 3.62
N VAL A 9 -0.78 2.68 2.94
CA VAL A 9 -1.94 3.60 3.01
C VAL A 9 -3.24 2.79 2.92
N GLY A 10 -4.38 3.44 2.83
CA GLY A 10 -5.66 2.68 2.74
C GLY A 10 -6.64 3.17 3.82
N ASP A 11 -7.19 2.25 4.57
CA ASP A 11 -8.14 2.65 5.66
C ASP A 11 -7.45 2.51 7.01
N GLY A 12 -6.15 2.54 7.02
CA GLY A 12 -5.40 2.39 8.30
C GLY A 12 -4.88 0.95 8.38
N ALA A 13 -3.69 0.71 7.89
CA ALA A 13 -3.14 -0.68 7.93
C ALA A 13 -1.64 -0.65 8.24
N VAL A 14 -1.25 -0.82 9.48
CA VAL A 14 0.20 -0.80 9.81
C VAL A 14 0.81 -2.17 9.53
N GLY A 15 1.93 -2.21 8.89
CA GLY A 15 2.57 -3.52 8.60
C GLY A 15 2.26 -3.97 7.17
N LYS A 16 1.55 -3.19 6.41
CA LYS A 16 1.21 -3.61 5.01
C LYS A 16 2.47 -4.05 4.26
N THR A 17 3.53 -3.30 4.30
CA THR A 17 4.75 -3.73 3.57
C THR A 17 5.25 -5.06 4.15
N CYS A 18 5.04 -5.28 5.42
CA CYS A 18 5.51 -6.56 6.01
C CYS A 18 4.65 -7.69 5.46
N LEU A 19 3.55 -7.39 4.81
CA LEU A 19 2.74 -8.48 4.23
C LEU A 19 3.53 -9.05 3.07
N LEU A 20 4.31 -8.21 2.44
CA LEU A 20 5.17 -8.68 1.31
C LEU A 20 5.89 -9.92 1.81
N ILE A 21 6.34 -9.87 3.03
CA ILE A 21 7.01 -11.05 3.66
C ILE A 21 6.00 -12.15 3.84
N SER A 22 4.81 -11.78 4.16
CA SER A 22 3.75 -12.79 4.36
C SER A 22 3.55 -13.60 3.08
N TYR A 23 3.55 -12.97 1.93
CA TYR A 23 3.38 -13.73 0.67
C TYR A 23 4.67 -14.51 0.41
N THR A 24 5.68 -14.28 1.19
CA THR A 24 6.95 -15.03 0.99
C THR A 24 7.14 -16.05 2.11
N THR A 25 6.91 -15.71 3.36
CA THR A 25 7.13 -16.76 4.40
C THR A 25 6.54 -16.44 5.79
N ASN A 26 7.02 -15.45 6.49
CA ASN A 26 6.49 -15.20 7.85
C ASN A 26 5.15 -14.47 7.86
N LYS A 27 4.23 -14.88 7.04
CA LYS A 27 2.89 -14.21 7.02
C LYS A 27 2.23 -14.23 8.40
N PHE A 28 1.02 -14.72 8.50
CA PHE A 28 0.33 -14.71 9.83
C PHE A 28 0.20 -16.12 10.50
N PRO A 29 1.32 -16.81 10.68
CA PRO A 29 1.28 -18.13 11.36
C PRO A 29 1.60 -17.96 12.87
N SER A 30 2.80 -18.33 13.30
CA SER A 30 3.15 -18.17 14.75
C SER A 30 4.66 -18.39 14.99
N GLU A 31 5.49 -17.51 14.51
CA GLU A 31 6.95 -17.64 14.73
C GLU A 31 7.56 -16.25 14.82
N TYR A 32 8.84 -16.15 14.90
CA TYR A 32 9.47 -14.80 15.01
C TYR A 32 10.48 -14.55 13.90
N VAL A 33 10.47 -13.35 13.36
CA VAL A 33 11.40 -13.00 12.27
C VAL A 33 11.71 -11.50 12.37
N PRO A 34 12.96 -11.14 12.28
CA PRO A 34 13.34 -9.71 12.38
C PRO A 34 12.95 -8.96 11.10
N THR A 35 11.76 -8.44 11.05
CA THR A 35 11.29 -7.67 9.87
C THR A 35 10.14 -6.76 10.29
N VAL A 36 10.38 -5.49 10.48
CA VAL A 36 9.26 -4.61 10.93
C VAL A 36 9.51 -3.13 10.57
N PHE A 37 9.99 -2.37 11.51
CA PHE A 37 10.25 -0.92 11.26
C PHE A 37 11.45 -0.75 10.33
N ASP A 38 11.26 -0.02 9.26
CA ASP A 38 12.39 0.18 8.32
C ASP A 38 12.14 1.40 7.43
N ASN A 39 13.04 1.66 6.51
CA ASN A 39 12.85 2.83 5.61
C ASN A 39 13.86 2.73 4.46
N TYR A 40 13.42 2.32 3.30
CA TYR A 40 14.38 2.18 2.17
C TYR A 40 14.42 3.46 1.34
N ALA A 41 15.56 3.85 0.88
CA ALA A 41 15.66 5.08 0.04
C ALA A 41 16.96 5.04 -0.78
N VAL A 42 16.88 4.63 -2.01
CA VAL A 42 18.11 4.57 -2.85
C VAL A 42 17.80 4.93 -4.30
N THR A 43 18.77 4.80 -5.14
CA THR A 43 18.56 5.11 -6.58
C THR A 43 19.32 4.10 -7.43
N VAL A 44 18.80 3.75 -8.57
CA VAL A 44 19.50 2.79 -9.46
C VAL A 44 19.77 3.47 -10.78
N MET A 45 20.93 3.31 -11.33
CA MET A 45 21.16 3.97 -12.63
C MET A 45 20.74 3.05 -13.76
N ILE A 46 19.68 3.36 -14.44
CA ILE A 46 19.23 2.45 -15.52
C ILE A 46 19.49 3.11 -16.88
N GLY A 47 20.45 2.60 -17.62
CA GLY A 47 20.76 3.21 -18.94
C GLY A 47 20.93 4.72 -18.78
N GLY A 48 21.35 5.15 -17.62
CA GLY A 48 21.54 6.62 -17.42
C GLY A 48 20.38 7.18 -16.58
N GLU A 49 19.23 6.57 -16.65
CA GLU A 49 18.08 7.07 -15.86
C GLU A 49 18.20 6.65 -14.40
N PRO A 50 18.43 7.62 -13.56
CA PRO A 50 18.56 7.36 -12.10
C PRO A 50 17.19 7.05 -11.50
N TYR A 51 17.08 6.04 -10.69
CA TYR A 51 15.75 5.74 -10.10
C TYR A 51 15.60 6.52 -8.78
N THR A 52 14.43 7.04 -8.53
CA THR A 52 14.22 7.82 -7.28
C THR A 52 13.08 7.21 -6.45
N LEU A 53 13.40 6.40 -5.46
CA LEU A 53 12.30 5.81 -4.64
C LEU A 53 12.75 5.58 -3.20
N GLY A 54 11.82 5.23 -2.36
CA GLY A 54 12.13 4.94 -0.93
C GLY A 54 10.86 4.40 -0.26
N LEU A 55 10.90 3.21 0.29
CA LEU A 55 9.64 2.67 0.92
C LEU A 55 9.92 1.59 1.96
N PHE A 56 9.14 1.55 3.01
CA PHE A 56 9.30 0.45 4.00
C PHE A 56 8.20 0.54 5.06
N ASP A 57 8.10 -0.45 5.91
CA ASP A 57 7.06 -0.42 6.99
C ASP A 57 7.61 0.25 8.25
N THR A 58 6.76 0.76 9.10
CA THR A 58 7.26 1.44 10.34
C THR A 58 6.56 0.91 11.60
N ALA A 59 7.31 0.65 12.64
CA ALA A 59 6.73 0.14 13.93
C ALA A 59 5.93 -1.14 13.68
N GLY A 60 4.95 -1.40 14.50
CA GLY A 60 4.17 -2.65 14.35
C GLY A 60 4.74 -3.69 15.30
N GLN A 61 5.85 -3.39 15.92
CA GLN A 61 6.47 -4.35 16.85
C GLN A 61 7.30 -3.62 17.92
N GLU A 62 8.04 -2.60 17.55
CA GLU A 62 8.83 -1.88 18.58
C GLU A 62 7.88 -1.04 19.44
N ASP A 63 6.94 -0.36 18.82
CA ASP A 63 6.00 0.48 19.60
C ASP A 63 6.75 1.72 20.06
N TYR A 64 7.37 2.39 19.14
CA TYR A 64 8.17 3.60 19.49
C TYR A 64 8.50 4.43 18.24
N ASP A 65 8.07 4.00 17.08
CA ASP A 65 8.35 4.75 15.82
C ASP A 65 8.66 6.23 16.06
N ARG A 66 9.90 6.56 16.26
CA ARG A 66 10.27 7.99 16.47
C ARG A 66 9.72 8.81 15.31
N LEU A 67 9.70 8.22 14.14
CA LEU A 67 9.18 8.92 12.93
C LEU A 67 7.64 8.96 12.93
N ARG A 68 7.01 8.53 13.98
CA ARG A 68 5.51 8.56 13.99
C ARG A 68 4.92 9.96 13.75
N PRO A 69 5.57 11.03 14.18
CA PRO A 69 4.99 12.37 13.93
C PRO A 69 5.11 12.73 12.46
N LEU A 70 4.22 12.26 11.63
CA LEU A 70 4.32 12.59 10.18
C LEU A 70 3.21 13.56 9.76
N SER A 71 2.05 13.43 10.35
CA SER A 71 0.91 14.33 10.00
C SER A 71 0.27 13.89 8.66
N TYR A 72 0.98 13.08 7.87
CA TYR A 72 0.48 12.56 6.55
C TYR A 72 1.14 13.30 5.37
N PRO A 73 1.91 12.56 4.61
CA PRO A 73 2.58 13.15 3.43
C PRO A 73 1.54 13.43 2.33
N GLN A 74 1.89 14.22 1.35
CA GLN A 74 0.89 14.52 0.28
C GLN A 74 1.55 14.52 -1.11
N THR A 75 2.79 14.13 -1.19
CA THR A 75 3.46 14.12 -2.53
C THR A 75 4.39 12.90 -2.63
N ASP A 76 3.85 11.78 -3.02
CA ASP A 76 4.68 10.56 -3.15
C ASP A 76 3.82 9.45 -3.76
N VAL A 77 3.35 8.55 -2.94
CA VAL A 77 2.50 7.44 -3.46
C VAL A 77 1.76 6.79 -2.30
N PHE A 78 0.54 6.37 -2.50
CA PHE A 78 -0.22 5.78 -1.36
C PHE A 78 -0.89 4.44 -1.75
N LEU A 79 -0.54 3.38 -1.07
CA LEU A 79 -1.16 2.06 -1.38
C LEU A 79 -2.40 1.87 -0.50
N VAL A 80 -3.55 2.15 -1.03
CA VAL A 80 -4.79 1.99 -0.22
C VAL A 80 -5.48 0.66 -0.56
N CYS A 81 -6.18 0.09 0.38
CA CYS A 81 -6.87 -1.21 0.12
C CYS A 81 -8.37 -1.11 0.40
N PHE A 82 -9.18 -1.11 -0.64
CA PHE A 82 -10.65 -1.03 -0.44
C PHE A 82 -11.28 -2.43 -0.35
N SER A 83 -12.21 -2.61 0.53
CA SER A 83 -12.89 -3.93 0.62
C SER A 83 -13.91 -4.05 -0.51
N VAL A 84 -14.37 -5.23 -0.80
CA VAL A 84 -15.35 -5.38 -1.91
C VAL A 84 -16.65 -5.96 -1.38
N VAL A 85 -16.63 -6.49 -0.18
CA VAL A 85 -17.87 -7.08 0.41
C VAL A 85 -18.28 -6.28 1.64
N SER A 86 -18.23 -4.99 1.54
CA SER A 86 -18.61 -4.09 2.67
C SER A 86 -19.53 -3.00 2.11
N PRO A 87 -19.66 -1.88 2.81
CA PRO A 87 -20.55 -0.81 2.29
C PRO A 87 -19.91 -0.13 1.09
N SER A 88 -20.69 0.25 0.13
CA SER A 88 -20.11 0.93 -1.06
C SER A 88 -19.52 2.29 -0.64
N SER A 89 -18.37 2.28 -0.02
CA SER A 89 -17.77 3.58 0.42
C SER A 89 -16.61 4.01 -0.48
N PHE A 90 -16.08 3.11 -1.27
CA PHE A 90 -14.94 3.50 -2.15
C PHE A 90 -15.30 4.79 -2.91
N GLU A 91 -16.52 4.91 -3.35
CA GLU A 91 -16.94 6.13 -4.10
C GLU A 91 -16.82 7.36 -3.21
N ASN A 92 -17.07 7.21 -1.93
CA ASN A 92 -16.95 8.39 -1.02
C ASN A 92 -15.48 8.76 -0.83
N VAL A 93 -14.58 7.88 -1.21
CA VAL A 93 -13.13 8.20 -1.06
C VAL A 93 -12.64 8.92 -2.30
N LYS A 94 -13.38 8.83 -3.37
CA LYS A 94 -12.98 9.51 -4.63
C LYS A 94 -13.47 10.95 -4.56
N GLU A 95 -14.62 11.13 -3.97
CA GLU A 95 -15.19 12.50 -3.85
C GLU A 95 -14.58 13.20 -2.64
N LYS A 96 -13.71 12.54 -1.92
CA LYS A 96 -13.11 13.19 -0.71
C LYS A 96 -11.62 13.50 -0.91
N TRP A 97 -10.87 12.52 -1.33
CA TRP A 97 -9.40 12.71 -1.52
C TRP A 97 -9.05 13.33 -2.87
N VAL A 98 -9.57 12.81 -3.94
CA VAL A 98 -9.24 13.39 -5.27
C VAL A 98 -9.51 14.91 -5.27
N PRO A 99 -10.65 15.29 -4.75
CA PRO A 99 -10.99 16.73 -4.69
C PRO A 99 -10.13 17.40 -3.61
N GLU A 100 -9.54 16.64 -2.74
CA GLU A 100 -8.67 17.24 -1.69
C GLU A 100 -7.48 17.95 -2.33
N ILE A 101 -7.21 17.65 -3.58
CA ILE A 101 -6.07 18.29 -4.30
C ILE A 101 -4.73 17.81 -3.74
N THR A 102 -4.05 16.95 -4.45
CA THR A 102 -2.73 16.45 -3.97
C THR A 102 -1.85 17.65 -3.63
N HIS A 103 -1.17 18.17 -4.61
CA HIS A 103 -0.32 19.37 -4.39
C HIS A 103 -0.98 20.57 -5.10
N HIS A 104 -2.05 20.29 -5.79
CA HIS A 104 -2.79 21.34 -6.55
C HIS A 104 -3.68 20.62 -7.57
N CYS A 105 -3.25 19.46 -7.98
CA CYS A 105 -4.02 18.64 -8.94
C CYS A 105 -3.96 17.17 -8.50
N PRO A 106 -5.09 16.54 -8.45
CA PRO A 106 -5.16 15.13 -8.01
C PRO A 106 -4.52 14.19 -9.04
N LYS A 107 -3.23 14.26 -9.22
CA LYS A 107 -2.56 13.37 -10.21
C LYS A 107 -1.71 12.32 -9.48
N THR A 108 -1.50 12.45 -8.21
CA THR A 108 -0.66 11.44 -7.50
C THR A 108 -1.15 10.03 -7.85
N PRO A 109 -0.22 9.11 -7.89
CA PRO A 109 -0.54 7.71 -8.24
C PRO A 109 -1.46 7.09 -7.19
N PHE A 110 -2.53 6.47 -7.61
CA PHE A 110 -3.46 5.85 -6.66
C PHE A 110 -3.42 4.33 -6.83
N LEU A 111 -2.75 3.65 -5.95
CA LEU A 111 -2.70 2.17 -6.08
C LEU A 111 -4.01 1.61 -5.54
N LEU A 112 -4.94 1.39 -6.40
CA LEU A 112 -6.24 0.83 -5.97
C LEU A 112 -6.04 -0.64 -5.59
N VAL A 113 -6.64 -1.08 -4.51
CA VAL A 113 -6.44 -2.51 -4.09
C VAL A 113 -7.68 -3.08 -3.39
N GLY A 114 -7.79 -4.37 -3.37
CA GLY A 114 -8.96 -5.02 -2.69
C GLY A 114 -8.54 -5.42 -1.28
N THR A 115 -9.45 -5.40 -0.35
CA THR A 115 -9.10 -5.77 1.04
C THR A 115 -9.76 -7.10 1.44
N GLN A 116 -8.98 -8.03 1.90
CA GLN A 116 -9.56 -9.33 2.32
C GLN A 116 -10.58 -9.82 1.29
N ILE A 117 -10.16 -10.07 0.08
CA ILE A 117 -11.13 -10.54 -0.95
C ILE A 117 -11.30 -12.05 -0.83
N ASP A 118 -10.28 -12.72 -0.38
CA ASP A 118 -10.28 -14.22 -0.25
C ASP A 118 -11.49 -14.68 0.52
N LEU A 119 -12.61 -14.40 -0.04
CA LEU A 119 -13.93 -14.75 0.57
C LEU A 119 -15.01 -13.98 -0.18
N ARG A 120 -14.65 -12.86 -0.74
CA ARG A 120 -15.61 -12.04 -1.52
C ARG A 120 -16.31 -12.92 -2.56
N ASP A 121 -15.63 -13.91 -3.08
CA ASP A 121 -16.27 -14.81 -4.10
C ASP A 121 -17.26 -15.75 -3.42
N ASP A 122 -17.24 -15.81 -2.12
CA ASP A 122 -18.19 -16.73 -1.40
C ASP A 122 -19.52 -16.02 -1.16
N PRO A 123 -20.56 -16.54 -1.77
CA PRO A 123 -21.91 -15.95 -1.61
C PRO A 123 -22.54 -16.32 -0.26
N SER A 124 -21.75 -16.70 0.71
CA SER A 124 -22.33 -17.06 2.04
C SER A 124 -22.07 -15.96 3.05
N THR A 125 -20.85 -15.52 3.17
CA THR A 125 -20.57 -14.40 4.10
C THR A 125 -21.13 -13.17 3.40
N ILE A 126 -21.05 -13.21 2.11
CA ILE A 126 -21.61 -12.15 1.26
C ILE A 126 -23.08 -11.97 1.64
N GLU A 127 -23.65 -13.01 2.20
CA GLU A 127 -25.09 -12.96 2.60
C GLU A 127 -25.35 -11.70 3.41
N LYS A 128 -24.46 -11.37 4.29
CA LYS A 128 -24.65 -10.15 5.13
C LYS A 128 -23.97 -8.95 4.46
N LEU A 129 -22.80 -9.14 3.91
CA LEU A 129 -22.09 -8.03 3.22
C LEU A 129 -22.88 -7.61 1.98
N ALA A 130 -23.55 -8.54 1.34
CA ALA A 130 -24.34 -8.19 0.13
C ALA A 130 -25.41 -7.16 0.49
N LYS A 131 -26.20 -7.41 1.50
CA LYS A 131 -27.22 -6.41 1.90
C LYS A 131 -26.53 -5.14 2.37
N ASN A 132 -25.31 -5.26 2.83
CA ASN A 132 -24.57 -4.05 3.32
C ASN A 132 -24.21 -3.14 2.14
N LYS A 133 -24.42 -3.60 0.94
CA LYS A 133 -24.12 -2.77 -0.27
C LYS A 133 -24.74 -3.44 -1.49
N GLN A 134 -25.69 -2.79 -2.11
CA GLN A 134 -26.38 -3.39 -3.28
C GLN A 134 -25.43 -3.57 -4.47
N LYS A 135 -24.33 -2.89 -4.49
CA LYS A 135 -23.38 -3.06 -5.62
C LYS A 135 -21.95 -3.11 -5.10
N PRO A 136 -21.38 -4.29 -5.12
CA PRO A 136 -19.98 -4.48 -4.66
C PRO A 136 -19.03 -3.77 -5.61
N ILE A 137 -17.82 -3.48 -5.19
CA ILE A 137 -16.88 -2.78 -6.11
C ILE A 137 -16.15 -3.79 -6.97
N THR A 138 -15.99 -3.50 -8.23
CA THR A 138 -15.29 -4.45 -9.12
C THR A 138 -14.23 -3.70 -9.93
N PRO A 139 -13.37 -4.46 -10.56
CA PRO A 139 -12.27 -3.84 -11.36
C PRO A 139 -12.84 -3.13 -12.60
N GLU A 140 -14.08 -3.34 -12.91
CA GLU A 140 -14.66 -2.66 -14.09
C GLU A 140 -14.91 -1.18 -13.76
N THR A 141 -15.46 -0.94 -12.61
CA THR A 141 -15.73 0.46 -12.19
C THR A 141 -14.42 1.10 -11.71
N ALA A 142 -13.59 0.32 -11.05
CA ALA A 142 -12.29 0.86 -10.54
C ALA A 142 -11.37 1.28 -11.69
N GLU A 143 -11.17 0.43 -12.66
CA GLU A 143 -10.27 0.81 -13.79
C GLU A 143 -10.68 2.16 -14.35
N LYS A 144 -11.95 2.36 -14.57
CA LYS A 144 -12.40 3.67 -15.10
C LYS A 144 -12.28 4.73 -14.01
N LEU A 145 -12.40 4.35 -12.76
CA LEU A 145 -12.27 5.32 -11.66
C LEU A 145 -10.81 5.78 -11.56
N ALA A 146 -9.87 4.87 -11.73
CA ALA A 146 -8.44 5.26 -11.67
C ALA A 146 -8.14 6.20 -12.83
N ARG A 147 -8.53 5.81 -14.00
CA ARG A 147 -8.31 6.69 -15.18
C ARG A 147 -9.14 7.98 -15.01
N ASP A 148 -10.18 7.92 -14.23
CA ASP A 148 -11.04 9.12 -14.03
C ASP A 148 -10.23 10.28 -13.42
N LEU A 149 -9.23 9.99 -12.64
CA LEU A 149 -8.44 11.10 -12.04
C LEU A 149 -6.92 10.84 -12.18
N LYS A 150 -6.54 10.16 -13.22
CA LYS A 150 -5.09 9.90 -13.49
C LYS A 150 -4.46 9.00 -12.43
N ALA A 151 -5.18 8.05 -11.95
CA ALA A 151 -4.58 7.12 -10.94
C ALA A 151 -3.54 6.23 -11.63
N VAL A 152 -3.18 5.11 -11.06
CA VAL A 152 -2.17 4.25 -11.73
C VAL A 152 -2.75 2.91 -12.19
N LYS A 153 -3.30 2.11 -11.31
CA LYS A 153 -3.87 0.82 -11.77
C LYS A 153 -4.63 0.10 -10.65
N TYR A 154 -5.65 -0.64 -11.00
CA TYR A 154 -6.42 -1.41 -9.98
C TYR A 154 -5.76 -2.76 -9.71
N VAL A 155 -5.38 -3.03 -8.47
CA VAL A 155 -4.75 -4.36 -8.17
C VAL A 155 -5.43 -5.01 -6.96
N GLU A 156 -4.93 -6.13 -6.49
CA GLU A 156 -5.60 -6.80 -5.33
C GLU A 156 -4.59 -7.54 -4.43
N CYS A 157 -4.88 -7.62 -3.15
CA CYS A 157 -3.96 -8.34 -2.20
C CYS A 157 -4.76 -8.98 -1.06
N SER A 158 -4.18 -9.99 -0.47
CA SER A 158 -4.86 -10.67 0.66
C SER A 158 -3.84 -11.01 1.73
N ALA A 159 -3.65 -10.09 2.64
CA ALA A 159 -2.69 -10.24 3.77
C ALA A 159 -2.16 -11.67 3.93
N LEU A 160 -3.03 -12.62 4.14
CA LEU A 160 -2.56 -14.03 4.35
C LEU A 160 -2.83 -14.93 3.14
N THR A 161 -4.00 -14.87 2.54
CA THR A 161 -4.26 -15.78 1.40
C THR A 161 -3.32 -15.43 0.23
N GLN A 162 -2.84 -14.21 0.20
CA GLN A 162 -1.88 -13.80 -0.85
C GLN A 162 -2.58 -13.68 -2.20
N LYS A 163 -3.29 -12.61 -2.41
CA LYS A 163 -3.99 -12.44 -3.73
C LYS A 163 -3.03 -11.92 -4.82
N GLY A 164 -1.76 -12.13 -4.66
CA GLY A 164 -0.78 -11.66 -5.69
C GLY A 164 -0.55 -10.15 -5.54
N LEU A 165 -0.36 -9.67 -4.34
CA LEU A 165 -0.15 -8.20 -4.13
C LEU A 165 1.25 -7.74 -4.56
N LYS A 166 2.11 -8.63 -4.96
CA LYS A 166 3.47 -8.20 -5.39
C LYS A 166 3.37 -7.11 -6.46
N ASN A 167 2.43 -7.22 -7.36
CA ASN A 167 2.28 -6.19 -8.44
C ASN A 167 1.64 -4.90 -7.90
N VAL A 168 0.86 -4.99 -6.85
CA VAL A 168 0.19 -3.77 -6.33
C VAL A 168 1.19 -2.65 -6.07
N PHE A 169 2.23 -2.95 -5.36
CA PHE A 169 3.22 -1.90 -5.04
C PHE A 169 4.25 -1.76 -6.17
N ASP A 170 4.58 -2.83 -6.86
CA ASP A 170 5.58 -2.72 -7.97
C ASP A 170 5.15 -1.67 -9.00
N GLU A 171 3.89 -1.63 -9.35
CA GLU A 171 3.44 -0.63 -10.37
C GLU A 171 3.50 0.79 -9.79
N ALA A 172 3.30 0.94 -8.51
CA ALA A 172 3.36 2.30 -7.90
C ALA A 172 4.80 2.79 -7.89
N ILE A 173 5.72 1.95 -8.29
CA ILE A 173 7.14 2.36 -8.30
C ILE A 173 7.41 3.14 -9.59
N LEU A 174 6.96 2.64 -10.71
CA LEU A 174 7.19 3.40 -11.97
C LEU A 174 6.10 4.46 -12.10
N ALA A 175 4.93 4.18 -11.60
CA ALA A 175 3.84 5.17 -11.67
C ALA A 175 4.08 6.25 -10.61
N ALA A 176 5.14 6.12 -9.85
CA ALA A 176 5.43 7.13 -8.80
C ALA A 176 6.31 8.24 -9.37
N LEU A 177 7.25 7.89 -10.21
CA LEU A 177 8.15 8.92 -10.81
C LEU A 177 7.55 9.43 -12.11
N GLU A 178 6.65 8.67 -12.67
CA GLU A 178 6.00 9.10 -13.95
C GLU A 178 5.12 10.32 -13.71
N GLY B 1 10.04 12.27 -15.53
CA GLY B 1 9.70 10.88 -15.95
C GLY B 1 10.88 10.25 -16.69
N SER B 2 10.88 10.31 -17.99
CA SER B 2 11.98 9.72 -18.78
C SER B 2 12.20 8.24 -18.42
N LYS B 3 11.14 7.54 -18.10
CA LYS B 3 11.29 6.11 -17.74
C LYS B 3 11.38 5.25 -18.99
N GLU B 4 12.57 5.05 -19.50
CA GLU B 4 12.70 4.21 -20.73
C GLU B 4 12.96 2.76 -20.36
N ARG B 5 12.08 1.89 -20.75
CA ARG B 5 12.29 0.45 -20.44
C ARG B 5 13.44 -0.15 -21.29
N PRO B 6 13.77 0.46 -22.41
CA PRO B 6 14.83 -0.10 -23.27
C PRO B 6 16.21 0.42 -22.85
N GLU B 7 16.25 1.37 -21.98
CA GLU B 7 17.59 1.89 -21.57
C GLU B 7 18.45 0.74 -21.11
N ILE B 8 19.71 1.00 -20.89
CA ILE B 8 20.58 -0.08 -20.39
C ILE B 8 20.30 -0.22 -18.90
N SER B 9 21.09 -0.95 -18.22
CA SER B 9 20.85 -1.12 -16.77
C SER B 9 22.13 -0.82 -16.02
N LEU B 10 22.26 0.36 -15.49
CA LEU B 10 23.50 0.67 -14.73
C LEU B 10 23.27 0.34 -13.25
N PRO B 11 23.75 -0.80 -12.85
CA PRO B 11 23.55 -1.23 -11.44
C PRO B 11 24.22 -0.26 -10.48
N SER B 12 23.44 0.63 -9.89
CA SER B 12 24.03 1.61 -8.95
C SER B 12 23.00 2.06 -7.90
N ASP B 13 23.05 1.50 -6.73
CA ASP B 13 22.09 1.90 -5.66
C ASP B 13 22.52 1.31 -4.31
N PHE B 14 22.74 2.14 -3.33
CA PHE B 14 23.13 1.61 -2.00
C PHE B 14 22.85 2.64 -0.91
N GLU B 15 21.81 2.44 -0.18
CA GLU B 15 21.46 3.40 0.91
C GLU B 15 20.31 2.85 1.76
N HIS B 16 20.61 2.41 2.96
CA HIS B 16 19.52 1.86 3.83
C HIS B 16 20.01 1.71 5.28
N THR B 17 19.33 2.33 6.22
CA THR B 17 19.73 2.22 7.64
C THR B 17 18.57 2.64 8.56
N ILE B 18 18.00 1.71 9.27
CA ILE B 18 16.87 2.06 10.18
C ILE B 18 16.79 1.07 11.35
N HIS B 19 15.77 1.17 12.16
CA HIS B 19 15.65 0.22 13.32
C HIS B 19 14.42 -0.68 13.16
N VAL B 20 14.53 -1.92 13.54
CA VAL B 20 13.38 -2.85 13.39
C VAL B 20 13.29 -3.83 14.58
N GLY B 21 12.09 -4.25 14.92
CA GLY B 21 11.95 -5.21 16.05
C GLY B 21 12.08 -6.62 15.49
N PHE B 22 11.10 -7.46 15.73
CA PHE B 22 11.17 -8.86 15.18
C PHE B 22 10.03 -9.72 15.69
N ASP B 23 8.91 -9.64 15.05
CA ASP B 23 7.73 -10.44 15.47
C ASP B 23 6.95 -10.90 14.23
N ALA B 24 6.16 -11.93 14.35
CA ALA B 24 5.36 -12.38 13.17
C ALA B 24 4.43 -11.26 12.71
N VAL B 25 4.38 -10.18 13.45
CA VAL B 25 3.54 -9.04 13.07
C VAL B 25 3.81 -8.72 11.63
N THR B 26 5.03 -8.90 11.26
CA THR B 26 5.48 -8.63 9.88
C THR B 26 4.58 -9.33 8.86
N GLY B 27 4.08 -10.49 9.20
CA GLY B 27 3.19 -11.22 8.26
C GLY B 27 1.86 -11.50 8.96
N GLU B 28 1.80 -11.21 10.24
CA GLU B 28 0.55 -11.45 11.02
C GLU B 28 -0.41 -10.29 10.85
N PHE B 29 -0.52 -9.77 9.67
CA PHE B 29 -1.46 -8.65 9.46
C PHE B 29 -2.86 -9.22 9.41
N THR B 30 -3.49 -9.21 10.52
CA THR B 30 -4.86 -9.78 10.62
C THR B 30 -5.88 -8.67 10.88
N GLY B 31 -5.44 -7.55 11.35
CA GLY B 31 -6.39 -6.42 11.62
C GLY B 31 -6.04 -5.25 10.71
N ILE B 32 -6.60 -4.09 10.96
CA ILE B 32 -6.28 -2.92 10.11
C ILE B 32 -5.98 -1.69 10.98
N PRO B 33 -4.85 -1.74 11.64
CA PRO B 33 -4.42 -0.62 12.49
C PRO B 33 -3.92 0.51 11.58
N GLU B 34 -3.94 1.74 12.04
CA GLU B 34 -3.49 2.88 11.17
C GLU B 34 -2.34 2.45 10.24
N GLN B 35 -2.27 3.03 9.08
CA GLN B 35 -1.21 2.64 8.11
C GLN B 35 0.17 3.16 8.51
N TRP B 36 0.36 4.43 8.41
CA TRP B 36 1.68 5.03 8.78
C TRP B 36 1.45 6.49 9.09
N ALA B 37 0.32 6.75 9.67
CA ALA B 37 -0.07 8.13 10.04
C ALA B 37 -1.11 8.03 11.13
N ARG B 38 -0.70 7.89 12.35
CA ARG B 38 -1.67 7.79 13.48
C ARG B 38 -2.09 9.19 13.83
N LEU B 39 -2.50 9.93 12.85
CA LEU B 39 -2.92 11.33 13.08
C LEU B 39 -3.71 11.41 14.40
N LEU B 40 -4.36 10.34 14.74
CA LEU B 40 -5.15 10.28 16.02
C LEU B 40 -4.22 9.83 17.15
N GLN B 41 -2.98 10.19 17.08
CA GLN B 41 -1.98 9.80 18.13
C GLN B 41 -2.65 9.74 19.50
N THR B 42 -3.65 10.55 19.69
CA THR B 42 -4.38 10.53 20.96
C THR B 42 -5.82 10.21 20.59
N SER B 43 -6.04 9.02 20.07
CA SER B 43 -7.40 8.59 19.61
C SER B 43 -8.50 9.04 20.57
N ASN B 44 -8.70 10.31 20.67
CA ASN B 44 -9.77 10.84 21.57
C ASN B 44 -9.62 10.27 22.99
N ILE B 45 -10.35 10.82 23.92
CA ILE B 45 -10.28 10.30 25.31
C ILE B 45 -10.60 8.81 25.30
N THR B 46 -11.40 8.38 24.35
CA THR B 46 -11.76 6.94 24.28
C THR B 46 -10.51 6.08 24.50
N MET A 1 9.02 13.66 -11.71
CA MET A 1 9.09 13.32 -10.25
C MET A 1 9.59 11.87 -10.08
N GLN A 2 10.89 11.70 -10.14
CA GLN A 2 11.48 10.34 -9.98
C GLN A 2 11.42 9.97 -8.50
N THR A 3 11.57 10.94 -7.63
CA THR A 3 11.51 10.67 -6.17
C THR A 3 10.40 9.68 -5.90
N ILE A 4 10.72 8.54 -5.37
CA ILE A 4 9.62 7.58 -5.12
C ILE A 4 9.27 7.54 -3.65
N LYS A 5 8.03 7.72 -3.37
CA LYS A 5 7.55 7.65 -1.98
C LYS A 5 6.50 6.56 -1.93
N CYS A 6 6.84 5.37 -1.51
CA CYS A 6 5.81 4.30 -1.47
C CYS A 6 5.61 3.80 -0.05
N VAL A 7 4.40 3.92 0.44
CA VAL A 7 4.10 3.43 1.81
C VAL A 7 2.88 2.50 1.73
N VAL A 8 2.86 1.49 2.51
CA VAL A 8 1.72 0.54 2.48
C VAL A 8 0.42 1.23 2.87
N VAL A 9 -0.53 1.31 1.97
CA VAL A 9 -1.82 1.97 2.29
C VAL A 9 -2.94 0.93 2.24
N GLY A 10 -4.15 1.32 2.54
CA GLY A 10 -5.27 0.35 2.52
C GLY A 10 -6.49 0.98 3.19
N ASP A 11 -7.61 0.32 3.13
CA ASP A 11 -8.83 0.89 3.77
C ASP A 11 -9.00 0.28 5.17
N GLY A 12 -7.96 -0.29 5.72
CA GLY A 12 -8.07 -0.92 7.06
C GLY A 12 -8.83 -2.23 6.92
N ALA A 13 -8.39 -3.08 6.02
CA ALA A 13 -9.10 -4.39 5.82
C ALA A 13 -8.29 -5.53 6.42
N VAL A 14 -7.05 -5.67 6.05
CA VAL A 14 -6.23 -6.79 6.60
C VAL A 14 -4.82 -6.31 7.00
N GLY A 15 -4.47 -5.10 6.69
CA GLY A 15 -3.11 -4.61 7.05
C GLY A 15 -2.09 -5.09 6.01
N LYS A 16 -2.00 -4.41 4.90
CA LYS A 16 -1.05 -4.82 3.83
C LYS A 16 0.41 -4.76 4.30
N THR A 17 0.74 -3.92 5.25
CA THR A 17 2.17 -3.84 5.70
C THR A 17 2.65 -5.22 6.13
N CYS A 18 1.92 -5.86 6.98
CA CYS A 18 2.34 -7.20 7.45
C CYS A 18 2.07 -8.23 6.35
N LEU A 19 1.56 -7.81 5.22
CA LEU A 19 1.29 -8.78 4.12
C LEU A 19 2.54 -8.90 3.26
N LEU A 20 3.25 -7.81 3.08
CA LEU A 20 4.51 -7.89 2.30
C LEU A 20 5.34 -9.01 2.87
N ILE A 21 5.31 -9.13 4.17
CA ILE A 21 6.07 -10.21 4.85
C ILE A 21 5.32 -11.51 4.70
N SER A 22 4.08 -11.53 5.02
CA SER A 22 3.32 -12.79 4.90
C SER A 22 3.63 -13.44 3.54
N TYR A 23 3.71 -12.65 2.51
CA TYR A 23 4.06 -13.19 1.17
C TYR A 23 5.49 -13.77 1.20
N THR A 24 6.29 -13.30 2.13
CA THR A 24 7.69 -13.79 2.25
C THR A 24 7.80 -14.72 3.47
N THR A 25 7.00 -14.48 4.46
CA THR A 25 7.01 -15.30 5.69
C THR A 25 5.56 -15.53 6.08
N ASN A 26 4.88 -16.23 5.21
CA ASN A 26 3.42 -16.58 5.30
C ASN A 26 2.92 -16.80 6.72
N LYS A 27 3.20 -15.90 7.58
CA LYS A 27 2.75 -16.04 8.98
C LYS A 27 1.22 -15.93 9.06
N PHE A 28 0.55 -17.03 9.34
CA PHE A 28 -0.93 -16.99 9.49
C PHE A 28 -1.46 -18.37 9.89
N PRO A 29 -1.17 -19.39 9.11
CA PRO A 29 -1.64 -20.76 9.45
C PRO A 29 -0.91 -21.29 10.68
N SER A 30 0.37 -21.53 10.57
CA SER A 30 1.15 -22.05 11.73
C SER A 30 2.65 -21.92 11.45
N GLU A 31 3.12 -20.73 11.19
CA GLU A 31 4.55 -20.54 10.90
C GLU A 31 5.14 -19.47 11.80
N TYR A 32 6.04 -19.85 12.65
CA TYR A 32 6.67 -18.87 13.58
C TYR A 32 7.65 -17.97 12.81
N VAL A 33 7.18 -17.25 11.83
CA VAL A 33 8.07 -16.36 11.04
C VAL A 33 7.63 -14.90 11.14
N PRO A 34 7.92 -14.30 12.26
CA PRO A 34 7.57 -12.89 12.52
C PRO A 34 8.66 -11.94 12.02
N THR A 35 8.31 -10.90 11.30
CA THR A 35 9.37 -9.96 10.80
C THR A 35 8.79 -8.56 10.50
N VAL A 36 9.00 -7.60 11.36
CA VAL A 36 8.49 -6.22 11.07
C VAL A 36 9.60 -5.41 10.43
N PHE A 37 10.67 -6.08 10.07
CA PHE A 37 11.84 -5.40 9.41
C PHE A 37 11.36 -4.25 8.54
N ASP A 38 12.20 -3.30 8.23
CA ASP A 38 11.72 -2.20 7.36
C ASP A 38 11.88 -2.62 5.90
N ASN A 39 12.11 -1.69 5.03
CA ASN A 39 12.28 -2.00 3.58
C ASN A 39 13.51 -1.26 3.08
N TYR A 40 13.67 -1.11 1.80
CA TYR A 40 14.89 -0.42 1.29
C TYR A 40 14.55 0.71 0.32
N ALA A 41 15.51 1.58 0.09
CA ALA A 41 15.31 2.72 -0.86
C ALA A 41 16.68 3.13 -1.41
N VAL A 42 16.73 3.71 -2.58
CA VAL A 42 18.05 4.09 -3.13
C VAL A 42 17.91 4.91 -4.40
N THR A 43 19.01 5.08 -5.08
CA THR A 43 19.01 5.86 -6.34
C THR A 43 19.76 5.09 -7.43
N VAL A 44 19.44 5.30 -8.68
CA VAL A 44 20.15 4.56 -9.76
C VAL A 44 20.37 5.47 -10.96
N MET A 45 20.84 4.91 -12.05
CA MET A 45 21.06 5.73 -13.27
C MET A 45 20.69 4.90 -14.51
N ILE A 46 20.03 5.50 -15.47
CA ILE A 46 19.64 4.76 -16.69
C ILE A 46 19.67 5.69 -17.91
N GLY A 47 20.53 5.44 -18.86
CA GLY A 47 20.59 6.32 -20.05
C GLY A 47 20.45 7.79 -19.63
N GLY A 48 20.84 8.11 -18.43
CA GLY A 48 20.74 9.53 -17.97
C GLY A 48 19.56 9.72 -16.98
N GLU A 49 18.64 8.80 -16.91
CA GLU A 49 17.49 8.97 -15.96
C GLU A 49 17.74 8.17 -14.67
N PRO A 50 18.09 8.89 -13.63
CA PRO A 50 18.39 8.26 -12.31
C PRO A 50 17.11 7.96 -11.51
N TYR A 51 17.16 6.95 -10.67
CA TYR A 51 15.99 6.62 -9.81
C TYR A 51 16.00 7.55 -8.60
N THR A 52 14.99 7.51 -7.78
CA THR A 52 15.00 8.43 -6.60
C THR A 52 14.20 7.87 -5.43
N LEU A 53 14.82 7.74 -4.29
CA LEU A 53 14.12 7.26 -3.07
C LEU A 53 13.63 5.82 -3.19
N GLY A 54 12.82 5.41 -2.26
CA GLY A 54 12.30 4.02 -2.25
C GLY A 54 11.20 3.90 -1.20
N LEU A 55 10.81 2.70 -0.88
CA LEU A 55 9.72 2.51 0.13
C LEU A 55 10.28 1.90 1.42
N PHE A 56 9.59 2.11 2.51
CA PHE A 56 10.04 1.53 3.82
C PHE A 56 8.83 0.88 4.52
N ASP A 57 9.06 0.07 5.53
CA ASP A 57 7.89 -0.56 6.22
C ASP A 57 7.63 0.11 7.56
N THR A 58 6.62 -0.35 8.26
CA THR A 58 6.25 0.22 9.59
C THR A 58 7.47 0.45 10.49
N ALA A 59 7.23 0.70 11.74
CA ALA A 59 8.33 0.94 12.71
C ALA A 59 8.07 0.12 13.97
N GLY A 60 8.04 -1.18 13.85
CA GLY A 60 7.81 -2.01 15.06
C GLY A 60 8.76 -1.50 16.13
N GLN A 61 9.97 -1.18 15.73
CA GLN A 61 10.95 -0.61 16.68
C GLN A 61 10.41 0.73 17.17
N GLU A 62 9.75 1.45 16.28
CA GLU A 62 9.17 2.77 16.69
C GLU A 62 10.25 3.65 17.26
N ASP A 63 11.43 3.50 16.76
CA ASP A 63 12.56 4.35 17.24
C ASP A 63 12.63 5.60 16.40
N TYR A 64 11.80 5.67 15.38
CA TYR A 64 11.81 6.88 14.50
C TYR A 64 10.37 7.24 14.15
N ASP A 65 9.56 6.25 13.93
CA ASP A 65 8.13 6.52 13.55
C ASP A 65 8.07 7.73 12.61
N ARG A 66 9.10 7.97 11.86
CA ARG A 66 9.06 9.14 10.92
C ARG A 66 7.87 8.97 9.97
N LEU A 67 7.60 7.77 9.57
CA LEU A 67 6.46 7.49 8.65
C LEU A 67 5.18 7.18 9.45
N ARG A 68 5.19 7.46 10.73
CA ARG A 68 3.99 7.17 11.57
C ARG A 68 2.87 8.23 11.47
N PRO A 69 3.12 9.40 10.92
CA PRO A 69 2.03 10.40 10.84
C PRO A 69 0.99 9.92 9.83
N LEU A 70 0.31 8.85 10.16
CA LEU A 70 -0.73 8.24 9.26
C LEU A 70 -1.71 9.29 8.77
N SER A 71 -2.54 9.74 9.66
CA SER A 71 -3.57 10.77 9.29
C SER A 71 -3.01 11.73 8.25
N TYR A 72 -1.72 11.94 8.27
CA TYR A 72 -1.10 12.84 7.27
C TYR A 72 -0.52 12.00 6.14
N PRO A 73 -1.19 12.00 5.01
CA PRO A 73 -0.72 11.21 3.85
C PRO A 73 0.43 11.92 3.14
N GLN A 74 1.61 11.32 3.18
CA GLN A 74 2.79 11.95 2.51
C GLN A 74 3.55 10.90 1.69
N THR A 75 2.92 10.31 0.71
CA THR A 75 3.62 9.31 -0.12
C THR A 75 3.15 9.41 -1.57
N ASP A 76 3.89 10.12 -2.36
CA ASP A 76 3.54 10.33 -3.80
C ASP A 76 2.72 9.15 -4.36
N VAL A 77 3.05 7.95 -3.97
CA VAL A 77 2.26 6.78 -4.48
C VAL A 77 1.65 6.02 -3.29
N PHE A 78 0.42 5.61 -3.41
CA PHE A 78 -0.23 4.87 -2.30
C PHE A 78 -0.58 3.44 -2.73
N LEU A 79 -0.47 2.50 -1.84
CA LEU A 79 -0.80 1.08 -2.17
C LEU A 79 -2.03 0.65 -1.37
N VAL A 80 -3.17 0.59 -2.00
CA VAL A 80 -4.39 0.17 -1.28
C VAL A 80 -4.65 -1.32 -1.54
N CYS A 81 -5.26 -2.02 -0.63
CA CYS A 81 -5.47 -3.48 -0.85
C CYS A 81 -6.90 -3.94 -0.52
N PHE A 82 -7.72 -4.10 -1.52
CA PHE A 82 -9.12 -4.57 -1.27
C PHE A 82 -9.16 -6.11 -1.29
N SER A 83 -10.14 -6.71 -0.65
CA SER A 83 -10.21 -8.20 -0.67
C SER A 83 -10.93 -8.65 -1.93
N VAL A 84 -10.56 -9.78 -2.48
CA VAL A 84 -11.25 -10.27 -3.71
C VAL A 84 -12.76 -10.16 -3.52
N VAL A 85 -13.29 -10.86 -2.56
CA VAL A 85 -14.76 -10.78 -2.30
C VAL A 85 -15.05 -9.49 -1.54
N SER A 86 -14.51 -9.37 -0.35
CA SER A 86 -14.70 -8.12 0.46
C SER A 86 -16.16 -7.65 0.46
N PRO A 87 -16.36 -6.58 1.19
CA PRO A 87 -17.70 -5.96 1.29
C PRO A 87 -18.00 -5.13 0.03
N SER A 88 -19.23 -5.09 -0.39
CA SER A 88 -19.57 -4.30 -1.60
C SER A 88 -19.40 -2.79 -1.32
N SER A 89 -18.19 -2.34 -1.11
CA SER A 89 -17.99 -0.89 -0.81
C SER A 89 -16.79 -0.31 -1.59
N PHE A 90 -16.29 -1.02 -2.56
CA PHE A 90 -15.13 -0.48 -3.32
C PHE A 90 -15.56 0.67 -4.21
N GLU A 91 -16.76 0.63 -4.74
CA GLU A 91 -17.20 1.74 -5.63
C GLU A 91 -17.54 2.99 -4.82
N ASN A 92 -17.99 2.83 -3.59
CA ASN A 92 -18.31 4.05 -2.80
C ASN A 92 -17.06 4.55 -2.09
N VAL A 93 -15.99 3.78 -2.11
CA VAL A 93 -14.74 4.25 -1.46
C VAL A 93 -13.91 5.02 -2.49
N LYS A 94 -13.92 4.58 -3.70
CA LYS A 94 -13.13 5.29 -4.75
C LYS A 94 -13.78 6.63 -5.08
N GLU A 95 -15.07 6.74 -4.85
CA GLU A 95 -15.76 8.03 -5.17
C GLU A 95 -15.52 9.08 -4.10
N LYS A 96 -15.23 8.68 -2.90
CA LYS A 96 -15.02 9.69 -1.83
C LYS A 96 -13.56 9.76 -1.38
N TRP A 97 -12.98 8.65 -1.08
CA TRP A 97 -11.57 8.64 -0.58
C TRP A 97 -10.58 9.14 -1.66
N VAL A 98 -10.97 9.16 -2.90
CA VAL A 98 -10.00 9.62 -3.96
C VAL A 98 -9.95 11.16 -4.08
N PRO A 99 -11.10 11.78 -4.19
CA PRO A 99 -11.15 13.26 -4.33
C PRO A 99 -10.72 13.95 -3.03
N GLU A 100 -10.51 13.20 -1.98
CA GLU A 100 -10.09 13.84 -0.71
C GLU A 100 -8.56 13.92 -0.63
N ILE A 101 -7.87 12.97 -1.19
CA ILE A 101 -6.38 13.01 -1.14
C ILE A 101 -5.83 13.74 -2.38
N THR A 102 -6.54 13.68 -3.47
CA THR A 102 -6.06 14.36 -4.70
C THR A 102 -5.98 15.88 -4.46
N HIS A 103 -6.54 16.33 -3.38
CA HIS A 103 -6.51 17.78 -3.07
C HIS A 103 -5.08 18.28 -2.99
N HIS A 104 -4.21 17.50 -2.41
CA HIS A 104 -2.79 17.93 -2.28
C HIS A 104 -2.03 17.69 -3.59
N CYS A 105 -2.38 16.66 -4.31
CA CYS A 105 -1.68 16.38 -5.60
C CYS A 105 -2.70 16.00 -6.68
N PRO A 106 -2.61 16.68 -7.79
CA PRO A 106 -3.53 16.43 -8.93
C PRO A 106 -3.27 15.07 -9.60
N LYS A 107 -4.29 14.25 -9.71
CA LYS A 107 -4.12 12.91 -10.38
C LYS A 107 -3.02 12.11 -9.71
N THR A 108 -3.10 11.96 -8.41
CA THR A 108 -2.06 11.16 -7.69
C THR A 108 -2.11 9.70 -8.17
N PRO A 109 -0.96 9.07 -8.22
CA PRO A 109 -0.91 7.65 -8.66
C PRO A 109 -1.57 6.77 -7.62
N PHE A 110 -2.01 5.59 -7.98
CA PHE A 110 -2.69 4.73 -6.97
C PHE A 110 -2.69 3.26 -7.43
N LEU A 111 -2.13 2.41 -6.64
CA LEU A 111 -2.09 0.96 -7.01
C LEU A 111 -3.29 0.23 -6.43
N LEU A 112 -4.24 -0.02 -7.26
CA LEU A 112 -5.46 -0.75 -6.82
C LEU A 112 -5.12 -2.24 -6.66
N VAL A 113 -5.55 -2.87 -5.59
CA VAL A 113 -5.19 -4.31 -5.41
C VAL A 113 -6.38 -5.17 -4.99
N GLY A 114 -6.17 -6.47 -5.02
CA GLY A 114 -7.23 -7.43 -4.61
C GLY A 114 -6.55 -8.55 -3.81
N THR A 115 -6.75 -8.58 -2.53
CA THR A 115 -6.09 -9.63 -1.71
C THR A 115 -7.08 -10.70 -1.25
N GLN A 116 -6.59 -11.67 -0.52
CA GLN A 116 -7.47 -12.76 -0.03
C GLN A 116 -8.06 -13.52 -1.21
N ILE A 117 -7.26 -13.90 -2.17
CA ILE A 117 -7.80 -14.65 -3.34
C ILE A 117 -7.37 -16.12 -3.26
N ASP A 118 -6.10 -16.37 -3.06
CA ASP A 118 -5.57 -17.77 -3.02
C ASP A 118 -6.37 -18.61 -2.04
N LEU A 119 -7.63 -18.73 -2.34
CA LEU A 119 -8.60 -19.49 -1.49
C LEU A 119 -9.99 -18.89 -1.69
N ARG A 120 -10.05 -17.65 -2.08
CA ARG A 120 -11.38 -16.99 -2.31
C ARG A 120 -12.24 -17.93 -3.16
N ASP A 121 -11.66 -18.61 -4.09
CA ASP A 121 -12.45 -19.56 -4.93
C ASP A 121 -13.20 -20.54 -4.02
N ASP A 122 -12.74 -20.69 -2.81
CA ASP A 122 -13.40 -21.63 -1.85
C ASP A 122 -14.57 -20.95 -1.13
N PRO A 123 -15.70 -21.62 -1.11
CA PRO A 123 -16.91 -21.09 -0.44
C PRO A 123 -16.83 -21.25 1.09
N SER A 124 -15.64 -21.34 1.63
CA SER A 124 -15.50 -21.50 3.11
C SER A 124 -15.11 -20.17 3.74
N THR A 125 -14.16 -19.50 3.17
CA THR A 125 -13.80 -18.16 3.71
C THR A 125 -14.85 -17.21 3.18
N ILE A 126 -15.40 -17.58 2.05
CA ILE A 126 -16.47 -16.79 1.43
C ILE A 126 -17.62 -16.71 2.45
N GLU A 127 -17.67 -17.66 3.33
CA GLU A 127 -18.73 -17.67 4.38
C GLU A 127 -18.79 -16.31 5.08
N LYS A 128 -17.67 -15.83 5.50
CA LYS A 128 -17.63 -14.51 6.21
C LYS A 128 -18.03 -13.38 5.27
N LEU A 129 -17.53 -13.37 4.07
CA LEU A 129 -17.88 -12.29 3.13
C LEU A 129 -19.40 -12.28 2.89
N ALA A 130 -19.99 -13.44 2.86
CA ALA A 130 -21.45 -13.54 2.65
C ALA A 130 -22.19 -12.60 3.59
N LYS A 131 -21.78 -12.53 4.81
CA LYS A 131 -22.44 -11.63 5.79
C LYS A 131 -22.39 -10.18 5.30
N ASN A 132 -21.50 -9.86 4.40
CA ASN A 132 -21.42 -8.45 3.93
C ASN A 132 -21.59 -8.33 2.40
N LYS A 133 -22.53 -9.03 1.84
CA LYS A 133 -22.74 -8.95 0.35
C LYS A 133 -21.56 -9.58 -0.38
N GLN A 134 -21.80 -10.12 -1.56
CA GLN A 134 -20.70 -10.77 -2.32
C GLN A 134 -20.44 -10.05 -3.64
N LYS A 135 -19.97 -8.83 -3.59
CA LYS A 135 -19.67 -8.10 -4.86
C LYS A 135 -18.14 -8.06 -5.06
N PRO A 136 -17.68 -9.02 -5.82
CA PRO A 136 -16.22 -9.13 -6.10
C PRO A 136 -15.76 -8.01 -7.03
N ILE A 137 -14.48 -7.75 -7.07
CA ILE A 137 -13.98 -6.67 -7.96
C ILE A 137 -12.98 -7.25 -8.98
N THR A 138 -13.28 -7.10 -10.24
CA THR A 138 -12.36 -7.63 -11.28
C THR A 138 -11.66 -6.46 -11.97
N PRO A 139 -10.60 -6.75 -12.68
CA PRO A 139 -9.85 -5.69 -13.39
C PRO A 139 -10.71 -5.13 -14.51
N GLU A 140 -11.58 -5.94 -15.05
CA GLU A 140 -12.47 -5.44 -16.13
C GLU A 140 -13.30 -4.28 -15.59
N THR A 141 -13.65 -4.35 -14.33
CA THR A 141 -14.42 -3.26 -13.70
C THR A 141 -13.46 -2.27 -13.04
N ALA A 142 -12.37 -2.78 -12.53
CA ALA A 142 -11.37 -1.91 -11.87
C ALA A 142 -10.56 -1.12 -12.89
N GLU A 143 -10.23 -1.72 -13.99
CA GLU A 143 -9.44 -0.99 -15.03
C GLU A 143 -10.21 0.24 -15.49
N LYS A 144 -11.47 0.07 -15.83
CA LYS A 144 -12.26 1.25 -16.28
C LYS A 144 -12.31 2.28 -15.15
N LEU A 145 -12.55 1.84 -13.95
CA LEU A 145 -12.59 2.79 -12.81
C LEU A 145 -11.23 3.45 -12.71
N ALA A 146 -10.17 2.69 -12.72
CA ALA A 146 -8.80 3.28 -12.66
C ALA A 146 -8.65 4.29 -13.79
N ARG A 147 -9.18 3.98 -14.93
CA ARG A 147 -9.09 4.92 -16.09
C ARG A 147 -10.01 6.12 -15.85
N ASP A 148 -10.78 6.10 -14.79
CA ASP A 148 -11.68 7.25 -14.52
C ASP A 148 -10.91 8.39 -13.84
N LEU A 149 -10.22 8.08 -12.77
CA LEU A 149 -9.44 9.14 -12.05
C LEU A 149 -8.04 9.22 -12.63
N LYS A 150 -7.79 8.47 -13.67
CA LYS A 150 -6.43 8.45 -14.30
C LYS A 150 -5.50 7.68 -13.39
N ALA A 151 -6.06 6.72 -12.69
CA ALA A 151 -5.25 5.88 -11.77
C ALA A 151 -4.09 5.24 -12.52
N VAL A 152 -3.52 4.18 -12.00
CA VAL A 152 -2.40 3.54 -12.72
C VAL A 152 -2.73 2.10 -13.09
N LYS A 153 -3.11 1.26 -12.16
CA LYS A 153 -3.42 -0.15 -12.55
C LYS A 153 -4.05 -0.96 -11.42
N TYR A 154 -4.91 -1.87 -11.77
CA TYR A 154 -5.55 -2.74 -10.74
C TYR A 154 -4.81 -4.08 -10.67
N VAL A 155 -3.94 -4.24 -9.70
CA VAL A 155 -3.18 -5.51 -9.58
C VAL A 155 -3.79 -6.40 -8.50
N GLU A 156 -3.11 -7.46 -8.14
CA GLU A 156 -3.65 -8.37 -7.09
C GLU A 156 -2.49 -9.01 -6.29
N CYS A 157 -2.79 -9.65 -5.20
CA CYS A 157 -1.70 -10.27 -4.39
C CYS A 157 -2.29 -11.02 -3.18
N SER A 158 -1.50 -11.86 -2.57
CA SER A 158 -2.00 -12.62 -1.40
C SER A 158 -0.86 -12.83 -0.40
N ALA A 159 -1.08 -12.48 0.84
CA ALA A 159 -0.03 -12.64 1.89
C ALA A 159 0.33 -14.11 2.10
N LEU A 160 -0.46 -14.81 2.88
CA LEU A 160 -0.20 -16.26 3.19
C LEU A 160 0.56 -16.89 2.04
N THR A 161 0.01 -16.72 0.89
CA THR A 161 0.66 -17.30 -0.33
C THR A 161 1.51 -16.23 -1.02
N GLN A 162 1.01 -15.66 -2.09
CA GLN A 162 1.77 -14.63 -2.85
C GLN A 162 1.17 -14.57 -4.25
N LYS A 163 0.01 -14.02 -4.38
CA LYS A 163 -0.63 -14.02 -5.73
C LYS A 163 -0.40 -12.71 -6.48
N GLY A 164 0.66 -12.02 -6.20
CA GLY A 164 0.92 -10.77 -6.96
C GLY A 164 1.37 -9.63 -6.06
N LEU A 165 1.76 -9.89 -4.83
CA LEU A 165 2.21 -8.78 -3.98
C LEU A 165 3.22 -7.91 -4.73
N LYS A 166 4.24 -8.53 -5.24
CA LYS A 166 5.26 -7.77 -6.01
C LYS A 166 4.64 -7.23 -7.30
N ASN A 167 3.68 -7.94 -7.82
CA ASN A 167 3.04 -7.49 -9.10
C ASN A 167 2.36 -6.12 -8.94
N VAL A 168 1.84 -5.80 -7.79
CA VAL A 168 1.20 -4.46 -7.65
C VAL A 168 2.28 -3.39 -7.66
N PHE A 169 3.29 -3.57 -6.87
CA PHE A 169 4.40 -2.59 -6.82
C PHE A 169 5.05 -2.44 -8.20
N ASP A 170 4.91 -3.42 -9.04
CA ASP A 170 5.54 -3.34 -10.39
C ASP A 170 5.00 -2.12 -11.15
N GLU A 171 3.70 -1.97 -11.22
CA GLU A 171 3.14 -0.78 -11.94
C GLU A 171 3.52 0.48 -11.17
N ALA A 172 3.63 0.37 -9.88
CA ALA A 172 4.00 1.53 -9.04
C ALA A 172 5.40 2.00 -9.42
N ILE A 173 6.21 1.13 -9.96
CA ILE A 173 7.57 1.56 -10.36
C ILE A 173 7.44 2.62 -11.45
N LEU A 174 6.57 2.40 -12.41
CA LEU A 174 6.40 3.40 -13.49
C LEU A 174 5.69 4.64 -12.96
N ALA A 175 4.69 4.44 -12.17
CA ALA A 175 3.94 5.60 -11.61
C ALA A 175 4.71 6.21 -10.43
N ALA A 176 5.85 5.65 -10.12
CA ALA A 176 6.66 6.22 -8.99
C ALA A 176 7.49 7.41 -9.49
N LEU A 177 8.11 7.25 -10.62
CA LEU A 177 8.95 8.36 -11.17
C LEU A 177 8.16 9.11 -12.22
N GLU A 178 7.11 8.51 -12.71
CA GLU A 178 6.27 9.16 -13.75
C GLU A 178 5.06 9.84 -13.09
N GLY B 1 12.68 15.21 -16.55
CA GLY B 1 12.15 14.08 -15.71
C GLY B 1 11.44 13.06 -16.61
N SER B 2 12.16 12.10 -17.12
CA SER B 2 11.52 11.08 -18.00
C SER B 2 11.83 9.68 -17.48
N LYS B 3 10.94 8.74 -17.69
CA LYS B 3 11.19 7.36 -17.23
C LYS B 3 11.24 6.42 -18.45
N GLU B 4 12.40 6.25 -19.02
CA GLU B 4 12.54 5.36 -20.20
C GLU B 4 12.79 3.91 -19.79
N ARG B 5 12.89 3.04 -20.76
CA ARG B 5 13.16 1.60 -20.46
C ARG B 5 14.60 1.50 -19.92
N PRO B 6 15.31 0.41 -20.14
CA PRO B 6 16.68 0.33 -19.60
C PRO B 6 17.62 1.25 -20.38
N GLU B 7 17.12 1.95 -21.35
CA GLU B 7 17.99 2.87 -22.13
C GLU B 7 19.30 2.18 -22.51
N ILE B 8 20.27 2.93 -22.95
CA ILE B 8 21.57 2.31 -23.35
C ILE B 8 22.45 2.00 -22.14
N SER B 9 22.57 2.90 -21.20
CA SER B 9 23.45 2.62 -20.03
C SER B 9 22.68 2.71 -18.71
N LEU B 10 23.12 1.97 -17.72
CA LEU B 10 22.44 2.01 -16.42
C LEU B 10 23.19 1.26 -15.31
N PRO B 11 23.94 2.00 -14.54
CA PRO B 11 24.66 1.40 -13.39
C PRO B 11 23.65 1.17 -12.26
N SER B 12 23.91 0.26 -11.37
CA SER B 12 22.90 0.01 -10.30
C SER B 12 23.47 0.32 -8.91
N ASP B 13 22.59 0.46 -7.95
CA ASP B 13 23.03 0.71 -6.56
C ASP B 13 21.98 0.11 -5.62
N PHE B 14 22.20 0.17 -4.35
CA PHE B 14 21.20 -0.42 -3.42
C PHE B 14 21.52 -0.05 -1.97
N GLU B 15 20.51 0.16 -1.18
CA GLU B 15 20.72 0.52 0.25
C GLU B 15 19.68 -0.19 1.11
N HIS B 16 20.07 -0.74 2.24
CA HIS B 16 19.08 -1.47 3.09
C HIS B 16 18.99 -0.86 4.49
N THR B 17 17.79 -0.58 4.94
CA THR B 17 17.58 -0.03 6.31
C THR B 17 16.31 -0.66 6.89
N ILE B 18 16.46 -1.67 7.70
CA ILE B 18 15.28 -2.37 8.27
C ILE B 18 15.03 -2.06 9.76
N HIS B 19 13.78 -1.91 10.15
CA HIS B 19 13.46 -1.65 11.57
C HIS B 19 12.32 -2.55 12.06
N VAL B 20 12.56 -3.30 13.10
CA VAL B 20 11.51 -4.21 13.65
C VAL B 20 11.55 -4.17 15.18
N GLY B 21 10.44 -3.98 15.82
CA GLY B 21 10.43 -3.96 17.31
C GLY B 21 9.14 -4.56 17.83
N PHE B 22 8.37 -5.17 16.98
CA PHE B 22 7.10 -5.79 17.43
C PHE B 22 6.85 -7.08 16.66
N ASP B 23 7.40 -8.15 17.14
CA ASP B 23 7.24 -9.47 16.48
C ASP B 23 5.76 -9.85 16.35
N ALA B 24 5.43 -10.63 15.35
CA ALA B 24 4.02 -11.07 15.15
C ALA B 24 3.14 -9.90 14.70
N VAL B 25 3.72 -8.86 14.20
CA VAL B 25 2.90 -7.71 13.75
C VAL B 25 2.92 -7.60 12.22
N THR B 26 4.05 -7.84 11.62
CA THR B 26 4.16 -7.71 10.15
C THR B 26 3.96 -9.05 9.42
N GLY B 27 3.92 -10.14 10.11
CA GLY B 27 3.71 -11.43 9.42
C GLY B 27 2.34 -11.97 9.80
N GLU B 28 1.77 -11.45 10.85
CA GLU B 28 0.44 -11.93 11.28
C GLU B 28 -0.66 -11.20 10.54
N PHE B 29 -1.29 -11.90 9.68
CA PHE B 29 -2.41 -11.33 8.90
C PHE B 29 -3.68 -12.09 9.22
N THR B 30 -4.59 -11.43 9.82
CA THR B 30 -5.89 -12.07 10.20
C THR B 30 -6.98 -10.99 10.33
N GLY B 31 -6.79 -10.07 11.25
CA GLY B 31 -7.79 -8.99 11.45
C GLY B 31 -7.15 -7.89 12.31
N ILE B 32 -6.16 -7.23 11.79
CA ILE B 32 -5.46 -6.16 12.57
C ILE B 32 -5.90 -4.77 12.12
N PRO B 33 -5.52 -3.79 12.91
CA PRO B 33 -5.88 -2.37 12.59
C PRO B 33 -5.18 -1.93 11.30
N GLU B 34 -5.42 -0.71 10.87
CA GLU B 34 -4.81 -0.22 9.59
C GLU B 34 -3.38 -0.75 9.40
N GLN B 35 -2.91 -0.74 8.19
CA GLN B 35 -1.54 -1.26 7.91
C GLN B 35 -0.43 -0.34 8.45
N TRP B 36 -0.24 0.79 7.84
CA TRP B 36 0.84 1.72 8.29
C TRP B 36 0.36 3.16 8.21
N ALA B 37 -0.92 3.35 8.22
CA ALA B 37 -1.49 4.73 8.12
C ALA B 37 -3.00 4.67 8.13
N ARG B 38 -3.58 4.93 9.27
CA ARG B 38 -5.06 4.95 9.41
C ARG B 38 -5.52 6.32 8.97
N LEU B 39 -4.99 6.76 7.88
CA LEU B 39 -5.30 8.11 7.36
C LEU B 39 -6.81 8.37 7.29
N LEU B 40 -7.58 7.38 6.91
CA LEU B 40 -9.06 7.59 6.79
C LEU B 40 -9.80 6.93 7.94
N GLN B 41 -9.10 6.59 8.98
CA GLN B 41 -9.76 5.93 10.13
C GLN B 41 -9.15 6.44 11.45
N THR B 42 -8.62 7.63 11.45
CA THR B 42 -8.02 8.16 12.71
C THR B 42 -8.71 9.48 13.10
N SER B 43 -8.18 10.18 14.07
CA SER B 43 -8.82 11.46 14.50
C SER B 43 -8.18 12.64 13.78
N ASN B 44 -7.78 12.45 12.55
CA ASN B 44 -7.17 13.57 11.77
C ASN B 44 -8.06 14.80 11.81
N ILE B 45 -9.23 14.72 11.24
CA ILE B 45 -10.15 15.89 11.26
C ILE B 45 -11.33 15.62 12.18
N THR B 46 -12.20 14.74 11.76
CA THR B 46 -13.39 14.41 12.58
C THR B 46 -14.26 15.64 12.77
#